data_2KKU
#
_entry.id   2KKU
#
_cell.length_a   1.000
_cell.length_b   1.000
_cell.length_c   1.000
_cell.angle_alpha   90.00
_cell.angle_beta   90.00
_cell.angle_gamma   90.00
#
_symmetry.space_group_name_H-M   'P 1'
#
_entity_poly.entity_id   1
_entity_poly.type   'polypeptide(L)'
_entity_poly.pdbx_seq_one_letter_code
;MGSSHHHHHHSSGRENLYFQGHMSKIVGVTYPIPKRFMDRFFKKGKDVFVKPATVWKELKPGMKFVFYQSHEDTGFVGEA
RIKRVVLSENPMQFFETFGDRVFLTKDELKEYMKSQERWGRRRESKKKKLWMAIELEDVKKYDKPIKPKRLVPVGGQYLR
E
;
_entity_poly.pdbx_strand_id   A
#
# COMPACT_ATOMS: atom_id res chain seq x y z
N MET A 23 13.87 -13.63 -9.60
CA MET A 23 13.25 -14.84 -10.21
C MET A 23 11.70 -14.70 -10.21
N SER A 24 11.02 -15.58 -10.97
CA SER A 24 9.55 -15.61 -11.08
C SER A 24 8.85 -15.98 -9.75
N LYS A 25 9.63 -16.51 -8.78
CA LYS A 25 9.14 -16.80 -7.41
C LYS A 25 8.66 -15.52 -6.69
N ILE A 26 9.23 -14.35 -7.11
CA ILE A 26 9.00 -13.04 -6.44
C ILE A 26 9.52 -13.14 -4.96
N VAL A 27 9.21 -12.17 -4.12
CA VAL A 27 9.14 -12.34 -2.65
C VAL A 27 8.03 -11.43 -2.13
N GLY A 28 7.97 -10.19 -2.66
CA GLY A 28 6.96 -9.23 -2.30
C GLY A 28 6.95 -8.00 -3.18
N VAL A 29 6.33 -6.94 -2.68
CA VAL A 29 6.29 -5.62 -3.35
C VAL A 29 6.75 -4.54 -2.35
N THR A 30 7.24 -3.41 -2.86
CA THR A 30 7.67 -2.27 -2.05
C THR A 30 6.94 -1.01 -2.50
N TYR A 31 6.47 -0.23 -1.53
CA TYR A 31 5.76 1.05 -1.78
C TYR A 31 6.32 2.16 -0.87
N PRO A 32 6.49 3.41 -1.41
CA PRO A 32 6.90 4.59 -0.62
C PRO A 32 5.76 5.09 0.31
N ILE A 33 4.50 4.79 -0.13
CA ILE A 33 3.25 5.24 0.52
C ILE A 33 3.11 6.78 0.39
N PRO A 34 2.04 7.31 -0.32
CA PRO A 34 1.95 8.74 -0.73
C PRO A 34 1.91 9.74 0.46
N LYS A 35 1.61 9.24 1.67
CA LYS A 35 1.51 10.04 2.91
C LYS A 35 2.34 9.41 4.05
N ARG A 36 2.27 10.02 5.24
CA ARG A 36 3.06 9.62 6.43
C ARG A 36 2.52 8.32 7.09
N PHE A 37 1.54 7.66 6.45
CA PHE A 37 0.86 6.46 6.99
C PHE A 37 1.70 5.17 6.83
N MET A 38 3.00 5.30 6.54
CA MET A 38 3.96 4.17 6.67
C MET A 38 4.04 3.70 8.14
N ASP A 39 3.88 4.67 9.06
CA ASP A 39 4.05 4.47 10.52
C ASP A 39 2.94 3.58 11.10
N ARG A 40 1.77 3.58 10.42
CA ARG A 40 0.57 2.81 10.84
C ARG A 40 0.90 1.34 11.06
N PHE A 41 1.57 0.77 10.07
CA PHE A 41 1.90 -0.66 10.04
C PHE A 41 2.88 -1.02 11.21
N PHE A 42 3.72 -0.05 11.60
CA PHE A 42 4.73 -0.23 12.67
C PHE A 42 4.10 0.05 14.06
N LYS A 43 3.06 0.89 14.04
CA LYS A 43 2.34 1.33 15.24
C LYS A 43 1.55 0.15 15.84
N LYS A 44 0.74 -0.52 15.00
CA LYS A 44 -0.20 -1.58 15.44
C LYS A 44 0.36 -2.99 15.19
N GLY A 45 1.39 -3.10 14.32
CA GLY A 45 2.03 -4.39 14.01
C GLY A 45 1.26 -5.25 13.00
N LYS A 46 0.03 -4.81 12.65
CA LYS A 46 -0.82 -5.48 11.66
C LYS A 46 -1.86 -4.48 11.11
N ASP A 47 -1.67 -4.03 9.86
CA ASP A 47 -2.49 -2.99 9.20
C ASP A 47 -3.03 -3.53 7.85
N VAL A 48 -3.79 -2.72 7.11
CA VAL A 48 -4.40 -3.11 5.81
C VAL A 48 -4.08 -2.01 4.76
N PHE A 49 -3.28 -2.36 3.74
CA PHE A 49 -2.91 -1.43 2.64
C PHE A 49 -3.88 -1.60 1.46
N VAL A 50 -4.67 -0.56 1.16
CA VAL A 50 -5.64 -0.59 0.04
C VAL A 50 -5.03 0.01 -1.25
N LYS A 51 -5.47 -0.56 -2.39
CA LYS A 51 -5.04 -0.17 -3.75
C LYS A 51 -6.26 -0.04 -4.68
N PRO A 52 -6.43 1.09 -5.43
CA PRO A 52 -7.46 1.21 -6.51
C PRO A 52 -7.03 0.50 -7.82
N ALA A 53 -6.66 -0.79 -7.71
CA ALA A 53 -6.12 -1.61 -8.82
C ALA A 53 -4.84 -0.97 -9.42
N THR A 54 -3.65 -1.45 -8.99
CA THR A 54 -2.34 -0.94 -9.47
C THR A 54 -1.39 -2.12 -9.74
N VAL A 55 -1.23 -2.96 -8.71
CA VAL A 55 -0.42 -4.19 -8.79
C VAL A 55 -1.19 -5.32 -9.48
N TRP A 56 -0.43 -6.17 -10.18
CA TRP A 56 -0.95 -7.30 -10.97
C TRP A 56 -0.97 -8.60 -10.11
N LYS A 57 -1.06 -9.77 -10.78
CA LYS A 57 -1.33 -11.08 -10.13
C LYS A 57 -0.13 -11.67 -9.34
N GLU A 58 0.99 -10.93 -9.26
CA GLU A 58 2.12 -11.28 -8.37
C GLU A 58 1.69 -11.15 -6.90
N LEU A 59 0.76 -10.19 -6.66
CA LEU A 59 0.20 -9.93 -5.33
C LEU A 59 -0.69 -11.11 -4.88
N LYS A 60 -0.07 -12.08 -4.19
CA LYS A 60 -0.76 -13.25 -3.66
C LYS A 60 -0.71 -13.24 -2.11
N PRO A 61 -1.70 -13.88 -1.41
CA PRO A 61 -1.68 -13.96 0.06
C PRO A 61 -0.59 -14.93 0.56
N GLY A 62 0.53 -14.36 1.04
CA GLY A 62 1.68 -15.14 1.52
C GLY A 62 3.01 -14.60 1.02
N MET A 63 3.07 -13.28 0.79
CA MET A 63 4.29 -12.56 0.37
C MET A 63 4.80 -11.64 1.49
N LYS A 64 5.72 -10.74 1.14
CA LYS A 64 6.16 -9.62 2.00
C LYS A 64 5.83 -8.28 1.36
N PHE A 65 5.80 -7.23 2.17
CA PHE A 65 5.56 -5.85 1.71
C PHE A 65 6.56 -4.94 2.39
N VAL A 66 7.60 -4.58 1.67
CA VAL A 66 8.67 -3.72 2.18
C VAL A 66 8.26 -2.26 2.05
N PHE A 67 8.21 -1.55 3.18
CA PHE A 67 7.83 -0.14 3.23
C PHE A 67 9.06 0.73 2.95
N TYR A 68 9.05 1.35 1.76
CA TYR A 68 10.07 2.28 1.32
C TYR A 68 9.85 3.64 2.01
N GLN A 69 10.94 4.34 2.32
CA GLN A 69 10.89 5.59 3.10
C GLN A 69 11.11 6.80 2.18
N SER A 70 12.34 6.91 1.66
CA SER A 70 12.79 8.07 0.87
C SER A 70 14.00 7.65 0.01
N HIS A 71 14.50 8.57 -0.82
CA HIS A 71 15.66 8.33 -1.70
C HIS A 71 16.98 8.51 -0.92
N GLU A 72 18.10 8.68 -1.66
CA GLU A 72 19.46 8.82 -1.09
C GLU A 72 19.88 7.50 -0.40
N ASP A 73 20.74 7.59 0.64
CA ASP A 73 21.16 6.41 1.42
C ASP A 73 20.08 5.93 2.41
N THR A 74 19.09 6.80 2.67
CA THR A 74 18.05 6.56 3.68
C THR A 74 16.73 6.12 3.03
N GLY A 75 16.64 4.83 2.68
CA GLY A 75 15.43 4.22 2.14
C GLY A 75 15.02 3.01 2.96
N PHE A 76 13.81 2.50 2.66
CA PHE A 76 13.24 1.29 3.30
C PHE A 76 13.18 1.43 4.85
N VAL A 77 12.04 1.92 5.34
CA VAL A 77 11.80 2.13 6.79
C VAL A 77 11.47 0.79 7.50
N GLY A 78 10.92 -0.19 6.75
CA GLY A 78 10.61 -1.51 7.31
C GLY A 78 10.07 -2.47 6.26
N GLU A 79 9.50 -3.59 6.73
CA GLU A 79 8.77 -4.54 5.87
C GLU A 79 7.59 -5.15 6.65
N ALA A 80 6.82 -6.00 5.98
CA ALA A 80 5.69 -6.73 6.57
C ALA A 80 5.41 -7.97 5.73
N ARG A 81 4.31 -8.67 6.01
CA ARG A 81 3.93 -9.90 5.31
C ARG A 81 2.50 -9.77 4.74
N ILE A 82 2.42 -9.84 3.40
CA ILE A 82 1.16 -9.79 2.66
C ILE A 82 0.33 -11.05 2.90
N LYS A 83 -0.94 -10.83 3.21
CA LYS A 83 -1.92 -11.85 3.57
C LYS A 83 -3.29 -11.48 2.95
N ARG A 84 -4.36 -12.16 3.41
CA ARG A 84 -5.67 -12.24 2.72
C ARG A 84 -6.15 -10.88 2.14
N VAL A 85 -6.24 -10.81 0.80
CA VAL A 85 -6.64 -9.60 0.08
C VAL A 85 -8.18 -9.58 -0.08
N VAL A 86 -8.83 -8.52 0.40
CA VAL A 86 -10.28 -8.32 0.28
C VAL A 86 -10.54 -7.56 -1.02
N LEU A 87 -11.10 -8.26 -2.01
CA LEU A 87 -11.37 -7.70 -3.34
C LEU A 87 -12.82 -7.22 -3.40
N SER A 88 -13.00 -5.90 -3.52
CA SER A 88 -14.31 -5.25 -3.56
C SER A 88 -14.24 -3.94 -4.34
N GLU A 89 -15.30 -3.62 -5.07
CA GLU A 89 -15.34 -2.44 -5.94
C GLU A 89 -15.49 -1.12 -5.16
N ASN A 90 -16.12 -1.19 -3.97
CA ASN A 90 -16.30 0.00 -3.12
C ASN A 90 -15.16 0.07 -2.10
N PRO A 91 -14.37 1.19 -2.05
CA PRO A 91 -13.35 1.39 -1.00
C PRO A 91 -13.96 1.48 0.42
N MET A 92 -15.25 1.90 0.51
CA MET A 92 -15.93 2.15 1.79
C MET A 92 -16.28 0.82 2.49
N GLN A 93 -16.29 -0.29 1.71
CA GLN A 93 -16.40 -1.65 2.24
C GLN A 93 -15.25 -1.95 3.22
N PHE A 94 -14.05 -1.47 2.86
CA PHE A 94 -12.83 -1.67 3.66
C PHE A 94 -12.86 -0.78 4.91
N PHE A 95 -13.53 0.37 4.82
CA PHE A 95 -13.59 1.34 5.93
C PHE A 95 -14.74 1.04 6.91
N GLU A 96 -15.70 0.19 6.50
CA GLU A 96 -16.78 -0.27 7.42
C GLU A 96 -16.37 -1.61 8.06
N THR A 97 -15.59 -2.42 7.31
CA THR A 97 -15.07 -3.72 7.80
C THR A 97 -13.89 -3.46 8.76
N PHE A 98 -12.84 -2.77 8.24
CA PHE A 98 -11.60 -2.50 8.97
C PHE A 98 -11.64 -1.08 9.57
N GLY A 99 -11.62 -0.06 8.66
CA GLY A 99 -11.59 1.36 9.05
C GLY A 99 -10.31 1.75 9.75
N ASP A 100 -10.27 1.44 11.05
CA ASP A 100 -9.11 1.65 11.93
C ASP A 100 -7.88 0.84 11.44
N ARG A 101 -8.13 -0.37 10.92
CA ARG A 101 -7.07 -1.30 10.49
C ARG A 101 -6.45 -0.86 9.14
N VAL A 102 -7.17 -0.03 8.36
CA VAL A 102 -6.68 0.49 7.06
C VAL A 102 -5.70 1.67 7.33
N PHE A 103 -4.61 1.76 6.52
CA PHE A 103 -3.52 2.76 6.74
C PHE A 103 -4.05 4.20 6.76
N LEU A 104 -4.97 4.50 5.85
CA LEU A 104 -5.66 5.80 5.81
C LEU A 104 -7.10 5.61 6.31
N THR A 105 -7.77 6.72 6.68
CA THR A 105 -9.20 6.67 7.04
C THR A 105 -10.07 7.11 5.84
N LYS A 106 -11.39 7.03 6.00
CA LYS A 106 -12.35 7.39 4.96
C LYS A 106 -12.27 8.90 4.62
N ASP A 107 -11.87 9.70 5.63
CA ASP A 107 -11.60 11.16 5.47
C ASP A 107 -10.44 11.39 4.49
N GLU A 108 -9.39 10.56 4.66
CA GLU A 108 -8.22 10.55 3.76
C GLU A 108 -8.61 10.05 2.36
N LEU A 109 -9.57 9.10 2.30
CA LEU A 109 -10.09 8.55 1.02
C LEU A 109 -10.80 9.62 0.20
N LYS A 110 -11.77 10.32 0.84
CA LYS A 110 -12.65 11.27 0.14
C LYS A 110 -11.86 12.49 -0.40
N GLU A 111 -10.87 12.96 0.37
CA GLU A 111 -9.99 14.07 -0.07
C GLU A 111 -9.03 13.60 -1.20
N TYR A 112 -8.61 12.31 -1.12
CA TYR A 112 -7.69 11.68 -2.09
C TYR A 112 -8.34 11.56 -3.48
N MET A 113 -9.58 11.04 -3.50
CA MET A 113 -10.35 10.85 -4.74
C MET A 113 -10.70 12.21 -5.38
N LYS A 114 -11.08 13.19 -4.51
CA LYS A 114 -11.33 14.57 -4.95
C LYS A 114 -10.06 15.20 -5.52
N SER A 115 -8.92 14.93 -4.88
CA SER A 115 -7.61 15.49 -5.28
C SER A 115 -7.22 15.03 -6.70
N GLN A 116 -7.53 13.77 -7.01
CA GLN A 116 -7.22 13.19 -8.33
C GLN A 116 -8.12 13.78 -9.42
N GLU A 117 -9.39 14.09 -9.10
CA GLU A 117 -10.36 14.57 -10.11
C GLU A 117 -10.35 16.11 -10.26
N ARG A 118 -9.86 16.86 -9.25
CA ARG A 118 -9.85 18.35 -9.32
C ARG A 118 -8.45 18.89 -9.67
N TRP A 119 -7.37 18.17 -9.28
CA TRP A 119 -5.98 18.59 -9.59
C TRP A 119 -5.38 17.76 -10.73
N GLY A 120 -5.81 16.48 -10.81
CA GLY A 120 -5.36 15.57 -11.87
C GLY A 120 -6.22 15.68 -13.12
N ARG A 121 -6.30 16.93 -13.65
CA ARG A 121 -7.15 17.32 -14.80
C ARG A 121 -8.65 17.10 -14.46
N ARG A 122 -9.11 15.85 -14.62
CA ARG A 122 -10.46 15.42 -14.25
C ARG A 122 -10.48 13.88 -14.27
N ARG A 123 -9.84 13.26 -13.26
CA ARG A 123 -9.85 11.80 -13.08
C ARG A 123 -11.24 11.40 -12.55
N GLU A 124 -12.17 11.27 -13.48
CA GLU A 124 -13.54 10.84 -13.21
C GLU A 124 -13.74 9.42 -13.77
N SER A 125 -14.94 8.88 -13.61
CA SER A 125 -15.34 7.61 -14.21
C SER A 125 -16.86 7.44 -14.07
N LYS A 126 -17.46 6.83 -15.10
CA LYS A 126 -18.91 6.53 -15.15
C LYS A 126 -19.26 5.37 -14.18
N LYS A 127 -18.26 4.52 -13.90
CA LYS A 127 -18.40 3.32 -13.06
C LYS A 127 -17.30 3.31 -12.00
N LYS A 128 -17.44 2.45 -10.98
CA LYS A 128 -16.39 2.23 -9.97
C LYS A 128 -15.53 1.02 -10.40
N LYS A 129 -14.32 0.92 -9.85
CA LYS A 129 -13.34 -0.12 -10.24
C LYS A 129 -13.17 -1.12 -9.09
N LEU A 130 -12.50 -2.26 -9.36
CA LEU A 130 -12.20 -3.26 -8.34
C LEU A 130 -11.00 -2.78 -7.50
N TRP A 131 -11.28 -2.37 -6.26
CA TRP A 131 -10.25 -2.02 -5.26
C TRP A 131 -9.85 -3.29 -4.48
N MET A 132 -8.67 -3.27 -3.86
CA MET A 132 -8.11 -4.42 -3.15
C MET A 132 -7.49 -3.99 -1.81
N ALA A 133 -7.84 -4.72 -0.73
CA ALA A 133 -7.38 -4.43 0.63
C ALA A 133 -6.46 -5.57 1.10
N ILE A 134 -5.16 -5.32 1.09
CA ILE A 134 -4.14 -6.31 1.42
C ILE A 134 -3.96 -6.38 2.94
N GLU A 135 -4.03 -7.59 3.53
CA GLU A 135 -3.82 -7.77 4.98
C GLU A 135 -2.31 -7.83 5.25
N LEU A 136 -1.80 -6.81 5.93
CA LEU A 136 -0.40 -6.75 6.34
C LEU A 136 -0.24 -7.15 7.80
N GLU A 137 0.41 -8.30 8.03
CA GLU A 137 0.74 -8.79 9.39
C GLU A 137 2.26 -8.94 9.53
N ASP A 138 2.71 -9.12 10.79
CA ASP A 138 4.13 -9.35 11.14
C ASP A 138 5.02 -8.25 10.55
N VAL A 139 4.67 -7.00 10.87
CA VAL A 139 5.35 -5.84 10.32
C VAL A 139 6.72 -5.64 11.00
N LYS A 140 7.78 -5.94 10.24
CA LYS A 140 9.18 -5.81 10.68
C LYS A 140 9.65 -4.35 10.48
N LYS A 141 10.76 -4.00 11.13
CA LYS A 141 11.33 -2.63 11.11
C LYS A 141 12.80 -2.69 10.68
N TYR A 142 13.18 -1.82 9.73
CA TYR A 142 14.58 -1.58 9.39
C TYR A 142 15.06 -0.36 10.19
N ASP A 143 15.72 -0.64 11.32
CA ASP A 143 16.39 0.38 12.15
C ASP A 143 17.72 0.80 11.50
N LYS A 144 18.21 -0.07 10.58
CA LYS A 144 19.34 0.24 9.69
C LYS A 144 18.80 1.02 8.44
N PRO A 145 19.54 2.06 7.95
CA PRO A 145 19.18 2.77 6.70
C PRO A 145 19.63 1.95 5.47
N ILE A 146 18.68 1.24 4.85
CA ILE A 146 18.96 0.42 3.66
C ILE A 146 18.98 1.30 2.41
N LYS A 147 20.10 1.24 1.66
CA LYS A 147 20.26 2.01 0.43
C LYS A 147 19.48 1.30 -0.71
N PRO A 148 18.44 1.97 -1.29
CA PRO A 148 17.65 1.38 -2.40
C PRO A 148 18.52 0.97 -3.61
N LYS A 149 18.31 -0.28 -4.06
CA LYS A 149 19.00 -0.87 -5.23
C LYS A 149 18.49 -0.23 -6.53
N ARG A 150 17.30 0.39 -6.43
CA ARG A 150 16.67 1.18 -7.50
C ARG A 150 15.62 2.10 -6.86
N LEU A 151 15.18 3.10 -7.64
CA LEU A 151 14.15 4.06 -7.21
C LEU A 151 12.79 3.36 -7.12
N VAL A 152 12.04 3.63 -6.04
CA VAL A 152 10.68 3.10 -5.84
C VAL A 152 9.68 4.26 -5.95
N PRO A 153 9.03 4.46 -7.16
CA PRO A 153 8.01 5.51 -7.40
C PRO A 153 6.69 5.22 -6.67
N VAL A 154 5.70 6.12 -6.86
CA VAL A 154 4.36 5.99 -6.25
C VAL A 154 3.68 4.68 -6.70
N GLY A 155 3.97 4.26 -7.94
CA GLY A 155 3.49 2.99 -8.50
C GLY A 155 4.08 1.75 -7.81
N GLY A 156 5.27 1.93 -7.21
CA GLY A 156 5.94 0.86 -6.43
C GLY A 156 6.69 -0.15 -7.30
N GLN A 157 7.60 -0.93 -6.66
CA GLN A 157 8.46 -1.93 -7.36
C GLN A 157 8.21 -3.34 -6.82
N TYR A 158 8.31 -4.35 -7.70
CA TYR A 158 8.24 -5.76 -7.30
C TYR A 158 9.59 -6.26 -6.83
N LEU A 159 9.70 -6.52 -5.53
CA LEU A 159 10.88 -7.15 -4.94
C LEU A 159 10.78 -8.65 -5.26
N ARG A 160 11.78 -9.18 -5.99
CA ARG A 160 11.83 -10.61 -6.36
C ARG A 160 13.21 -11.17 -6.00
N GLU A 161 13.25 -12.39 -5.43
CA GLU A 161 14.51 -13.05 -5.08
C GLU A 161 15.07 -13.78 -6.33
N MET A 23 13.84 -13.34 -10.14
CA MET A 23 13.15 -14.45 -10.82
C MET A 23 11.62 -14.36 -10.63
N SER A 24 10.89 -15.11 -11.48
CA SER A 24 9.41 -15.09 -11.54
C SER A 24 8.73 -15.66 -10.27
N LYS A 25 9.54 -16.26 -9.37
CA LYS A 25 9.06 -16.76 -8.06
C LYS A 25 8.53 -15.62 -7.16
N ILE A 26 9.03 -14.39 -7.42
CA ILE A 26 8.71 -13.16 -6.63
C ILE A 26 9.28 -13.32 -5.18
N VAL A 27 9.02 -12.35 -4.31
CA VAL A 27 9.07 -12.50 -2.83
C VAL A 27 7.99 -11.62 -2.23
N GLY A 28 7.86 -10.38 -2.76
CA GLY A 28 6.83 -9.44 -2.36
C GLY A 28 6.74 -8.21 -3.26
N VAL A 29 6.12 -7.16 -2.73
CA VAL A 29 6.05 -5.84 -3.39
C VAL A 29 6.67 -4.80 -2.44
N THR A 30 7.04 -3.63 -2.98
CA THR A 30 7.59 -2.52 -2.19
C THR A 30 6.98 -1.18 -2.65
N TYR A 31 6.65 -0.32 -1.68
CA TYR A 31 6.05 1.01 -1.94
C TYR A 31 6.72 2.09 -1.07
N PRO A 32 6.79 3.37 -1.56
CA PRO A 32 7.24 4.52 -0.74
C PRO A 32 6.12 5.07 0.19
N ILE A 33 4.87 4.57 -0.05
CA ILE A 33 3.64 4.99 0.63
C ILE A 33 3.37 6.51 0.41
N PRO A 34 2.49 6.89 -0.59
CA PRO A 34 2.18 8.31 -0.92
C PRO A 34 1.10 8.93 0.02
N LYS A 35 1.10 8.48 1.28
CA LYS A 35 0.17 8.96 2.33
C LYS A 35 0.92 9.18 3.66
N ARG A 36 0.28 9.95 4.56
CA ARG A 36 0.87 10.37 5.85
C ARG A 36 0.80 9.20 6.88
N PHE A 37 -0.02 8.20 6.57
CA PHE A 37 -0.23 7.01 7.41
C PHE A 37 0.75 5.86 7.05
N MET A 38 1.95 6.23 6.61
CA MET A 38 3.11 5.31 6.50
C MET A 38 3.49 4.68 7.86
N ASP A 39 3.08 5.36 8.95
CA ASP A 39 3.40 4.98 10.33
C ASP A 39 2.53 3.82 10.85
N ARG A 40 1.32 3.70 10.27
CA ARG A 40 0.28 2.74 10.72
C ARG A 40 0.79 1.30 10.85
N PHE A 41 1.49 0.83 9.82
CA PHE A 41 2.00 -0.55 9.76
C PHE A 41 3.05 -0.79 10.88
N PHE A 42 3.75 0.28 11.28
CA PHE A 42 4.83 0.22 12.29
C PHE A 42 4.31 0.60 13.68
N LYS A 43 3.10 1.16 13.73
CA LYS A 43 2.43 1.57 14.97
C LYS A 43 1.89 0.32 15.67
N LYS A 44 1.16 -0.50 14.91
CA LYS A 44 0.41 -1.67 15.45
C LYS A 44 1.06 -3.01 15.03
N GLY A 45 1.94 -2.98 14.02
CA GLY A 45 2.61 -4.20 13.53
C GLY A 45 1.71 -5.15 12.74
N LYS A 46 0.47 -4.68 12.42
CA LYS A 46 -0.54 -5.45 11.70
C LYS A 46 -1.63 -4.49 11.14
N ASP A 47 -1.44 -4.04 9.91
CA ASP A 47 -2.28 -3.00 9.29
C ASP A 47 -2.67 -3.46 7.85
N VAL A 48 -3.38 -2.66 7.05
CA VAL A 48 -3.94 -3.08 5.74
C VAL A 48 -3.71 -1.99 4.69
N PHE A 49 -3.00 -2.34 3.59
CA PHE A 49 -2.72 -1.43 2.47
C PHE A 49 -3.78 -1.64 1.36
N VAL A 50 -4.60 -0.60 1.07
CA VAL A 50 -5.60 -0.65 -0.02
C VAL A 50 -5.07 0.02 -1.30
N LYS A 51 -5.44 -0.56 -2.45
CA LYS A 51 -5.09 -0.06 -3.79
C LYS A 51 -6.34 -0.15 -4.72
N PRO A 52 -6.59 0.87 -5.61
CA PRO A 52 -7.57 0.73 -6.73
C PRO A 52 -7.09 -0.19 -7.90
N ALA A 53 -6.81 -1.48 -7.55
CA ALA A 53 -6.43 -2.56 -8.52
C ALA A 53 -5.30 -2.15 -9.52
N THR A 54 -4.37 -1.31 -9.05
CA THR A 54 -3.26 -0.78 -9.88
C THR A 54 -2.04 -1.74 -9.89
N VAL A 55 -2.01 -2.66 -8.90
CA VAL A 55 -0.91 -3.63 -8.73
C VAL A 55 -1.20 -4.89 -9.58
N TRP A 56 -0.13 -5.57 -10.05
CA TRP A 56 -0.25 -6.79 -10.89
C TRP A 56 -0.77 -7.99 -10.09
N LYS A 57 -1.00 -9.10 -10.81
CA LYS A 57 -1.59 -10.35 -10.27
C LYS A 57 -0.57 -11.19 -9.46
N GLU A 58 0.68 -10.70 -9.37
CA GLU A 58 1.74 -11.29 -8.51
C GLU A 58 1.38 -11.17 -7.01
N LEU A 59 0.52 -10.17 -6.68
CA LEU A 59 0.10 -9.92 -5.30
C LEU A 59 -0.73 -11.11 -4.77
N LYS A 60 -0.10 -11.95 -3.93
CA LYS A 60 -0.75 -13.12 -3.34
C LYS A 60 -0.53 -13.13 -1.81
N PRO A 61 -1.47 -13.70 -1.00
CA PRO A 61 -1.30 -13.84 0.46
C PRO A 61 -0.21 -14.87 0.80
N GLY A 62 0.94 -14.37 1.27
CA GLY A 62 2.10 -15.19 1.62
C GLY A 62 3.41 -14.47 1.33
N MET A 63 3.32 -13.39 0.55
CA MET A 63 4.49 -12.58 0.17
C MET A 63 4.93 -11.63 1.31
N LYS A 64 5.90 -10.75 1.00
CA LYS A 64 6.34 -9.67 1.88
C LYS A 64 5.96 -8.31 1.28
N PHE A 65 5.97 -7.27 2.11
CA PHE A 65 5.73 -5.89 1.66
C PHE A 65 6.77 -4.97 2.32
N VAL A 66 7.79 -4.57 1.56
CA VAL A 66 8.81 -3.66 2.06
C VAL A 66 8.33 -2.21 1.94
N PHE A 67 8.39 -1.49 3.06
CA PHE A 67 8.05 -0.06 3.12
C PHE A 67 9.35 0.76 3.04
N TYR A 68 9.51 1.46 1.92
CA TYR A 68 10.61 2.37 1.68
C TYR A 68 10.13 3.82 1.93
N GLN A 69 11.10 4.73 2.20
CA GLN A 69 10.88 6.19 2.27
C GLN A 69 10.09 6.60 3.54
N SER A 70 10.12 7.93 3.83
CA SER A 70 9.29 8.60 4.84
C SER A 70 9.53 8.05 6.28
N HIS A 71 8.62 8.41 7.22
CA HIS A 71 8.60 7.88 8.62
C HIS A 71 9.85 8.34 9.43
N GLU A 72 10.55 9.39 8.91
CA GLU A 72 11.80 9.93 9.51
C GLU A 72 12.93 8.87 9.44
N ASP A 73 12.82 7.94 8.47
CA ASP A 73 13.81 6.85 8.26
C ASP A 73 14.43 6.94 6.87
N THR A 74 13.54 7.08 5.85
CA THR A 74 13.93 7.23 4.43
C THR A 74 14.53 5.92 3.84
N GLY A 75 15.79 5.60 4.20
CA GLY A 75 16.46 4.39 3.71
C GLY A 75 15.95 3.13 4.40
N PHE A 76 14.82 2.60 3.88
CA PHE A 76 14.10 1.43 4.45
C PHE A 76 13.66 1.69 5.90
N VAL A 77 12.40 2.11 6.06
CA VAL A 77 11.77 2.16 7.39
C VAL A 77 11.52 0.74 7.90
N GLY A 78 11.12 -0.16 6.99
CA GLY A 78 10.94 -1.56 7.35
C GLY A 78 10.28 -2.39 6.28
N GLU A 79 9.67 -3.51 6.69
CA GLU A 79 8.93 -4.41 5.80
C GLU A 79 7.87 -5.17 6.59
N ALA A 80 7.11 -6.04 5.90
CA ALA A 80 6.00 -6.82 6.51
C ALA A 80 5.74 -8.10 5.71
N ARG A 81 4.66 -8.82 6.07
CA ARG A 81 4.20 -10.03 5.38
C ARG A 81 2.76 -9.85 4.89
N ILE A 82 2.58 -9.94 3.56
CA ILE A 82 1.28 -9.83 2.88
C ILE A 82 0.39 -11.04 3.20
N LYS A 83 -0.88 -10.73 3.49
CA LYS A 83 -1.93 -11.65 3.94
C LYS A 83 -3.22 -11.36 3.13
N ARG A 84 -4.29 -12.12 3.46
CA ARG A 84 -5.54 -12.23 2.63
C ARG A 84 -6.01 -10.89 2.00
N VAL A 85 -6.01 -10.84 0.66
CA VAL A 85 -6.42 -9.66 -0.11
C VAL A 85 -7.94 -9.70 -0.38
N VAL A 86 -8.68 -8.72 0.15
CA VAL A 86 -10.14 -8.61 0.02
C VAL A 86 -10.48 -7.70 -1.18
N LEU A 87 -11.11 -8.28 -2.21
CA LEU A 87 -11.54 -7.52 -3.40
C LEU A 87 -12.95 -6.95 -3.19
N SER A 88 -13.06 -5.62 -3.24
CA SER A 88 -14.33 -4.89 -3.16
C SER A 88 -14.23 -3.62 -3.99
N GLU A 89 -15.24 -3.40 -4.84
CA GLU A 89 -15.35 -2.20 -5.68
C GLU A 89 -15.49 -0.91 -4.82
N ASN A 90 -16.11 -1.05 -3.63
CA ASN A 90 -16.22 0.07 -2.68
C ASN A 90 -15.02 0.03 -1.71
N PRO A 91 -14.17 1.11 -1.68
CA PRO A 91 -13.09 1.25 -0.69
C PRO A 91 -13.63 1.49 0.74
N MET A 92 -14.95 1.80 0.82
CA MET A 92 -15.65 2.12 2.07
C MET A 92 -16.05 0.82 2.79
N GLN A 93 -16.19 -0.29 2.04
CA GLN A 93 -16.48 -1.60 2.62
C GLN A 93 -15.25 -2.12 3.39
N PHE A 94 -14.05 -1.66 3.00
CA PHE A 94 -12.81 -1.92 3.75
C PHE A 94 -12.83 -1.16 5.09
N PHE A 95 -13.53 -0.01 5.13
CA PHE A 95 -13.64 0.83 6.34
C PHE A 95 -14.71 0.30 7.32
N GLU A 96 -15.66 -0.52 6.84
CA GLU A 96 -16.64 -1.20 7.74
C GLU A 96 -16.11 -2.59 8.19
N THR A 97 -15.23 -3.19 7.36
CA THR A 97 -14.65 -4.53 7.62
C THR A 97 -13.40 -4.42 8.53
N PHE A 98 -12.46 -3.54 8.14
CA PHE A 98 -11.18 -3.33 8.83
C PHE A 98 -11.20 -2.00 9.59
N GLY A 99 -11.44 -0.89 8.83
CA GLY A 99 -11.55 0.46 9.39
C GLY A 99 -10.22 0.99 9.91
N ASP A 100 -9.98 0.73 11.20
CA ASP A 100 -8.73 1.08 11.89
C ASP A 100 -7.54 0.37 11.25
N ARG A 101 -7.78 -0.87 10.79
CA ARG A 101 -6.72 -1.70 10.21
C ARG A 101 -6.30 -1.17 8.83
N VAL A 102 -7.22 -0.50 8.09
CA VAL A 102 -6.84 0.17 6.81
C VAL A 102 -5.98 1.40 7.12
N PHE A 103 -4.84 1.54 6.40
CA PHE A 103 -3.80 2.54 6.72
C PHE A 103 -4.35 3.96 6.76
N LEU A 104 -5.07 4.35 5.71
CA LEU A 104 -5.58 5.71 5.58
C LEU A 104 -7.00 5.78 6.12
N THR A 105 -7.46 6.98 6.52
CA THR A 105 -8.83 7.18 6.98
C THR A 105 -9.72 7.51 5.77
N LYS A 106 -11.06 7.50 5.95
CA LYS A 106 -12.00 7.77 4.85
C LYS A 106 -11.84 9.22 4.34
N ASP A 107 -11.41 10.13 5.23
CA ASP A 107 -11.05 11.52 4.87
C ASP A 107 -9.89 11.57 3.86
N GLU A 108 -8.87 10.72 4.10
CA GLU A 108 -7.70 10.58 3.22
C GLU A 108 -8.11 10.04 1.84
N LEU A 109 -9.03 9.07 1.85
CA LEU A 109 -9.58 8.45 0.63
C LEU A 109 -10.33 9.48 -0.22
N LYS A 110 -11.27 10.19 0.43
CA LYS A 110 -12.16 11.12 -0.27
C LYS A 110 -11.37 12.31 -0.82
N GLU A 111 -10.45 12.88 -0.01
CA GLU A 111 -9.62 14.04 -0.44
C GLU A 111 -8.74 13.63 -1.64
N TYR A 112 -8.32 12.35 -1.66
CA TYR A 112 -7.52 11.77 -2.75
C TYR A 112 -8.33 11.73 -4.06
N MET A 113 -9.59 11.26 -3.95
CA MET A 113 -10.51 11.14 -5.10
C MET A 113 -11.05 12.53 -5.55
N LYS A 114 -11.11 13.48 -4.60
CA LYS A 114 -11.52 14.86 -4.86
C LYS A 114 -10.35 15.61 -5.55
N SER A 115 -9.11 15.30 -5.11
CA SER A 115 -7.87 15.89 -5.69
C SER A 115 -7.75 15.54 -7.19
N GLN A 116 -8.35 14.40 -7.58
CA GLN A 116 -8.38 13.98 -8.97
C GLN A 116 -9.30 14.92 -9.79
N GLU A 117 -10.56 15.09 -9.33
CA GLU A 117 -11.57 15.87 -10.07
C GLU A 117 -11.31 17.40 -10.06
N ARG A 118 -10.60 17.91 -9.04
CA ARG A 118 -10.34 19.37 -8.90
C ARG A 118 -8.94 19.77 -9.42
N TRP A 119 -7.99 18.80 -9.54
CA TRP A 119 -6.63 19.08 -10.04
C TRP A 119 -6.33 18.21 -11.29
N GLY A 120 -6.28 16.89 -11.11
CA GLY A 120 -5.84 15.96 -12.16
C GLY A 120 -6.92 15.67 -13.20
N ARG A 121 -7.66 14.56 -12.99
CA ARG A 121 -8.75 14.11 -13.89
C ARG A 121 -9.66 13.13 -13.14
N ARG A 122 -10.99 13.26 -13.32
CA ARG A 122 -11.95 12.25 -12.84
C ARG A 122 -13.22 12.31 -13.68
N ARG A 123 -13.13 11.76 -14.90
CA ARG A 123 -14.27 11.62 -15.82
C ARG A 123 -15.09 10.41 -15.37
N GLU A 124 -14.39 9.26 -15.20
CA GLU A 124 -14.88 8.05 -14.50
C GLU A 124 -16.09 7.37 -15.20
N SER A 125 -16.00 6.04 -15.40
CA SER A 125 -17.10 5.23 -15.95
C SER A 125 -18.29 5.14 -14.96
N LYS A 126 -19.47 4.73 -15.47
CA LYS A 126 -20.72 4.60 -14.68
C LYS A 126 -20.54 3.66 -13.46
N LYS A 127 -19.65 2.68 -13.60
CA LYS A 127 -19.25 1.80 -12.50
C LYS A 127 -17.91 2.27 -11.90
N LYS A 128 -17.79 2.18 -10.57
CA LYS A 128 -16.54 2.51 -9.84
C LYS A 128 -15.40 1.53 -10.22
N LYS A 129 -14.19 1.87 -9.80
CA LYS A 129 -13.01 1.00 -9.96
C LYS A 129 -13.06 -0.13 -8.92
N LEU A 130 -12.48 -1.28 -9.28
CA LEU A 130 -12.27 -2.40 -8.34
C LEU A 130 -11.10 -2.02 -7.41
N TRP A 131 -11.29 -2.20 -6.10
CA TRP A 131 -10.26 -1.96 -5.07
C TRP A 131 -9.89 -3.28 -4.39
N MET A 132 -8.71 -3.30 -3.77
CA MET A 132 -8.13 -4.49 -3.14
C MET A 132 -7.50 -4.10 -1.81
N ALA A 133 -7.82 -4.85 -0.75
CA ALA A 133 -7.31 -4.61 0.60
C ALA A 133 -6.31 -5.71 0.96
N ILE A 134 -5.03 -5.35 0.87
CA ILE A 134 -3.92 -6.24 1.20
C ILE A 134 -3.71 -6.21 2.71
N GLU A 135 -3.86 -7.35 3.41
CA GLU A 135 -3.60 -7.37 4.86
C GLU A 135 -2.08 -7.52 5.09
N LEU A 136 -1.57 -6.80 6.08
CA LEU A 136 -0.16 -6.78 6.47
C LEU A 136 -0.04 -7.17 7.94
N GLU A 137 0.88 -8.09 8.25
CA GLU A 137 1.19 -8.51 9.63
C GLU A 137 2.71 -8.71 9.77
N ASP A 138 3.19 -8.80 11.03
CA ASP A 138 4.61 -9.05 11.38
C ASP A 138 5.51 -7.96 10.77
N VAL A 139 5.02 -6.71 10.82
CA VAL A 139 5.68 -5.56 10.20
C VAL A 139 7.00 -5.25 10.94
N LYS A 140 8.11 -5.69 10.33
CA LYS A 140 9.47 -5.54 10.86
C LYS A 140 9.93 -4.08 10.70
N LYS A 141 10.47 -3.50 11.77
CA LYS A 141 11.09 -2.18 11.73
C LYS A 141 12.61 -2.33 11.47
N TYR A 142 13.08 -1.64 10.43
CA TYR A 142 14.51 -1.46 10.15
C TYR A 142 15.01 -0.20 10.86
N ASP A 143 15.65 -0.43 12.02
CA ASP A 143 16.36 0.60 12.80
C ASP A 143 17.64 1.01 12.05
N LYS A 144 18.19 0.04 11.31
CA LYS A 144 19.39 0.23 10.49
C LYS A 144 18.99 0.80 9.09
N PRO A 145 19.70 1.87 8.61
CA PRO A 145 19.40 2.52 7.32
C PRO A 145 19.94 1.71 6.12
N ILE A 146 19.04 0.98 5.44
CA ILE A 146 19.40 0.11 4.30
C ILE A 146 18.84 0.69 2.99
N LYS A 147 19.71 0.81 1.99
CA LYS A 147 19.37 1.37 0.67
C LYS A 147 18.62 0.31 -0.16
N PRO A 148 17.58 0.71 -0.96
CA PRO A 148 16.79 -0.24 -1.76
C PRO A 148 17.58 -0.81 -2.94
N LYS A 149 17.15 -2.00 -3.42
CA LYS A 149 17.80 -2.71 -4.55
C LYS A 149 17.72 -1.88 -5.84
N ARG A 150 16.68 -1.06 -5.92
CA ARG A 150 16.51 0.03 -6.89
C ARG A 150 15.59 1.09 -6.28
N LEU A 151 15.58 2.31 -6.85
CA LEU A 151 14.65 3.38 -6.41
C LEU A 151 13.19 2.93 -6.60
N VAL A 152 12.35 3.18 -5.59
CA VAL A 152 10.93 2.79 -5.61
C VAL A 152 10.06 4.03 -5.85
N PRO A 153 9.51 4.24 -7.11
CA PRO A 153 8.64 5.38 -7.45
C PRO A 153 7.25 5.29 -6.78
N VAL A 154 6.38 6.26 -7.07
CA VAL A 154 5.02 6.36 -6.49
C VAL A 154 4.17 5.11 -6.82
N GLY A 155 4.36 4.56 -8.05
CA GLY A 155 3.68 3.34 -8.49
C GLY A 155 4.19 2.07 -7.82
N GLY A 156 5.38 2.18 -7.20
CA GLY A 156 5.99 1.08 -6.45
C GLY A 156 6.68 0.06 -7.35
N GLN A 157 7.55 -0.77 -6.76
CA GLN A 157 8.30 -1.84 -7.48
C GLN A 157 7.86 -3.21 -6.98
N TYR A 158 7.96 -4.22 -7.84
CA TYR A 158 7.78 -5.62 -7.44
C TYR A 158 9.14 -6.22 -7.06
N LEU A 159 9.25 -6.61 -5.79
CA LEU A 159 10.45 -7.24 -5.26
C LEU A 159 10.36 -8.74 -5.59
N ARG A 160 11.27 -9.23 -6.43
CA ARG A 160 11.35 -10.66 -6.77
C ARG A 160 12.73 -11.18 -6.42
N GLU A 161 12.83 -12.42 -5.89
CA GLU A 161 14.15 -13.01 -5.58
C GLU A 161 14.81 -13.47 -6.91
N MET A 23 14.29 -12.57 -10.11
CA MET A 23 13.77 -13.86 -10.65
C MET A 23 12.23 -13.87 -10.63
N SER A 24 11.64 -14.53 -11.67
CA SER A 24 10.18 -14.51 -11.94
C SER A 24 9.31 -15.09 -10.78
N LYS A 25 9.96 -15.78 -9.81
CA LYS A 25 9.25 -16.35 -8.63
C LYS A 25 8.65 -15.27 -7.71
N ILE A 26 9.17 -14.01 -7.84
CA ILE A 26 8.79 -12.86 -6.98
C ILE A 26 9.26 -13.14 -5.51
N VAL A 27 8.90 -12.27 -4.57
CA VAL A 27 8.91 -12.56 -3.10
C VAL A 27 7.81 -11.70 -2.46
N GLY A 28 7.75 -10.43 -2.90
CA GLY A 28 6.77 -9.48 -2.42
C GLY A 28 6.72 -8.24 -3.27
N VAL A 29 6.12 -7.18 -2.72
CA VAL A 29 6.12 -5.85 -3.33
C VAL A 29 6.81 -4.86 -2.38
N THR A 30 7.42 -3.82 -2.95
CA THR A 30 8.04 -2.74 -2.19
C THR A 30 7.42 -1.40 -2.62
N TYR A 31 7.04 -0.58 -1.63
CA TYR A 31 6.40 0.73 -1.83
C TYR A 31 7.11 1.79 -0.98
N PRO A 32 7.24 3.05 -1.50
CA PRO A 32 7.80 4.17 -0.71
C PRO A 32 6.80 4.69 0.34
N ILE A 33 5.51 4.31 0.15
CA ILE A 33 4.36 4.88 0.84
C ILE A 33 4.41 6.43 0.78
N PRO A 34 3.98 7.05 -0.37
CA PRO A 34 4.06 8.53 -0.58
C PRO A 34 2.93 9.30 0.15
N LYS A 35 2.26 8.61 1.10
CA LYS A 35 1.23 9.19 1.98
C LYS A 35 1.81 9.40 3.39
N ARG A 36 1.24 10.39 4.09
CA ARG A 36 1.59 10.76 5.48
C ARG A 36 1.25 9.65 6.50
N PHE A 37 0.52 8.61 6.04
CA PHE A 37 0.09 7.45 6.84
C PHE A 37 1.03 6.24 6.69
N MET A 38 2.32 6.50 6.39
CA MET A 38 3.38 5.45 6.33
C MET A 38 3.58 4.81 7.73
N ASP A 39 3.34 5.62 8.76
CA ASP A 39 3.61 5.28 10.16
C ASP A 39 2.61 4.25 10.71
N ARG A 40 1.43 4.16 10.06
CA ARG A 40 0.31 3.31 10.51
C ARG A 40 0.70 1.83 10.62
N PHE A 41 1.52 1.35 9.68
CA PHE A 41 1.97 -0.05 9.65
C PHE A 41 2.89 -0.35 10.86
N PHE A 42 3.62 0.69 11.31
CA PHE A 42 4.59 0.61 12.42
C PHE A 42 3.94 1.07 13.75
N LYS A 43 2.72 1.61 13.65
CA LYS A 43 1.93 2.14 14.79
C LYS A 43 1.16 1.00 15.46
N LYS A 44 0.38 0.29 14.64
CA LYS A 44 -0.59 -0.73 15.12
C LYS A 44 -0.02 -2.16 15.02
N GLY A 45 1.10 -2.32 14.27
CA GLY A 45 1.79 -3.62 14.14
C GLY A 45 1.23 -4.51 13.03
N LYS A 46 -0.04 -4.27 12.66
CA LYS A 46 -0.73 -4.99 11.58
C LYS A 46 -1.76 -4.04 10.92
N ASP A 47 -1.55 -3.76 9.63
CA ASP A 47 -2.32 -2.73 8.89
C ASP A 47 -2.99 -3.36 7.65
N VAL A 48 -3.80 -2.57 6.93
CA VAL A 48 -4.39 -2.99 5.65
C VAL A 48 -4.07 -1.93 4.58
N PHE A 49 -3.19 -2.29 3.63
CA PHE A 49 -2.78 -1.41 2.52
C PHE A 49 -3.76 -1.58 1.35
N VAL A 50 -4.58 -0.57 1.11
CA VAL A 50 -5.58 -0.58 0.02
C VAL A 50 -4.99 0.06 -1.25
N LYS A 51 -5.29 -0.58 -2.40
CA LYS A 51 -5.02 -0.05 -3.75
C LYS A 51 -6.30 -0.14 -4.61
N PRO A 52 -6.52 0.82 -5.56
CA PRO A 52 -7.52 0.68 -6.65
C PRO A 52 -7.02 -0.26 -7.78
N ALA A 53 -6.59 -1.49 -7.37
CA ALA A 53 -5.96 -2.51 -8.25
C ALA A 53 -5.00 -1.90 -9.31
N THR A 54 -3.91 -1.31 -8.81
CA THR A 54 -2.87 -0.67 -9.64
C THR A 54 -1.72 -1.68 -9.90
N VAL A 55 -1.56 -2.61 -8.95
CA VAL A 55 -0.52 -3.66 -8.97
C VAL A 55 -0.91 -4.80 -9.93
N TRP A 56 0.12 -5.48 -10.48
CA TRP A 56 -0.06 -6.69 -11.31
C TRP A 56 -0.65 -7.85 -10.47
N LYS A 57 -1.08 -8.94 -11.11
CA LYS A 57 -1.71 -10.11 -10.43
C LYS A 57 -0.71 -10.90 -9.53
N GLU A 58 0.59 -10.50 -9.52
CA GLU A 58 1.64 -11.12 -8.68
C GLU A 58 1.27 -11.10 -7.18
N LEU A 59 0.52 -10.06 -6.77
CA LEU A 59 0.09 -9.87 -5.36
C LEU A 59 -0.81 -11.05 -4.91
N LYS A 60 -0.32 -11.81 -3.91
CA LYS A 60 -1.04 -12.95 -3.32
C LYS A 60 -0.74 -13.03 -1.80
N PRO A 61 -1.68 -13.62 -0.98
CA PRO A 61 -1.44 -13.84 0.47
C PRO A 61 -0.35 -14.91 0.69
N GLY A 62 0.84 -14.44 1.11
CA GLY A 62 2.02 -15.30 1.32
C GLY A 62 3.31 -14.58 0.95
N MET A 63 3.17 -13.41 0.34
CA MET A 63 4.28 -12.53 -0.06
C MET A 63 4.75 -11.64 1.12
N LYS A 64 5.78 -10.82 0.86
CA LYS A 64 6.26 -9.79 1.80
C LYS A 64 5.92 -8.39 1.26
N PHE A 65 6.01 -7.38 2.13
CA PHE A 65 5.79 -5.99 1.75
C PHE A 65 6.88 -5.13 2.39
N VAL A 66 7.94 -4.85 1.64
CA VAL A 66 9.05 -4.03 2.13
C VAL A 66 8.72 -2.55 1.96
N PHE A 67 8.71 -1.84 3.10
CA PHE A 67 8.45 -0.40 3.13
C PHE A 67 9.73 0.37 2.83
N TYR A 68 9.86 0.76 1.56
CA TYR A 68 10.80 1.78 1.13
C TYR A 68 10.29 3.15 1.66
N GLN A 69 11.12 4.18 1.56
CA GLN A 69 10.77 5.52 2.03
C GLN A 69 11.73 6.53 1.38
N SER A 70 11.27 7.79 1.26
CA SER A 70 12.10 8.92 0.79
C SER A 70 12.50 8.77 -0.70
N HIS A 71 13.33 9.71 -1.16
CA HIS A 71 13.97 9.65 -2.48
C HIS A 71 15.50 9.74 -2.29
N GLU A 72 15.95 9.52 -1.04
CA GLU A 72 17.36 9.71 -0.61
C GLU A 72 18.19 8.42 -0.86
N ASP A 73 19.53 8.59 -0.78
CA ASP A 73 20.55 7.52 -0.84
C ASP A 73 20.12 6.22 -0.11
N THR A 74 19.69 6.37 1.14
CA THR A 74 19.11 5.28 1.94
C THR A 74 17.61 5.58 2.15
N GLY A 75 16.77 4.52 2.17
CA GLY A 75 15.34 4.69 2.37
C GLY A 75 14.61 3.40 2.68
N PHE A 76 15.15 2.59 3.60
CA PHE A 76 14.46 1.38 4.13
C PHE A 76 13.98 1.69 5.55
N VAL A 77 12.66 1.94 5.70
CA VAL A 77 12.03 2.22 7.00
C VAL A 77 11.57 0.91 7.66
N GLY A 78 11.22 -0.10 6.85
CA GLY A 78 10.84 -1.40 7.40
C GLY A 78 10.39 -2.40 6.34
N GLU A 79 9.72 -3.46 6.81
CA GLU A 79 9.05 -4.44 5.95
C GLU A 79 7.86 -5.05 6.71
N ALA A 80 7.13 -5.96 6.04
CA ALA A 80 5.99 -6.69 6.62
C ALA A 80 5.70 -7.93 5.77
N ARG A 81 4.58 -8.62 6.07
CA ARG A 81 4.18 -9.86 5.39
C ARG A 81 2.72 -9.76 4.92
N ILE A 82 2.53 -9.90 3.60
CA ILE A 82 1.23 -9.82 2.93
C ILE A 82 0.35 -11.05 3.27
N LYS A 83 -0.90 -10.75 3.58
CA LYS A 83 -1.93 -11.69 4.04
C LYS A 83 -3.23 -11.48 3.24
N ARG A 84 -4.23 -12.33 3.56
CA ARG A 84 -5.58 -12.42 2.91
C ARG A 84 -6.09 -11.10 2.31
N VAL A 85 -6.14 -11.04 0.97
CA VAL A 85 -6.49 -9.81 0.22
C VAL A 85 -8.01 -9.80 -0.07
N VAL A 86 -8.70 -8.77 0.46
CA VAL A 86 -10.15 -8.60 0.33
C VAL A 86 -10.44 -7.74 -0.92
N LEU A 87 -11.17 -8.33 -1.87
CA LEU A 87 -11.47 -7.70 -3.16
C LEU A 87 -12.92 -7.16 -3.14
N SER A 88 -13.05 -5.84 -3.36
CA SER A 88 -14.34 -5.14 -3.42
C SER A 88 -14.24 -3.89 -4.30
N GLU A 89 -15.25 -3.70 -5.17
CA GLU A 89 -15.35 -2.54 -6.08
C GLU A 89 -15.51 -1.22 -5.31
N ASN A 90 -16.01 -1.29 -4.06
CA ASN A 90 -16.17 -0.12 -3.20
C ASN A 90 -15.04 -0.10 -2.15
N PRO A 91 -14.20 0.99 -2.13
CA PRO A 91 -13.15 1.18 -1.11
C PRO A 91 -13.75 1.36 0.31
N MET A 92 -15.04 1.74 0.36
CA MET A 92 -15.75 2.07 1.60
C MET A 92 -16.06 0.79 2.41
N GLN A 93 -16.10 -0.35 1.68
CA GLN A 93 -16.33 -1.68 2.29
C GLN A 93 -15.12 -2.14 3.11
N PHE A 94 -13.93 -1.61 2.78
CA PHE A 94 -12.70 -1.89 3.55
C PHE A 94 -12.68 -1.11 4.86
N PHE A 95 -13.41 0.01 4.92
CA PHE A 95 -13.49 0.88 6.11
C PHE A 95 -14.60 0.42 7.08
N GLU A 96 -15.65 -0.22 6.54
CA GLU A 96 -16.73 -0.79 7.38
C GLU A 96 -16.32 -2.17 7.92
N THR A 97 -15.45 -2.88 7.18
CA THR A 97 -14.93 -4.19 7.60
C THR A 97 -13.70 -4.02 8.54
N PHE A 98 -12.72 -3.20 8.10
CA PHE A 98 -11.46 -2.96 8.86
C PHE A 98 -11.46 -1.55 9.48
N GLY A 99 -11.36 -0.50 8.60
CA GLY A 99 -11.33 0.91 9.03
C GLY A 99 -10.10 1.27 9.86
N ASP A 100 -10.16 0.93 11.15
CA ASP A 100 -9.06 1.14 12.13
C ASP A 100 -7.77 0.42 11.71
N ARG A 101 -7.93 -0.73 11.02
CA ARG A 101 -6.80 -1.53 10.52
C ARG A 101 -6.13 -0.85 9.31
N VAL A 102 -6.94 -0.20 8.45
CA VAL A 102 -6.45 0.42 7.20
C VAL A 102 -5.58 1.67 7.51
N PHE A 103 -4.57 1.95 6.64
CA PHE A 103 -3.62 3.06 6.85
C PHE A 103 -4.31 4.44 6.86
N LEU A 104 -5.36 4.60 6.06
CA LEU A 104 -6.17 5.83 6.06
C LEU A 104 -7.61 5.49 6.50
N THR A 105 -8.44 6.52 6.74
CA THR A 105 -9.87 6.33 7.04
C THR A 105 -10.72 6.74 5.83
N LYS A 106 -12.04 6.53 5.95
CA LYS A 106 -13.03 6.83 4.89
C LYS A 106 -13.03 8.34 4.54
N ASP A 107 -12.74 9.20 5.54
CA ASP A 107 -12.62 10.66 5.35
C ASP A 107 -11.42 11.01 4.46
N GLU A 108 -10.30 10.32 4.71
CA GLU A 108 -9.07 10.48 3.92
C GLU A 108 -9.27 10.00 2.48
N LEU A 109 -10.09 8.95 2.30
CA LEU A 109 -10.46 8.42 0.98
C LEU A 109 -11.26 9.46 0.17
N LYS A 110 -12.35 9.98 0.78
CA LYS A 110 -13.31 10.84 0.07
C LYS A 110 -12.69 12.20 -0.32
N GLU A 111 -11.81 12.76 0.56
CA GLU A 111 -11.05 13.99 0.23
C GLU A 111 -10.06 13.71 -0.91
N TYR A 112 -9.42 12.53 -0.85
CA TYR A 112 -8.40 12.09 -1.82
C TYR A 112 -8.99 11.98 -3.24
N MET A 113 -10.23 11.47 -3.32
CA MET A 113 -10.94 11.32 -4.61
C MET A 113 -11.42 12.69 -5.15
N LYS A 114 -11.82 13.59 -4.22
CA LYS A 114 -12.16 14.99 -4.57
C LYS A 114 -10.89 15.77 -5.00
N SER A 115 -9.72 15.34 -4.50
CA SER A 115 -8.42 15.94 -4.85
C SER A 115 -8.01 15.58 -6.30
N GLN A 116 -8.53 14.45 -6.82
CA GLN A 116 -8.19 13.97 -8.17
C GLN A 116 -8.96 14.74 -9.26
N GLU A 117 -10.16 15.24 -8.91
CA GLU A 117 -11.00 16.01 -9.84
C GLU A 117 -10.64 17.51 -9.83
N ARG A 118 -10.17 18.02 -8.66
CA ARG A 118 -9.78 19.45 -8.52
C ARG A 118 -8.32 19.67 -8.97
N TRP A 119 -7.49 18.61 -8.99
CA TRP A 119 -6.08 18.69 -9.44
C TRP A 119 -5.79 17.70 -10.57
N GLY A 120 -6.83 17.40 -11.36
CA GLY A 120 -6.72 16.51 -12.51
C GLY A 120 -7.94 16.57 -13.39
N ARG A 121 -7.98 15.67 -14.38
CA ARG A 121 -9.06 15.59 -15.39
C ARG A 121 -10.15 14.58 -14.96
N ARG A 122 -10.26 14.36 -13.63
CA ARG A 122 -11.25 13.47 -12.95
C ARG A 122 -10.97 11.95 -13.18
N ARG A 123 -10.10 11.62 -14.18
CA ARG A 123 -9.92 10.25 -14.76
C ARG A 123 -11.17 9.80 -15.56
N GLU A 124 -12.33 9.82 -14.88
CA GLU A 124 -13.65 9.49 -15.47
C GLU A 124 -13.69 8.03 -15.94
N SER A 125 -13.87 7.12 -14.98
CA SER A 125 -13.93 5.68 -15.24
C SER A 125 -15.39 5.31 -15.57
N LYS A 126 -15.63 4.84 -16.81
CA LYS A 126 -17.00 4.51 -17.31
C LYS A 126 -17.63 3.36 -16.52
N LYS A 127 -16.79 2.39 -16.13
CA LYS A 127 -17.18 1.34 -15.19
C LYS A 127 -16.54 1.64 -13.82
N LYS A 128 -17.08 1.04 -12.75
CA LYS A 128 -16.43 1.10 -11.42
C LYS A 128 -15.12 0.28 -11.45
N LYS A 129 -14.22 0.57 -10.51
CA LYS A 129 -12.93 -0.13 -10.40
C LYS A 129 -13.03 -1.14 -9.25
N LEU A 130 -12.49 -2.34 -9.46
CA LEU A 130 -12.33 -3.36 -8.41
C LEU A 130 -11.13 -2.94 -7.55
N TRP A 131 -11.41 -2.42 -6.34
CA TRP A 131 -10.37 -2.09 -5.35
C TRP A 131 -9.97 -3.36 -4.57
N MET A 132 -8.81 -3.30 -3.93
CA MET A 132 -8.20 -4.43 -3.22
C MET A 132 -7.64 -3.95 -1.88
N ALA A 133 -7.78 -4.80 -0.86
CA ALA A 133 -7.31 -4.53 0.50
C ALA A 133 -6.31 -5.60 0.90
N ILE A 134 -5.03 -5.25 0.88
CA ILE A 134 -3.94 -6.17 1.24
C ILE A 134 -3.82 -6.19 2.76
N GLU A 135 -3.96 -7.37 3.38
CA GLU A 135 -3.84 -7.51 4.84
C GLU A 135 -2.33 -7.60 5.18
N LEU A 136 -1.88 -6.89 6.22
CA LEU A 136 -0.44 -6.82 6.59
C LEU A 136 -0.22 -7.29 8.04
N GLU A 137 0.78 -8.16 8.23
CA GLU A 137 1.21 -8.62 9.57
C GLU A 137 2.74 -8.53 9.70
N ASP A 138 3.24 -8.78 10.93
CA ASP A 138 4.68 -8.93 11.25
C ASP A 138 5.53 -7.78 10.65
N VAL A 139 5.07 -6.55 10.91
CA VAL A 139 5.70 -5.35 10.37
C VAL A 139 7.02 -5.06 11.10
N LYS A 140 8.13 -5.42 10.44
CA LYS A 140 9.50 -5.21 10.94
C LYS A 140 9.90 -3.74 10.74
N LYS A 141 10.73 -3.20 11.64
CA LYS A 141 11.24 -1.82 11.56
C LYS A 141 12.74 -1.82 11.24
N TYR A 142 13.08 -1.34 10.03
CA TYR A 142 14.47 -1.11 9.61
C TYR A 142 14.92 0.27 10.11
N ASP A 143 15.44 0.28 11.34
CA ASP A 143 16.16 1.43 11.92
C ASP A 143 17.62 1.42 11.43
N LYS A 144 18.04 0.27 10.88
CA LYS A 144 19.36 0.08 10.29
C LYS A 144 19.42 0.68 8.86
N PRO A 145 20.53 1.38 8.49
CA PRO A 145 20.66 2.07 7.18
C PRO A 145 21.02 1.10 6.02
N ILE A 146 20.00 0.38 5.51
CA ILE A 146 20.17 -0.56 4.38
C ILE A 146 19.73 0.12 3.06
N LYS A 147 20.53 -0.11 2.01
CA LYS A 147 20.27 0.36 0.65
C LYS A 147 19.10 -0.40 0.00
N PRO A 148 18.34 0.24 -0.93
CA PRO A 148 17.38 -0.48 -1.81
C PRO A 148 18.11 -1.37 -2.84
N LYS A 149 17.43 -2.44 -3.29
CA LYS A 149 17.92 -3.29 -4.39
C LYS A 149 17.83 -2.49 -5.72
N ARG A 150 16.76 -1.68 -5.83
CA ARG A 150 16.51 -0.81 -6.99
C ARG A 150 15.70 0.42 -6.56
N LEU A 151 15.60 1.40 -7.48
CA LEU A 151 14.80 2.62 -7.27
C LEU A 151 13.31 2.26 -7.21
N VAL A 152 12.60 2.79 -6.20
CA VAL A 152 11.16 2.51 -5.98
C VAL A 152 10.35 3.83 -6.08
N PRO A 153 9.69 4.10 -7.26
CA PRO A 153 8.83 5.30 -7.46
C PRO A 153 7.45 5.17 -6.76
N VAL A 154 6.58 6.18 -6.99
CA VAL A 154 5.24 6.29 -6.37
C VAL A 154 4.37 5.01 -6.61
N GLY A 155 4.45 4.46 -7.84
CA GLY A 155 3.69 3.27 -8.23
C GLY A 155 4.23 1.97 -7.63
N GLY A 156 5.46 2.04 -7.07
CA GLY A 156 6.08 0.91 -6.38
C GLY A 156 6.69 -0.11 -7.35
N GLN A 157 7.62 -0.92 -6.84
CA GLN A 157 8.26 -2.01 -7.62
C GLN A 157 7.86 -3.35 -7.01
N TYR A 158 7.79 -4.39 -7.85
CA TYR A 158 7.64 -5.76 -7.37
C TYR A 158 9.02 -6.32 -7.01
N LEU A 159 9.20 -6.61 -5.71
CA LEU A 159 10.42 -7.22 -5.20
C LEU A 159 10.40 -8.70 -5.59
N ARG A 160 11.46 -9.15 -6.26
CA ARG A 160 11.58 -10.53 -6.75
C ARG A 160 12.96 -11.05 -6.40
N GLU A 161 13.01 -12.18 -5.65
CA GLU A 161 14.28 -12.69 -5.13
C GLU A 161 14.32 -14.21 -5.33
N MET A 23 13.70 -14.97 -10.96
CA MET A 23 13.06 -13.71 -10.49
C MET A 23 11.55 -13.71 -10.76
N SER A 24 11.10 -14.59 -11.68
CA SER A 24 9.66 -14.69 -12.08
C SER A 24 8.77 -15.26 -10.95
N LYS A 25 9.40 -15.79 -9.89
CA LYS A 25 8.70 -16.31 -8.69
C LYS A 25 8.21 -15.18 -7.77
N ILE A 26 8.76 -13.95 -7.93
CA ILE A 26 8.49 -12.78 -7.05
C ILE A 26 9.02 -13.10 -5.61
N VAL A 27 8.70 -12.23 -4.62
CA VAL A 27 8.67 -12.56 -3.16
C VAL A 27 7.73 -11.57 -2.45
N GLY A 28 7.67 -10.33 -2.96
CA GLY A 28 6.85 -9.27 -2.36
C GLY A 28 6.71 -8.06 -3.27
N VAL A 29 6.26 -6.94 -2.68
CA VAL A 29 6.19 -5.64 -3.36
C VAL A 29 6.66 -4.53 -2.39
N THR A 30 7.33 -3.51 -2.93
CA THR A 30 7.85 -2.37 -2.14
C THR A 30 7.16 -1.06 -2.60
N TYR A 31 6.71 -0.26 -1.62
CA TYR A 31 6.06 1.04 -1.84
C TYR A 31 6.68 2.07 -0.86
N PRO A 32 6.90 3.34 -1.34
CA PRO A 32 7.27 4.47 -0.45
C PRO A 32 6.15 4.80 0.56
N ILE A 33 4.89 4.77 0.07
CA ILE A 33 3.69 5.22 0.80
C ILE A 33 3.87 6.67 1.32
N PRO A 34 3.74 7.71 0.41
CA PRO A 34 3.96 9.14 0.77
C PRO A 34 2.86 9.73 1.69
N LYS A 35 1.85 8.89 2.06
CA LYS A 35 0.84 9.25 3.07
C LYS A 35 1.47 9.33 4.46
N ARG A 36 0.95 10.27 5.26
CA ARG A 36 1.28 10.45 6.69
C ARG A 36 0.96 9.20 7.55
N PHE A 37 0.24 8.24 6.95
CA PHE A 37 -0.15 6.97 7.58
C PHE A 37 0.77 5.80 7.18
N MET A 38 2.00 6.13 6.73
CA MET A 38 3.08 5.12 6.55
C MET A 38 3.49 4.51 7.92
N ASP A 39 3.32 5.33 8.97
CA ASP A 39 3.63 4.96 10.38
C ASP A 39 2.68 3.88 10.91
N ARG A 40 1.44 3.84 10.35
CA ARG A 40 0.34 2.97 10.85
C ARG A 40 0.72 1.49 10.91
N PHE A 41 1.51 1.03 9.93
CA PHE A 41 1.91 -0.39 9.84
C PHE A 41 2.83 -0.77 11.04
N PHE A 42 3.58 0.23 11.53
CA PHE A 42 4.53 0.09 12.66
C PHE A 42 3.84 0.44 13.99
N LYS A 43 2.76 1.24 13.88
CA LYS A 43 2.01 1.80 15.02
C LYS A 43 1.15 0.72 15.69
N LYS A 44 0.31 0.06 14.88
CA LYS A 44 -0.66 -0.96 15.37
C LYS A 44 -0.08 -2.37 15.26
N GLY A 45 1.05 -2.51 14.53
CA GLY A 45 1.77 -3.79 14.39
C GLY A 45 1.30 -4.62 13.20
N LYS A 46 0.00 -4.49 12.84
CA LYS A 46 -0.62 -5.22 11.73
C LYS A 46 -1.71 -4.32 11.11
N ASP A 47 -1.54 -3.99 9.83
CA ASP A 47 -2.33 -2.95 9.12
C ASP A 47 -3.01 -3.55 7.88
N VAL A 48 -3.76 -2.75 7.12
CA VAL A 48 -4.39 -3.14 5.85
C VAL A 48 -4.14 -2.02 4.80
N PHE A 49 -3.30 -2.34 3.80
CA PHE A 49 -2.97 -1.39 2.71
C PHE A 49 -3.92 -1.60 1.53
N VAL A 50 -4.67 -0.55 1.14
CA VAL A 50 -5.65 -0.63 0.05
C VAL A 50 -5.07 -0.07 -1.26
N LYS A 51 -5.35 -0.78 -2.36
CA LYS A 51 -4.96 -0.42 -3.74
C LYS A 51 -6.19 -0.44 -4.66
N PRO A 52 -6.41 0.61 -5.53
CA PRO A 52 -7.40 0.54 -6.64
C PRO A 52 -6.87 -0.31 -7.82
N ALA A 53 -6.49 -1.58 -7.51
CA ALA A 53 -5.81 -2.53 -8.44
C ALA A 53 -4.61 -1.89 -9.20
N THR A 54 -3.87 -0.98 -8.51
CA THR A 54 -2.65 -0.34 -9.05
C THR A 54 -1.55 -1.40 -9.29
N VAL A 55 -1.62 -2.47 -8.49
CA VAL A 55 -0.73 -3.63 -8.57
C VAL A 55 -1.33 -4.70 -9.52
N TRP A 56 -0.43 -5.47 -10.16
CA TRP A 56 -0.80 -6.61 -11.03
C TRP A 56 -1.13 -7.85 -10.15
N LYS A 57 -1.53 -8.97 -10.81
CA LYS A 57 -1.93 -10.23 -10.14
C LYS A 57 -0.75 -10.98 -9.46
N GLU A 58 0.46 -10.38 -9.47
CA GLU A 58 1.62 -10.89 -8.71
C GLU A 58 1.33 -10.85 -7.19
N LEU A 59 0.43 -9.93 -6.81
CA LEU A 59 -0.08 -9.83 -5.43
C LEU A 59 -0.89 -11.09 -5.05
N LYS A 60 -0.34 -11.89 -4.13
CA LYS A 60 -1.00 -13.07 -3.59
C LYS A 60 -0.85 -13.08 -2.05
N PRO A 61 -1.81 -13.70 -1.28
CA PRO A 61 -1.69 -13.82 0.19
C PRO A 61 -0.55 -14.80 0.57
N GLY A 62 0.60 -14.23 0.98
CA GLY A 62 1.77 -15.00 1.38
C GLY A 62 3.06 -14.43 0.80
N MET A 63 3.14 -13.09 0.71
CA MET A 63 4.31 -12.37 0.18
C MET A 63 4.91 -11.44 1.26
N LYS A 64 5.82 -10.55 0.84
CA LYS A 64 6.40 -9.48 1.68
C LYS A 64 5.87 -8.13 1.20
N PHE A 65 5.88 -7.12 2.07
CA PHE A 65 5.63 -5.73 1.68
C PHE A 65 6.68 -4.86 2.35
N VAL A 66 7.67 -4.41 1.58
CA VAL A 66 8.78 -3.65 2.12
C VAL A 66 8.50 -2.15 1.98
N PHE A 67 8.51 -1.46 3.12
CA PHE A 67 8.19 -0.04 3.20
C PHE A 67 9.47 0.77 2.94
N TYR A 68 9.56 1.32 1.73
CA TYR A 68 10.59 2.28 1.35
C TYR A 68 10.25 3.61 2.05
N GLN A 69 11.23 4.26 2.68
CA GLN A 69 10.96 5.44 3.54
C GLN A 69 10.51 6.66 2.72
N SER A 70 11.33 7.03 1.73
CA SER A 70 11.07 8.17 0.83
C SER A 70 11.99 8.07 -0.40
N HIS A 71 11.60 8.70 -1.51
CA HIS A 71 12.38 8.65 -2.78
C HIS A 71 13.36 9.85 -2.87
N GLU A 72 13.87 10.27 -1.70
CA GLU A 72 14.82 11.41 -1.56
C GLU A 72 16.27 10.84 -1.43
N ASP A 73 16.53 9.75 -2.20
CA ASP A 73 17.75 8.92 -2.08
C ASP A 73 17.88 8.41 -0.64
N THR A 74 17.05 7.42 -0.30
CA THR A 74 16.87 6.96 1.09
C THR A 74 16.92 5.41 1.13
N GLY A 75 16.88 4.84 2.34
CA GLY A 75 16.72 3.40 2.51
C GLY A 75 15.29 3.03 2.89
N PHE A 76 15.12 1.82 3.45
CA PHE A 76 13.82 1.34 3.93
C PHE A 76 13.53 1.85 5.35
N VAL A 77 12.25 2.12 5.64
CA VAL A 77 11.77 2.40 7.01
C VAL A 77 11.37 1.10 7.71
N GLY A 78 11.03 0.07 6.89
CA GLY A 78 10.68 -1.25 7.41
C GLY A 78 10.25 -2.21 6.33
N GLU A 79 9.64 -3.32 6.76
CA GLU A 79 9.00 -4.31 5.86
C GLU A 79 7.88 -5.03 6.61
N ALA A 80 7.18 -5.94 5.92
CA ALA A 80 6.04 -6.70 6.46
C ALA A 80 5.75 -7.92 5.59
N ARG A 81 4.65 -8.62 5.89
CA ARG A 81 4.19 -9.80 5.13
C ARG A 81 2.77 -9.58 4.62
N ILE A 82 2.60 -9.68 3.29
CA ILE A 82 1.31 -9.63 2.62
C ILE A 82 0.51 -10.90 2.87
N LYS A 83 -0.76 -10.69 3.22
CA LYS A 83 -1.72 -11.72 3.59
C LYS A 83 -3.10 -11.36 2.97
N ARG A 84 -4.18 -12.02 3.43
CA ARG A 84 -5.52 -12.05 2.78
C ARG A 84 -5.94 -10.70 2.11
N VAL A 85 -6.16 -10.75 0.78
CA VAL A 85 -6.58 -9.57 0.00
C VAL A 85 -8.12 -9.61 -0.22
N VAL A 86 -8.83 -8.61 0.34
CA VAL A 86 -10.29 -8.49 0.22
C VAL A 86 -10.63 -7.64 -1.01
N LEU A 87 -11.24 -8.28 -2.00
CA LEU A 87 -11.58 -7.65 -3.28
C LEU A 87 -12.99 -7.03 -3.21
N SER A 88 -13.09 -5.72 -3.51
CA SER A 88 -14.36 -4.97 -3.53
C SER A 88 -14.27 -3.80 -4.51
N GLU A 89 -15.35 -3.57 -5.27
CA GLU A 89 -15.48 -2.44 -6.20
C GLU A 89 -15.76 -1.12 -5.44
N ASN A 90 -16.10 -1.22 -4.14
CA ASN A 90 -16.31 -0.06 -3.26
C ASN A 90 -15.17 0.00 -2.20
N PRO A 91 -14.37 1.11 -2.16
CA PRO A 91 -13.29 1.28 -1.15
C PRO A 91 -13.83 1.48 0.29
N MET A 92 -15.14 1.73 0.40
CA MET A 92 -15.80 2.08 1.68
C MET A 92 -16.12 0.81 2.49
N GLN A 93 -16.21 -0.34 1.78
CA GLN A 93 -16.48 -1.64 2.42
C GLN A 93 -15.26 -2.12 3.22
N PHE A 94 -14.07 -1.57 2.92
CA PHE A 94 -12.85 -1.85 3.68
C PHE A 94 -12.86 -1.11 5.03
N PHE A 95 -13.62 0.00 5.11
CA PHE A 95 -13.72 0.82 6.33
C PHE A 95 -14.77 0.29 7.30
N GLU A 96 -15.80 -0.39 6.76
CA GLU A 96 -16.80 -1.10 7.63
C GLU A 96 -16.22 -2.43 8.14
N THR A 97 -15.39 -3.09 7.30
CA THR A 97 -14.78 -4.39 7.64
C THR A 97 -13.56 -4.21 8.58
N PHE A 98 -12.58 -3.40 8.14
CA PHE A 98 -11.33 -3.16 8.89
C PHE A 98 -11.39 -1.77 9.55
N GLY A 99 -11.37 -0.71 8.72
CA GLY A 99 -11.44 0.69 9.17
C GLY A 99 -10.22 1.12 9.96
N ASP A 100 -10.24 0.75 11.25
CA ASP A 100 -9.12 0.99 12.20
C ASP A 100 -7.82 0.35 11.69
N ARG A 101 -7.95 -0.81 11.04
CA ARG A 101 -6.79 -1.58 10.52
C ARG A 101 -6.27 -0.99 9.21
N VAL A 102 -7.15 -0.37 8.40
CA VAL A 102 -6.74 0.28 7.12
C VAL A 102 -5.81 1.47 7.45
N PHE A 103 -4.74 1.68 6.63
CA PHE A 103 -3.72 2.71 6.90
C PHE A 103 -4.34 4.11 6.99
N LEU A 104 -5.23 4.43 6.05
CA LEU A 104 -5.92 5.74 6.02
C LEU A 104 -7.38 5.56 6.48
N THR A 105 -8.05 6.67 6.82
CA THR A 105 -9.48 6.64 7.20
C THR A 105 -10.36 7.08 5.99
N LYS A 106 -11.69 7.12 6.17
CA LYS A 106 -12.65 7.43 5.07
C LYS A 106 -12.52 8.90 4.63
N ASP A 107 -12.14 9.79 5.57
CA ASP A 107 -11.87 11.22 5.26
C ASP A 107 -10.59 11.37 4.41
N GLU A 108 -9.66 10.45 4.59
CA GLU A 108 -8.44 10.39 3.79
C GLU A 108 -8.74 9.80 2.39
N LEU A 109 -9.78 8.96 2.31
CA LEU A 109 -10.26 8.41 1.03
C LEU A 109 -10.93 9.52 0.18
N LYS A 110 -11.82 10.33 0.81
CA LYS A 110 -12.59 11.36 0.09
C LYS A 110 -11.66 12.45 -0.47
N GLU A 111 -10.63 12.86 0.32
CA GLU A 111 -9.64 13.86 -0.15
C GLU A 111 -8.75 13.27 -1.26
N TYR A 112 -8.46 11.95 -1.15
CA TYR A 112 -7.68 11.21 -2.17
C TYR A 112 -8.41 11.18 -3.54
N MET A 113 -9.73 10.92 -3.50
CA MET A 113 -10.56 10.79 -4.72
C MET A 113 -10.89 12.17 -5.32
N LYS A 114 -11.09 13.19 -4.45
CA LYS A 114 -11.27 14.59 -4.88
C LYS A 114 -9.96 15.17 -5.44
N SER A 115 -8.82 14.58 -5.01
CA SER A 115 -7.51 14.92 -5.55
C SER A 115 -7.36 14.42 -7.01
N GLN A 116 -8.03 13.31 -7.33
CA GLN A 116 -7.90 12.66 -8.65
C GLN A 116 -8.69 13.39 -9.76
N GLU A 117 -9.60 14.30 -9.37
CA GLU A 117 -10.43 15.08 -10.33
C GLU A 117 -9.90 16.53 -10.49
N ARG A 118 -9.28 17.10 -9.44
CA ARG A 118 -8.85 18.53 -9.45
C ARG A 118 -7.32 18.67 -9.61
N TRP A 119 -6.56 17.60 -9.32
CA TRP A 119 -5.09 17.54 -9.54
C TRP A 119 -4.74 16.44 -10.54
N GLY A 120 -5.56 15.36 -10.55
CA GLY A 120 -5.39 14.23 -11.47
C GLY A 120 -6.20 14.39 -12.76
N ARG A 121 -6.44 15.66 -13.15
CA ARG A 121 -7.15 16.09 -14.38
C ARG A 121 -8.68 15.85 -14.30
N ARG A 122 -9.42 16.72 -15.01
CA ARG A 122 -10.90 16.72 -15.03
C ARG A 122 -11.47 15.59 -15.91
N ARG A 123 -12.82 15.58 -16.04
CA ARG A 123 -13.60 14.59 -16.81
C ARG A 123 -13.59 13.23 -16.08
N GLU A 124 -14.62 13.01 -15.24
CA GLU A 124 -14.81 11.75 -14.48
C GLU A 124 -15.55 10.71 -15.36
N SER A 125 -15.87 9.53 -14.78
CA SER A 125 -16.44 8.40 -15.52
C SER A 125 -17.50 7.67 -14.66
N LYS A 126 -18.50 7.07 -15.35
CA LYS A 126 -19.53 6.20 -14.72
C LYS A 126 -18.92 4.87 -14.25
N LYS A 127 -17.77 4.50 -14.85
CA LYS A 127 -17.07 3.25 -14.55
C LYS A 127 -16.49 3.28 -13.13
N LYS A 128 -16.31 2.10 -12.52
CA LYS A 128 -15.73 1.95 -11.17
C LYS A 128 -14.37 1.23 -11.28
N LYS A 129 -13.80 0.86 -10.13
CA LYS A 129 -12.55 0.10 -10.08
C LYS A 129 -12.70 -1.02 -9.05
N LEU A 130 -12.08 -2.16 -9.34
CA LEU A 130 -11.90 -3.27 -8.38
C LEU A 130 -10.75 -2.87 -7.44
N TRP A 131 -11.09 -2.39 -6.25
CA TRP A 131 -10.13 -2.11 -5.17
C TRP A 131 -9.83 -3.40 -4.41
N MET A 132 -8.69 -3.43 -3.70
CA MET A 132 -8.21 -4.61 -2.97
C MET A 132 -7.55 -4.19 -1.66
N ALA A 133 -7.95 -4.85 -0.57
CA ALA A 133 -7.45 -4.56 0.78
C ALA A 133 -6.50 -5.67 1.22
N ILE A 134 -5.21 -5.36 1.16
CA ILE A 134 -4.13 -6.30 1.49
C ILE A 134 -3.95 -6.35 3.01
N GLU A 135 -3.96 -7.56 3.61
CA GLU A 135 -3.67 -7.69 5.05
C GLU A 135 -2.14 -7.68 5.25
N LEU A 136 -1.68 -6.76 6.07
CA LEU A 136 -0.27 -6.65 6.47
C LEU A 136 -0.11 -7.15 7.92
N GLU A 137 0.84 -8.06 8.13
CA GLU A 137 1.23 -8.56 9.45
C GLU A 137 2.77 -8.68 9.50
N ASP A 138 3.30 -9.03 10.70
CA ASP A 138 4.76 -9.33 10.88
C ASP A 138 5.63 -8.13 10.46
N VAL A 139 5.11 -6.92 10.73
CA VAL A 139 5.70 -5.66 10.25
C VAL A 139 7.02 -5.36 11.01
N LYS A 140 8.14 -5.58 10.31
CA LYS A 140 9.50 -5.31 10.82
C LYS A 140 9.86 -3.83 10.61
N LYS A 141 10.85 -3.38 11.37
CA LYS A 141 11.38 -2.00 11.32
C LYS A 141 12.85 -2.00 10.89
N TYR A 142 13.14 -1.26 9.79
CA TYR A 142 14.50 -0.95 9.34
C TYR A 142 14.87 0.43 9.86
N ASP A 143 15.30 0.46 11.12
CA ASP A 143 15.85 1.66 11.79
C ASP A 143 17.19 2.06 11.13
N LYS A 144 17.83 1.05 10.53
CA LYS A 144 19.03 1.20 9.72
C LYS A 144 18.63 1.64 8.27
N PRO A 145 19.40 2.57 7.64
CA PRO A 145 19.09 3.08 6.28
C PRO A 145 19.64 2.16 5.15
N ILE A 146 19.08 0.93 5.05
CA ILE A 146 19.44 -0.02 3.98
C ILE A 146 18.75 0.38 2.67
N LYS A 147 19.56 0.77 1.69
CA LYS A 147 19.09 1.23 0.37
C LYS A 147 18.53 0.05 -0.44
N PRO A 148 17.46 0.28 -1.27
CA PRO A 148 16.91 -0.76 -2.16
C PRO A 148 17.89 -1.13 -3.30
N LYS A 149 17.74 -2.36 -3.82
CA LYS A 149 18.55 -2.87 -4.95
C LYS A 149 18.19 -2.09 -6.24
N ARG A 150 16.92 -1.66 -6.32
CA ARG A 150 16.35 -0.95 -7.48
C ARG A 150 15.66 0.34 -7.01
N LEU A 151 15.43 1.26 -7.95
CA LEU A 151 14.83 2.57 -7.67
C LEU A 151 13.32 2.38 -7.49
N VAL A 152 12.81 2.78 -6.31
CA VAL A 152 11.37 2.65 -5.99
C VAL A 152 10.69 4.05 -6.00
N PRO A 153 9.97 4.42 -7.11
CA PRO A 153 9.15 5.65 -7.17
C PRO A 153 7.77 5.45 -6.49
N VAL A 154 6.93 6.49 -6.54
CA VAL A 154 5.59 6.53 -5.90
C VAL A 154 4.66 5.37 -6.37
N GLY A 155 4.84 4.95 -7.64
CA GLY A 155 4.06 3.86 -8.24
C GLY A 155 4.36 2.48 -7.62
N GLY A 156 5.51 2.36 -6.95
CA GLY A 156 5.92 1.13 -6.27
C GLY A 156 6.52 0.09 -7.21
N GLN A 157 7.55 -0.62 -6.75
CA GLN A 157 8.22 -1.69 -7.52
C GLN A 157 7.90 -3.06 -6.92
N TYR A 158 8.02 -4.12 -7.72
CA TYR A 158 7.94 -5.49 -7.23
C TYR A 158 9.31 -5.96 -6.76
N LEU A 159 9.36 -6.50 -5.52
CA LEU A 159 10.55 -7.14 -4.98
C LEU A 159 10.45 -8.62 -5.35
N ARG A 160 11.47 -9.15 -6.01
CA ARG A 160 11.52 -10.54 -6.45
C ARG A 160 12.88 -11.14 -6.10
N GLU A 161 12.90 -12.44 -5.73
CA GLU A 161 14.16 -13.14 -5.42
C GLU A 161 14.49 -14.09 -6.60
N MET A 23 13.97 -13.26 -9.98
CA MET A 23 13.37 -14.42 -10.68
C MET A 23 11.84 -14.38 -10.53
N SER A 24 11.11 -15.03 -11.46
CA SER A 24 9.62 -15.06 -11.51
C SER A 24 8.98 -15.75 -10.27
N LYS A 25 9.81 -16.35 -9.41
CA LYS A 25 9.37 -16.88 -8.10
C LYS A 25 8.77 -15.76 -7.19
N ILE A 26 9.24 -14.50 -7.41
CA ILE A 26 8.82 -13.32 -6.61
C ILE A 26 9.30 -13.48 -5.13
N VAL A 27 8.97 -12.51 -4.27
CA VAL A 27 8.92 -12.67 -2.79
C VAL A 27 7.86 -11.72 -2.22
N GLY A 28 7.80 -10.50 -2.78
CA GLY A 28 6.90 -9.46 -2.31
C GLY A 28 6.79 -8.27 -3.26
N VAL A 29 6.27 -7.16 -2.75
CA VAL A 29 6.18 -5.88 -3.48
C VAL A 29 6.58 -4.73 -2.54
N THR A 30 7.30 -3.74 -3.08
CA THR A 30 7.75 -2.55 -2.32
C THR A 30 7.06 -1.29 -2.85
N TYR A 31 6.65 -0.40 -1.93
CA TYR A 31 6.01 0.88 -2.25
C TYR A 31 6.68 2.01 -1.46
N PRO A 32 6.83 3.23 -2.07
CA PRO A 32 7.42 4.41 -1.39
C PRO A 32 6.47 5.03 -0.34
N ILE A 33 5.19 4.62 -0.43
CA ILE A 33 4.08 5.16 0.37
C ILE A 33 4.03 6.70 0.24
N PRO A 34 3.27 7.25 -0.77
CA PRO A 34 3.17 8.73 -0.99
C PRO A 34 2.18 9.41 0.01
N LYS A 35 2.01 8.76 1.17
CA LYS A 35 1.15 9.21 2.27
C LYS A 35 1.95 9.08 3.59
N ARG A 36 1.51 9.82 4.63
CA ARG A 36 2.12 9.79 5.99
C ARG A 36 1.72 8.48 6.73
N PHE A 37 0.72 7.79 6.19
CA PHE A 37 0.07 6.62 6.83
C PHE A 37 0.95 5.35 6.83
N MET A 38 2.23 5.47 6.39
CA MET A 38 3.26 4.43 6.66
C MET A 38 3.39 4.19 8.18
N ASP A 39 3.20 5.28 8.95
CA ASP A 39 3.17 5.31 10.43
C ASP A 39 2.24 4.24 11.02
N ARG A 40 1.08 4.06 10.38
CA ARG A 40 0.03 3.11 10.80
C ARG A 40 0.56 1.68 10.94
N PHE A 41 1.29 1.23 9.91
CA PHE A 41 1.83 -0.14 9.85
C PHE A 41 2.90 -0.35 10.93
N PHE A 42 3.59 0.74 11.32
CA PHE A 42 4.68 0.68 12.32
C PHE A 42 4.14 0.92 13.74
N LYS A 43 2.93 1.51 13.85
CA LYS A 43 2.31 1.85 15.14
C LYS A 43 1.74 0.58 15.78
N LYS A 44 0.80 -0.06 15.06
CA LYS A 44 0.07 -1.24 15.56
C LYS A 44 0.76 -2.55 15.15
N GLY A 45 1.76 -2.44 14.26
CA GLY A 45 2.57 -3.58 13.81
C GLY A 45 1.85 -4.51 12.83
N LYS A 46 0.61 -4.14 12.45
CA LYS A 46 -0.26 -4.93 11.57
C LYS A 46 -1.46 -4.08 11.10
N ASP A 47 -1.37 -3.57 9.88
CA ASP A 47 -2.35 -2.62 9.30
C ASP A 47 -2.78 -3.17 7.91
N VAL A 48 -3.52 -2.40 7.10
CA VAL A 48 -4.07 -2.86 5.81
C VAL A 48 -3.80 -1.80 4.73
N PHE A 49 -3.01 -2.19 3.71
CA PHE A 49 -2.71 -1.34 2.56
C PHE A 49 -3.76 -1.57 1.46
N VAL A 50 -4.66 -0.59 1.26
CA VAL A 50 -5.65 -0.65 0.17
C VAL A 50 -5.05 -0.03 -1.11
N LYS A 51 -5.40 -0.63 -2.24
CA LYS A 51 -4.89 -0.28 -3.56
C LYS A 51 -6.08 -0.23 -4.54
N PRO A 52 -6.27 0.89 -5.32
CA PRO A 52 -7.29 0.94 -6.42
C PRO A 52 -6.80 0.16 -7.67
N ALA A 53 -6.53 -1.15 -7.48
CA ALA A 53 -5.96 -2.09 -8.49
C ALA A 53 -4.85 -1.43 -9.36
N THR A 54 -3.59 -1.53 -8.91
CA THR A 54 -2.42 -0.98 -9.63
C THR A 54 -1.34 -2.06 -9.79
N VAL A 55 -1.29 -2.97 -8.80
CA VAL A 55 -0.46 -4.18 -8.85
C VAL A 55 -1.13 -5.27 -9.70
N TRP A 56 -0.30 -6.08 -10.36
CA TRP A 56 -0.75 -7.20 -11.23
C TRP A 56 -0.95 -8.50 -10.41
N LYS A 57 -1.03 -9.66 -11.10
CA LYS A 57 -1.41 -10.97 -10.52
C LYS A 57 -0.36 -11.58 -9.56
N GLU A 58 0.80 -10.92 -9.38
CA GLU A 58 1.85 -11.38 -8.44
C GLU A 58 1.33 -11.37 -6.98
N LEU A 59 0.42 -10.42 -6.69
CA LEU A 59 -0.15 -10.24 -5.35
C LEU A 59 -0.99 -11.46 -4.92
N LYS A 60 -0.54 -12.12 -3.84
CA LYS A 60 -1.26 -13.21 -3.19
C LYS A 60 -1.04 -13.13 -1.67
N PRO A 61 -2.02 -13.59 -0.83
CA PRO A 61 -1.87 -13.60 0.64
C PRO A 61 -0.78 -14.63 1.08
N GLY A 62 0.42 -14.10 1.40
CA GLY A 62 1.56 -14.92 1.82
C GLY A 62 2.92 -14.37 1.36
N MET A 63 2.89 -13.21 0.65
CA MET A 63 4.14 -12.53 0.20
C MET A 63 4.64 -11.53 1.28
N LYS A 64 5.63 -10.69 0.91
CA LYS A 64 6.13 -9.59 1.76
C LYS A 64 5.67 -8.25 1.18
N PHE A 65 5.67 -7.21 2.02
CA PHE A 65 5.48 -5.82 1.55
C PHE A 65 6.51 -4.94 2.23
N VAL A 66 7.53 -4.53 1.48
CA VAL A 66 8.62 -3.71 2.00
C VAL A 66 8.29 -2.23 1.85
N PHE A 67 8.27 -1.52 2.98
CA PHE A 67 7.98 -0.10 3.02
C PHE A 67 9.25 0.69 2.72
N TYR A 68 9.30 1.24 1.51
CA TYR A 68 10.30 2.20 1.08
C TYR A 68 9.87 3.57 1.63
N GLN A 69 10.76 4.25 2.37
CA GLN A 69 10.52 5.65 2.76
C GLN A 69 10.79 6.54 1.53
N SER A 70 9.73 7.22 1.06
CA SER A 70 9.71 8.02 -0.19
C SER A 70 10.82 9.12 -0.23
N HIS A 71 12.04 8.69 -0.63
CA HIS A 71 13.21 9.56 -0.92
C HIS A 71 14.45 8.67 -1.20
N GLU A 72 15.55 9.30 -1.61
CA GLU A 72 16.82 8.62 -1.94
C GLU A 72 17.58 8.17 -0.66
N ASP A 73 18.76 7.56 -0.88
CA ASP A 73 19.70 7.12 0.18
C ASP A 73 19.09 6.07 1.12
N THR A 74 18.37 6.53 2.18
CA THR A 74 17.85 5.67 3.28
C THR A 74 17.00 4.52 2.74
N GLY A 75 16.26 4.81 1.65
CA GLY A 75 15.54 3.82 0.89
C GLY A 75 14.37 3.22 1.64
N PHE A 76 14.62 2.12 2.35
CA PHE A 76 13.58 1.32 3.01
C PHE A 76 13.52 1.61 4.52
N VAL A 77 12.32 2.00 5.01
CA VAL A 77 12.05 2.28 6.44
C VAL A 77 11.70 0.97 7.19
N GLY A 78 11.04 0.03 6.49
CA GLY A 78 10.63 -1.25 7.09
C GLY A 78 10.14 -2.24 6.05
N GLU A 79 9.53 -3.34 6.54
CA GLU A 79 8.89 -4.36 5.71
C GLU A 79 7.71 -4.95 6.49
N ALA A 80 7.00 -5.89 5.87
CA ALA A 80 5.87 -6.60 6.47
C ALA A 80 5.52 -7.86 5.68
N ARG A 81 4.40 -8.49 6.06
CA ARG A 81 3.92 -9.75 5.48
C ARG A 81 2.50 -9.55 4.94
N ILE A 82 2.34 -9.77 3.63
CA ILE A 82 1.05 -9.68 2.93
C ILE A 82 0.16 -10.89 3.29
N LYS A 83 -1.08 -10.56 3.63
CA LYS A 83 -2.14 -11.49 4.05
C LYS A 83 -3.45 -11.06 3.36
N ARG A 84 -4.62 -11.53 3.89
CA ARG A 84 -5.92 -11.58 3.16
C ARG A 84 -6.19 -10.33 2.28
N VAL A 85 -6.26 -10.56 0.95
CA VAL A 85 -6.55 -9.50 -0.01
C VAL A 85 -8.07 -9.50 -0.34
N VAL A 86 -8.79 -8.50 0.21
CA VAL A 86 -10.24 -8.36 0.05
C VAL A 86 -10.52 -7.53 -1.21
N LEU A 87 -11.02 -8.19 -2.26
CA LEU A 87 -11.31 -7.57 -3.55
C LEU A 87 -12.76 -7.04 -3.54
N SER A 88 -12.94 -5.73 -3.74
CA SER A 88 -14.25 -5.08 -3.80
C SER A 88 -14.19 -3.83 -4.69
N GLU A 89 -15.20 -3.67 -5.55
CA GLU A 89 -15.36 -2.48 -6.42
C GLU A 89 -15.75 -1.22 -5.62
N ASN A 90 -16.10 -1.41 -4.33
CA ASN A 90 -16.37 -0.31 -3.39
C ASN A 90 -15.23 -0.25 -2.36
N PRO A 91 -14.51 0.91 -2.23
CA PRO A 91 -13.46 1.07 -1.21
C PRO A 91 -14.03 1.06 0.23
N MET A 92 -15.34 1.36 0.36
CA MET A 92 -15.99 1.61 1.67
C MET A 92 -16.12 0.33 2.48
N GLN A 93 -16.14 -0.82 1.78
CA GLN A 93 -16.16 -2.17 2.37
C GLN A 93 -15.00 -2.38 3.36
N PHE A 94 -13.85 -1.77 3.04
CA PHE A 94 -12.62 -1.94 3.84
C PHE A 94 -12.69 -1.08 5.12
N PHE A 95 -13.34 0.09 5.02
CA PHE A 95 -13.42 1.07 6.12
C PHE A 95 -14.52 0.69 7.13
N GLU A 96 -15.43 -0.19 6.74
CA GLU A 96 -16.45 -0.75 7.66
C GLU A 96 -15.98 -2.09 8.27
N THR A 97 -15.21 -2.89 7.49
CA THR A 97 -14.72 -4.21 7.94
C THR A 97 -13.51 -4.05 8.89
N PHE A 98 -12.51 -3.29 8.43
CA PHE A 98 -11.26 -3.06 9.17
C PHE A 98 -11.31 -1.69 9.87
N GLY A 99 -11.59 -0.63 9.08
CA GLY A 99 -11.71 0.76 9.56
C GLY A 99 -10.40 1.32 10.09
N ASP A 100 -10.12 1.06 11.37
CA ASP A 100 -8.85 1.43 12.02
C ASP A 100 -7.66 0.78 11.29
N ARG A 101 -7.81 -0.51 10.94
CA ARG A 101 -6.73 -1.30 10.33
C ARG A 101 -6.39 -0.81 8.91
N VAL A 102 -7.27 -0.08 8.24
CA VAL A 102 -6.94 0.52 6.92
C VAL A 102 -6.12 1.79 7.16
N PHE A 103 -4.98 1.94 6.42
CA PHE A 103 -3.97 3.00 6.67
C PHE A 103 -4.57 4.40 6.73
N LEU A 104 -5.56 4.65 5.88
CA LEU A 104 -6.36 5.87 5.90
C LEU A 104 -7.78 5.52 6.34
N THR A 105 -8.57 6.50 6.82
CA THR A 105 -9.99 6.30 7.13
C THR A 105 -10.85 6.78 5.95
N LYS A 106 -12.17 6.52 6.02
CA LYS A 106 -13.12 6.85 4.94
C LYS A 106 -13.14 8.36 4.63
N ASP A 107 -12.82 9.17 5.66
CA ASP A 107 -12.66 10.63 5.51
C ASP A 107 -11.46 10.93 4.60
N GLU A 108 -10.31 10.34 4.95
CA GLU A 108 -9.06 10.52 4.20
C GLU A 108 -9.21 9.99 2.76
N LEU A 109 -10.08 8.96 2.57
CA LEU A 109 -10.42 8.40 1.26
C LEU A 109 -11.11 9.44 0.37
N LYS A 110 -12.27 9.98 0.85
CA LYS A 110 -13.12 10.86 0.04
C LYS A 110 -12.37 12.13 -0.42
N GLU A 111 -11.55 12.71 0.48
CA GLU A 111 -10.78 13.93 0.19
C GLU A 111 -9.51 13.63 -0.63
N TYR A 112 -9.02 12.37 -0.55
CA TYR A 112 -7.93 11.86 -1.41
C TYR A 112 -8.42 11.77 -2.87
N MET A 113 -9.62 11.19 -3.06
CA MET A 113 -10.22 11.01 -4.39
C MET A 113 -10.57 12.36 -5.01
N LYS A 114 -11.09 13.30 -4.18
CA LYS A 114 -11.38 14.69 -4.62
C LYS A 114 -10.09 15.41 -5.01
N SER A 115 -9.01 15.15 -4.26
CA SER A 115 -7.67 15.71 -4.51
C SER A 115 -7.15 15.26 -5.89
N GLN A 116 -7.32 13.95 -6.19
CA GLN A 116 -6.86 13.38 -7.47
C GLN A 116 -7.61 13.99 -8.66
N GLU A 117 -8.94 14.17 -8.53
CA GLU A 117 -9.80 14.64 -9.62
C GLU A 117 -9.90 16.18 -9.70
N ARG A 118 -9.27 16.91 -8.76
CA ARG A 118 -9.20 18.39 -8.85
C ARG A 118 -7.84 18.83 -9.42
N TRP A 119 -6.78 18.07 -9.10
CA TRP A 119 -5.40 18.39 -9.55
C TRP A 119 -5.08 17.71 -10.88
N GLY A 120 -5.81 16.63 -11.24
CA GLY A 120 -5.64 15.96 -12.53
C GLY A 120 -5.92 14.46 -12.44
N ARG A 121 -7.15 14.05 -12.81
CA ARG A 121 -7.58 12.64 -12.74
C ARG A 121 -6.90 11.80 -13.86
N ARG A 122 -6.76 12.44 -15.04
CA ARG A 122 -6.10 11.88 -16.23
C ARG A 122 -6.88 10.68 -16.82
N ARG A 123 -6.69 9.49 -16.22
CA ARG A 123 -7.29 8.24 -16.72
C ARG A 123 -8.72 8.12 -16.17
N GLU A 124 -9.70 8.36 -17.04
CA GLU A 124 -11.12 8.33 -16.69
C GLU A 124 -11.57 6.86 -16.46
N SER A 125 -11.45 6.41 -15.20
CA SER A 125 -11.96 5.10 -14.77
C SER A 125 -13.50 5.19 -14.67
N LYS A 126 -14.15 4.97 -15.83
CA LYS A 126 -15.61 5.13 -15.98
C LYS A 126 -16.35 4.02 -15.21
N LYS A 127 -17.61 4.32 -14.85
CA LYS A 127 -18.48 3.45 -14.06
C LYS A 127 -17.94 3.29 -12.61
N LYS A 128 -17.07 2.29 -12.37
CA LYS A 128 -16.36 2.14 -11.05
C LYS A 128 -14.90 1.72 -11.26
N LYS A 129 -14.23 1.39 -10.14
CA LYS A 129 -12.88 0.82 -10.12
C LYS A 129 -12.84 -0.35 -9.14
N LEU A 130 -12.05 -1.37 -9.47
CA LEU A 130 -11.79 -2.51 -8.57
C LEU A 130 -10.73 -2.07 -7.55
N TRP A 131 -11.08 -2.13 -6.26
CA TRP A 131 -10.15 -1.87 -5.15
C TRP A 131 -9.81 -3.20 -4.44
N MET A 132 -8.69 -3.21 -3.72
CA MET A 132 -8.20 -4.41 -3.03
C MET A 132 -7.53 -4.02 -1.70
N ALA A 133 -7.92 -4.71 -0.63
CA ALA A 133 -7.40 -4.47 0.73
C ALA A 133 -6.40 -5.55 1.08
N ILE A 134 -5.12 -5.21 1.01
CA ILE A 134 -4.02 -6.14 1.35
C ILE A 134 -3.81 -6.07 2.87
N GLU A 135 -4.01 -7.18 3.58
CA GLU A 135 -3.83 -7.21 5.04
C GLU A 135 -2.34 -7.38 5.38
N LEU A 136 -1.74 -6.35 5.96
CA LEU A 136 -0.35 -6.41 6.42
C LEU A 136 -0.29 -6.83 7.89
N GLU A 137 0.64 -7.74 8.20
CA GLU A 137 0.96 -8.15 9.57
C GLU A 137 2.47 -8.30 9.70
N ASP A 138 2.95 -8.42 10.97
CA ASP A 138 4.36 -8.68 11.30
C ASP A 138 5.28 -7.63 10.64
N VAL A 139 4.88 -6.37 10.78
CA VAL A 139 5.58 -5.24 10.18
C VAL A 139 6.93 -5.05 10.89
N LYS A 140 8.02 -5.40 10.19
CA LYS A 140 9.37 -5.40 10.72
C LYS A 140 10.06 -4.08 10.39
N LYS A 141 10.22 -3.23 11.40
CA LYS A 141 10.94 -1.95 11.25
C LYS A 141 12.44 -2.23 11.01
N TYR A 142 12.97 -1.71 9.90
CA TYR A 142 14.42 -1.72 9.66
C TYR A 142 15.08 -0.71 10.60
N ASP A 143 15.59 -1.22 11.74
CA ASP A 143 16.35 -0.42 12.71
C ASP A 143 17.65 0.10 12.07
N LYS A 144 18.21 -0.72 11.17
CA LYS A 144 19.31 -0.32 10.29
C LYS A 144 18.73 0.34 9.00
N PRO A 145 19.33 1.46 8.50
CA PRO A 145 18.90 2.08 7.24
C PRO A 145 19.34 1.23 6.02
N ILE A 146 18.37 0.52 5.41
CA ILE A 146 18.64 -0.37 4.26
C ILE A 146 18.49 0.41 2.93
N LYS A 147 19.65 0.66 2.31
CA LYS A 147 19.75 1.37 1.03
C LYS A 147 19.31 0.44 -0.12
N PRO A 148 18.58 0.98 -1.15
CA PRO A 148 18.07 0.19 -2.27
C PRO A 148 19.10 0.07 -3.41
N LYS A 149 18.80 -0.81 -4.38
CA LYS A 149 19.59 -0.94 -5.63
C LYS A 149 19.07 0.06 -6.67
N ARG A 150 17.77 0.40 -6.58
CA ARG A 150 17.11 1.33 -7.51
C ARG A 150 16.06 2.16 -6.76
N LEU A 151 15.62 3.23 -7.43
CA LEU A 151 14.56 4.12 -6.95
C LEU A 151 13.23 3.36 -7.09
N VAL A 152 12.40 3.41 -6.04
CA VAL A 152 11.02 2.89 -6.07
C VAL A 152 10.04 4.08 -6.24
N PRO A 153 9.54 4.33 -7.51
CA PRO A 153 8.56 5.44 -7.78
C PRO A 153 7.18 5.17 -7.15
N VAL A 154 6.24 6.15 -7.29
CA VAL A 154 4.91 6.09 -6.66
C VAL A 154 4.09 4.83 -7.08
N GLY A 155 4.34 4.35 -8.32
CA GLY A 155 3.70 3.12 -8.83
C GLY A 155 4.17 1.85 -8.13
N GLY A 156 5.36 1.93 -7.51
CA GLY A 156 5.94 0.84 -6.74
C GLY A 156 6.74 -0.13 -7.62
N GLN A 157 7.64 -0.90 -6.99
CA GLN A 157 8.45 -1.95 -7.66
C GLN A 157 8.09 -3.33 -7.10
N TYR A 158 8.30 -4.37 -7.90
CA TYR A 158 8.19 -5.76 -7.45
C TYR A 158 9.53 -6.24 -6.88
N LEU A 159 9.50 -6.71 -5.63
CA LEU A 159 10.67 -7.34 -5.01
C LEU A 159 10.55 -8.84 -5.33
N ARG A 160 11.51 -9.36 -6.09
CA ARG A 160 11.56 -10.78 -6.45
C ARG A 160 12.93 -11.34 -6.09
N GLU A 161 12.97 -12.56 -5.55
CA GLU A 161 14.24 -13.19 -5.16
C GLU A 161 15.01 -13.59 -6.44
N MET A 23 14.63 -12.35 -9.03
CA MET A 23 14.42 -13.32 -10.13
C MET A 23 12.92 -13.64 -10.29
N SER A 24 12.56 -14.22 -11.46
CA SER A 24 11.17 -14.49 -11.93
C SER A 24 10.17 -14.98 -10.85
N LYS A 25 10.68 -15.71 -9.83
CA LYS A 25 9.87 -16.32 -8.74
C LYS A 25 9.10 -15.30 -7.85
N ILE A 26 9.45 -13.98 -7.96
CA ILE A 26 8.88 -12.90 -7.09
C ILE A 26 9.40 -13.11 -5.62
N VAL A 27 8.94 -12.27 -4.68
CA VAL A 27 8.90 -12.54 -3.21
C VAL A 27 7.84 -11.63 -2.58
N GLY A 28 7.80 -10.36 -3.04
CA GLY A 28 6.83 -9.38 -2.58
C GLY A 28 6.81 -8.12 -3.42
N VAL A 29 6.25 -7.05 -2.86
CA VAL A 29 6.22 -5.71 -3.47
C VAL A 29 6.83 -4.68 -2.49
N THR A 30 7.34 -3.56 -3.02
CA THR A 30 7.90 -2.46 -2.23
C THR A 30 7.22 -1.14 -2.62
N TYR A 31 6.93 -0.29 -1.62
CA TYR A 31 6.21 0.98 -1.80
C TYR A 31 6.79 2.08 -0.89
N PRO A 32 6.84 3.37 -1.39
CA PRO A 32 7.13 4.55 -0.55
C PRO A 32 5.93 4.96 0.34
N ILE A 33 4.75 4.37 0.01
CA ILE A 33 3.42 4.69 0.59
C ILE A 33 2.97 6.11 0.13
N PRO A 34 1.76 6.26 -0.53
CA PRO A 34 1.31 7.55 -1.14
C PRO A 34 1.02 8.66 -0.10
N LYS A 35 1.06 8.31 1.19
CA LYS A 35 0.87 9.25 2.33
C LYS A 35 1.94 8.99 3.40
N ARG A 36 2.01 9.89 4.41
CA ARG A 36 2.98 9.78 5.53
C ARG A 36 2.51 8.69 6.54
N PHE A 37 1.32 8.12 6.30
CA PHE A 37 0.71 7.07 7.14
C PHE A 37 1.37 5.66 6.92
N MET A 38 2.65 5.63 6.51
CA MET A 38 3.52 4.44 6.59
C MET A 38 3.69 3.99 8.07
N ASP A 39 3.67 5.00 8.97
CA ASP A 39 3.82 4.80 10.43
C ASP A 39 2.67 4.01 11.05
N ARG A 40 1.50 3.99 10.38
CA ARG A 40 0.31 3.20 10.81
C ARG A 40 0.66 1.72 10.94
N PHE A 41 1.37 1.21 9.92
CA PHE A 41 1.76 -0.21 9.85
C PHE A 41 2.71 -0.57 11.02
N PHE A 42 3.51 0.43 11.47
CA PHE A 42 4.51 0.26 12.55
C PHE A 42 3.91 0.59 13.93
N LYS A 43 2.78 1.32 13.91
CA LYS A 43 2.04 1.76 15.11
C LYS A 43 1.32 0.57 15.74
N LYS A 44 0.64 -0.21 14.90
CA LYS A 44 -0.27 -1.29 15.34
C LYS A 44 0.33 -2.70 15.09
N GLY A 45 1.38 -2.78 14.24
CA GLY A 45 2.09 -4.04 13.95
C GLY A 45 1.36 -4.97 12.97
N LYS A 46 0.14 -4.57 12.58
CA LYS A 46 -0.70 -5.31 11.62
C LYS A 46 -1.79 -4.36 11.07
N ASP A 47 -1.63 -3.98 9.81
CA ASP A 47 -2.41 -2.91 9.15
C ASP A 47 -3.08 -3.47 7.88
N VAL A 48 -3.84 -2.64 7.15
CA VAL A 48 -4.41 -3.00 5.84
C VAL A 48 -4.07 -1.90 4.82
N PHE A 49 -3.18 -2.24 3.86
CA PHE A 49 -2.83 -1.36 2.73
C PHE A 49 -3.87 -1.56 1.62
N VAL A 50 -4.68 -0.53 1.37
CA VAL A 50 -5.67 -0.56 0.29
C VAL A 50 -5.05 0.00 -1.01
N LYS A 51 -5.39 -0.67 -2.12
CA LYS A 51 -4.85 -0.41 -3.44
C LYS A 51 -6.00 -0.40 -4.46
N PRO A 52 -6.17 0.66 -5.32
CA PRO A 52 -7.17 0.65 -6.43
C PRO A 52 -6.75 -0.27 -7.61
N ALA A 53 -6.58 -1.58 -7.30
CA ALA A 53 -6.18 -2.65 -8.27
C ALA A 53 -4.92 -2.31 -9.12
N THR A 54 -4.09 -1.37 -8.62
CA THR A 54 -2.91 -0.86 -9.35
C THR A 54 -1.85 -1.97 -9.57
N VAL A 55 -1.64 -2.75 -8.50
CA VAL A 55 -0.75 -3.92 -8.53
C VAL A 55 -1.40 -5.08 -9.32
N TRP A 56 -0.54 -5.91 -9.93
CA TRP A 56 -0.96 -7.04 -10.76
C TRP A 56 -1.30 -8.29 -9.90
N LYS A 57 -1.58 -9.41 -10.61
CA LYS A 57 -2.00 -10.70 -10.01
C LYS A 57 -0.85 -11.34 -9.18
N GLU A 58 0.36 -10.77 -9.28
CA GLU A 58 1.55 -11.17 -8.47
C GLU A 58 1.27 -10.99 -6.96
N LEU A 59 0.33 -10.07 -6.63
CA LEU A 59 -0.06 -9.77 -5.24
C LEU A 59 -0.92 -10.93 -4.66
N LYS A 60 -0.27 -11.91 -4.01
CA LYS A 60 -0.95 -13.06 -3.39
C LYS A 60 -0.76 -13.03 -1.85
N PRO A 61 -1.70 -13.66 -1.05
CA PRO A 61 -1.57 -13.76 0.42
C PRO A 61 -0.45 -14.76 0.82
N GLY A 62 0.72 -14.23 1.15
CA GLY A 62 1.90 -15.05 1.48
C GLY A 62 3.21 -14.34 1.17
N MET A 63 3.14 -13.26 0.38
CA MET A 63 4.31 -12.45 0.00
C MET A 63 4.77 -11.52 1.15
N LYS A 64 5.83 -10.74 0.86
CA LYS A 64 6.33 -9.66 1.74
C LYS A 64 5.96 -8.29 1.15
N PHE A 65 5.96 -7.27 2.00
CA PHE A 65 5.71 -5.87 1.61
C PHE A 65 6.76 -5.00 2.30
N VAL A 66 7.82 -4.68 1.58
CA VAL A 66 8.92 -3.88 2.12
C VAL A 66 8.62 -2.38 1.95
N PHE A 67 8.58 -1.67 3.08
CA PHE A 67 8.29 -0.23 3.11
C PHE A 67 9.56 0.57 2.81
N TYR A 68 9.61 1.06 1.57
CA TYR A 68 10.62 2.03 1.09
C TYR A 68 10.29 3.43 1.66
N GLN A 69 11.31 4.31 1.65
CA GLN A 69 11.23 5.72 2.03
C GLN A 69 11.02 5.88 3.55
N SER A 70 12.12 6.12 4.28
CA SER A 70 12.10 6.46 5.72
C SER A 70 12.09 7.99 5.89
N HIS A 71 11.37 8.67 4.97
CA HIS A 71 11.37 10.13 4.81
C HIS A 71 12.82 10.64 4.56
N GLU A 72 13.60 10.86 5.65
CA GLU A 72 15.01 11.30 5.58
C GLU A 72 15.81 10.61 6.71
N ASP A 73 16.13 9.33 6.49
CA ASP A 73 16.94 8.53 7.42
C ASP A 73 17.70 7.46 6.62
N THR A 74 16.94 6.52 6.05
CA THR A 74 17.49 5.39 5.28
C THR A 74 16.57 5.07 4.08
N GLY A 75 17.03 4.15 3.22
CA GLY A 75 16.32 3.80 2.00
C GLY A 75 15.01 3.06 2.24
N PHE A 76 14.99 2.19 3.26
CA PHE A 76 13.80 1.41 3.64
C PHE A 76 13.51 1.57 5.15
N VAL A 77 12.28 2.00 5.48
CA VAL A 77 11.85 2.21 6.88
C VAL A 77 11.53 0.88 7.57
N GLY A 78 11.01 -0.11 6.81
CA GLY A 78 10.67 -1.42 7.37
C GLY A 78 10.18 -2.40 6.33
N GLU A 79 9.49 -3.45 6.79
CA GLU A 79 8.84 -4.46 5.94
C GLU A 79 7.62 -5.04 6.67
N ALA A 80 6.89 -5.94 6.00
CA ALA A 80 5.74 -6.67 6.56
C ALA A 80 5.44 -7.89 5.71
N ARG A 81 4.33 -8.59 6.00
CA ARG A 81 3.91 -9.80 5.28
C ARG A 81 2.46 -9.66 4.82
N ILE A 82 2.26 -9.86 3.51
CA ILE A 82 0.96 -9.76 2.84
C ILE A 82 0.07 -10.98 3.15
N LYS A 83 -1.17 -10.66 3.54
CA LYS A 83 -2.24 -11.64 3.84
C LYS A 83 -3.50 -11.21 3.06
N ARG A 84 -4.68 -11.76 3.45
CA ARG A 84 -5.92 -11.77 2.65
C ARG A 84 -6.20 -10.42 1.91
N VAL A 85 -6.15 -10.46 0.56
CA VAL A 85 -6.52 -9.32 -0.28
C VAL A 85 -8.05 -9.36 -0.50
N VAL A 86 -8.75 -8.41 0.16
CA VAL A 86 -10.21 -8.34 0.14
C VAL A 86 -10.65 -7.48 -1.05
N LEU A 87 -11.25 -8.14 -2.04
CA LEU A 87 -11.63 -7.51 -3.30
C LEU A 87 -13.03 -6.91 -3.17
N SER A 88 -13.12 -5.59 -3.32
CA SER A 88 -14.37 -4.84 -3.33
C SER A 88 -14.19 -3.59 -4.19
N GLU A 89 -15.12 -3.36 -5.12
CA GLU A 89 -15.11 -2.17 -5.98
C GLU A 89 -15.44 -0.88 -5.20
N ASN A 90 -15.82 -1.00 -3.91
CA ASN A 90 -15.96 0.14 -2.99
C ASN A 90 -14.77 0.15 -2.02
N PRO A 91 -13.97 1.26 -1.98
CA PRO A 91 -12.90 1.44 -0.96
C PRO A 91 -13.46 1.70 0.46
N MET A 92 -14.76 2.04 0.54
CA MET A 92 -15.45 2.39 1.80
C MET A 92 -15.82 1.11 2.56
N GLN A 93 -15.96 0.01 1.78
CA GLN A 93 -16.23 -1.34 2.29
C GLN A 93 -15.12 -1.78 3.28
N PHE A 94 -13.90 -1.32 3.04
CA PHE A 94 -12.73 -1.67 3.85
C PHE A 94 -12.72 -0.94 5.21
N PHE A 95 -13.47 0.18 5.30
CA PHE A 95 -13.56 0.98 6.54
C PHE A 95 -14.67 0.43 7.46
N GLU A 96 -15.76 -0.10 6.87
CA GLU A 96 -16.82 -0.79 7.64
C GLU A 96 -16.37 -2.21 8.05
N THR A 97 -15.48 -2.81 7.24
CA THR A 97 -14.95 -4.17 7.49
C THR A 97 -13.77 -4.14 8.48
N PHE A 98 -12.84 -3.18 8.30
CA PHE A 98 -11.61 -3.08 9.12
C PHE A 98 -11.63 -1.79 9.95
N GLY A 99 -11.53 -0.63 9.25
CA GLY A 99 -11.49 0.68 9.90
C GLY A 99 -10.15 0.97 10.57
N ASP A 100 -10.02 0.47 11.83
CA ASP A 100 -8.83 0.72 12.68
C ASP A 100 -7.58 0.01 12.15
N ARG A 101 -7.79 -1.04 11.34
CA ARG A 101 -6.71 -1.79 10.68
C ARG A 101 -6.09 -0.95 9.53
N VAL A 102 -6.93 -0.26 8.76
CA VAL A 102 -6.51 0.40 7.49
C VAL A 102 -5.58 1.61 7.79
N PHE A 103 -4.61 1.88 6.87
CA PHE A 103 -3.59 2.94 7.06
C PHE A 103 -4.18 4.37 6.98
N LEU A 104 -5.37 4.48 6.40
CA LEU A 104 -6.07 5.77 6.26
C LEU A 104 -7.55 5.57 6.61
N THR A 105 -8.28 6.69 6.78
CA THR A 105 -9.74 6.64 7.02
C THR A 105 -10.47 7.18 5.79
N LYS A 106 -11.81 7.22 5.86
CA LYS A 106 -12.66 7.66 4.75
C LYS A 106 -12.39 9.12 4.37
N ASP A 107 -11.94 9.93 5.36
CA ASP A 107 -11.50 11.33 5.15
C ASP A 107 -10.28 11.40 4.20
N GLU A 108 -9.27 10.54 4.46
CA GLU A 108 -8.07 10.47 3.60
C GLU A 108 -8.41 9.88 2.21
N LEU A 109 -9.42 9.01 2.16
CA LEU A 109 -9.90 8.43 0.89
C LEU A 109 -10.59 9.49 0.03
N LYS A 110 -11.52 10.27 0.64
CA LYS A 110 -12.36 11.22 -0.11
C LYS A 110 -11.52 12.38 -0.66
N GLU A 111 -10.52 12.84 0.12
CA GLU A 111 -9.58 13.90 -0.33
C GLU A 111 -8.72 13.39 -1.50
N TYR A 112 -8.36 12.08 -1.43
CA TYR A 112 -7.55 11.40 -2.45
C TYR A 112 -8.33 11.30 -3.78
N MET A 113 -9.60 10.87 -3.71
CA MET A 113 -10.47 10.70 -4.90
C MET A 113 -10.85 12.07 -5.49
N LYS A 114 -11.06 13.07 -4.61
CA LYS A 114 -11.29 14.47 -5.01
C LYS A 114 -10.06 15.03 -5.74
N SER A 115 -8.87 14.71 -5.20
CA SER A 115 -7.57 15.20 -5.73
C SER A 115 -7.36 14.78 -7.20
N GLN A 116 -7.95 13.62 -7.56
CA GLN A 116 -7.89 13.12 -8.95
C GLN A 116 -8.81 13.96 -9.85
N GLU A 117 -10.09 14.07 -9.42
CA GLU A 117 -11.17 14.64 -10.24
C GLU A 117 -11.22 16.18 -10.23
N ARG A 118 -10.37 16.84 -9.39
CA ARG A 118 -10.34 18.32 -9.30
C ARG A 118 -9.11 18.91 -9.99
N TRP A 119 -8.01 18.13 -10.08
CA TRP A 119 -6.74 18.60 -10.65
C TRP A 119 -6.57 18.10 -12.10
N GLY A 120 -6.12 16.83 -12.25
CA GLY A 120 -5.70 16.30 -13.56
C GLY A 120 -6.73 15.42 -14.22
N ARG A 121 -6.84 14.16 -13.74
CA ARG A 121 -7.73 13.14 -14.30
C ARG A 121 -9.18 13.32 -13.77
N ARG A 122 -9.88 14.27 -14.40
CA ARG A 122 -11.23 14.69 -13.98
C ARG A 122 -12.31 13.89 -14.76
N ARG A 123 -13.56 13.97 -14.26
CA ARG A 123 -14.76 13.37 -14.89
C ARG A 123 -14.73 11.81 -14.85
N GLU A 124 -15.32 11.24 -13.77
CA GLU A 124 -15.45 9.79 -13.57
C GLU A 124 -16.43 9.57 -12.39
N SER A 125 -17.66 9.12 -12.69
CA SER A 125 -18.76 9.01 -11.68
C SER A 125 -19.73 7.86 -11.98
N LYS A 126 -19.96 7.55 -13.28
CA LYS A 126 -20.96 6.55 -13.73
C LYS A 126 -20.52 5.14 -13.28
N LYS A 127 -19.30 4.77 -13.69
CA LYS A 127 -18.75 3.43 -13.42
C LYS A 127 -17.74 3.50 -12.28
N LYS A 128 -17.51 2.35 -11.62
CA LYS A 128 -16.59 2.25 -10.47
C LYS A 128 -15.35 1.42 -10.85
N LYS A 129 -14.43 1.22 -9.90
CA LYS A 129 -13.18 0.49 -10.13
C LYS A 129 -12.97 -0.55 -9.03
N LEU A 130 -12.25 -1.63 -9.36
CA LEU A 130 -11.89 -2.69 -8.39
C LEU A 130 -10.82 -2.12 -7.43
N TRP A 131 -11.08 -2.23 -6.12
CA TRP A 131 -10.10 -1.94 -5.06
C TRP A 131 -9.83 -3.23 -4.28
N MET A 132 -8.68 -3.29 -3.59
CA MET A 132 -8.23 -4.48 -2.88
C MET A 132 -7.55 -4.08 -1.57
N ALA A 133 -7.97 -4.73 -0.49
CA ALA A 133 -7.48 -4.46 0.86
C ALA A 133 -6.51 -5.56 1.28
N ILE A 134 -5.22 -5.25 1.19
CA ILE A 134 -4.15 -6.19 1.50
C ILE A 134 -3.94 -6.21 3.02
N GLU A 135 -4.11 -7.38 3.66
CA GLU A 135 -3.97 -7.51 5.12
C GLU A 135 -2.48 -7.65 5.49
N LEU A 136 -1.86 -6.54 5.89
CA LEU A 136 -0.46 -6.54 6.34
C LEU A 136 -0.38 -6.98 7.81
N GLU A 137 0.53 -7.92 8.09
CA GLU A 137 0.74 -8.45 9.46
C GLU A 137 2.25 -8.61 9.71
N ASP A 138 2.61 -8.65 11.01
CA ASP A 138 4.02 -8.80 11.48
C ASP A 138 4.91 -7.70 10.85
N VAL A 139 4.42 -6.46 10.93
CA VAL A 139 5.09 -5.33 10.30
C VAL A 139 6.38 -4.97 11.05
N LYS A 140 7.49 -5.41 10.45
CA LYS A 140 8.82 -5.30 11.05
C LYS A 140 9.45 -3.94 10.70
N LYS A 141 10.36 -3.47 11.55
CA LYS A 141 11.09 -2.21 11.34
C LYS A 141 12.55 -2.51 10.96
N TYR A 142 13.07 -1.74 9.98
CA TYR A 142 14.51 -1.74 9.67
C TYR A 142 15.21 -0.75 10.58
N ASP A 143 15.56 -1.26 11.77
CA ASP A 143 16.40 -0.56 12.76
C ASP A 143 17.78 -0.22 12.16
N LYS A 144 18.29 -1.17 11.37
CA LYS A 144 19.56 -1.02 10.63
C LYS A 144 19.32 -0.22 9.31
N PRO A 145 20.33 0.57 8.84
CA PRO A 145 20.23 1.33 7.58
C PRO A 145 20.39 0.42 6.33
N ILE A 146 19.31 0.30 5.53
CA ILE A 146 19.34 -0.46 4.26
C ILE A 146 19.12 0.51 3.09
N LYS A 147 19.99 0.40 2.07
CA LYS A 147 19.98 1.26 0.88
C LYS A 147 19.20 0.58 -0.25
N PRO A 148 18.46 1.34 -1.12
CA PRO A 148 17.73 0.77 -2.25
C PRO A 148 18.65 0.48 -3.44
N LYS A 149 18.52 -0.72 -4.01
CA LYS A 149 19.21 -1.10 -5.26
C LYS A 149 18.68 -0.27 -6.46
N ARG A 150 17.42 0.21 -6.33
CA ARG A 150 16.72 0.96 -7.38
C ARG A 150 15.81 2.02 -6.75
N LEU A 151 15.33 2.94 -7.59
CA LEU A 151 14.32 3.94 -7.20
C LEU A 151 12.93 3.28 -7.20
N VAL A 152 12.14 3.55 -6.15
CA VAL A 152 10.77 3.03 -6.03
C VAL A 152 9.78 4.22 -6.11
N PRO A 153 9.06 4.39 -7.26
CA PRO A 153 8.13 5.54 -7.49
C PRO A 153 6.79 5.37 -6.73
N VAL A 154 5.86 6.31 -6.97
CA VAL A 154 4.48 6.29 -6.40
C VAL A 154 3.73 5.03 -6.85
N GLY A 155 4.00 4.60 -8.10
CA GLY A 155 3.47 3.35 -8.65
C GLY A 155 4.07 2.10 -7.99
N GLY A 156 5.29 2.26 -7.42
CA GLY A 156 5.96 1.20 -6.67
C GLY A 156 6.72 0.24 -7.56
N GLN A 157 7.58 -0.60 -6.94
CA GLN A 157 8.36 -1.65 -7.62
C GLN A 157 7.95 -3.01 -7.06
N TYR A 158 8.08 -4.06 -7.88
CA TYR A 158 7.96 -5.45 -7.41
C TYR A 158 9.33 -5.96 -6.98
N LEU A 159 9.40 -6.50 -5.75
CA LEU A 159 10.61 -7.13 -5.21
C LEU A 159 10.54 -8.61 -5.61
N ARG A 160 11.54 -9.07 -6.39
CA ARG A 160 11.66 -10.46 -6.79
C ARG A 160 13.08 -10.94 -6.45
N GLU A 161 13.20 -11.92 -5.52
CA GLU A 161 14.51 -12.30 -4.97
C GLU A 161 15.02 -13.56 -5.68
N MET A 23 13.59 -14.48 -11.47
CA MET A 23 12.78 -15.19 -10.45
C MET A 23 11.31 -14.77 -10.55
N SER A 24 10.48 -15.68 -11.12
CA SER A 24 9.03 -15.47 -11.29
C SER A 24 8.28 -15.71 -9.96
N LYS A 25 8.99 -16.30 -8.97
CA LYS A 25 8.45 -16.55 -7.61
C LYS A 25 8.09 -15.24 -6.87
N ILE A 26 8.72 -14.11 -7.29
CA ILE A 26 8.62 -12.81 -6.60
C ILE A 26 9.19 -12.98 -5.14
N VAL A 27 8.92 -12.04 -4.25
CA VAL A 27 8.88 -12.26 -2.78
C VAL A 27 7.85 -11.30 -2.19
N GLY A 28 7.85 -10.06 -2.71
CA GLY A 28 6.88 -9.05 -2.32
C GLY A 28 6.91 -7.82 -3.21
N VAL A 29 6.34 -6.72 -2.68
CA VAL A 29 6.37 -5.41 -3.34
C VAL A 29 6.88 -4.36 -2.33
N THR A 30 7.56 -3.32 -2.83
CA THR A 30 8.05 -2.22 -2.02
C THR A 30 7.45 -0.91 -2.55
N TYR A 31 6.97 -0.06 -1.63
CA TYR A 31 6.34 1.24 -1.96
C TYR A 31 7.02 2.34 -1.12
N PRO A 32 7.18 3.58 -1.70
CA PRO A 32 7.62 4.77 -0.93
C PRO A 32 6.69 5.07 0.26
N ILE A 33 5.39 4.72 0.08
CA ILE A 33 4.31 4.90 1.07
C ILE A 33 3.97 6.42 1.26
N PRO A 34 2.65 6.83 1.22
CA PRO A 34 2.24 8.22 1.55
C PRO A 34 2.79 8.68 2.93
N LYS A 35 3.31 9.94 2.98
CA LYS A 35 4.07 10.47 4.13
C LYS A 35 3.22 10.61 5.40
N ARG A 36 1.90 10.77 5.22
CA ARG A 36 0.92 10.82 6.33
C ARG A 36 0.86 9.46 7.05
N PHE A 37 0.96 8.38 6.25
CA PHE A 37 0.56 7.03 6.65
C PHE A 37 1.75 6.05 6.73
N MET A 38 2.99 6.59 6.71
CA MET A 38 4.23 5.78 6.78
C MET A 38 4.28 5.00 8.10
N ASP A 39 3.89 5.67 9.19
CA ASP A 39 4.00 5.16 10.57
C ASP A 39 2.88 4.15 10.92
N ARG A 40 1.76 4.17 10.16
CA ARG A 40 0.53 3.37 10.47
C ARG A 40 0.86 1.87 10.69
N PHE A 41 1.63 1.33 9.76
CA PHE A 41 2.01 -0.10 9.73
C PHE A 41 2.91 -0.44 10.93
N PHE A 42 3.69 0.55 11.39
CA PHE A 42 4.66 0.40 12.50
C PHE A 42 4.05 0.79 13.85
N LYS A 43 2.89 1.44 13.80
CA LYS A 43 2.16 1.91 14.98
C LYS A 43 1.42 0.72 15.61
N LYS A 44 0.65 0.01 14.77
CA LYS A 44 -0.19 -1.12 15.22
C LYS A 44 0.44 -2.48 14.90
N GLY A 45 1.43 -2.50 13.99
CA GLY A 45 2.12 -3.73 13.59
C GLY A 45 1.26 -4.68 12.76
N LYS A 46 0.07 -4.19 12.34
CA LYS A 46 -0.94 -4.99 11.65
C LYS A 46 -1.94 -4.03 10.96
N ASP A 47 -1.67 -3.74 9.68
CA ASP A 47 -2.35 -2.67 8.95
C ASP A 47 -2.92 -3.23 7.61
N VAL A 48 -3.54 -2.39 6.78
CA VAL A 48 -4.15 -2.80 5.49
C VAL A 48 -3.90 -1.72 4.43
N PHE A 49 -3.19 -2.09 3.36
CA PHE A 49 -2.85 -1.17 2.26
C PHE A 49 -3.81 -1.40 1.07
N VAL A 50 -4.65 -0.41 0.75
CA VAL A 50 -5.64 -0.54 -0.34
C VAL A 50 -5.06 0.00 -1.68
N LYS A 51 -5.39 -0.71 -2.79
CA LYS A 51 -4.97 -0.37 -4.17
C LYS A 51 -6.19 -0.43 -5.13
N PRO A 52 -6.50 0.66 -5.90
CA PRO A 52 -7.56 0.63 -6.95
C PRO A 52 -7.10 -0.10 -8.25
N ALA A 53 -6.99 -1.45 -8.13
CA ALA A 53 -6.58 -2.37 -9.24
C ALA A 53 -5.24 -1.97 -9.91
N THR A 54 -4.40 -1.24 -9.16
CA THR A 54 -3.16 -0.62 -9.67
C THR A 54 -2.07 -1.68 -9.91
N VAL A 55 -1.87 -2.53 -8.90
CA VAL A 55 -0.85 -3.59 -8.89
C VAL A 55 -1.27 -4.77 -9.81
N TRP A 56 -0.26 -5.43 -10.38
CA TRP A 56 -0.42 -6.64 -11.19
C TRP A 56 -0.76 -7.87 -10.32
N LYS A 57 -0.95 -9.01 -11.00
CA LYS A 57 -1.39 -10.29 -10.38
C LYS A 57 -0.33 -10.89 -9.43
N GLU A 58 0.88 -10.29 -9.39
CA GLU A 58 2.01 -10.74 -8.53
C GLU A 58 1.61 -10.65 -7.04
N LEU A 59 0.65 -9.75 -6.73
CA LEU A 59 0.08 -9.60 -5.37
C LEU A 59 -0.70 -10.86 -4.96
N LYS A 60 -0.02 -11.80 -4.25
CA LYS A 60 -0.67 -12.99 -3.67
C LYS A 60 -0.62 -12.91 -2.13
N PRO A 61 -1.65 -13.49 -1.42
CA PRO A 61 -1.66 -13.55 0.05
C PRO A 61 -0.62 -14.57 0.57
N GLY A 62 0.54 -14.05 0.99
CA GLY A 62 1.67 -14.85 1.46
C GLY A 62 3.03 -14.21 1.15
N MET A 63 3.01 -13.05 0.47
CA MET A 63 4.23 -12.29 0.15
C MET A 63 4.68 -11.40 1.32
N LYS A 64 5.66 -10.52 1.04
CA LYS A 64 6.12 -9.46 1.94
C LYS A 64 5.83 -8.08 1.33
N PHE A 65 5.86 -7.05 2.17
CA PHE A 65 5.67 -5.65 1.74
C PHE A 65 6.73 -4.80 2.43
N VAL A 66 7.80 -4.48 1.70
CA VAL A 66 8.86 -3.64 2.23
C VAL A 66 8.47 -2.17 2.08
N PHE A 67 8.39 -1.47 3.22
CA PHE A 67 8.08 -0.05 3.25
C PHE A 67 9.37 0.74 3.06
N TYR A 68 9.45 1.45 1.93
CA TYR A 68 10.54 2.40 1.66
C TYR A 68 10.33 3.64 2.53
N GLN A 69 11.44 4.24 2.97
CA GLN A 69 11.45 5.38 3.89
C GLN A 69 10.82 6.62 3.21
N SER A 70 9.59 6.99 3.63
CA SER A 70 8.86 8.16 3.10
C SER A 70 9.49 9.46 3.66
N HIS A 71 10.66 9.79 3.10
CA HIS A 71 11.59 10.85 3.53
C HIS A 71 12.73 10.93 2.51
N GLU A 72 13.09 9.75 1.93
CA GLU A 72 14.22 9.60 0.97
C GLU A 72 15.56 9.99 1.61
N ASP A 73 15.63 9.80 2.94
CA ASP A 73 16.79 10.17 3.78
C ASP A 73 17.99 9.26 3.46
N THR A 74 17.75 7.93 3.49
CA THR A 74 18.77 6.90 3.16
C THR A 74 18.15 5.76 2.35
N GLY A 75 16.89 5.38 2.70
CA GLY A 75 16.18 4.32 1.99
C GLY A 75 15.72 3.22 2.94
N PHE A 76 14.45 2.80 2.78
CA PHE A 76 13.77 1.74 3.57
C PHE A 76 13.62 2.09 5.07
N VAL A 77 12.45 1.74 5.64
CA VAL A 77 12.08 2.04 7.04
C VAL A 77 11.67 0.74 7.76
N GLY A 78 11.08 -0.19 7.01
CA GLY A 78 10.70 -1.50 7.54
C GLY A 78 10.12 -2.40 6.46
N GLU A 79 9.50 -3.50 6.90
CA GLU A 79 8.82 -4.46 6.01
C GLU A 79 7.61 -5.05 6.75
N ALA A 80 6.87 -5.91 6.04
CA ALA A 80 5.68 -6.61 6.57
C ALA A 80 5.39 -7.83 5.70
N ARG A 81 4.26 -8.49 5.95
CA ARG A 81 3.83 -9.68 5.20
C ARG A 81 2.44 -9.44 4.62
N ILE A 82 2.37 -9.48 3.28
CA ILE A 82 1.13 -9.41 2.53
C ILE A 82 0.31 -10.68 2.74
N LYS A 83 -0.95 -10.47 3.10
CA LYS A 83 -1.91 -11.51 3.45
C LYS A 83 -3.24 -11.22 2.74
N ARG A 84 -4.28 -12.01 3.09
CA ARG A 84 -5.61 -12.06 2.42
C ARG A 84 -6.08 -10.71 1.81
N VAL A 85 -6.10 -10.65 0.47
CA VAL A 85 -6.50 -9.44 -0.26
C VAL A 85 -8.03 -9.47 -0.51
N VAL A 86 -8.74 -8.49 0.06
CA VAL A 86 -10.21 -8.39 -0.02
C VAL A 86 -10.58 -7.56 -1.26
N LEU A 87 -11.12 -8.24 -2.27
CA LEU A 87 -11.50 -7.60 -3.53
C LEU A 87 -12.93 -7.04 -3.41
N SER A 88 -13.06 -5.71 -3.56
CA SER A 88 -14.36 -5.02 -3.59
C SER A 88 -14.25 -3.74 -4.41
N GLU A 89 -15.23 -3.51 -5.29
CA GLU A 89 -15.33 -2.26 -6.07
C GLU A 89 -15.68 -1.06 -5.17
N ASN A 90 -16.08 -1.33 -3.91
CA ASN A 90 -16.30 -0.29 -2.90
C ASN A 90 -15.10 -0.29 -1.92
N PRO A 91 -14.31 0.81 -1.84
CA PRO A 91 -13.27 0.97 -0.81
C PRO A 91 -13.85 1.25 0.61
N MET A 92 -15.17 1.53 0.68
CA MET A 92 -15.86 1.85 1.94
C MET A 92 -16.16 0.57 2.73
N GLN A 93 -16.27 -0.57 2.01
CA GLN A 93 -16.48 -1.88 2.65
C GLN A 93 -15.22 -2.31 3.44
N PHE A 94 -14.07 -1.74 3.08
CA PHE A 94 -12.81 -1.97 3.79
C PHE A 94 -12.78 -1.21 5.14
N PHE A 95 -13.58 -0.12 5.24
CA PHE A 95 -13.65 0.69 6.47
C PHE A 95 -14.65 0.11 7.48
N GLU A 96 -15.73 -0.52 6.98
CA GLU A 96 -16.69 -1.21 7.87
C GLU A 96 -16.11 -2.54 8.39
N THR A 97 -15.25 -3.18 7.56
CA THR A 97 -14.55 -4.43 7.92
C THR A 97 -13.34 -4.12 8.84
N PHE A 98 -12.41 -3.30 8.34
CA PHE A 98 -11.15 -2.96 9.04
C PHE A 98 -11.25 -1.56 9.69
N GLY A 99 -11.34 -0.52 8.85
CA GLY A 99 -11.44 0.87 9.30
C GLY A 99 -10.13 1.41 9.84
N ASP A 100 -9.87 1.13 11.13
CA ASP A 100 -8.61 1.50 11.80
C ASP A 100 -7.41 0.88 11.08
N ARG A 101 -7.55 -0.43 10.76
CA ARG A 101 -6.47 -1.22 10.15
C ARG A 101 -6.07 -0.68 8.78
N VAL A 102 -7.01 -0.06 8.04
CA VAL A 102 -6.71 0.54 6.72
C VAL A 102 -5.80 1.77 6.94
N PHE A 103 -4.74 1.90 6.10
CA PHE A 103 -3.68 2.91 6.28
C PHE A 103 -4.22 4.35 6.33
N LEU A 104 -5.35 4.56 5.65
CA LEU A 104 -6.06 5.85 5.64
C LEU A 104 -7.51 5.63 6.12
N THR A 105 -8.14 6.69 6.66
CA THR A 105 -9.56 6.63 7.09
C THR A 105 -10.47 7.06 5.92
N LYS A 106 -11.81 7.01 6.12
CA LYS A 106 -12.78 7.33 5.06
C LYS A 106 -12.68 8.81 4.63
N ASP A 107 -12.36 9.70 5.60
CA ASP A 107 -12.09 11.13 5.34
C ASP A 107 -10.89 11.31 4.40
N GLU A 108 -9.82 10.55 4.68
CA GLU A 108 -8.58 10.56 3.87
C GLU A 108 -8.84 10.00 2.45
N LEU A 109 -9.73 8.99 2.36
CA LEU A 109 -10.10 8.38 1.08
C LEU A 109 -10.89 9.36 0.20
N LYS A 110 -11.90 10.01 0.81
CA LYS A 110 -12.85 10.86 0.05
C LYS A 110 -12.14 12.11 -0.48
N GLU A 111 -11.18 12.67 0.28
CA GLU A 111 -10.37 13.82 -0.18
C GLU A 111 -9.38 13.40 -1.29
N TYR A 112 -8.91 12.14 -1.21
CA TYR A 112 -8.04 11.52 -2.23
C TYR A 112 -8.79 11.34 -3.57
N MET A 113 -10.03 10.85 -3.50
CA MET A 113 -10.86 10.59 -4.69
C MET A 113 -11.45 11.90 -5.24
N LYS A 114 -11.76 12.85 -4.34
CA LYS A 114 -12.18 14.22 -4.71
C LYS A 114 -11.05 14.96 -5.43
N SER A 115 -9.79 14.69 -5.01
CA SER A 115 -8.59 15.25 -5.64
C SER A 115 -8.55 14.91 -7.14
N GLN A 116 -8.85 13.64 -7.45
CA GLN A 116 -8.75 13.11 -8.82
C GLN A 116 -9.78 13.78 -9.77
N GLU A 117 -10.93 14.23 -9.21
CA GLU A 117 -12.04 14.80 -10.01
C GLU A 117 -12.08 16.34 -9.97
N ARG A 118 -11.47 16.96 -8.92
CA ARG A 118 -11.46 18.44 -8.79
C ARG A 118 -10.31 19.05 -9.60
N TRP A 119 -9.20 18.31 -9.70
CA TRP A 119 -8.02 18.75 -10.48
C TRP A 119 -8.21 18.48 -11.99
N GLY A 120 -9.30 17.77 -12.35
CA GLY A 120 -9.72 17.66 -13.74
C GLY A 120 -10.74 16.54 -13.95
N ARG A 121 -10.23 15.37 -14.35
CA ARG A 121 -11.03 14.17 -14.68
C ARG A 121 -12.06 14.45 -15.80
N ARG A 122 -11.58 14.47 -17.05
CA ARG A 122 -12.42 14.73 -18.24
C ARG A 122 -13.34 13.53 -18.56
N ARG A 123 -12.89 12.32 -18.19
CA ARG A 123 -13.70 11.09 -18.34
C ARG A 123 -14.73 11.01 -17.20
N GLU A 124 -15.99 10.72 -17.57
CA GLU A 124 -17.16 10.85 -16.68
C GLU A 124 -17.08 9.86 -15.51
N SER A 125 -16.41 8.71 -15.75
CA SER A 125 -16.27 7.62 -14.77
C SER A 125 -17.64 7.04 -14.39
N LYS A 126 -18.44 6.74 -15.43
CA LYS A 126 -19.80 6.20 -15.29
C LYS A 126 -19.76 4.81 -14.60
N LYS A 127 -18.68 4.06 -14.87
CA LYS A 127 -18.41 2.79 -14.19
C LYS A 127 -17.44 3.04 -13.02
N LYS A 128 -17.45 2.12 -12.03
CA LYS A 128 -16.65 2.20 -10.79
C LYS A 128 -15.25 1.57 -11.04
N LYS A 129 -14.51 1.29 -9.94
CA LYS A 129 -13.20 0.62 -10.03
C LYS A 129 -13.10 -0.47 -8.97
N LEU A 130 -12.43 -1.57 -9.31
CA LEU A 130 -12.15 -2.68 -8.39
C LEU A 130 -10.98 -2.26 -7.47
N TRP A 131 -11.27 -2.08 -6.18
CA TRP A 131 -10.25 -1.86 -5.14
C TRP A 131 -9.91 -3.20 -4.46
N MET A 132 -8.70 -3.30 -3.93
CA MET A 132 -8.24 -4.49 -3.19
C MET A 132 -7.58 -4.07 -1.88
N ALA A 133 -8.01 -4.69 -0.78
CA ALA A 133 -7.48 -4.42 0.55
C ALA A 133 -6.44 -5.47 0.90
N ILE A 134 -5.17 -5.08 0.81
CA ILE A 134 -4.04 -5.96 1.11
C ILE A 134 -3.87 -6.04 2.62
N GLU A 135 -3.96 -7.24 3.19
CA GLU A 135 -3.79 -7.43 4.64
C GLU A 135 -2.27 -7.40 4.95
N LEU A 136 -1.85 -6.65 5.97
CA LEU A 136 -0.44 -6.53 6.36
C LEU A 136 -0.27 -6.97 7.82
N GLU A 137 0.55 -8.01 8.04
CA GLU A 137 0.89 -8.50 9.39
C GLU A 137 2.43 -8.54 9.53
N ASP A 138 2.91 -8.90 10.75
CA ASP A 138 4.33 -9.18 11.03
C ASP A 138 5.23 -8.00 10.60
N VAL A 139 4.70 -6.78 10.77
CA VAL A 139 5.39 -5.56 10.36
C VAL A 139 6.67 -5.38 11.20
N LYS A 140 7.82 -5.53 10.52
CA LYS A 140 9.14 -5.56 11.16
C LYS A 140 9.96 -4.31 10.77
N LYS A 141 10.23 -3.44 11.75
CA LYS A 141 11.06 -2.23 11.58
C LYS A 141 12.52 -2.59 11.30
N TYR A 142 13.15 -1.84 10.35
CA TYR A 142 14.58 -1.95 10.09
C TYR A 142 15.37 -1.10 11.11
N ASP A 143 16.15 -1.78 11.95
CA ASP A 143 17.07 -1.15 12.90
C ASP A 143 18.29 -0.58 12.16
N LYS A 144 18.63 -1.24 11.04
CA LYS A 144 19.81 -0.93 10.22
C LYS A 144 19.38 -0.20 8.91
N PRO A 145 20.23 0.74 8.38
CA PRO A 145 19.92 1.47 7.13
C PRO A 145 20.20 0.60 5.88
N ILE A 146 19.12 0.01 5.34
CA ILE A 146 19.23 -0.89 4.19
C ILE A 146 19.23 -0.08 2.87
N LYS A 147 20.28 -0.31 2.08
CA LYS A 147 20.49 0.35 0.79
C LYS A 147 19.55 -0.27 -0.27
N PRO A 148 18.74 0.56 -1.00
CA PRO A 148 17.94 0.08 -2.14
C PRO A 148 18.84 -0.36 -3.31
N LYS A 149 18.57 -1.58 -3.83
CA LYS A 149 19.33 -2.19 -4.94
C LYS A 149 18.94 -1.54 -6.28
N ARG A 150 17.73 -0.95 -6.32
CA ARG A 150 17.25 -0.13 -7.44
C ARG A 150 16.26 0.92 -6.90
N LEU A 151 16.08 2.01 -7.67
CA LEU A 151 15.17 3.12 -7.31
C LEU A 151 13.71 2.62 -7.22
N VAL A 152 12.96 3.17 -6.24
CA VAL A 152 11.54 2.81 -6.01
C VAL A 152 10.64 4.04 -6.29
N PRO A 153 10.04 4.14 -7.54
CA PRO A 153 9.04 5.20 -7.86
C PRO A 153 7.72 5.02 -7.08
N VAL A 154 6.82 6.01 -7.21
CA VAL A 154 5.51 6.04 -6.50
C VAL A 154 4.58 4.88 -6.93
N GLY A 155 4.86 4.29 -8.12
CA GLY A 155 4.15 3.10 -8.59
C GLY A 155 4.54 1.82 -7.86
N GLY A 156 5.72 1.86 -7.20
CA GLY A 156 6.25 0.75 -6.40
C GLY A 156 6.98 -0.30 -7.24
N GLN A 157 7.97 -0.98 -6.64
CA GLN A 157 8.79 -2.01 -7.32
C GLN A 157 8.46 -3.41 -6.79
N TYR A 158 8.24 -4.35 -7.71
CA TYR A 158 8.07 -5.77 -7.35
C TYR A 158 9.42 -6.39 -6.96
N LEU A 159 9.62 -6.54 -5.65
CA LEU A 159 10.81 -7.19 -5.08
C LEU A 159 10.70 -8.70 -5.38
N ARG A 160 11.66 -9.25 -6.14
CA ARG A 160 11.71 -10.71 -6.44
C ARG A 160 13.06 -11.26 -5.98
N GLU A 161 13.04 -12.34 -5.16
CA GLU A 161 14.28 -12.87 -4.56
C GLU A 161 14.19 -14.41 -4.45
N MET A 23 13.16 -12.49 -11.26
CA MET A 23 12.64 -13.84 -11.54
C MET A 23 11.14 -13.92 -11.18
N SER A 24 10.40 -14.83 -11.84
CA SER A 24 8.94 -14.95 -11.70
C SER A 24 8.51 -15.53 -10.34
N LYS A 25 9.48 -16.02 -9.53
CA LYS A 25 9.20 -16.53 -8.16
C LYS A 25 8.68 -15.41 -7.23
N ILE A 26 9.06 -14.14 -7.55
CA ILE A 26 8.72 -12.94 -6.74
C ILE A 26 9.38 -13.06 -5.33
N VAL A 27 9.05 -12.14 -4.42
CA VAL A 27 9.16 -12.33 -2.95
C VAL A 27 8.04 -11.51 -2.30
N GLY A 28 7.89 -10.26 -2.79
CA GLY A 28 6.88 -9.34 -2.30
C GLY A 28 6.72 -8.12 -3.18
N VAL A 29 6.12 -7.06 -2.63
CA VAL A 29 6.05 -5.74 -3.29
C VAL A 29 6.67 -4.70 -2.35
N THR A 30 7.34 -3.69 -2.92
CA THR A 30 7.95 -2.60 -2.17
C THR A 30 7.29 -1.26 -2.58
N TYR A 31 6.91 -0.47 -1.57
CA TYR A 31 6.29 0.86 -1.75
C TYR A 31 7.00 1.88 -0.84
N PRO A 32 7.20 3.15 -1.32
CA PRO A 32 7.78 4.23 -0.49
C PRO A 32 6.83 4.72 0.61
N ILE A 33 5.52 4.41 0.43
CA ILE A 33 4.41 4.98 1.21
C ILE A 33 4.57 6.52 1.29
N PRO A 34 4.37 7.24 0.14
CA PRO A 34 4.64 8.70 0.03
C PRO A 34 3.45 9.53 0.55
N LYS A 35 3.03 9.19 1.78
CA LYS A 35 1.82 9.71 2.42
C LYS A 35 2.06 9.81 3.94
N ARG A 36 1.15 10.53 4.62
CA ARG A 36 1.16 10.70 6.11
C ARG A 36 1.06 9.33 6.85
N PHE A 37 0.46 8.35 6.16
CA PHE A 37 0.02 7.06 6.74
C PHE A 37 1.16 6.01 6.78
N MET A 38 2.40 6.48 6.58
CA MET A 38 3.63 5.66 6.74
C MET A 38 3.74 5.06 8.16
N ASP A 39 3.28 5.82 9.18
CA ASP A 39 3.38 5.42 10.60
C ASP A 39 2.43 4.28 10.98
N ARG A 40 1.33 4.13 10.20
CA ARG A 40 0.22 3.19 10.51
C ARG A 40 0.69 1.74 10.73
N PHE A 41 1.47 1.25 9.77
CA PHE A 41 1.94 -0.15 9.76
C PHE A 41 2.81 -0.45 11.00
N PHE A 42 3.50 0.59 11.50
CA PHE A 42 4.47 0.49 12.62
C PHE A 42 3.79 0.88 13.96
N LYS A 43 2.61 1.52 13.86
CA LYS A 43 1.80 1.95 15.01
C LYS A 43 1.05 0.74 15.59
N LYS A 44 0.23 0.11 14.73
CA LYS A 44 -0.71 -0.95 15.13
C LYS A 44 -0.09 -2.35 14.96
N GLY A 45 0.99 -2.44 14.15
CA GLY A 45 1.70 -3.72 13.91
C GLY A 45 0.98 -4.64 12.91
N LYS A 46 -0.28 -4.32 12.58
CA LYS A 46 -1.11 -5.10 11.65
C LYS A 46 -2.08 -4.17 10.87
N ASP A 47 -1.62 -3.69 9.72
CA ASP A 47 -2.34 -2.68 8.91
C ASP A 47 -3.04 -3.36 7.70
N VAL A 48 -3.80 -2.59 6.90
CA VAL A 48 -4.42 -3.05 5.66
C VAL A 48 -4.14 -2.00 4.56
N PHE A 49 -3.29 -2.37 3.58
CA PHE A 49 -2.89 -1.47 2.48
C PHE A 49 -3.85 -1.65 1.29
N VAL A 50 -4.65 -0.61 1.01
CA VAL A 50 -5.63 -0.62 -0.11
C VAL A 50 -5.05 0.04 -1.37
N LYS A 51 -5.39 -0.54 -2.53
CA LYS A 51 -5.11 0.02 -3.88
C LYS A 51 -6.36 -0.09 -4.79
N PRO A 52 -6.61 0.90 -5.70
CA PRO A 52 -7.64 0.79 -6.76
C PRO A 52 -7.15 -0.08 -7.95
N ALA A 53 -6.65 -1.29 -7.64
CA ALA A 53 -5.98 -2.21 -8.58
C ALA A 53 -4.80 -1.53 -9.31
N THR A 54 -3.67 -1.40 -8.60
CA THR A 54 -2.42 -0.84 -9.17
C THR A 54 -1.45 -1.98 -9.51
N VAL A 55 -1.29 -2.90 -8.56
CA VAL A 55 -0.41 -4.06 -8.69
C VAL A 55 -1.10 -5.18 -9.47
N TRP A 56 -0.28 -5.98 -10.18
CA TRP A 56 -0.73 -7.08 -11.05
C TRP A 56 -1.09 -8.37 -10.26
N LYS A 57 -1.17 -9.50 -10.97
CA LYS A 57 -1.67 -10.79 -10.44
C LYS A 57 -0.70 -11.42 -9.40
N GLU A 58 0.54 -10.92 -9.36
CA GLU A 58 1.60 -11.48 -8.49
C GLU A 58 1.29 -11.31 -6.99
N LEU A 59 0.46 -10.31 -6.65
CA LEU A 59 0.07 -10.05 -5.24
C LEU A 59 -0.80 -11.23 -4.71
N LYS A 60 -0.23 -11.99 -3.76
CA LYS A 60 -0.87 -13.17 -3.18
C LYS A 60 -0.62 -13.20 -1.66
N PRO A 61 -1.53 -13.83 -0.86
CA PRO A 61 -1.38 -13.94 0.61
C PRO A 61 -0.24 -14.93 0.99
N GLY A 62 0.94 -14.37 1.29
CA GLY A 62 2.13 -15.16 1.61
C GLY A 62 3.42 -14.40 1.31
N MET A 63 3.31 -13.32 0.53
CA MET A 63 4.44 -12.47 0.13
C MET A 63 4.93 -11.57 1.29
N LYS A 64 6.00 -10.81 1.03
CA LYS A 64 6.46 -9.72 1.92
C LYS A 64 6.05 -8.36 1.35
N PHE A 65 6.10 -7.33 2.19
CA PHE A 65 5.85 -5.94 1.77
C PHE A 65 6.91 -5.04 2.42
N VAL A 66 7.93 -4.68 1.64
CA VAL A 66 9.04 -3.86 2.15
C VAL A 66 8.71 -2.36 1.98
N PHE A 67 8.69 -1.65 3.11
CA PHE A 67 8.37 -0.22 3.16
C PHE A 67 9.65 0.62 2.96
N TYR A 68 9.76 1.24 1.78
CA TYR A 68 10.81 2.21 1.44
C TYR A 68 10.48 3.59 2.08
N GLN A 69 11.48 4.51 2.04
CA GLN A 69 11.39 5.88 2.61
C GLN A 69 11.43 5.77 4.14
N SER A 70 12.65 5.93 4.72
CA SER A 70 12.93 5.78 6.17
C SER A 70 11.98 6.64 7.03
N HIS A 71 11.65 7.80 6.47
CA HIS A 71 10.68 8.79 6.97
C HIS A 71 10.83 10.05 6.11
N GLU A 72 12.10 10.33 5.75
CA GLU A 72 12.50 11.54 5.04
C GLU A 72 13.49 11.18 3.92
N ASP A 73 14.57 10.46 4.28
CA ASP A 73 15.68 10.15 3.36
C ASP A 73 15.50 8.78 2.68
N THR A 74 16.29 8.54 1.62
CA THR A 74 16.34 7.30 0.85
C THR A 74 16.85 6.12 1.73
N GLY A 75 15.99 5.12 1.89
CA GLY A 75 16.26 3.93 2.71
C GLY A 75 14.97 3.29 3.15
N PHE A 76 14.99 2.02 3.57
CA PHE A 76 13.79 1.30 4.01
C PHE A 76 13.50 1.63 5.47
N VAL A 77 12.25 2.02 5.77
CA VAL A 77 11.77 2.24 7.14
C VAL A 77 11.49 0.89 7.83
N GLY A 78 11.00 -0.08 7.03
CA GLY A 78 10.71 -1.42 7.55
C GLY A 78 10.25 -2.38 6.47
N GLU A 79 9.62 -3.47 6.89
CA GLU A 79 8.91 -4.42 6.00
C GLU A 79 7.81 -5.12 6.78
N ALA A 80 7.05 -5.98 6.10
CA ALA A 80 5.92 -6.73 6.69
C ALA A 80 5.63 -7.97 5.85
N ARG A 81 4.54 -8.68 6.18
CA ARG A 81 4.13 -9.90 5.49
C ARG A 81 2.68 -9.77 5.01
N ILE A 82 2.52 -9.89 3.69
CA ILE A 82 1.23 -9.83 3.00
C ILE A 82 0.36 -11.07 3.32
N LYS A 83 -0.91 -10.78 3.58
CA LYS A 83 -1.94 -11.72 3.97
C LYS A 83 -3.22 -11.42 3.15
N ARG A 84 -4.31 -12.17 3.47
CA ARG A 84 -5.52 -12.30 2.62
C ARG A 84 -6.03 -10.94 2.06
N VAL A 85 -6.13 -10.86 0.71
CA VAL A 85 -6.53 -9.65 0.00
C VAL A 85 -8.06 -9.63 -0.23
N VAL A 86 -8.75 -8.63 0.34
CA VAL A 86 -10.21 -8.46 0.22
C VAL A 86 -10.50 -7.61 -1.03
N LEU A 87 -11.05 -8.26 -2.06
CA LEU A 87 -11.32 -7.63 -3.36
C LEU A 87 -12.76 -7.11 -3.40
N SER A 88 -12.92 -5.79 -3.55
CA SER A 88 -14.22 -5.13 -3.64
C SER A 88 -14.10 -3.85 -4.46
N GLU A 89 -15.04 -3.62 -5.38
CA GLU A 89 -15.10 -2.41 -6.19
C GLU A 89 -15.49 -1.18 -5.35
N ASN A 90 -16.02 -1.40 -4.13
CA ASN A 90 -16.33 -0.33 -3.17
C ASN A 90 -15.15 -0.20 -2.19
N PRO A 91 -14.47 1.00 -2.14
CA PRO A 91 -13.42 1.25 -1.13
C PRO A 91 -13.98 1.32 0.31
N MET A 92 -15.31 1.58 0.44
CA MET A 92 -15.96 1.80 1.74
C MET A 92 -16.10 0.48 2.51
N GLN A 93 -16.08 -0.65 1.76
CA GLN A 93 -16.14 -2.01 2.33
C GLN A 93 -14.99 -2.25 3.32
N PHE A 94 -13.84 -1.65 3.05
CA PHE A 94 -12.63 -1.86 3.84
C PHE A 94 -12.68 -1.05 5.15
N PHE A 95 -13.41 0.08 5.14
CA PHE A 95 -13.52 0.98 6.31
C PHE A 95 -14.64 0.52 7.27
N GLU A 96 -15.62 -0.23 6.74
CA GLU A 96 -16.70 -0.81 7.58
C GLU A 96 -16.30 -2.21 8.09
N THR A 97 -15.42 -2.92 7.34
CA THR A 97 -14.91 -4.23 7.75
C THR A 97 -13.73 -4.07 8.73
N PHE A 98 -12.70 -3.34 8.28
CA PHE A 98 -11.47 -3.11 9.06
C PHE A 98 -11.56 -1.74 9.76
N GLY A 99 -11.51 -0.65 8.96
CA GLY A 99 -11.55 0.72 9.47
C GLY A 99 -10.25 1.12 10.15
N ASP A 100 -10.09 0.69 11.41
CA ASP A 100 -8.93 1.02 12.26
C ASP A 100 -7.64 0.34 11.74
N ARG A 101 -7.82 -0.76 10.97
CA ARG A 101 -6.71 -1.52 10.41
C ARG A 101 -6.17 -0.88 9.13
N VAL A 102 -7.06 -0.22 8.35
CA VAL A 102 -6.68 0.41 7.06
C VAL A 102 -5.76 1.63 7.33
N PHE A 103 -4.79 1.89 6.41
CA PHE A 103 -3.81 2.97 6.59
C PHE A 103 -4.45 4.37 6.63
N LEU A 104 -5.60 4.54 5.98
CA LEU A 104 -6.35 5.82 5.99
C LEU A 104 -7.77 5.59 6.52
N THR A 105 -8.54 6.69 6.66
CA THR A 105 -9.97 6.62 7.01
C THR A 105 -10.81 6.99 5.77
N LYS A 106 -12.14 6.83 5.87
CA LYS A 106 -13.07 7.11 4.76
C LYS A 106 -13.12 8.61 4.43
N ASP A 107 -12.83 9.45 5.44
CA ASP A 107 -12.72 10.92 5.29
C ASP A 107 -11.47 11.26 4.43
N GLU A 108 -10.36 10.55 4.69
CA GLU A 108 -9.15 10.69 3.88
C GLU A 108 -9.40 10.16 2.45
N LEU A 109 -10.22 9.11 2.33
CA LEU A 109 -10.63 8.52 1.03
C LEU A 109 -11.39 9.55 0.16
N LYS A 110 -12.46 10.14 0.74
CA LYS A 110 -13.39 11.01 -0.02
C LYS A 110 -12.65 12.23 -0.61
N GLU A 111 -11.77 12.86 0.20
CA GLU A 111 -11.01 14.05 -0.25
C GLU A 111 -9.84 13.65 -1.17
N TYR A 112 -9.29 12.44 -0.95
CA TYR A 112 -8.20 11.88 -1.80
C TYR A 112 -8.66 11.71 -3.25
N MET A 113 -9.89 11.17 -3.41
CA MET A 113 -10.51 10.97 -4.74
C MET A 113 -10.84 12.33 -5.39
N LYS A 114 -11.27 13.31 -4.55
CA LYS A 114 -11.51 14.69 -5.01
C LYS A 114 -10.18 15.39 -5.37
N SER A 115 -9.08 14.97 -4.71
CA SER A 115 -7.73 15.51 -4.98
C SER A 115 -7.21 14.98 -6.34
N GLN A 116 -7.54 13.72 -6.66
CA GLN A 116 -7.12 13.07 -7.90
C GLN A 116 -7.74 13.76 -9.14
N GLU A 117 -9.01 14.18 -9.03
CA GLU A 117 -9.74 14.81 -10.16
C GLU A 117 -9.49 16.33 -10.26
N ARG A 118 -8.98 16.97 -9.17
CA ARG A 118 -8.66 18.43 -9.19
C ARG A 118 -7.18 18.70 -9.51
N TRP A 119 -6.30 17.70 -9.26
CA TRP A 119 -4.84 17.85 -9.48
C TRP A 119 -4.35 17.01 -10.66
N GLY A 120 -4.95 15.82 -10.87
CA GLY A 120 -4.46 14.87 -11.87
C GLY A 120 -5.53 14.46 -12.88
N ARG A 121 -6.14 13.29 -12.63
CA ARG A 121 -7.05 12.61 -13.57
C ARG A 121 -8.46 13.25 -13.55
N ARG A 122 -8.59 14.42 -14.21
CA ARG A 122 -9.85 15.17 -14.29
C ARG A 122 -10.84 14.45 -15.23
N ARG A 123 -12.11 14.35 -14.77
CA ARG A 123 -13.26 13.89 -15.59
C ARG A 123 -13.13 12.38 -15.95
N GLU A 124 -14.11 11.84 -16.72
CA GLU A 124 -14.21 10.39 -17.06
C GLU A 124 -14.26 9.50 -15.79
N SER A 125 -14.83 10.06 -14.72
CA SER A 125 -14.95 9.37 -13.42
C SER A 125 -16.43 8.97 -13.19
N LYS A 126 -16.86 7.88 -13.86
CA LYS A 126 -18.26 7.41 -13.81
C LYS A 126 -18.30 5.96 -13.30
N LYS A 127 -17.73 5.05 -14.09
CA LYS A 127 -17.70 3.61 -13.78
C LYS A 127 -16.71 3.33 -12.65
N LYS A 128 -17.03 2.32 -11.82
CA LYS A 128 -16.24 1.97 -10.63
C LYS A 128 -14.87 1.36 -11.01
N LYS A 129 -14.08 1.03 -9.98
CA LYS A 129 -12.83 0.29 -10.14
C LYS A 129 -12.72 -0.76 -9.03
N LEU A 130 -12.08 -1.90 -9.34
CA LEU A 130 -11.84 -2.97 -8.36
C LEU A 130 -10.74 -2.52 -7.41
N TRP A 131 -11.13 -2.15 -6.18
CA TRP A 131 -10.19 -1.89 -5.10
C TRP A 131 -9.83 -3.21 -4.40
N MET A 132 -8.67 -3.23 -3.77
CA MET A 132 -8.11 -4.43 -3.15
C MET A 132 -7.45 -4.06 -1.81
N ALA A 133 -7.77 -4.83 -0.76
CA ALA A 133 -7.31 -4.58 0.59
C ALA A 133 -6.33 -5.67 1.02
N ILE A 134 -5.05 -5.35 0.98
CA ILE A 134 -3.96 -6.28 1.35
C ILE A 134 -3.82 -6.28 2.87
N GLU A 135 -3.95 -7.44 3.52
CA GLU A 135 -3.75 -7.52 4.98
C GLU A 135 -2.24 -7.60 5.27
N LEU A 136 -1.76 -6.77 6.18
CA LEU A 136 -0.34 -6.67 6.55
C LEU A 136 -0.16 -7.05 8.01
N GLU A 137 0.53 -8.18 8.27
CA GLU A 137 0.93 -8.59 9.63
C GLU A 137 2.46 -8.56 9.74
N ASP A 138 2.98 -8.84 10.95
CA ASP A 138 4.43 -9.07 11.21
C ASP A 138 5.27 -7.89 10.68
N VAL A 139 4.83 -6.67 10.99
CA VAL A 139 5.49 -5.46 10.49
C VAL A 139 6.81 -5.24 11.24
N LYS A 140 7.91 -5.51 10.54
CA LYS A 140 9.28 -5.32 11.02
C LYS A 140 9.71 -3.85 10.80
N LYS A 141 10.68 -3.41 11.61
CA LYS A 141 11.31 -2.08 11.50
C LYS A 141 12.79 -2.24 11.16
N TYR A 142 13.23 -1.62 10.05
CA TYR A 142 14.65 -1.56 9.68
C TYR A 142 15.37 -0.55 10.59
N ASP A 143 16.04 -1.08 11.62
CA ASP A 143 16.98 -0.33 12.47
C ASP A 143 18.17 0.17 11.61
N LYS A 144 18.54 -0.67 10.63
CA LYS A 144 19.64 -0.41 9.71
C LYS A 144 19.13 0.32 8.44
N PRO A 145 19.88 1.34 7.93
CA PRO A 145 19.49 2.12 6.73
C PRO A 145 19.91 1.41 5.41
N ILE A 146 19.13 0.39 5.03
CA ILE A 146 19.33 -0.33 3.74
C ILE A 146 18.59 0.43 2.63
N LYS A 147 19.27 0.66 1.51
CA LYS A 147 18.69 1.31 0.33
C LYS A 147 18.32 0.23 -0.72
N PRO A 148 17.38 0.49 -1.68
CA PRO A 148 17.04 -0.47 -2.74
C PRO A 148 18.16 -0.57 -3.79
N LYS A 149 17.95 -1.46 -4.77
CA LYS A 149 18.91 -1.68 -5.88
C LYS A 149 18.49 -0.84 -7.11
N ARG A 150 17.40 -0.05 -6.94
CA ARG A 150 16.88 0.90 -7.93
C ARG A 150 15.93 1.89 -7.24
N LEU A 151 15.37 2.81 -8.01
CA LEU A 151 14.41 3.81 -7.49
C LEU A 151 13.03 3.14 -7.40
N VAL A 152 12.39 3.30 -6.22
CA VAL A 152 11.02 2.83 -5.98
C VAL A 152 10.08 4.05 -5.99
N PRO A 153 9.41 4.36 -7.15
CA PRO A 153 8.50 5.53 -7.29
C PRO A 153 7.17 5.36 -6.53
N VAL A 154 6.27 6.36 -6.66
CA VAL A 154 4.95 6.40 -6.02
C VAL A 154 4.07 5.19 -6.46
N GLY A 155 4.23 4.80 -7.73
CA GLY A 155 3.57 3.61 -8.30
C GLY A 155 4.06 2.30 -7.68
N GLY A 156 5.30 2.33 -7.15
CA GLY A 156 5.90 1.20 -6.43
C GLY A 156 6.54 0.19 -7.37
N GLN A 157 7.38 -0.71 -6.81
CA GLN A 157 8.07 -1.79 -7.55
C GLN A 157 7.62 -3.14 -7.02
N TYR A 158 7.50 -4.13 -7.91
CA TYR A 158 7.34 -5.55 -7.53
C TYR A 158 8.73 -6.09 -7.17
N LEU A 159 8.93 -6.42 -5.89
CA LEU A 159 10.19 -6.96 -5.40
C LEU A 159 10.22 -8.47 -5.69
N ARG A 160 11.22 -8.91 -6.45
CA ARG A 160 11.41 -10.34 -6.78
C ARG A 160 12.85 -10.74 -6.52
N GLU A 161 13.06 -11.99 -6.06
CA GLU A 161 14.40 -12.53 -5.86
C GLU A 161 14.91 -13.13 -7.20
N MET A 23 14.67 -13.62 -9.90
CA MET A 23 13.88 -14.72 -10.48
C MET A 23 12.38 -14.38 -10.50
N SER A 24 11.67 -14.84 -11.55
CA SER A 24 10.24 -14.53 -11.80
C SER A 24 9.29 -15.08 -10.70
N LYS A 25 9.85 -15.88 -9.76
CA LYS A 25 9.11 -16.42 -8.59
C LYS A 25 8.52 -15.32 -7.68
N ILE A 26 9.10 -14.09 -7.74
CA ILE A 26 8.73 -12.93 -6.88
C ILE A 26 9.12 -13.23 -5.39
N VAL A 27 8.82 -12.29 -4.49
CA VAL A 27 8.75 -12.52 -3.01
C VAL A 27 7.71 -11.57 -2.40
N GLY A 28 7.60 -10.34 -2.96
CA GLY A 28 6.65 -9.36 -2.48
C GLY A 28 6.57 -8.14 -3.37
N VAL A 29 5.98 -7.09 -2.82
CA VAL A 29 5.96 -5.75 -3.44
C VAL A 29 6.67 -4.78 -2.48
N THR A 30 7.10 -3.63 -3.01
CA THR A 30 7.69 -2.56 -2.22
C THR A 30 7.09 -1.21 -2.63
N TYR A 31 6.71 -0.40 -1.61
CA TYR A 31 6.08 0.92 -1.81
C TYR A 31 6.74 1.96 -0.87
N PRO A 32 6.97 3.21 -1.34
CA PRO A 32 7.44 4.33 -0.49
C PRO A 32 6.32 4.92 0.40
N ILE A 33 5.06 4.55 0.04
CA ILE A 33 3.82 5.10 0.60
C ILE A 33 3.71 6.62 0.26
N PRO A 34 2.68 7.04 -0.55
CA PRO A 34 2.62 8.41 -1.14
C PRO A 34 2.42 9.54 -0.10
N LYS A 35 2.02 9.17 1.14
CA LYS A 35 1.80 10.11 2.25
C LYS A 35 2.49 9.58 3.54
N ARG A 36 2.27 10.29 4.66
CA ARG A 36 2.87 9.96 5.99
C ARG A 36 2.26 8.64 6.60
N PHE A 37 1.37 7.99 5.85
CA PHE A 37 0.66 6.79 6.29
C PHE A 37 1.55 5.51 6.30
N MET A 38 2.88 5.64 6.08
CA MET A 38 3.82 4.50 6.28
C MET A 38 3.88 4.14 7.78
N ASP A 39 3.76 5.19 8.62
CA ASP A 39 3.84 5.11 10.09
C ASP A 39 2.73 4.21 10.67
N ARG A 40 1.58 4.18 9.97
CA ARG A 40 0.39 3.38 10.34
C ARG A 40 0.76 1.90 10.58
N PHE A 41 1.54 1.34 9.64
CA PHE A 41 1.92 -0.08 9.65
C PHE A 41 2.83 -0.40 10.87
N PHE A 42 3.64 0.62 11.28
CA PHE A 42 4.61 0.49 12.39
C PHE A 42 3.93 0.83 13.75
N LYS A 43 2.80 1.55 13.67
CA LYS A 43 2.03 2.02 14.84
C LYS A 43 1.23 0.86 15.46
N LYS A 44 0.39 0.24 14.61
CA LYS A 44 -0.60 -0.76 15.07
C LYS A 44 -0.07 -2.21 14.89
N GLY A 45 0.98 -2.37 14.05
CA GLY A 45 1.60 -3.67 13.79
C GLY A 45 0.82 -4.56 12.81
N LYS A 46 -0.52 -4.38 12.77
CA LYS A 46 -1.42 -5.09 11.84
C LYS A 46 -2.23 -4.03 11.07
N ASP A 47 -1.77 -3.67 9.86
CA ASP A 47 -2.42 -2.63 9.02
C ASP A 47 -3.08 -3.28 7.79
N VAL A 48 -3.78 -2.49 6.96
CA VAL A 48 -4.35 -2.94 5.67
C VAL A 48 -4.08 -1.86 4.59
N PHE A 49 -3.22 -2.20 3.61
CA PHE A 49 -2.88 -1.32 2.49
C PHE A 49 -3.92 -1.45 1.36
N VAL A 50 -4.75 -0.41 1.18
CA VAL A 50 -5.72 -0.36 0.06
C VAL A 50 -5.07 0.28 -1.18
N LYS A 51 -5.36 -0.33 -2.33
CA LYS A 51 -4.81 0.05 -3.62
C LYS A 51 -5.95 0.04 -4.67
N PRO A 52 -6.10 1.07 -5.56
CA PRO A 52 -7.05 1.01 -6.72
C PRO A 52 -6.57 0.06 -7.85
N ALA A 53 -6.34 -1.23 -7.49
CA ALA A 53 -5.88 -2.32 -8.39
C ALA A 53 -4.63 -1.95 -9.24
N THR A 54 -3.79 -1.05 -8.71
CA THR A 54 -2.54 -0.61 -9.38
C THR A 54 -1.50 -1.76 -9.39
N VAL A 55 -1.57 -2.63 -8.37
CA VAL A 55 -0.70 -3.81 -8.26
C VAL A 55 -1.33 -4.99 -9.03
N TRP A 56 -0.48 -5.87 -9.59
CA TRP A 56 -0.88 -7.00 -10.42
C TRP A 56 -1.43 -8.18 -9.58
N LYS A 57 -1.69 -9.31 -10.26
CA LYS A 57 -2.16 -10.57 -9.62
C LYS A 57 -0.99 -11.23 -8.82
N GLU A 58 0.27 -10.77 -9.05
CA GLU A 58 1.47 -11.20 -8.29
C GLU A 58 1.24 -11.06 -6.77
N LEU A 59 0.44 -10.05 -6.39
CA LEU A 59 0.07 -9.78 -4.99
C LEU A 59 -0.87 -10.89 -4.48
N LYS A 60 -0.30 -11.81 -3.68
CA LYS A 60 -1.04 -12.94 -3.09
C LYS A 60 -0.86 -12.95 -1.56
N PRO A 61 -1.85 -13.49 -0.78
CA PRO A 61 -1.75 -13.59 0.69
C PRO A 61 -0.71 -14.65 1.12
N GLY A 62 0.49 -14.17 1.47
CA GLY A 62 1.62 -15.03 1.84
C GLY A 62 2.98 -14.50 1.37
N MET A 63 2.98 -13.32 0.75
CA MET A 63 4.22 -12.62 0.34
C MET A 63 4.68 -11.64 1.44
N LYS A 64 5.72 -10.84 1.11
CA LYS A 64 6.21 -9.73 1.96
C LYS A 64 5.88 -8.38 1.32
N PHE A 65 5.89 -7.33 2.13
CA PHE A 65 5.65 -5.94 1.67
C PHE A 65 6.70 -5.05 2.34
N VAL A 66 7.77 -4.72 1.60
CA VAL A 66 8.84 -3.90 2.11
C VAL A 66 8.52 -2.42 1.90
N PHE A 67 8.56 -1.64 2.99
CA PHE A 67 8.25 -0.21 2.96
C PHE A 67 9.52 0.59 2.72
N TYR A 68 9.57 1.27 1.56
CA TYR A 68 10.61 2.23 1.22
C TYR A 68 10.36 3.52 2.04
N GLN A 69 11.44 4.21 2.44
CA GLN A 69 11.34 5.42 3.29
C GLN A 69 11.09 6.67 2.41
N SER A 70 9.87 6.73 1.84
CA SER A 70 9.35 7.82 0.98
C SER A 70 10.38 8.35 -0.05
N HIS A 71 11.28 9.24 0.39
CA HIS A 71 12.29 9.90 -0.44
C HIS A 71 13.50 10.32 0.43
N GLU A 72 14.48 9.39 0.58
CA GLU A 72 15.71 9.63 1.37
C GLU A 72 16.79 8.57 1.02
N ASP A 73 18.03 8.78 1.53
CA ASP A 73 19.21 7.92 1.26
C ASP A 73 18.97 6.47 1.75
N THR A 74 18.50 6.36 3.00
CA THR A 74 18.12 5.08 3.61
C THR A 74 16.87 4.54 2.93
N GLY A 75 17.08 3.57 2.05
CA GLY A 75 16.04 3.07 1.16
C GLY A 75 14.87 2.43 1.87
N PHE A 76 15.15 1.55 2.84
CA PHE A 76 14.10 0.84 3.59
C PHE A 76 13.83 1.53 4.94
N VAL A 77 12.56 1.81 5.24
CA VAL A 77 12.12 2.23 6.59
C VAL A 77 11.64 1.02 7.38
N GLY A 78 11.07 0.02 6.67
CA GLY A 78 10.59 -1.20 7.30
C GLY A 78 10.16 -2.23 6.27
N GLU A 79 9.45 -3.26 6.74
CA GLU A 79 8.82 -4.27 5.88
C GLU A 79 7.71 -4.97 6.66
N ALA A 80 6.99 -5.91 6.02
CA ALA A 80 5.88 -6.64 6.65
C ALA A 80 5.57 -7.92 5.87
N ARG A 81 4.48 -8.60 6.27
CA ARG A 81 4.00 -9.84 5.65
C ARG A 81 2.56 -9.65 5.14
N ILE A 82 2.40 -9.83 3.82
CA ILE A 82 1.12 -9.74 3.13
C ILE A 82 0.21 -10.94 3.47
N LYS A 83 -1.05 -10.60 3.67
CA LYS A 83 -2.15 -11.49 4.06
C LYS A 83 -3.42 -11.07 3.27
N ARG A 84 -4.61 -11.59 3.69
CA ARG A 84 -5.87 -11.59 2.90
C ARG A 84 -6.08 -10.32 2.01
N VAL A 85 -6.24 -10.54 0.68
CA VAL A 85 -6.45 -9.45 -0.29
C VAL A 85 -7.94 -9.42 -0.74
N VAL A 86 -8.68 -8.42 -0.22
CA VAL A 86 -10.12 -8.27 -0.44
C VAL A 86 -10.38 -7.39 -1.68
N LEU A 87 -10.95 -7.98 -2.73
CA LEU A 87 -11.25 -7.30 -4.00
C LEU A 87 -12.72 -6.82 -4.00
N SER A 88 -12.92 -5.50 -4.08
CA SER A 88 -14.26 -4.89 -4.12
C SER A 88 -14.21 -3.56 -4.91
N GLU A 89 -15.26 -3.34 -5.72
CA GLU A 89 -15.44 -2.12 -6.54
C GLU A 89 -15.67 -0.87 -5.66
N ASN A 90 -16.17 -1.08 -4.43
CA ASN A 90 -16.25 0.00 -3.43
C ASN A 90 -15.04 -0.10 -2.50
N PRO A 91 -14.18 0.97 -2.41
CA PRO A 91 -13.10 1.04 -1.40
C PRO A 91 -13.65 1.13 0.03
N MET A 92 -14.93 1.53 0.14
CA MET A 92 -15.60 1.81 1.42
C MET A 92 -15.88 0.50 2.19
N GLN A 93 -15.98 -0.61 1.43
CA GLN A 93 -16.17 -1.97 1.99
C GLN A 93 -15.00 -2.37 2.92
N PHE A 94 -13.82 -1.78 2.68
CA PHE A 94 -12.60 -2.07 3.45
C PHE A 94 -12.58 -1.27 4.76
N PHE A 95 -13.29 -0.12 4.77
CA PHE A 95 -13.35 0.78 5.94
C PHE A 95 -14.51 0.41 6.88
N GLU A 96 -15.45 -0.43 6.41
CA GLU A 96 -16.50 -1.04 7.28
C GLU A 96 -16.01 -2.38 7.85
N THR A 97 -15.14 -3.10 7.09
CA THR A 97 -14.56 -4.39 7.53
C THR A 97 -13.41 -4.14 8.53
N PHE A 98 -12.38 -3.42 8.07
CA PHE A 98 -11.14 -3.20 8.82
C PHE A 98 -11.16 -1.80 9.50
N GLY A 99 -11.30 -0.74 8.65
CA GLY A 99 -11.41 0.65 9.12
C GLY A 99 -10.14 1.17 9.78
N ASP A 100 -10.02 0.96 11.11
CA ASP A 100 -8.86 1.39 11.92
C ASP A 100 -7.59 0.61 11.58
N ARG A 101 -7.77 -0.58 10.98
CA ARG A 101 -6.65 -1.40 10.49
C ARG A 101 -6.06 -0.79 9.22
N VAL A 102 -6.92 -0.21 8.36
CA VAL A 102 -6.48 0.40 7.09
C VAL A 102 -5.55 1.62 7.37
N PHE A 103 -4.62 1.92 6.42
CA PHE A 103 -3.62 3.00 6.59
C PHE A 103 -4.25 4.41 6.61
N LEU A 104 -5.55 4.52 6.33
CA LEU A 104 -6.30 5.78 6.40
C LEU A 104 -7.75 5.49 6.82
N THR A 105 -8.51 6.56 7.09
CA THR A 105 -9.95 6.45 7.40
C THR A 105 -10.77 6.70 6.11
N LYS A 106 -12.09 6.46 6.17
CA LYS A 106 -12.97 6.65 5.00
C LYS A 106 -13.07 8.13 4.62
N ASP A 107 -12.86 9.02 5.62
CA ASP A 107 -12.75 10.49 5.39
C ASP A 107 -11.58 10.76 4.46
N GLU A 108 -10.40 10.24 4.85
CA GLU A 108 -9.16 10.38 4.08
C GLU A 108 -9.30 9.79 2.67
N LEU A 109 -10.10 8.72 2.54
CA LEU A 109 -10.43 8.11 1.24
C LEU A 109 -11.20 9.10 0.34
N LYS A 110 -12.36 9.60 0.83
CA LYS A 110 -13.29 10.40 0.01
C LYS A 110 -12.64 11.72 -0.45
N GLU A 111 -11.84 12.36 0.45
CA GLU A 111 -11.17 13.65 0.16
C GLU A 111 -9.85 13.44 -0.61
N TYR A 112 -9.27 12.22 -0.53
CA TYR A 112 -8.17 11.79 -1.43
C TYR A 112 -8.69 11.69 -2.86
N MET A 113 -9.86 11.03 -3.02
CA MET A 113 -10.51 10.83 -4.33
C MET A 113 -11.00 12.17 -4.90
N LYS A 114 -11.40 13.11 -4.00
CA LYS A 114 -11.70 14.51 -4.41
C LYS A 114 -10.44 15.13 -5.00
N SER A 115 -9.32 15.04 -4.25
CA SER A 115 -8.03 15.61 -4.65
C SER A 115 -7.53 15.04 -6.00
N GLN A 116 -7.87 13.76 -6.27
CA GLN A 116 -7.51 13.09 -7.52
C GLN A 116 -8.34 13.64 -8.70
N GLU A 117 -9.66 13.81 -8.50
CA GLU A 117 -10.59 14.19 -9.58
C GLU A 117 -10.63 15.70 -9.83
N ARG A 118 -10.24 16.51 -8.82
CA ARG A 118 -10.38 17.99 -8.89
C ARG A 118 -9.07 18.65 -9.33
N TRP A 119 -7.92 18.16 -8.82
CA TRP A 119 -6.59 18.72 -9.15
C TRP A 119 -5.99 17.99 -10.36
N GLY A 120 -6.02 16.64 -10.29
CA GLY A 120 -5.49 15.80 -11.36
C GLY A 120 -6.40 15.79 -12.58
N ARG A 121 -7.49 14.99 -12.49
CA ARG A 121 -8.46 14.75 -13.58
C ARG A 121 -7.74 14.21 -14.84
N ARG A 122 -7.61 12.89 -14.92
CA ARG A 122 -6.91 12.20 -16.03
C ARG A 122 -7.74 12.28 -17.32
N ARG A 123 -9.09 12.35 -17.16
CA ARG A 123 -10.05 12.59 -18.24
C ARG A 123 -11.44 12.96 -17.66
N GLU A 124 -12.06 11.98 -16.95
CA GLU A 124 -13.47 12.05 -16.48
C GLU A 124 -13.76 10.72 -15.74
N SER A 125 -14.62 10.74 -14.71
CA SER A 125 -14.89 9.57 -13.87
C SER A 125 -16.38 9.52 -13.42
N LYS A 126 -17.20 8.71 -14.11
CA LYS A 126 -18.55 8.31 -13.66
C LYS A 126 -18.51 6.87 -13.14
N LYS A 127 -17.78 6.01 -13.88
CA LYS A 127 -17.66 4.57 -13.57
C LYS A 127 -16.78 4.37 -12.31
N LYS A 128 -17.00 3.22 -11.64
CA LYS A 128 -16.20 2.81 -10.46
C LYS A 128 -14.86 2.20 -10.91
N LYS A 129 -14.05 1.78 -9.95
CA LYS A 129 -12.85 0.98 -10.20
C LYS A 129 -12.82 -0.16 -9.18
N LEU A 130 -12.19 -1.28 -9.57
CA LEU A 130 -11.94 -2.40 -8.65
C LEU A 130 -10.76 -1.99 -7.74
N TRP A 131 -11.01 -1.98 -6.43
CA TRP A 131 -9.99 -1.72 -5.39
C TRP A 131 -9.64 -3.04 -4.67
N MET A 132 -8.48 -3.06 -4.02
CA MET A 132 -7.92 -4.25 -3.36
C MET A 132 -7.34 -3.87 -1.98
N ALA A 133 -7.73 -4.63 -0.95
CA ALA A 133 -7.31 -4.40 0.43
C ALA A 133 -6.34 -5.50 0.85
N ILE A 134 -5.06 -5.16 0.85
CA ILE A 134 -3.98 -6.08 1.24
C ILE A 134 -3.83 -6.04 2.76
N GLU A 135 -3.97 -7.18 3.45
CA GLU A 135 -3.78 -7.22 4.91
C GLU A 135 -2.28 -7.33 5.20
N LEU A 136 -1.79 -6.52 6.13
CA LEU A 136 -0.38 -6.48 6.55
C LEU A 136 -0.28 -6.87 8.02
N GLU A 137 0.67 -7.76 8.32
CA GLU A 137 0.94 -8.23 9.68
C GLU A 137 2.45 -8.26 9.93
N ASP A 138 2.81 -8.38 11.22
CA ASP A 138 4.20 -8.68 11.66
C ASP A 138 5.19 -7.64 11.11
N VAL A 139 4.72 -6.38 11.07
CA VAL A 139 5.45 -5.28 10.42
C VAL A 139 6.81 -4.99 11.10
N LYS A 140 7.88 -5.36 10.37
CA LYS A 140 9.28 -5.16 10.79
C LYS A 140 9.72 -3.70 10.54
N LYS A 141 10.86 -3.32 11.15
CA LYS A 141 11.42 -1.97 11.06
C LYS A 141 12.91 -2.03 10.69
N TYR A 142 13.28 -1.34 9.60
CA TYR A 142 14.68 -1.08 9.25
C TYR A 142 15.14 0.20 9.94
N ASP A 143 15.52 0.05 11.21
CA ASP A 143 16.19 1.11 11.98
C ASP A 143 17.60 1.36 11.40
N LYS A 144 18.19 0.28 10.88
CA LYS A 144 19.52 0.28 10.25
C LYS A 144 19.46 0.81 8.80
N PRO A 145 20.54 1.49 8.30
CA PRO A 145 20.60 2.00 6.91
C PRO A 145 20.90 0.88 5.88
N ILE A 146 19.86 0.45 5.14
CA ILE A 146 20.01 -0.48 4.00
C ILE A 146 19.37 0.15 2.76
N LYS A 147 20.13 0.15 1.64
CA LYS A 147 19.67 0.69 0.34
C LYS A 147 19.17 -0.49 -0.53
N PRO A 148 18.11 -0.28 -1.38
CA PRO A 148 17.53 -1.36 -2.21
C PRO A 148 18.32 -1.61 -3.50
N LYS A 149 17.87 -2.62 -4.25
CA LYS A 149 18.44 -2.99 -5.57
C LYS A 149 18.25 -1.85 -6.59
N ARG A 150 17.13 -1.11 -6.45
CA ARG A 150 16.79 0.03 -7.31
C ARG A 150 15.82 0.97 -6.58
N LEU A 151 15.70 2.20 -7.10
CA LEU A 151 14.83 3.25 -6.55
C LEU A 151 13.35 2.81 -6.69
N VAL A 152 12.57 2.99 -5.62
CA VAL A 152 11.15 2.64 -5.58
C VAL A 152 10.29 3.93 -5.59
N PRO A 153 9.82 4.39 -6.81
CA PRO A 153 8.99 5.63 -6.95
C PRO A 153 7.54 5.45 -6.42
N VAL A 154 6.70 6.49 -6.59
CA VAL A 154 5.33 6.55 -6.04
C VAL A 154 4.41 5.38 -6.47
N GLY A 155 4.66 4.85 -7.68
CA GLY A 155 3.90 3.71 -8.23
C GLY A 155 4.32 2.36 -7.66
N GLY A 156 5.50 2.34 -7.00
CA GLY A 156 6.00 1.15 -6.30
C GLY A 156 6.67 0.15 -7.25
N GLN A 157 7.65 -0.62 -6.73
CA GLN A 157 8.35 -1.66 -7.49
C GLN A 157 7.94 -3.05 -6.99
N TYR A 158 8.26 -4.09 -7.77
CA TYR A 158 8.09 -5.49 -7.36
C TYR A 158 9.41 -6.05 -6.90
N LEU A 159 9.38 -6.67 -5.72
CA LEU A 159 10.54 -7.33 -5.13
C LEU A 159 10.46 -8.82 -5.52
N ARG A 160 11.51 -9.32 -6.15
CA ARG A 160 11.61 -10.76 -6.49
C ARG A 160 12.90 -11.34 -5.88
N GLU A 161 12.88 -12.63 -5.50
CA GLU A 161 14.10 -13.31 -5.03
C GLU A 161 15.07 -13.46 -6.23
N MET A 23 14.21 -12.92 -9.25
CA MET A 23 13.85 -14.19 -9.93
C MET A 23 12.33 -14.43 -9.78
N SER A 24 11.78 -15.33 -10.63
CA SER A 24 10.34 -15.61 -10.79
C SER A 24 9.58 -15.94 -9.46
N LYS A 25 10.30 -16.39 -8.42
CA LYS A 25 9.68 -16.74 -7.11
C LYS A 25 9.01 -15.53 -6.42
N ILE A 26 9.38 -14.29 -6.85
CA ILE A 26 8.92 -13.03 -6.22
C ILE A 26 9.45 -12.99 -4.75
N VAL A 27 9.02 -12.02 -3.95
CA VAL A 27 8.98 -12.08 -2.47
C VAL A 27 7.84 -11.19 -1.99
N GLY A 28 7.76 -9.98 -2.58
CA GLY A 28 6.76 -9.00 -2.23
C GLY A 28 6.72 -7.81 -3.19
N VAL A 29 6.11 -6.71 -2.72
CA VAL A 29 6.09 -5.44 -3.44
C VAL A 29 6.53 -4.32 -2.48
N THR A 30 7.33 -3.38 -3.00
CA THR A 30 7.82 -2.22 -2.23
C THR A 30 7.10 -0.96 -2.71
N TYR A 31 6.60 -0.16 -1.75
CA TYR A 31 5.89 1.11 -2.03
C TYR A 31 6.51 2.27 -1.23
N PRO A 32 6.60 3.49 -1.85
CA PRO A 32 7.17 4.69 -1.18
C PRO A 32 6.25 5.28 -0.10
N ILE A 33 4.95 4.93 -0.21
CA ILE A 33 3.85 5.47 0.61
C ILE A 33 3.85 7.03 0.54
N PRO A 34 3.05 7.64 -0.41
CA PRO A 34 2.98 9.12 -0.58
C PRO A 34 2.12 9.82 0.52
N LYS A 35 1.88 9.11 1.63
CA LYS A 35 1.09 9.58 2.78
C LYS A 35 1.92 9.45 4.08
N ARG A 36 1.59 10.32 5.06
CA ARG A 36 2.19 10.33 6.41
C ARG A 36 1.75 9.07 7.23
N PHE A 37 0.75 8.36 6.71
CA PHE A 37 0.16 7.15 7.33
C PHE A 37 1.01 5.87 7.05
N MET A 38 2.31 6.07 6.73
CA MET A 38 3.31 4.98 6.66
C MET A 38 3.51 4.38 8.07
N ASP A 39 3.56 5.28 9.08
CA ASP A 39 3.83 4.90 10.50
C ASP A 39 2.74 4.00 11.11
N ARG A 40 1.54 4.00 10.49
CA ARG A 40 0.38 3.13 10.88
C ARG A 40 0.78 1.66 11.12
N PHE A 41 1.47 1.11 10.13
CA PHE A 41 1.84 -0.30 10.09
C PHE A 41 2.91 -0.61 11.16
N PHE A 42 3.75 0.40 11.46
CA PHE A 42 4.85 0.28 12.45
C PHE A 42 4.31 0.56 13.87
N LYS A 43 3.20 1.32 13.92
CA LYS A 43 2.56 1.78 15.16
C LYS A 43 1.95 0.59 15.92
N LYS A 44 1.19 -0.23 15.18
CA LYS A 44 0.43 -1.37 15.77
C LYS A 44 1.06 -2.74 15.42
N GLY A 45 1.93 -2.76 14.39
CA GLY A 45 2.62 -3.99 13.97
C GLY A 45 1.80 -4.89 13.04
N LYS A 46 0.52 -4.53 12.83
CA LYS A 46 -0.38 -5.21 11.89
C LYS A 46 -1.53 -4.26 11.47
N ASP A 47 -1.53 -3.86 10.20
CA ASP A 47 -2.43 -2.83 9.65
C ASP A 47 -2.94 -3.33 8.26
N VAL A 48 -3.66 -2.51 7.47
CA VAL A 48 -4.17 -2.91 6.13
C VAL A 48 -3.88 -1.78 5.11
N PHE A 49 -3.18 -2.12 4.00
CA PHE A 49 -2.92 -1.20 2.88
C PHE A 49 -3.96 -1.42 1.78
N VAL A 50 -4.79 -0.40 1.50
CA VAL A 50 -5.70 -0.43 0.35
C VAL A 50 -5.01 0.14 -0.91
N LYS A 51 -5.38 -0.42 -2.06
CA LYS A 51 -4.75 -0.16 -3.35
C LYS A 51 -5.85 0.07 -4.42
N PRO A 52 -5.98 1.31 -5.00
CA PRO A 52 -6.88 1.58 -6.16
C PRO A 52 -6.37 0.97 -7.51
N ALA A 53 -6.37 -0.38 -7.55
CA ALA A 53 -6.02 -1.18 -8.75
C ALA A 53 -4.72 -0.71 -9.46
N THR A 54 -3.56 -1.07 -8.90
CA THR A 54 -2.24 -0.77 -9.52
C THR A 54 -1.46 -2.08 -9.68
N VAL A 55 -1.25 -2.77 -8.55
CA VAL A 55 -0.55 -4.05 -8.52
C VAL A 55 -1.37 -5.14 -9.22
N TRP A 56 -0.67 -5.90 -10.07
CA TRP A 56 -1.27 -6.95 -10.93
C TRP A 56 -1.29 -8.31 -10.14
N LYS A 57 -1.35 -9.44 -10.88
CA LYS A 57 -1.67 -10.78 -10.31
C LYS A 57 -0.55 -11.39 -9.42
N GLU A 58 0.58 -10.68 -9.27
CA GLU A 58 1.71 -11.10 -8.40
C GLU A 58 1.30 -11.07 -6.92
N LEU A 59 0.36 -10.16 -6.59
CA LEU A 59 -0.19 -10.00 -5.25
C LEU A 59 -1.01 -11.25 -4.85
N LYS A 60 -0.56 -11.89 -3.77
CA LYS A 60 -1.18 -13.09 -3.20
C LYS A 60 -1.06 -13.06 -1.65
N PRO A 61 -1.94 -13.80 -0.89
CA PRO A 61 -1.85 -13.86 0.59
C PRO A 61 -0.65 -14.74 1.05
N GLY A 62 0.53 -14.10 1.19
CA GLY A 62 1.76 -14.78 1.61
C GLY A 62 3.00 -14.18 0.96
N MET A 63 3.02 -12.83 0.90
CA MET A 63 4.15 -12.05 0.36
C MET A 63 4.72 -11.14 1.46
N LYS A 64 5.60 -10.21 1.08
CA LYS A 64 6.06 -9.11 1.95
C LYS A 64 5.72 -7.76 1.31
N PHE A 65 5.75 -6.71 2.13
CA PHE A 65 5.49 -5.34 1.68
C PHE A 65 6.54 -4.42 2.29
N VAL A 66 7.59 -4.12 1.53
CA VAL A 66 8.70 -3.29 2.00
C VAL A 66 8.34 -1.81 1.85
N PHE A 67 8.33 -1.11 2.98
CA PHE A 67 8.03 0.32 3.04
C PHE A 67 9.29 1.11 2.65
N TYR A 68 9.30 1.54 1.39
CA TYR A 68 10.28 2.49 0.85
C TYR A 68 9.92 3.90 1.34
N GLN A 69 10.87 4.84 1.25
CA GLN A 69 10.66 6.22 1.72
C GLN A 69 11.21 7.19 0.66
N SER A 70 10.31 7.80 -0.12
CA SER A 70 10.65 8.70 -1.24
C SER A 70 10.72 10.17 -0.78
N HIS A 71 11.53 10.43 0.26
CA HIS A 71 11.70 11.78 0.82
C HIS A 71 12.98 11.85 1.65
N GLU A 72 14.00 12.55 1.09
CA GLU A 72 15.32 12.83 1.75
C GLU A 72 16.18 11.54 1.89
N ASP A 73 15.72 10.63 2.76
CA ASP A 73 16.30 9.28 2.91
C ASP A 73 16.12 8.48 1.60
N THR A 74 17.11 7.63 1.24
CA THR A 74 17.11 6.84 -0.01
C THR A 74 15.85 5.95 -0.12
N GLY A 75 15.52 5.27 0.99
CA GLY A 75 14.36 4.37 1.03
C GLY A 75 14.62 3.14 1.89
N PHE A 76 13.64 2.21 1.87
CA PHE A 76 13.65 0.98 2.68
C PHE A 76 13.77 1.32 4.18
N VAL A 77 12.71 1.96 4.71
CA VAL A 77 12.62 2.37 6.12
C VAL A 77 12.04 1.22 6.98
N GLY A 78 11.44 0.22 6.32
CA GLY A 78 10.94 -0.98 6.97
C GLY A 78 10.32 -1.96 5.99
N GLU A 79 9.67 -3.01 6.51
CA GLU A 79 8.92 -3.99 5.71
C GLU A 79 7.72 -4.51 6.53
N ALA A 80 6.95 -5.40 5.89
CA ALA A 80 5.82 -6.12 6.49
C ALA A 80 5.53 -7.38 5.70
N ARG A 81 4.41 -8.07 6.00
CA ARG A 81 4.02 -9.34 5.34
C ARG A 81 2.57 -9.28 4.84
N ILE A 82 2.41 -9.41 3.52
CA ILE A 82 1.11 -9.35 2.81
C ILE A 82 0.27 -10.61 3.09
N LYS A 83 -1.00 -10.36 3.41
CA LYS A 83 -2.00 -11.35 3.80
C LYS A 83 -3.30 -11.07 3.01
N ARG A 84 -4.35 -11.87 3.31
CA ARG A 84 -5.67 -11.91 2.63
C ARG A 84 -6.11 -10.56 1.98
N VAL A 85 -6.18 -10.56 0.63
CA VAL A 85 -6.56 -9.37 -0.16
C VAL A 85 -8.07 -9.41 -0.47
N VAL A 86 -8.83 -8.42 0.04
CA VAL A 86 -10.27 -8.30 -0.19
C VAL A 86 -10.51 -7.47 -1.46
N LEU A 87 -10.96 -8.15 -2.52
CA LEU A 87 -11.27 -7.50 -3.80
C LEU A 87 -12.73 -7.01 -3.75
N SER A 88 -12.93 -5.70 -3.84
CA SER A 88 -14.26 -5.07 -3.82
C SER A 88 -14.25 -3.79 -4.67
N GLU A 89 -15.32 -3.60 -5.45
CA GLU A 89 -15.51 -2.44 -6.33
C GLU A 89 -15.69 -1.13 -5.53
N ASN A 90 -16.36 -1.23 -4.37
CA ASN A 90 -16.48 -0.09 -3.45
C ASN A 90 -15.28 -0.11 -2.49
N PRO A 91 -14.48 1.01 -2.42
CA PRO A 91 -13.41 1.15 -1.41
C PRO A 91 -13.96 1.20 0.03
N MET A 92 -15.26 1.55 0.13
CA MET A 92 -15.95 1.77 1.41
C MET A 92 -16.24 0.44 2.10
N GLN A 93 -16.21 -0.68 1.33
CA GLN A 93 -16.35 -2.04 1.88
C GLN A 93 -15.22 -2.35 2.87
N PHE A 94 -14.05 -1.76 2.62
CA PHE A 94 -12.85 -1.97 3.44
C PHE A 94 -12.93 -1.17 4.75
N PHE A 95 -13.67 -0.06 4.73
CA PHE A 95 -13.79 0.86 5.87
C PHE A 95 -14.98 0.49 6.78
N GLU A 96 -15.95 -0.25 6.25
CA GLU A 96 -17.06 -0.81 7.06
C GLU A 96 -16.63 -2.15 7.70
N THR A 97 -15.79 -2.92 6.96
CA THR A 97 -15.29 -4.24 7.43
C THR A 97 -14.09 -4.05 8.39
N PHE A 98 -13.02 -3.42 7.88
CA PHE A 98 -11.76 -3.23 8.63
C PHE A 98 -11.76 -1.86 9.37
N GLY A 99 -11.79 -0.77 8.57
CA GLY A 99 -11.87 0.60 9.10
C GLY A 99 -10.60 1.05 9.81
N ASP A 100 -10.54 0.80 11.14
CA ASP A 100 -9.39 1.17 12.01
C ASP A 100 -8.18 0.24 11.76
N ARG A 101 -8.39 -0.84 10.99
CA ARG A 101 -7.30 -1.71 10.51
C ARG A 101 -6.58 -1.06 9.31
N VAL A 102 -7.36 -0.36 8.45
CA VAL A 102 -6.85 0.27 7.22
C VAL A 102 -6.06 1.56 7.55
N PHE A 103 -4.92 1.79 6.84
CA PHE A 103 -3.93 2.87 7.14
C PHE A 103 -4.53 4.29 7.15
N LEU A 104 -5.67 4.42 6.50
CA LEU A 104 -6.44 5.67 6.46
C LEU A 104 -7.91 5.33 6.73
N THR A 105 -8.76 6.35 6.95
CA THR A 105 -10.21 6.12 7.08
C THR A 105 -10.94 6.64 5.83
N LYS A 106 -12.28 6.57 5.83
CA LYS A 106 -13.12 6.95 4.68
C LYS A 106 -13.03 8.46 4.37
N ASP A 107 -12.70 9.26 5.39
CA ASP A 107 -12.45 10.71 5.25
C ASP A 107 -11.10 10.99 4.56
N GLU A 108 -10.07 10.17 4.85
CA GLU A 108 -8.81 10.23 4.09
C GLU A 108 -8.99 9.60 2.68
N LEU A 109 -9.96 8.69 2.55
CA LEU A 109 -10.31 8.08 1.25
C LEU A 109 -10.92 9.14 0.33
N LYS A 110 -11.92 9.89 0.85
CA LYS A 110 -12.67 10.88 0.06
C LYS A 110 -11.75 12.01 -0.42
N GLU A 111 -10.82 12.48 0.46
CA GLU A 111 -9.85 13.51 0.05
C GLU A 111 -8.91 12.95 -1.04
N TYR A 112 -8.50 11.67 -0.88
CA TYR A 112 -7.55 10.98 -1.78
C TYR A 112 -8.14 10.83 -3.20
N MET A 113 -9.38 10.33 -3.29
CA MET A 113 -10.06 10.04 -4.57
C MET A 113 -10.38 11.35 -5.30
N LYS A 114 -10.90 12.32 -4.54
CA LYS A 114 -11.29 13.62 -5.08
C LYS A 114 -10.06 14.47 -5.47
N SER A 115 -8.90 14.24 -4.80
CA SER A 115 -7.63 14.91 -5.17
C SER A 115 -7.21 14.55 -6.60
N GLN A 116 -7.51 13.29 -7.00
CA GLN A 116 -7.14 12.76 -8.34
C GLN A 116 -7.93 13.46 -9.45
N GLU A 117 -9.12 13.99 -9.12
CA GLU A 117 -10.05 14.58 -10.11
C GLU A 117 -10.21 16.10 -9.93
N ARG A 118 -9.84 16.67 -8.75
CA ARG A 118 -9.94 18.13 -8.49
C ARG A 118 -8.63 18.83 -8.85
N TRP A 119 -7.52 18.08 -8.76
CA TRP A 119 -6.21 18.49 -9.28
C TRP A 119 -5.92 17.78 -10.61
N GLY A 120 -6.91 16.97 -11.06
CA GLY A 120 -6.82 16.22 -12.31
C GLY A 120 -8.09 16.34 -13.13
N ARG A 121 -8.60 15.22 -13.67
CA ARG A 121 -9.75 15.21 -14.58
C ARG A 121 -10.99 14.62 -13.86
N ARG A 122 -12.03 15.46 -13.68
CA ARG A 122 -13.28 15.06 -13.02
C ARG A 122 -14.18 14.25 -13.99
N ARG A 123 -13.75 13.01 -14.24
CA ARG A 123 -14.42 12.02 -15.12
C ARG A 123 -13.63 10.69 -15.08
N GLU A 124 -13.00 10.41 -13.91
CA GLU A 124 -12.24 9.17 -13.67
C GLU A 124 -13.18 7.95 -13.78
N SER A 125 -13.26 7.35 -15.00
CA SER A 125 -14.23 6.28 -15.35
C SER A 125 -15.70 6.82 -15.27
N LYS A 126 -16.69 5.93 -15.42
CA LYS A 126 -18.12 6.24 -15.18
C LYS A 126 -18.69 5.14 -14.28
N LYS A 127 -18.43 3.89 -14.68
CA LYS A 127 -18.79 2.69 -13.92
C LYS A 127 -17.77 2.47 -12.76
N LYS A 128 -18.15 1.64 -11.77
CA LYS A 128 -17.30 1.34 -10.57
C LYS A 128 -15.94 0.73 -10.97
N LYS A 129 -14.98 0.78 -10.03
CA LYS A 129 -13.60 0.31 -10.27
C LYS A 129 -13.22 -0.70 -9.19
N LEU A 130 -12.39 -1.68 -9.55
CA LEU A 130 -12.01 -2.78 -8.65
C LEU A 130 -10.87 -2.33 -7.72
N TRP A 131 -11.22 -1.96 -6.50
CA TRP A 131 -10.26 -1.67 -5.41
C TRP A 131 -9.89 -2.98 -4.68
N MET A 132 -8.74 -2.98 -3.97
CA MET A 132 -8.26 -4.16 -3.23
C MET A 132 -7.67 -3.76 -1.87
N ALA A 133 -7.99 -4.56 -0.83
CA ALA A 133 -7.52 -4.32 0.55
C ALA A 133 -6.53 -5.41 0.95
N ILE A 134 -5.24 -5.06 0.93
CA ILE A 134 -4.14 -5.96 1.30
C ILE A 134 -3.98 -5.94 2.82
N GLU A 135 -4.10 -7.11 3.50
CA GLU A 135 -3.86 -7.16 4.95
C GLU A 135 -2.34 -7.23 5.18
N LEU A 136 -1.85 -6.49 6.18
CA LEU A 136 -0.43 -6.46 6.56
C LEU A 136 -0.27 -6.94 8.01
N GLU A 137 0.65 -7.87 8.22
CA GLU A 137 1.07 -8.35 9.54
C GLU A 137 2.59 -8.30 9.62
N ASP A 138 3.14 -8.57 10.82
CA ASP A 138 4.58 -8.79 11.04
C ASP A 138 5.44 -7.66 10.43
N VAL A 139 5.11 -6.43 10.84
CA VAL A 139 5.73 -5.23 10.30
C VAL A 139 7.05 -4.92 11.03
N LYS A 140 8.17 -4.97 10.27
CA LYS A 140 9.52 -4.74 10.79
C LYS A 140 10.01 -3.32 10.40
N LYS A 141 10.91 -2.78 11.21
CA LYS A 141 11.65 -1.53 10.91
C LYS A 141 13.09 -1.88 10.53
N TYR A 142 13.63 -1.18 9.52
CA TYR A 142 15.03 -1.38 9.07
C TYR A 142 15.95 -0.44 9.83
N ASP A 143 16.17 -0.74 11.12
CA ASP A 143 17.13 -0.02 11.98
C ASP A 143 18.57 -0.36 11.52
N LYS A 144 18.70 -1.54 10.88
CA LYS A 144 19.92 -1.96 10.20
C LYS A 144 19.99 -1.29 8.80
N PRO A 145 21.23 -0.95 8.29
CA PRO A 145 21.37 -0.28 6.98
C PRO A 145 21.03 -1.20 5.78
N ILE A 146 19.75 -1.19 5.37
CA ILE A 146 19.29 -1.87 4.15
C ILE A 146 18.96 -0.81 3.10
N LYS A 147 19.67 -0.89 1.97
CA LYS A 147 19.57 0.10 0.87
C LYS A 147 18.61 -0.43 -0.21
N PRO A 148 17.78 0.46 -0.85
CA PRO A 148 17.00 0.10 -2.04
C PRO A 148 17.93 -0.25 -3.24
N LYS A 149 17.60 -1.36 -3.92
CA LYS A 149 18.39 -1.88 -5.06
C LYS A 149 18.20 -0.98 -6.31
N ARG A 150 17.05 -0.26 -6.33
CA ARG A 150 16.73 0.76 -7.35
C ARG A 150 15.71 1.75 -6.77
N LEU A 151 15.40 2.81 -7.55
CA LEU A 151 14.38 3.80 -7.20
C LEU A 151 12.98 3.16 -7.23
N VAL A 152 12.11 3.59 -6.30
CA VAL A 152 10.72 3.12 -6.21
C VAL A 152 9.79 4.36 -6.29
N PRO A 153 9.16 4.63 -7.49
CA PRO A 153 8.20 5.76 -7.66
C PRO A 153 6.84 5.46 -7.01
N VAL A 154 5.88 6.40 -7.19
CA VAL A 154 4.52 6.33 -6.57
C VAL A 154 3.75 5.03 -6.94
N GLY A 155 4.03 4.50 -8.14
CA GLY A 155 3.41 3.26 -8.63
C GLY A 155 3.97 1.99 -7.99
N GLY A 156 5.14 2.13 -7.35
CA GLY A 156 5.78 1.05 -6.60
C GLY A 156 6.54 0.07 -7.51
N GLN A 157 7.48 -0.69 -6.93
CA GLN A 157 8.27 -1.72 -7.65
C GLN A 157 7.98 -3.10 -7.07
N TYR A 158 8.01 -4.13 -7.91
CA TYR A 158 7.92 -5.53 -7.47
C TYR A 158 9.28 -6.00 -6.98
N LEU A 159 9.34 -6.36 -5.70
CA LEU A 159 10.52 -6.94 -5.08
C LEU A 159 10.47 -8.46 -5.32
N ARG A 160 11.51 -8.99 -5.96
CA ARG A 160 11.63 -10.43 -6.24
C ARG A 160 13.05 -10.89 -5.90
N GLU A 161 13.18 -12.01 -5.18
CA GLU A 161 14.50 -12.56 -4.85
C GLU A 161 15.03 -13.37 -6.05
N MET A 23 13.02 -13.72 -10.33
CA MET A 23 12.52 -15.11 -10.39
C MET A 23 10.98 -15.11 -10.22
N SER A 24 10.30 -16.08 -10.85
CA SER A 24 8.83 -16.14 -10.93
C SER A 24 8.15 -16.42 -9.57
N LYS A 25 8.95 -16.88 -8.59
CA LYS A 25 8.47 -17.06 -7.19
C LYS A 25 8.07 -15.72 -6.55
N ILE A 26 8.62 -14.61 -7.09
CA ILE A 26 8.49 -13.25 -6.52
C ILE A 26 9.15 -13.27 -5.10
N VAL A 27 8.87 -12.28 -4.24
CA VAL A 27 8.95 -12.39 -2.77
C VAL A 27 7.90 -11.47 -2.18
N GLY A 28 7.79 -10.25 -2.75
CA GLY A 28 6.79 -9.27 -2.37
C GLY A 28 6.72 -8.09 -3.32
N VAL A 29 6.11 -7.00 -2.84
CA VAL A 29 6.12 -5.70 -3.54
C VAL A 29 6.71 -4.63 -2.61
N THR A 30 7.36 -3.62 -3.19
CA THR A 30 7.91 -2.48 -2.45
C THR A 30 7.22 -1.18 -2.89
N TYR A 31 6.79 -0.37 -1.91
CA TYR A 31 6.14 0.94 -2.14
C TYR A 31 6.80 1.99 -1.24
N PRO A 32 6.97 3.25 -1.75
CA PRO A 32 7.46 4.38 -0.94
C PRO A 32 6.44 4.76 0.15
N ILE A 33 5.15 4.88 -0.27
CA ILE A 33 4.08 5.51 0.51
C ILE A 33 4.56 6.90 1.01
N PRO A 34 4.66 7.91 0.07
CA PRO A 34 5.24 9.25 0.39
C PRO A 34 4.22 10.20 1.05
N LYS A 35 3.40 9.61 1.95
CA LYS A 35 2.37 10.31 2.73
C LYS A 35 2.56 10.00 4.22
N ARG A 36 1.94 10.81 5.08
CA ARG A 36 2.08 10.72 6.55
C ARG A 36 1.43 9.43 7.12
N PHE A 37 0.57 8.78 6.30
CA PHE A 37 -0.12 7.52 6.66
C PHE A 37 0.82 6.28 6.64
N MET A 38 2.11 6.49 6.31
CA MET A 38 3.12 5.39 6.34
C MET A 38 3.39 4.91 7.79
N ASP A 39 3.02 5.74 8.79
CA ASP A 39 3.20 5.46 10.24
C ASP A 39 2.35 4.26 10.69
N ARG A 40 1.20 4.08 10.03
CA ARG A 40 0.12 3.17 10.46
C ARG A 40 0.59 1.72 10.60
N PHE A 41 1.44 1.29 9.68
CA PHE A 41 1.95 -0.10 9.63
C PHE A 41 2.91 -0.35 10.81
N PHE A 42 3.62 0.71 11.21
CA PHE A 42 4.61 0.67 12.31
C PHE A 42 3.93 1.07 13.64
N LYS A 43 2.68 1.54 13.56
CA LYS A 43 1.88 1.99 14.71
C LYS A 43 1.17 0.80 15.36
N LYS A 44 0.33 0.12 14.56
CA LYS A 44 -0.60 -0.92 15.05
C LYS A 44 -0.06 -2.34 14.82
N GLY A 45 0.98 -2.48 13.96
CA GLY A 45 1.62 -3.77 13.67
C GLY A 45 0.87 -4.60 12.62
N LYS A 46 -0.48 -4.59 12.67
CA LYS A 46 -1.35 -5.20 11.66
C LYS A 46 -2.24 -4.10 11.03
N ASP A 47 -1.74 -3.53 9.93
CA ASP A 47 -2.46 -2.54 9.11
C ASP A 47 -3.07 -3.24 7.88
N VAL A 48 -3.85 -2.49 7.08
CA VAL A 48 -4.42 -2.97 5.81
C VAL A 48 -4.18 -1.89 4.72
N PHE A 49 -3.29 -2.20 3.76
CA PHE A 49 -2.94 -1.28 2.65
C PHE A 49 -3.90 -1.53 1.47
N VAL A 50 -4.67 -0.49 1.10
CA VAL A 50 -5.62 -0.58 -0.02
C VAL A 50 -4.98 -0.07 -1.33
N LYS A 51 -5.19 -0.87 -2.39
CA LYS A 51 -4.75 -0.59 -3.76
C LYS A 51 -5.98 -0.55 -4.69
N PRO A 52 -6.07 0.41 -5.66
CA PRO A 52 -7.01 0.29 -6.81
C PRO A 52 -6.49 -0.69 -7.89
N ALA A 53 -6.02 -1.88 -7.42
CA ALA A 53 -5.37 -2.92 -8.24
C ALA A 53 -4.21 -2.37 -9.11
N THR A 54 -3.45 -1.41 -8.54
CA THR A 54 -2.26 -0.80 -9.19
C THR A 54 -1.16 -1.87 -9.40
N VAL A 55 -1.05 -2.76 -8.39
CA VAL A 55 -0.16 -3.92 -8.43
C VAL A 55 -0.71 -5.00 -9.40
N TRP A 56 0.22 -5.75 -9.99
CA TRP A 56 -0.11 -6.89 -10.88
C TRP A 56 -0.65 -8.10 -10.10
N LYS A 57 -0.96 -9.19 -10.83
CA LYS A 57 -1.61 -10.39 -10.26
C LYS A 57 -0.61 -11.30 -9.50
N GLU A 58 0.62 -10.77 -9.26
CA GLU A 58 1.64 -11.43 -8.43
C GLU A 58 1.30 -11.32 -6.93
N LEU A 59 0.44 -10.34 -6.58
CA LEU A 59 0.05 -10.04 -5.20
C LEU A 59 -0.79 -11.19 -4.62
N LYS A 60 -0.14 -12.05 -3.81
CA LYS A 60 -0.80 -13.18 -3.13
C LYS A 60 -0.67 -13.01 -1.59
N PRO A 61 -1.63 -13.55 -0.78
CA PRO A 61 -1.54 -13.54 0.70
C PRO A 61 -0.49 -14.58 1.20
N GLY A 62 0.73 -14.08 1.47
CA GLY A 62 1.87 -14.93 1.82
C GLY A 62 3.21 -14.30 1.47
N MET A 63 3.19 -13.13 0.81
CA MET A 63 4.40 -12.40 0.40
C MET A 63 4.87 -11.40 1.49
N LYS A 64 5.85 -10.57 1.13
CA LYS A 64 6.33 -9.44 1.95
C LYS A 64 5.98 -8.10 1.29
N PHE A 65 6.02 -7.03 2.08
CA PHE A 65 5.80 -5.66 1.59
C PHE A 65 6.84 -4.76 2.22
N VAL A 66 7.86 -4.40 1.45
CA VAL A 66 8.96 -3.57 1.93
C VAL A 66 8.62 -2.08 1.73
N PHE A 67 8.61 -1.34 2.84
CA PHE A 67 8.30 0.10 2.84
C PHE A 67 9.59 0.90 2.56
N TYR A 68 9.53 1.77 1.55
CA TYR A 68 10.67 2.54 1.04
C TYR A 68 10.59 3.98 1.57
N GLN A 69 11.64 4.45 2.26
CA GLN A 69 11.68 5.81 2.80
C GLN A 69 12.06 6.82 1.69
N SER A 70 13.30 6.66 1.19
CA SER A 70 13.95 7.63 0.28
C SER A 70 15.25 7.02 -0.29
N HIS A 71 15.98 7.79 -1.11
CA HIS A 71 17.22 7.33 -1.77
C HIS A 71 18.44 7.45 -0.82
N GLU A 72 18.19 7.88 0.44
CA GLU A 72 19.24 8.13 1.45
C GLU A 72 18.68 7.81 2.85
N ASP A 73 19.55 7.95 3.88
CA ASP A 73 19.22 7.81 5.32
C ASP A 73 19.11 6.32 5.70
N THR A 74 17.99 5.68 5.36
CA THR A 74 17.80 4.23 5.63
C THR A 74 17.40 3.47 4.36
N GLY A 75 17.19 4.22 3.25
CA GLY A 75 16.74 3.63 1.99
C GLY A 75 15.30 3.13 2.10
N PHE A 76 15.16 1.92 2.64
CA PHE A 76 13.88 1.34 3.07
C PHE A 76 13.67 1.65 4.56
N VAL A 77 12.49 2.18 4.93
CA VAL A 77 12.14 2.45 6.35
C VAL A 77 11.85 1.14 7.11
N GLY A 78 11.23 0.18 6.41
CA GLY A 78 10.89 -1.11 7.00
C GLY A 78 10.37 -2.11 5.98
N GLU A 79 9.67 -3.13 6.47
CA GLU A 79 9.04 -4.17 5.66
C GLU A 79 7.88 -4.75 6.47
N ALA A 80 7.14 -5.68 5.85
CA ALA A 80 5.99 -6.36 6.48
C ALA A 80 5.67 -7.64 5.72
N ARG A 81 4.57 -8.30 6.09
CA ARG A 81 4.10 -9.52 5.45
C ARG A 81 2.69 -9.33 4.92
N ILE A 82 2.55 -9.48 3.60
CA ILE A 82 1.28 -9.45 2.89
C ILE A 82 0.46 -10.69 3.24
N LYS A 83 -0.78 -10.43 3.65
CA LYS A 83 -1.75 -11.44 4.11
C LYS A 83 -3.13 -11.09 3.52
N ARG A 84 -4.22 -11.70 4.07
CA ARG A 84 -5.57 -11.82 3.43
C ARG A 84 -5.96 -10.59 2.56
N VAL A 85 -6.08 -10.82 1.24
CA VAL A 85 -6.38 -9.77 0.25
C VAL A 85 -7.89 -9.80 -0.12
N VAL A 86 -8.63 -8.77 0.31
CA VAL A 86 -10.08 -8.67 0.05
C VAL A 86 -10.29 -7.89 -1.25
N LEU A 87 -10.72 -8.60 -2.30
CA LEU A 87 -11.02 -7.98 -3.60
C LEU A 87 -12.46 -7.47 -3.56
N SER A 88 -12.63 -6.15 -3.66
CA SER A 88 -13.93 -5.48 -3.67
C SER A 88 -13.80 -4.17 -4.46
N GLU A 89 -14.67 -3.97 -5.46
CA GLU A 89 -14.63 -2.77 -6.30
C GLU A 89 -14.85 -1.49 -5.47
N ASN A 90 -15.86 -1.49 -4.59
CA ASN A 90 -16.11 -0.33 -3.72
C ASN A 90 -15.01 -0.29 -2.65
N PRO A 91 -14.20 0.82 -2.57
CA PRO A 91 -13.14 0.96 -1.54
C PRO A 91 -13.73 1.02 -0.12
N MET A 92 -15.03 1.37 -0.05
CA MET A 92 -15.74 1.60 1.22
C MET A 92 -16.01 0.28 1.96
N GLN A 93 -15.96 -0.85 1.20
CA GLN A 93 -16.12 -2.21 1.76
C GLN A 93 -15.00 -2.52 2.79
N PHE A 94 -13.84 -1.89 2.60
CA PHE A 94 -12.66 -2.09 3.46
C PHE A 94 -12.76 -1.23 4.72
N PHE A 95 -13.47 -0.10 4.61
CA PHE A 95 -13.61 0.86 5.72
C PHE A 95 -14.81 0.52 6.62
N GLU A 96 -15.74 -0.31 6.13
CA GLU A 96 -16.84 -0.86 6.96
C GLU A 96 -16.37 -2.15 7.66
N THR A 97 -15.48 -2.92 6.98
CA THR A 97 -14.96 -4.19 7.51
C THR A 97 -13.76 -3.96 8.49
N PHE A 98 -12.68 -3.33 7.98
CA PHE A 98 -11.46 -3.08 8.77
C PHE A 98 -11.52 -1.67 9.42
N GLY A 99 -11.72 -0.65 8.54
CA GLY A 99 -11.85 0.75 8.97
C GLY A 99 -10.59 1.33 9.57
N ASP A 100 -10.48 1.17 10.90
CA ASP A 100 -9.34 1.66 11.70
C ASP A 100 -8.04 0.90 11.33
N ARG A 101 -8.20 -0.36 10.89
CA ARG A 101 -7.07 -1.22 10.51
C ARG A 101 -6.45 -0.78 9.18
N VAL A 102 -7.25 -0.15 8.30
CA VAL A 102 -6.75 0.41 7.04
C VAL A 102 -5.85 1.62 7.34
N PHE A 103 -4.85 1.92 6.45
CA PHE A 103 -3.88 3.01 6.69
C PHE A 103 -4.53 4.42 6.76
N LEU A 104 -5.80 4.50 6.37
CA LEU A 104 -6.61 5.72 6.47
C LEU A 104 -8.07 5.33 6.80
N THR A 105 -8.94 6.33 7.06
CA THR A 105 -10.39 6.07 7.26
C THR A 105 -11.15 6.52 5.99
N LYS A 106 -12.47 6.24 5.94
CA LYS A 106 -13.29 6.49 4.75
C LYS A 106 -13.37 7.99 4.40
N ASP A 107 -13.27 8.84 5.44
CA ASP A 107 -13.29 10.30 5.26
C ASP A 107 -11.97 10.80 4.64
N GLU A 108 -10.85 10.11 4.95
CA GLU A 108 -9.56 10.37 4.31
C GLU A 108 -9.59 9.90 2.83
N LEU A 109 -10.32 8.80 2.59
CA LEU A 109 -10.52 8.22 1.24
C LEU A 109 -11.27 9.19 0.32
N LYS A 110 -12.42 9.68 0.78
CA LYS A 110 -13.33 10.51 -0.03
C LYS A 110 -12.66 11.84 -0.43
N GLU A 111 -11.93 12.47 0.52
CA GLU A 111 -11.19 13.72 0.23
C GLU A 111 -9.96 13.43 -0.67
N TYR A 112 -9.39 12.21 -0.55
CA TYR A 112 -8.23 11.76 -1.37
C TYR A 112 -8.63 11.62 -2.85
N MET A 113 -9.79 10.97 -3.09
CA MET A 113 -10.28 10.70 -4.46
C MET A 113 -10.72 12.02 -5.16
N LYS A 114 -11.26 12.95 -4.36
CA LYS A 114 -11.62 14.30 -4.85
C LYS A 114 -10.39 15.18 -5.03
N SER A 115 -9.32 14.91 -4.25
CA SER A 115 -8.02 15.63 -4.36
C SER A 115 -7.40 15.36 -5.75
N GLN A 116 -7.64 14.14 -6.25
CA GLN A 116 -7.11 13.67 -7.55
C GLN A 116 -7.83 14.32 -8.76
N GLU A 117 -8.87 15.16 -8.52
CA GLU A 117 -9.58 15.87 -9.61
C GLU A 117 -9.65 17.40 -9.41
N ARG A 118 -9.69 17.85 -8.14
CA ARG A 118 -9.86 19.29 -7.80
C ARG A 118 -8.58 20.10 -8.09
N TRP A 119 -7.41 19.45 -8.04
CA TRP A 119 -6.11 20.09 -8.32
C TRP A 119 -5.73 19.91 -9.80
N GLY A 120 -6.30 18.90 -10.46
CA GLY A 120 -6.05 18.64 -11.88
C GLY A 120 -6.63 17.31 -12.33
N ARG A 121 -6.60 17.08 -13.67
CA ARG A 121 -7.10 15.85 -14.34
C ARG A 121 -8.65 15.74 -14.27
N ARG A 122 -9.30 15.61 -15.44
CA ARG A 122 -10.77 15.50 -15.54
C ARG A 122 -11.26 14.14 -15.00
N ARG A 123 -12.00 14.20 -13.87
CA ARG A 123 -12.61 13.03 -13.21
C ARG A 123 -13.55 12.25 -14.17
N GLU A 124 -12.99 11.20 -14.76
CA GLU A 124 -13.72 10.30 -15.66
C GLU A 124 -13.43 8.85 -15.23
N SER A 125 -14.45 8.19 -14.68
CA SER A 125 -14.40 6.79 -14.23
C SER A 125 -15.70 6.09 -14.63
N LYS A 126 -16.84 6.81 -14.41
CA LYS A 126 -18.20 6.38 -14.80
C LYS A 126 -18.69 5.24 -13.88
N LYS A 127 -18.12 4.05 -14.10
CA LYS A 127 -18.34 2.86 -13.27
C LYS A 127 -17.21 2.76 -12.22
N LYS A 128 -17.48 2.07 -11.09
CA LYS A 128 -16.48 1.86 -10.02
C LYS A 128 -15.32 0.96 -10.52
N LYS A 129 -14.18 1.06 -9.84
CA LYS A 129 -12.92 0.37 -10.21
C LYS A 129 -12.62 -0.72 -9.16
N LEU A 130 -11.87 -1.78 -9.55
CA LEU A 130 -11.53 -2.88 -8.63
C LEU A 130 -10.46 -2.42 -7.64
N TRP A 131 -10.81 -2.40 -6.36
CA TRP A 131 -9.88 -2.13 -5.25
C TRP A 131 -9.61 -3.45 -4.50
N MET A 132 -8.52 -3.46 -3.73
CA MET A 132 -8.07 -4.65 -2.99
C MET A 132 -7.43 -4.24 -1.66
N ALA A 133 -7.87 -4.90 -0.58
CA ALA A 133 -7.42 -4.65 0.78
C ALA A 133 -6.40 -5.71 1.20
N ILE A 134 -5.13 -5.34 1.21
CA ILE A 134 -4.02 -6.23 1.54
C ILE A 134 -3.77 -6.15 3.06
N GLU A 135 -3.87 -7.28 3.79
CA GLU A 135 -3.60 -7.27 5.25
C GLU A 135 -2.09 -7.28 5.48
N LEU A 136 -1.57 -6.16 5.97
CA LEU A 136 -0.16 -6.02 6.32
C LEU A 136 0.06 -6.28 7.81
N GLU A 137 0.68 -7.41 8.13
CA GLU A 137 1.02 -7.79 9.52
C GLU A 137 2.52 -8.04 9.64
N ASP A 138 3.00 -8.23 10.87
CA ASP A 138 4.39 -8.63 11.19
C ASP A 138 5.39 -7.60 10.64
N VAL A 139 5.01 -6.31 10.79
CA VAL A 139 5.75 -5.19 10.20
C VAL A 139 7.10 -4.98 10.89
N LYS A 140 8.17 -5.33 10.16
CA LYS A 140 9.55 -5.27 10.66
C LYS A 140 10.22 -3.94 10.29
N LYS A 141 10.54 -3.12 11.30
CA LYS A 141 11.37 -1.91 11.13
C LYS A 141 12.83 -2.32 10.91
N TYR A 142 13.49 -1.67 9.95
CA TYR A 142 14.92 -1.86 9.71
C TYR A 142 15.74 -1.04 10.72
N ASP A 143 16.40 -1.76 11.64
CA ASP A 143 17.32 -1.20 12.65
C ASP A 143 18.53 -0.50 11.97
N LYS A 144 18.82 -0.90 10.73
CA LYS A 144 19.99 -0.47 9.97
C LYS A 144 19.55 0.11 8.60
N PRO A 145 20.32 1.10 8.05
CA PRO A 145 20.13 1.62 6.68
C PRO A 145 20.23 0.53 5.58
N ILE A 146 19.07 0.00 5.14
CA ILE A 146 18.99 -0.99 4.04
C ILE A 146 18.60 -0.28 2.74
N LYS A 147 19.58 -0.14 1.84
CA LYS A 147 19.38 0.57 0.57
C LYS A 147 18.53 -0.29 -0.40
N PRO A 148 17.73 0.34 -1.32
CA PRO A 148 16.98 -0.41 -2.34
C PRO A 148 17.90 -0.95 -3.45
N LYS A 149 17.36 -1.89 -4.23
CA LYS A 149 18.03 -2.43 -5.43
C LYS A 149 18.05 -1.32 -6.51
N ARG A 150 16.91 -0.59 -6.61
CA ARG A 150 16.74 0.54 -7.54
C ARG A 150 15.70 1.54 -7.01
N LEU A 151 15.52 2.63 -7.76
CA LEU A 151 14.49 3.66 -7.49
C LEU A 151 13.07 3.04 -7.45
N VAL A 152 12.30 3.40 -6.41
CA VAL A 152 10.91 2.91 -6.22
C VAL A 152 9.94 4.12 -6.23
N PRO A 153 9.27 4.42 -7.41
CA PRO A 153 8.29 5.55 -7.52
C PRO A 153 6.93 5.22 -6.86
N VAL A 154 5.98 6.16 -6.99
CA VAL A 154 4.64 6.08 -6.34
C VAL A 154 3.81 4.87 -6.87
N GLY A 155 4.10 4.44 -8.11
CA GLY A 155 3.49 3.25 -8.70
C GLY A 155 4.02 1.95 -8.10
N GLY A 156 5.22 2.03 -7.48
CA GLY A 156 5.82 0.93 -6.73
C GLY A 156 6.47 -0.12 -7.64
N GLN A 157 7.55 -0.78 -7.15
CA GLN A 157 8.27 -1.83 -7.90
C GLN A 157 7.95 -3.19 -7.29
N TYR A 158 7.99 -4.25 -8.11
CA TYR A 158 7.82 -5.63 -7.62
C TYR A 158 9.18 -6.21 -7.23
N LEU A 159 9.28 -6.65 -5.97
CA LEU A 159 10.46 -7.27 -5.40
C LEU A 159 10.37 -8.79 -5.66
N ARG A 160 11.30 -9.33 -6.44
CA ARG A 160 11.35 -10.78 -6.74
C ARG A 160 12.76 -11.30 -6.47
N GLU A 161 12.87 -12.37 -5.67
CA GLU A 161 14.18 -12.85 -5.20
C GLU A 161 14.14 -14.37 -4.94
N MET A 23 12.62 -13.56 -11.77
CA MET A 23 12.20 -14.57 -10.76
C MET A 23 10.67 -14.51 -10.59
N SER A 24 9.96 -15.39 -11.33
CA SER A 24 8.47 -15.45 -11.34
C SER A 24 7.90 -15.89 -9.98
N LYS A 25 8.77 -16.47 -9.13
CA LYS A 25 8.43 -16.85 -7.74
C LYS A 25 8.05 -15.63 -6.89
N ILE A 26 8.60 -14.45 -7.25
CA ILE A 26 8.43 -13.18 -6.50
C ILE A 26 9.07 -13.34 -5.08
N VAL A 27 8.83 -12.39 -4.18
CA VAL A 27 8.91 -12.57 -2.71
C VAL A 27 7.88 -11.62 -2.08
N GLY A 28 7.82 -10.38 -2.62
CA GLY A 28 6.84 -9.38 -2.21
C GLY A 28 6.80 -8.18 -3.14
N VAL A 29 6.21 -7.07 -2.65
CA VAL A 29 6.21 -5.78 -3.37
C VAL A 29 6.80 -4.70 -2.45
N THR A 30 7.32 -3.62 -3.05
CA THR A 30 7.84 -2.45 -2.31
C THR A 30 7.15 -1.17 -2.83
N TYR A 31 6.68 -0.32 -1.90
CA TYR A 31 5.97 0.92 -2.23
C TYR A 31 6.57 2.11 -1.46
N PRO A 32 6.78 3.27 -2.16
CA PRO A 32 7.11 4.55 -1.54
C PRO A 32 5.83 5.37 -1.30
N ILE A 33 5.12 4.99 -0.23
CA ILE A 33 3.81 5.58 0.10
C ILE A 33 3.96 7.11 0.32
N PRO A 34 3.41 7.95 -0.63
CA PRO A 34 3.61 9.43 -0.62
C PRO A 34 2.61 10.15 0.31
N LYS A 35 2.22 9.44 1.37
CA LYS A 35 1.36 9.92 2.44
C LYS A 35 1.97 9.52 3.79
N ARG A 36 1.75 10.35 4.82
CA ARG A 36 2.26 10.14 6.18
C ARG A 36 1.67 8.85 6.81
N PHE A 37 0.58 8.33 6.21
CA PHE A 37 -0.17 7.15 6.71
C PHE A 37 0.60 5.82 6.50
N MET A 38 1.87 5.91 6.04
CA MET A 38 2.82 4.78 6.08
C MET A 38 3.21 4.45 7.55
N ASP A 39 3.07 5.47 8.45
CA ASP A 39 3.36 5.35 9.90
C ASP A 39 2.43 4.32 10.55
N ARG A 40 1.22 4.19 9.98
CA ARG A 40 0.12 3.36 10.51
C ARG A 40 0.56 1.91 10.67
N PHE A 41 1.30 1.41 9.67
CA PHE A 41 1.79 0.02 9.65
C PHE A 41 2.79 -0.19 10.82
N PHE A 42 3.54 0.87 11.16
CA PHE A 42 4.56 0.85 12.22
C PHE A 42 3.94 1.21 13.59
N LYS A 43 2.71 1.75 13.58
CA LYS A 43 1.99 2.17 14.79
C LYS A 43 1.29 0.97 15.44
N LYS A 44 0.47 0.27 14.65
CA LYS A 44 -0.51 -0.72 15.16
C LYS A 44 -0.02 -2.17 15.02
N GLY A 45 1.11 -2.37 14.30
CA GLY A 45 1.71 -3.70 14.14
C GLY A 45 1.11 -4.50 12.98
N LYS A 46 -0.22 -4.45 12.85
CA LYS A 46 -0.95 -5.02 11.71
C LYS A 46 -1.91 -3.98 11.13
N ASP A 47 -1.54 -3.44 9.96
CA ASP A 47 -2.35 -2.48 9.19
C ASP A 47 -2.91 -3.19 7.93
N VAL A 48 -3.63 -2.46 7.06
CA VAL A 48 -4.16 -2.96 5.78
C VAL A 48 -3.93 -1.90 4.68
N PHE A 49 -3.07 -2.23 3.69
CA PHE A 49 -2.76 -1.35 2.53
C PHE A 49 -3.82 -1.54 1.42
N VAL A 50 -4.65 -0.52 1.20
CA VAL A 50 -5.63 -0.53 0.09
C VAL A 50 -5.05 0.21 -1.15
N LYS A 51 -5.17 -0.42 -2.32
CA LYS A 51 -4.72 0.12 -3.60
C LYS A 51 -5.82 -0.10 -4.64
N PRO A 52 -6.23 0.94 -5.44
CA PRO A 52 -7.06 0.73 -6.65
C PRO A 52 -6.29 -0.15 -7.65
N ALA A 53 -6.57 -1.48 -7.58
CA ALA A 53 -5.77 -2.60 -8.15
C ALA A 53 -4.96 -2.26 -9.44
N THR A 54 -3.81 -1.61 -9.22
CA THR A 54 -2.81 -1.32 -10.25
C THR A 54 -1.72 -2.40 -10.21
N VAL A 55 -1.50 -2.93 -9.00
CA VAL A 55 -0.46 -3.93 -8.72
C VAL A 55 -0.84 -5.26 -9.42
N TRP A 56 0.16 -5.99 -9.95
CA TRP A 56 -0.05 -7.20 -10.78
C TRP A 56 -0.64 -8.37 -9.97
N LYS A 57 -1.08 -9.40 -10.71
CA LYS A 57 -1.60 -10.68 -10.18
C LYS A 57 -0.58 -11.44 -9.28
N GLU A 58 0.69 -11.00 -9.30
CA GLU A 58 1.78 -11.57 -8.48
C GLU A 58 1.53 -11.39 -6.96
N LEU A 59 0.62 -10.46 -6.62
CA LEU A 59 0.25 -10.19 -5.23
C LEU A 59 -0.63 -11.34 -4.67
N LYS A 60 -0.01 -12.24 -3.90
CA LYS A 60 -0.73 -13.33 -3.21
C LYS A 60 -0.77 -13.05 -1.69
N PRO A 61 -1.80 -13.55 -0.94
CA PRO A 61 -1.89 -13.36 0.53
C PRO A 61 -0.91 -14.29 1.29
N GLY A 62 0.36 -13.85 1.39
CA GLY A 62 1.42 -14.61 2.07
C GLY A 62 2.80 -14.26 1.55
N MET A 63 3.03 -12.95 1.35
CA MET A 63 4.32 -12.41 0.85
C MET A 63 4.91 -11.40 1.86
N LYS A 64 5.80 -10.52 1.37
CA LYS A 64 6.35 -9.39 2.15
C LYS A 64 6.04 -8.06 1.46
N PHE A 65 6.08 -6.97 2.23
CA PHE A 65 5.84 -5.61 1.72
C PHE A 65 6.88 -4.68 2.32
N VAL A 66 7.92 -4.37 1.55
CA VAL A 66 8.99 -3.47 2.00
C VAL A 66 8.56 -2.00 1.78
N PHE A 67 8.61 -1.22 2.86
CA PHE A 67 8.25 0.21 2.83
C PHE A 67 9.51 1.04 2.53
N TYR A 68 9.48 1.71 1.37
CA TYR A 68 10.58 2.56 0.87
C TYR A 68 10.26 4.04 1.14
N GLN A 69 10.71 4.57 2.27
CA GLN A 69 10.57 5.99 2.60
C GLN A 69 11.58 6.80 1.78
N SER A 70 11.12 7.34 0.64
CA SER A 70 11.94 8.22 -0.23
C SER A 70 11.87 9.69 0.31
N HIS A 71 12.16 9.83 1.61
CA HIS A 71 11.97 11.08 2.38
C HIS A 71 12.82 11.04 3.68
N GLU A 72 13.87 10.19 3.68
CA GLU A 72 14.74 10.01 4.87
C GLU A 72 16.22 10.10 4.49
N ASP A 73 16.78 9.00 3.95
CA ASP A 73 18.23 8.87 3.68
C ASP A 73 18.48 7.65 2.77
N THR A 74 18.50 6.45 3.37
CA THR A 74 18.79 5.20 2.64
C THR A 74 17.56 4.75 1.83
N GLY A 75 16.38 4.87 2.43
CA GLY A 75 15.12 4.56 1.75
C GLY A 75 14.27 3.61 2.55
N PHE A 76 14.71 2.35 2.63
CA PHE A 76 13.98 1.26 3.32
C PHE A 76 13.81 1.58 4.83
N VAL A 77 12.63 2.14 5.16
CA VAL A 77 12.23 2.47 6.54
C VAL A 77 11.82 1.20 7.30
N GLY A 78 11.21 0.26 6.56
CA GLY A 78 10.77 -0.99 7.15
C GLY A 78 10.26 -1.97 6.13
N GLU A 79 9.58 -3.00 6.63
CA GLU A 79 8.94 -4.04 5.82
C GLU A 79 7.71 -4.56 6.57
N ALA A 80 7.00 -5.50 5.97
CA ALA A 80 5.87 -6.20 6.58
C ALA A 80 5.63 -7.52 5.87
N ARG A 81 4.55 -8.21 6.25
CA ARG A 81 4.18 -9.50 5.66
C ARG A 81 2.73 -9.46 5.16
N ILE A 82 2.58 -9.61 3.84
CA ILE A 82 1.30 -9.57 3.13
C ILE A 82 0.41 -10.77 3.51
N LYS A 83 -0.87 -10.47 3.70
CA LYS A 83 -1.93 -11.39 4.16
C LYS A 83 -3.23 -11.09 3.38
N ARG A 84 -4.35 -11.70 3.82
CA ARG A 84 -5.67 -11.75 3.10
C ARG A 84 -5.96 -10.51 2.21
N VAL A 85 -6.02 -10.74 0.89
CA VAL A 85 -6.26 -9.67 -0.10
C VAL A 85 -7.77 -9.67 -0.51
N VAL A 86 -8.49 -8.63 -0.05
CA VAL A 86 -9.93 -8.47 -0.28
C VAL A 86 -10.17 -7.63 -1.55
N LEU A 87 -10.65 -8.27 -2.62
CA LEU A 87 -10.94 -7.60 -3.89
C LEU A 87 -12.39 -7.06 -3.87
N SER A 88 -12.54 -5.73 -3.96
CA SER A 88 -13.84 -5.06 -4.03
C SER A 88 -13.70 -3.73 -4.78
N GLU A 89 -14.66 -3.46 -5.68
CA GLU A 89 -14.75 -2.17 -6.37
C GLU A 89 -15.04 -1.02 -5.38
N ASN A 90 -15.61 -1.37 -4.21
CA ASN A 90 -15.88 -0.41 -3.13
C ASN A 90 -14.64 -0.29 -2.23
N PRO A 91 -14.04 0.94 -2.10
CA PRO A 91 -13.02 1.22 -1.06
C PRO A 91 -13.65 1.31 0.36
N MET A 92 -14.99 1.30 0.40
CA MET A 92 -15.79 1.48 1.62
C MET A 92 -16.06 0.14 2.33
N GLN A 93 -16.06 -0.97 1.54
CA GLN A 93 -16.20 -2.34 2.11
C GLN A 93 -14.96 -2.73 2.93
N PHE A 94 -13.83 -2.05 2.66
CA PHE A 94 -12.59 -2.23 3.43
C PHE A 94 -12.71 -1.57 4.81
N PHE A 95 -13.64 -0.59 4.95
CA PHE A 95 -13.87 0.13 6.21
C PHE A 95 -14.94 -0.57 7.06
N GLU A 96 -15.88 -1.30 6.42
CA GLU A 96 -16.85 -2.14 7.18
C GLU A 96 -16.18 -3.43 7.68
N THR A 97 -15.14 -3.89 6.95
CA THR A 97 -14.39 -5.11 7.30
C THR A 97 -13.26 -4.78 8.30
N PHE A 98 -12.32 -3.92 7.89
CA PHE A 98 -11.10 -3.61 8.65
C PHE A 98 -11.25 -2.26 9.37
N GLY A 99 -11.42 -1.19 8.58
CA GLY A 99 -11.71 0.14 9.11
C GLY A 99 -10.48 0.86 9.66
N ASP A 100 -10.19 0.62 10.95
CA ASP A 100 -9.08 1.29 11.64
C ASP A 100 -7.79 0.48 11.43
N ARG A 101 -7.94 -0.75 10.92
CA ARG A 101 -6.82 -1.56 10.44
C ARG A 101 -6.24 -0.95 9.16
N VAL A 102 -7.10 -0.35 8.31
CA VAL A 102 -6.67 0.31 7.06
C VAL A 102 -5.83 1.58 7.38
N PHE A 103 -4.84 1.90 6.51
CA PHE A 103 -3.91 3.04 6.72
C PHE A 103 -4.61 4.41 6.73
N LEU A 104 -5.79 4.48 6.12
CA LEU A 104 -6.62 5.70 6.10
C LEU A 104 -8.06 5.35 6.48
N THR A 105 -8.84 6.36 6.87
CA THR A 105 -10.26 6.18 7.21
C THR A 105 -11.14 6.75 6.08
N LYS A 106 -12.48 6.72 6.27
CA LYS A 106 -13.46 7.24 5.27
C LYS A 106 -13.17 8.73 4.94
N ASP A 107 -12.88 9.51 5.99
CA ASP A 107 -12.59 10.96 5.89
C ASP A 107 -11.36 11.23 5.01
N GLU A 108 -10.27 10.47 5.22
CA GLU A 108 -9.08 10.56 4.33
C GLU A 108 -9.44 10.19 2.90
N LEU A 109 -10.17 9.06 2.75
CA LEU A 109 -10.54 8.52 1.43
C LEU A 109 -11.31 9.55 0.59
N LYS A 110 -12.36 10.16 1.20
CA LYS A 110 -13.25 11.09 0.49
C LYS A 110 -12.49 12.34 0.04
N GLU A 111 -11.67 12.93 0.94
CA GLU A 111 -10.91 14.17 0.64
C GLU A 111 -9.73 13.87 -0.31
N TYR A 112 -9.25 12.60 -0.29
CA TYR A 112 -8.15 12.14 -1.15
C TYR A 112 -8.62 12.03 -2.60
N MET A 113 -9.77 11.36 -2.79
CA MET A 113 -10.38 11.16 -4.13
C MET A 113 -10.85 12.50 -4.71
N LYS A 114 -11.44 13.35 -3.83
CA LYS A 114 -11.88 14.71 -4.21
C LYS A 114 -10.69 15.59 -4.61
N SER A 115 -9.54 15.40 -3.95
CA SER A 115 -8.30 16.14 -4.28
C SER A 115 -7.82 15.79 -5.71
N GLN A 116 -7.98 14.51 -6.11
CA GLN A 116 -7.52 14.01 -7.42
C GLN A 116 -8.37 14.57 -8.57
N GLU A 117 -9.70 14.61 -8.34
CA GLU A 117 -10.69 14.95 -9.38
C GLU A 117 -10.82 16.47 -9.60
N ARG A 118 -10.10 17.29 -8.79
CA ARG A 118 -10.11 18.76 -8.92
C ARG A 118 -8.73 19.31 -9.32
N TRP A 119 -7.64 18.74 -8.74
CA TRP A 119 -6.26 19.20 -9.04
C TRP A 119 -5.76 18.54 -10.33
N GLY A 120 -6.01 17.23 -10.47
CA GLY A 120 -5.79 16.52 -11.73
C GLY A 120 -6.94 16.81 -12.69
N ARG A 121 -7.93 15.90 -12.68
CA ARG A 121 -9.21 16.05 -13.42
C ARG A 121 -10.10 14.84 -13.08
N ARG A 122 -11.43 15.04 -13.14
CA ARG A 122 -12.41 14.02 -12.73
C ARG A 122 -12.69 12.96 -13.82
N ARG A 123 -13.42 11.91 -13.41
CA ARG A 123 -13.95 10.87 -14.32
C ARG A 123 -15.45 11.11 -14.57
N GLU A 124 -15.88 12.38 -14.35
CA GLU A 124 -17.29 12.82 -14.35
C GLU A 124 -18.16 11.92 -13.44
N SER A 125 -18.71 10.83 -14.01
CA SER A 125 -19.48 9.82 -13.29
C SER A 125 -19.78 8.65 -14.24
N LYS A 126 -19.56 7.41 -13.78
CA LYS A 126 -19.83 6.18 -14.55
C LYS A 126 -20.17 5.07 -13.56
N LYS A 127 -19.17 4.64 -12.78
CA LYS A 127 -19.31 3.62 -11.74
C LYS A 127 -18.18 3.80 -10.71
N LYS A 128 -17.06 3.06 -10.93
CA LYS A 128 -15.83 3.09 -10.09
C LYS A 128 -14.77 2.16 -10.75
N LYS A 129 -13.76 1.74 -9.96
CA LYS A 129 -12.74 0.78 -10.42
C LYS A 129 -12.55 -0.31 -9.34
N LEU A 130 -11.90 -1.42 -9.73
CA LEU A 130 -11.58 -2.54 -8.80
C LEU A 130 -10.44 -2.10 -7.84
N TRP A 131 -10.78 -2.01 -6.54
CA TRP A 131 -9.81 -1.76 -5.45
C TRP A 131 -9.48 -3.09 -4.74
N MET A 132 -8.37 -3.12 -4.00
CA MET A 132 -7.96 -4.33 -3.25
C MET A 132 -7.34 -3.93 -1.90
N ALA A 133 -7.68 -4.71 -0.86
CA ALA A 133 -7.21 -4.50 0.51
C ALA A 133 -6.24 -5.61 0.89
N ILE A 134 -4.95 -5.29 0.88
CA ILE A 134 -3.89 -6.21 1.27
C ILE A 134 -3.70 -6.08 2.79
N GLU A 135 -3.84 -7.18 3.55
CA GLU A 135 -3.62 -7.14 5.01
C GLU A 135 -2.11 -7.23 5.30
N LEU A 136 -1.59 -6.31 6.12
CA LEU A 136 -0.16 -6.23 6.43
C LEU A 136 0.09 -6.47 7.93
N GLU A 137 0.66 -7.64 8.25
CA GLU A 137 1.03 -7.99 9.65
C GLU A 137 2.55 -7.92 9.82
N ASP A 138 2.99 -8.04 11.10
CA ASP A 138 4.40 -8.26 11.47
C ASP A 138 5.32 -7.17 10.86
N VAL A 139 4.79 -5.92 10.85
CA VAL A 139 5.45 -4.80 10.19
C VAL A 139 6.77 -4.43 10.89
N LYS A 140 7.88 -4.89 10.29
CA LYS A 140 9.18 -4.89 10.92
C LYS A 140 10.00 -3.67 10.49
N LYS A 141 10.22 -2.76 11.45
CA LYS A 141 11.03 -1.55 11.25
C LYS A 141 12.51 -1.92 11.00
N TYR A 142 13.05 -1.47 9.85
CA TYR A 142 14.47 -1.61 9.52
C TYR A 142 15.28 -0.59 10.31
N ASP A 143 15.66 -0.98 11.53
CA ASP A 143 16.57 -0.21 12.40
C ASP A 143 17.97 -0.16 11.74
N LYS A 144 18.29 -1.23 11.00
CA LYS A 144 19.45 -1.28 10.11
C LYS A 144 19.10 -0.59 8.76
N PRO A 145 19.96 0.33 8.24
CA PRO A 145 19.71 1.03 6.96
C PRO A 145 20.03 0.11 5.75
N ILE A 146 19.05 -0.73 5.36
CA ILE A 146 19.20 -1.66 4.23
C ILE A 146 19.12 -0.88 2.90
N LYS A 147 20.14 -1.08 2.05
CA LYS A 147 20.28 -0.38 0.78
C LYS A 147 19.26 -0.93 -0.27
N PRO A 148 18.50 -0.03 -0.95
CA PRO A 148 17.69 -0.41 -2.12
C PRO A 148 18.59 -0.71 -3.34
N LYS A 149 18.16 -1.69 -4.16
CA LYS A 149 18.91 -2.14 -5.36
C LYS A 149 18.60 -1.22 -6.57
N ARG A 150 17.64 -0.29 -6.38
CA ARG A 150 17.25 0.73 -7.38
C ARG A 150 16.36 1.79 -6.70
N LEU A 151 15.96 2.81 -7.48
CA LEU A 151 14.88 3.72 -7.08
C LEU A 151 13.54 3.00 -7.19
N VAL A 152 12.67 3.20 -6.19
CA VAL A 152 11.28 2.75 -6.23
C VAL A 152 10.39 4.00 -6.45
N PRO A 153 9.91 4.27 -7.70
CA PRO A 153 8.92 5.36 -7.98
C PRO A 153 7.53 5.05 -7.38
N VAL A 154 6.62 6.05 -7.38
CA VAL A 154 5.29 5.97 -6.71
C VAL A 154 4.39 4.83 -7.25
N GLY A 155 4.69 4.34 -8.47
CA GLY A 155 3.98 3.18 -9.05
C GLY A 155 4.29 1.87 -8.33
N GLY A 156 5.44 1.84 -7.64
CA GLY A 156 5.90 0.68 -6.86
C GLY A 156 6.72 -0.28 -7.71
N GLN A 157 7.71 -0.94 -7.07
CA GLN A 157 8.51 -2.00 -7.71
C GLN A 157 8.12 -3.36 -7.11
N TYR A 158 8.22 -4.42 -7.92
CA TYR A 158 8.00 -5.79 -7.47
C TYR A 158 9.34 -6.40 -7.04
N LEU A 159 9.41 -6.81 -5.77
CA LEU A 159 10.58 -7.49 -5.21
C LEU A 159 10.44 -8.98 -5.53
N ARG A 160 11.43 -9.55 -6.22
CA ARG A 160 11.47 -10.98 -6.55
C ARG A 160 12.88 -11.53 -6.28
N GLU A 161 12.97 -12.66 -5.54
CA GLU A 161 14.27 -13.16 -5.07
C GLU A 161 14.22 -14.70 -4.85
N MET A 23 14.97 -13.14 -7.84
CA MET A 23 14.63 -14.17 -8.86
C MET A 23 13.11 -14.31 -9.02
N SER A 24 12.70 -14.88 -10.17
CA SER A 24 11.28 -14.99 -10.61
C SER A 24 10.37 -15.81 -9.65
N LYS A 25 10.98 -16.44 -8.62
CA LYS A 25 10.25 -17.04 -7.47
C LYS A 25 9.45 -15.99 -6.67
N ILE A 26 9.72 -14.67 -6.93
CA ILE A 26 9.10 -13.52 -6.23
C ILE A 26 9.60 -13.50 -4.76
N VAL A 27 9.12 -12.53 -3.97
CA VAL A 27 9.04 -12.59 -2.50
C VAL A 27 7.83 -11.74 -2.07
N GLY A 28 7.76 -10.52 -2.63
CA GLY A 28 6.73 -9.55 -2.27
C GLY A 28 6.67 -8.35 -3.20
N VAL A 29 6.05 -7.28 -2.72
CA VAL A 29 6.04 -5.97 -3.40
C VAL A 29 6.72 -4.95 -2.48
N THR A 30 7.14 -3.81 -3.05
CA THR A 30 7.74 -2.71 -2.30
C THR A 30 7.10 -1.39 -2.77
N TYR A 31 6.77 -0.52 -1.79
CA TYR A 31 6.11 0.77 -2.03
C TYR A 31 6.77 1.88 -1.19
N PRO A 32 6.85 3.14 -1.72
CA PRO A 32 7.40 4.29 -0.97
C PRO A 32 6.48 4.74 0.17
N ILE A 33 5.15 4.60 -0.04
CA ILE A 33 4.11 5.18 0.81
C ILE A 33 4.38 6.72 0.96
N PRO A 34 4.02 7.56 -0.09
CA PRO A 34 4.31 9.02 -0.11
C PRO A 34 3.31 9.84 0.74
N LYS A 35 2.96 9.30 1.92
CA LYS A 35 2.02 9.88 2.89
C LYS A 35 2.57 9.71 4.30
N ARG A 36 2.07 10.54 5.23
CA ARG A 36 2.43 10.49 6.66
C ARG A 36 1.81 9.25 7.35
N PHE A 37 0.89 8.58 6.62
CA PHE A 37 0.21 7.35 7.07
C PHE A 37 1.10 6.09 6.89
N MET A 38 2.40 6.32 6.60
CA MET A 38 3.45 5.29 6.66
C MET A 38 3.60 4.78 8.10
N ASP A 39 3.42 5.71 9.08
CA ASP A 39 3.55 5.43 10.53
C ASP A 39 2.52 4.40 11.02
N ARG A 40 1.37 4.32 10.33
CA ARG A 40 0.28 3.34 10.63
C ARG A 40 0.83 1.91 10.75
N PHE A 41 1.65 1.54 9.75
CA PHE A 41 2.21 0.18 9.65
C PHE A 41 3.21 -0.10 10.79
N PHE A 42 3.83 0.98 11.30
CA PHE A 42 4.83 0.88 12.40
C PHE A 42 4.20 1.31 13.74
N LYS A 43 2.87 1.54 13.74
CA LYS A 43 2.08 1.85 14.94
C LYS A 43 1.48 0.56 15.51
N LYS A 44 0.70 -0.18 14.69
CA LYS A 44 -0.02 -1.40 15.15
C LYS A 44 0.56 -2.69 14.55
N GLY A 45 1.31 -2.57 13.43
CA GLY A 45 1.99 -3.72 12.79
C GLY A 45 1.06 -4.85 12.34
N LYS A 46 -0.16 -4.50 11.93
CA LYS A 46 -1.23 -5.45 11.54
C LYS A 46 -2.30 -4.72 10.70
N ASP A 47 -1.81 -3.87 9.81
CA ASP A 47 -2.63 -2.94 9.02
C ASP A 47 -3.26 -3.61 7.80
N VAL A 48 -3.86 -2.78 6.96
CA VAL A 48 -4.44 -3.18 5.68
C VAL A 48 -4.18 -2.04 4.68
N PHE A 49 -3.29 -2.30 3.70
CA PHE A 49 -2.97 -1.34 2.63
C PHE A 49 -3.97 -1.52 1.49
N VAL A 50 -4.85 -0.53 1.28
CA VAL A 50 -5.81 -0.55 0.17
C VAL A 50 -5.17 -0.05 -1.13
N LYS A 51 -5.52 -0.72 -2.22
CA LYS A 51 -4.92 -0.56 -3.54
C LYS A 51 -6.03 -0.47 -4.62
N PRO A 52 -6.11 0.64 -5.42
CA PRO A 52 -7.05 0.75 -6.58
C PRO A 52 -6.53 -0.02 -7.84
N ALA A 53 -6.23 -1.33 -7.65
CA ALA A 53 -5.81 -2.28 -8.72
C ALA A 53 -4.53 -1.85 -9.51
N THR A 54 -3.68 -0.97 -8.93
CA THR A 54 -2.40 -0.56 -9.57
C THR A 54 -1.44 -1.78 -9.70
N VAL A 55 -1.49 -2.67 -8.68
CA VAL A 55 -0.76 -3.96 -8.68
C VAL A 55 -1.78 -5.12 -8.55
N TRP A 56 -1.45 -6.28 -9.13
CA TRP A 56 -2.34 -7.46 -9.17
C TRP A 56 -1.56 -8.71 -9.62
N LYS A 57 -0.81 -8.54 -10.74
CA LYS A 57 -0.13 -9.64 -11.50
C LYS A 57 0.53 -10.70 -10.61
N GLU A 58 1.37 -10.25 -9.67
CA GLU A 58 2.15 -11.11 -8.78
C GLU A 58 1.60 -11.04 -7.34
N LEU A 59 0.71 -10.04 -7.06
CA LEU A 59 0.15 -9.80 -5.72
C LEU A 59 -0.81 -10.95 -5.33
N LYS A 60 -0.44 -11.70 -4.28
CA LYS A 60 -1.24 -12.81 -3.74
C LYS A 60 -1.08 -12.84 -2.21
N PRO A 61 -2.09 -13.34 -1.43
CA PRO A 61 -2.00 -13.46 0.04
C PRO A 61 -1.00 -14.57 0.46
N GLY A 62 0.20 -14.16 0.89
CA GLY A 62 1.29 -15.09 1.26
C GLY A 62 2.69 -14.50 0.98
N MET A 63 2.71 -13.33 0.33
CA MET A 63 3.94 -12.60 -0.03
C MET A 63 4.44 -11.74 1.16
N LYS A 64 5.42 -10.87 0.89
CA LYS A 64 5.85 -9.81 1.82
C LYS A 64 5.57 -8.43 1.22
N PHE A 65 5.63 -7.39 2.05
CA PHE A 65 5.46 -5.99 1.63
C PHE A 65 6.55 -5.14 2.30
N VAL A 66 7.63 -4.85 1.58
CA VAL A 66 8.71 -4.01 2.07
C VAL A 66 8.37 -2.53 1.84
N PHE A 67 8.31 -1.77 2.94
CA PHE A 67 8.04 -0.35 2.90
C PHE A 67 9.35 0.39 2.64
N TYR A 68 9.55 0.80 1.38
CA TYR A 68 10.58 1.77 1.01
C TYR A 68 10.22 3.10 1.69
N GLN A 69 11.18 3.73 2.37
CA GLN A 69 10.93 5.02 3.02
C GLN A 69 10.90 6.13 1.95
N SER A 70 9.70 6.67 1.69
CA SER A 70 9.52 7.87 0.85
C SER A 70 10.18 9.07 1.53
N HIS A 71 11.49 9.25 1.26
CA HIS A 71 12.29 10.33 1.84
C HIS A 71 13.07 11.03 0.72
N GLU A 72 14.30 10.55 0.44
CA GLU A 72 15.23 11.17 -0.54
C GLU A 72 16.21 10.09 -1.05
N ASP A 73 17.25 9.79 -0.24
CA ASP A 73 18.30 8.83 -0.59
C ASP A 73 18.04 7.53 0.17
N THR A 74 18.02 7.64 1.50
CA THR A 74 17.76 6.53 2.41
C THR A 74 16.31 6.04 2.25
N GLY A 75 16.16 4.71 2.14
CA GLY A 75 14.89 4.07 2.00
C GLY A 75 14.75 2.87 2.92
N PHE A 76 13.77 2.02 2.59
CA PHE A 76 13.48 0.78 3.34
C PHE A 76 13.36 1.03 4.85
N VAL A 77 12.27 1.74 5.23
CA VAL A 77 11.97 2.02 6.65
C VAL A 77 11.65 0.71 7.37
N GLY A 78 10.94 -0.20 6.69
CA GLY A 78 10.60 -1.50 7.24
C GLY A 78 10.10 -2.46 6.20
N GLU A 79 9.52 -3.56 6.65
CA GLU A 79 8.92 -4.59 5.80
C GLU A 79 7.71 -5.18 6.51
N ALA A 80 7.03 -6.12 5.86
CA ALA A 80 5.84 -6.78 6.40
C ALA A 80 5.53 -8.04 5.59
N ARG A 81 4.36 -8.67 5.86
CA ARG A 81 3.91 -9.90 5.19
C ARG A 81 2.47 -9.68 4.69
N ILE A 82 2.30 -9.86 3.37
CA ILE A 82 1.00 -9.77 2.69
C ILE A 82 0.16 -11.02 2.99
N LYS A 83 -1.09 -10.76 3.37
CA LYS A 83 -2.10 -11.76 3.76
C LYS A 83 -3.46 -11.34 3.16
N ARG A 84 -4.57 -11.95 3.67
CA ARG A 84 -5.97 -11.86 3.13
C ARG A 84 -6.26 -10.58 2.31
N VAL A 85 -6.44 -10.75 0.99
CA VAL A 85 -6.73 -9.64 0.08
C VAL A 85 -8.26 -9.61 -0.19
N VAL A 86 -8.93 -8.58 0.36
CA VAL A 86 -10.38 -8.42 0.27
C VAL A 86 -10.71 -7.59 -0.98
N LEU A 87 -11.29 -8.25 -1.98
CA LEU A 87 -11.64 -7.64 -3.26
C LEU A 87 -13.03 -7.00 -3.18
N SER A 88 -13.09 -5.68 -3.38
CA SER A 88 -14.34 -4.92 -3.48
C SER A 88 -14.11 -3.66 -4.31
N GLU A 89 -15.03 -3.39 -5.23
CA GLU A 89 -15.01 -2.17 -6.04
C GLU A 89 -15.36 -0.93 -5.17
N ASN A 90 -15.96 -1.18 -3.98
CA ASN A 90 -16.21 -0.13 -2.98
C ASN A 90 -15.01 -0.07 -2.02
N PRO A 91 -14.30 1.09 -1.94
CA PRO A 91 -13.25 1.31 -0.92
C PRO A 91 -13.84 1.44 0.51
N MET A 92 -15.18 1.57 0.59
CA MET A 92 -15.91 1.79 1.86
C MET A 92 -16.13 0.46 2.60
N GLN A 93 -16.19 -0.66 1.85
CA GLN A 93 -16.35 -2.00 2.44
C GLN A 93 -15.11 -2.39 3.27
N PHE A 94 -13.97 -1.79 2.95
CA PHE A 94 -12.70 -2.04 3.68
C PHE A 94 -12.73 -1.35 5.06
N PHE A 95 -13.54 -0.28 5.18
CA PHE A 95 -13.70 0.46 6.45
C PHE A 95 -14.68 -0.27 7.39
N GLU A 96 -15.75 -0.86 6.82
CA GLU A 96 -16.70 -1.64 7.64
C GLU A 96 -16.11 -3.01 8.06
N THR A 97 -15.20 -3.56 7.22
CA THR A 97 -14.54 -4.84 7.49
C THR A 97 -13.37 -4.66 8.47
N PHE A 98 -12.52 -3.64 8.21
CA PHE A 98 -11.31 -3.37 9.02
C PHE A 98 -11.44 -1.99 9.71
N GLY A 99 -11.43 -0.92 8.90
CA GLY A 99 -11.54 0.46 9.40
C GLY A 99 -10.26 0.97 10.01
N ASP A 100 -10.03 0.58 11.27
CA ASP A 100 -8.84 0.98 12.06
C ASP A 100 -7.54 0.52 11.37
N ARG A 101 -7.56 -0.74 10.88
CA ARG A 101 -6.39 -1.36 10.24
C ARG A 101 -6.01 -0.68 8.92
N VAL A 102 -7.02 -0.12 8.21
CA VAL A 102 -6.78 0.60 6.95
C VAL A 102 -5.97 1.89 7.26
N PHE A 103 -4.88 2.11 6.49
CA PHE A 103 -3.86 3.15 6.78
C PHE A 103 -4.43 4.59 6.76
N LEU A 104 -5.56 4.78 6.07
CA LEU A 104 -6.28 6.06 6.04
C LEU A 104 -7.76 5.80 6.39
N THR A 105 -8.50 6.86 6.79
CA THR A 105 -9.94 6.71 7.13
C THR A 105 -10.81 7.11 5.93
N LYS A 106 -12.14 7.02 6.09
CA LYS A 106 -13.10 7.33 5.02
C LYS A 106 -13.02 8.82 4.60
N ASP A 107 -12.69 9.70 5.58
CA ASP A 107 -12.50 11.14 5.34
C ASP A 107 -11.27 11.39 4.46
N GLU A 108 -10.17 10.70 4.80
CA GLU A 108 -8.94 10.72 3.97
C GLU A 108 -9.20 10.16 2.57
N LEU A 109 -10.09 9.14 2.46
CA LEU A 109 -10.46 8.56 1.17
C LEU A 109 -11.18 9.59 0.28
N LYS A 110 -12.24 10.22 0.83
CA LYS A 110 -13.10 11.13 0.04
C LYS A 110 -12.35 12.39 -0.40
N GLU A 111 -11.50 12.95 0.50
CA GLU A 111 -10.67 14.14 0.17
C GLU A 111 -9.59 13.74 -0.84
N TYR A 112 -9.08 12.48 -0.73
CA TYR A 112 -8.04 11.92 -1.63
C TYR A 112 -8.57 11.85 -3.06
N MET A 113 -9.78 11.30 -3.23
CA MET A 113 -10.43 11.15 -4.55
C MET A 113 -10.76 12.55 -5.14
N LYS A 114 -11.07 13.52 -4.25
CA LYS A 114 -11.30 14.92 -4.66
C LYS A 114 -9.98 15.60 -5.08
N SER A 115 -8.88 15.23 -4.40
CA SER A 115 -7.55 15.78 -4.69
C SER A 115 -7.02 15.24 -6.04
N GLN A 116 -7.24 13.94 -6.29
CA GLN A 116 -6.74 13.26 -7.50
C GLN A 116 -7.52 13.68 -8.76
N GLU A 117 -8.76 14.18 -8.58
CA GLU A 117 -9.57 14.68 -9.71
C GLU A 117 -9.31 16.17 -9.98
N ARG A 118 -9.10 16.99 -8.92
CA ARG A 118 -8.91 18.45 -9.09
C ARG A 118 -7.47 18.77 -9.59
N TRP A 119 -6.47 18.06 -9.03
CA TRP A 119 -5.06 18.21 -9.43
C TRP A 119 -4.77 17.37 -10.69
N GLY A 120 -5.58 16.31 -10.90
CA GLY A 120 -5.49 15.49 -12.11
C GLY A 120 -6.07 16.20 -13.33
N ARG A 121 -7.41 16.23 -13.40
CA ARG A 121 -8.19 16.93 -14.45
C ARG A 121 -9.67 16.86 -14.07
N ARG A 122 -10.14 15.62 -13.90
CA ARG A 122 -11.46 15.26 -13.36
C ARG A 122 -11.41 13.74 -13.09
N ARG A 123 -12.36 13.19 -12.29
CA ARG A 123 -12.44 11.73 -12.08
C ARG A 123 -12.89 11.07 -13.40
N GLU A 124 -11.89 10.85 -14.27
CA GLU A 124 -12.11 10.44 -15.66
C GLU A 124 -12.33 8.93 -15.68
N SER A 125 -13.61 8.55 -15.66
CA SER A 125 -14.08 7.17 -15.58
C SER A 125 -15.58 7.15 -15.96
N LYS A 126 -16.22 6.00 -15.74
CA LYS A 126 -17.68 5.85 -15.88
C LYS A 126 -18.07 4.61 -15.06
N LYS A 127 -17.40 3.49 -15.37
CA LYS A 127 -17.56 2.23 -14.64
C LYS A 127 -16.46 2.15 -13.56
N LYS A 128 -16.88 1.95 -12.29
CA LYS A 128 -15.99 1.90 -11.12
C LYS A 128 -14.99 0.72 -11.22
N LYS A 129 -13.88 0.86 -10.49
CA LYS A 129 -12.74 -0.08 -10.53
C LYS A 129 -12.78 -1.01 -9.32
N LEU A 130 -12.23 -2.23 -9.52
CA LEU A 130 -12.03 -3.22 -8.44
C LEU A 130 -10.86 -2.74 -7.56
N TRP A 131 -11.17 -2.33 -6.32
CA TRP A 131 -10.14 -2.03 -5.32
C TRP A 131 -9.85 -3.33 -4.53
N MET A 132 -8.68 -3.38 -3.89
CA MET A 132 -8.22 -4.57 -3.16
C MET A 132 -7.55 -4.14 -1.86
N ALA A 133 -7.98 -4.75 -0.75
CA ALA A 133 -7.47 -4.47 0.58
C ALA A 133 -6.48 -5.56 0.96
N ILE A 134 -5.20 -5.24 0.84
CA ILE A 134 -4.13 -6.17 1.12
C ILE A 134 -3.90 -6.20 2.64
N GLU A 135 -4.10 -7.37 3.30
CA GLU A 135 -3.97 -7.46 4.75
C GLU A 135 -2.47 -7.57 5.14
N LEU A 136 -1.98 -6.50 5.74
CA LEU A 136 -0.59 -6.39 6.20
C LEU A 136 -0.47 -6.93 7.64
N GLU A 137 0.52 -7.80 7.89
CA GLU A 137 0.87 -8.27 9.25
C GLU A 137 2.40 -8.32 9.40
N ASP A 138 2.86 -8.60 10.64
CA ASP A 138 4.28 -8.90 10.94
C ASP A 138 5.21 -7.76 10.45
N VAL A 139 4.70 -6.51 10.55
CA VAL A 139 5.41 -5.34 10.04
C VAL A 139 6.70 -5.10 10.86
N LYS A 140 7.84 -5.41 10.23
CA LYS A 140 9.18 -5.26 10.80
C LYS A 140 9.68 -3.82 10.59
N LYS A 141 10.71 -3.44 11.36
CA LYS A 141 11.37 -2.14 11.24
C LYS A 141 12.87 -2.35 10.98
N TYR A 142 13.37 -1.76 9.88
CA TYR A 142 14.80 -1.72 9.58
C TYR A 142 15.47 -0.60 10.41
N ASP A 143 16.17 -1.02 11.48
CA ASP A 143 16.97 -0.15 12.37
C ASP A 143 18.16 0.45 11.60
N LYS A 144 18.62 -0.28 10.58
CA LYS A 144 19.73 0.12 9.71
C LYS A 144 19.18 0.94 8.52
N PRO A 145 19.89 2.04 8.09
CA PRO A 145 19.52 2.82 6.89
C PRO A 145 19.88 2.07 5.59
N ILE A 146 18.91 1.30 5.06
CA ILE A 146 19.08 0.55 3.80
C ILE A 146 18.87 1.51 2.60
N LYS A 147 19.73 1.37 1.59
CA LYS A 147 19.63 2.13 0.34
C LYS A 147 18.80 1.29 -0.67
N PRO A 148 17.90 1.92 -1.48
CA PRO A 148 17.09 1.20 -2.49
C PRO A 148 17.98 0.50 -3.54
N LYS A 149 17.81 -0.83 -3.69
CA LYS A 149 18.50 -1.65 -4.71
C LYS A 149 18.18 -1.09 -6.12
N ARG A 150 16.94 -0.58 -6.26
CA ARG A 150 16.48 0.14 -7.45
C ARG A 150 15.40 1.15 -7.02
N LEU A 151 15.10 2.10 -7.94
CA LEU A 151 14.17 3.21 -7.67
C LEU A 151 12.74 2.66 -7.54
N VAL A 152 12.07 2.99 -6.42
CA VAL A 152 10.68 2.61 -6.17
C VAL A 152 9.79 3.88 -6.26
N PRO A 153 9.08 4.11 -7.43
CA PRO A 153 8.19 5.29 -7.62
C PRO A 153 6.84 5.11 -6.89
N VAL A 154 5.91 6.05 -7.13
CA VAL A 154 4.57 6.06 -6.49
C VAL A 154 3.76 4.79 -6.87
N GLY A 155 3.97 4.33 -8.11
CA GLY A 155 3.36 3.09 -8.60
C GLY A 155 3.95 1.83 -7.97
N GLY A 156 5.18 1.96 -7.41
CA GLY A 156 5.83 0.88 -6.66
C GLY A 156 6.48 -0.18 -7.56
N GLN A 157 7.38 -0.99 -6.98
CA GLN A 157 8.08 -2.09 -7.69
C GLN A 157 7.67 -3.44 -7.09
N TYR A 158 7.67 -4.49 -7.90
CA TYR A 158 7.52 -5.87 -7.43
C TYR A 158 8.90 -6.41 -7.01
N LEU A 159 9.02 -6.80 -5.73
CA LEU A 159 10.28 -7.32 -5.17
C LEU A 159 10.32 -8.85 -5.44
N ARG A 160 11.39 -9.32 -6.06
CA ARG A 160 11.64 -10.76 -6.27
C ARG A 160 13.05 -11.11 -5.82
N GLU A 161 13.19 -12.14 -4.96
CA GLU A 161 14.47 -12.45 -4.33
C GLU A 161 14.62 -13.98 -4.22
N MET A 23 13.41 -14.09 -10.39
CA MET A 23 12.75 -15.38 -10.68
C MET A 23 11.21 -15.19 -10.65
N SER A 24 10.49 -15.98 -11.48
CA SER A 24 9.04 -15.82 -11.74
C SER A 24 8.15 -16.03 -10.49
N LYS A 25 8.71 -16.67 -9.45
CA LYS A 25 8.03 -16.89 -8.14
C LYS A 25 7.66 -15.57 -7.43
N ILE A 26 8.36 -14.46 -7.78
CA ILE A 26 8.27 -13.16 -7.07
C ILE A 26 8.81 -13.36 -5.61
N VAL A 27 8.61 -12.40 -4.71
CA VAL A 27 8.66 -12.62 -3.24
C VAL A 27 7.67 -11.66 -2.56
N GLY A 28 7.61 -10.42 -3.09
CA GLY A 28 6.69 -9.40 -2.60
C GLY A 28 6.63 -8.17 -3.48
N VAL A 29 6.11 -7.08 -2.91
CA VAL A 29 6.13 -5.75 -3.55
C VAL A 29 6.73 -4.74 -2.55
N THR A 30 7.29 -3.64 -3.07
CA THR A 30 7.87 -2.56 -2.24
C THR A 30 7.25 -1.21 -2.66
N TYR A 31 6.89 -0.39 -1.66
CA TYR A 31 6.28 0.92 -1.85
C TYR A 31 6.91 1.94 -0.89
N PRO A 32 7.17 3.20 -1.36
CA PRO A 32 7.57 4.32 -0.48
C PRO A 32 6.45 4.69 0.49
N ILE A 33 5.22 4.81 -0.09
CA ILE A 33 3.98 5.21 0.61
C ILE A 33 4.06 6.71 1.05
N PRO A 34 2.97 7.53 0.86
CA PRO A 34 2.90 8.91 1.41
C PRO A 34 3.31 8.94 2.89
N LYS A 35 4.31 9.77 3.23
CA LYS A 35 4.93 9.85 4.59
C LYS A 35 3.91 10.21 5.69
N ARG A 36 2.73 10.73 5.28
CA ARG A 36 1.58 10.93 6.17
C ARG A 36 1.00 9.58 6.64
N PHE A 37 0.86 8.67 5.68
CA PHE A 37 0.23 7.35 5.87
C PHE A 37 1.27 6.21 6.01
N MET A 38 2.56 6.58 5.97
CA MET A 38 3.69 5.60 6.07
C MET A 38 3.81 5.08 7.52
N ASP A 39 3.64 6.01 8.50
CA ASP A 39 3.75 5.69 9.95
C ASP A 39 2.66 4.71 10.41
N ARG A 40 1.51 4.69 9.68
CA ARG A 40 0.31 3.85 10.00
C ARG A 40 0.68 2.36 10.21
N PHE A 41 1.53 1.84 9.33
CA PHE A 41 1.90 0.40 9.30
C PHE A 41 2.77 0.01 10.52
N PHE A 42 3.50 1.00 11.05
CA PHE A 42 4.40 0.84 12.21
C PHE A 42 3.67 1.26 13.52
N LYS A 43 2.56 2.02 13.35
CA LYS A 43 1.77 2.60 14.44
C LYS A 43 0.93 1.52 15.13
N LYS A 44 0.08 0.87 14.33
CA LYS A 44 -0.93 -0.10 14.81
C LYS A 44 -0.38 -1.53 14.78
N GLY A 45 0.76 -1.70 14.07
CA GLY A 45 1.39 -3.01 13.91
C GLY A 45 0.84 -3.76 12.70
N LYS A 46 -0.49 -4.02 12.69
CA LYS A 46 -1.16 -4.68 11.55
C LYS A 46 -2.06 -3.68 10.81
N ASP A 47 -1.58 -3.25 9.63
CA ASP A 47 -2.28 -2.28 8.77
C ASP A 47 -2.97 -3.01 7.59
N VAL A 48 -3.67 -2.28 6.72
CA VAL A 48 -4.24 -2.79 5.45
C VAL A 48 -4.00 -1.75 4.33
N PHE A 49 -3.11 -2.09 3.38
CA PHE A 49 -2.78 -1.23 2.23
C PHE A 49 -3.75 -1.50 1.06
N VAL A 50 -4.62 -0.52 0.74
CA VAL A 50 -5.59 -0.66 -0.36
C VAL A 50 -5.01 -0.16 -1.70
N LYS A 51 -5.07 -1.03 -2.71
CA LYS A 51 -4.70 -0.74 -4.10
C LYS A 51 -5.96 -0.72 -4.98
N PRO A 52 -6.13 0.29 -5.89
CA PRO A 52 -7.16 0.22 -6.95
C PRO A 52 -6.68 -0.68 -8.13
N ALA A 53 -6.36 -1.96 -7.80
CA ALA A 53 -5.81 -2.98 -8.73
C ALA A 53 -4.59 -2.45 -9.55
N THR A 54 -3.75 -1.65 -8.88
CA THR A 54 -2.49 -1.12 -9.46
C THR A 54 -1.51 -2.27 -9.75
N VAL A 55 -1.43 -3.19 -8.79
CA VAL A 55 -0.54 -4.36 -8.82
C VAL A 55 -1.19 -5.53 -9.60
N TRP A 56 -0.33 -6.37 -10.20
CA TRP A 56 -0.72 -7.55 -11.00
C TRP A 56 -1.25 -8.71 -10.11
N LYS A 57 -1.59 -9.85 -10.75
CA LYS A 57 -2.05 -11.09 -10.07
C LYS A 57 -0.94 -11.78 -9.24
N GLU A 58 0.28 -11.22 -9.29
CA GLU A 58 1.41 -11.70 -8.47
C GLU A 58 1.16 -11.43 -6.98
N LEU A 59 0.31 -10.42 -6.68
CA LEU A 59 -0.06 -10.07 -5.30
C LEU A 59 -0.93 -11.18 -4.69
N LYS A 60 -0.28 -12.10 -3.97
CA LYS A 60 -0.95 -13.20 -3.27
C LYS A 60 -0.76 -13.03 -1.75
N PRO A 61 -1.74 -13.51 -0.90
CA PRO A 61 -1.63 -13.45 0.56
C PRO A 61 -0.58 -14.46 1.07
N GLY A 62 0.60 -13.94 1.42
CA GLY A 62 1.72 -14.76 1.86
C GLY A 62 3.07 -14.13 1.52
N MET A 63 3.04 -13.15 0.60
CA MET A 63 4.25 -12.43 0.15
C MET A 63 4.78 -11.46 1.23
N LYS A 64 5.81 -10.68 0.85
CA LYS A 64 6.39 -9.62 1.69
C LYS A 64 6.05 -8.23 1.12
N PHE A 65 6.13 -7.22 1.97
CA PHE A 65 5.88 -5.83 1.61
C PHE A 65 6.95 -4.95 2.25
N VAL A 66 8.00 -4.61 1.50
CA VAL A 66 9.11 -3.79 2.01
C VAL A 66 8.75 -2.30 1.92
N PHE A 67 8.93 -1.59 3.04
CA PHE A 67 8.62 -0.15 3.15
C PHE A 67 9.87 0.68 2.84
N TYR A 68 9.77 1.50 1.79
CA TYR A 68 10.84 2.41 1.32
C TYR A 68 10.69 3.78 2.02
N GLN A 69 11.82 4.44 2.34
CA GLN A 69 11.82 5.76 2.98
C GLN A 69 12.92 6.64 2.35
N SER A 70 12.53 7.84 1.88
CA SER A 70 13.41 8.88 1.32
C SER A 70 14.12 8.44 0.01
N HIS A 71 14.05 9.30 -1.00
CA HIS A 71 14.56 9.01 -2.36
C HIS A 71 16.08 8.76 -2.39
N GLU A 72 16.82 9.59 -1.67
CA GLU A 72 18.30 9.66 -1.74
C GLU A 72 18.96 9.39 -0.38
N ASP A 73 18.16 8.95 0.60
CA ASP A 73 18.61 8.71 1.99
C ASP A 73 17.82 7.53 2.58
N THR A 74 18.43 6.84 3.58
CA THR A 74 17.86 5.65 4.25
C THR A 74 17.70 4.47 3.28
N GLY A 75 16.71 4.58 2.38
CA GLY A 75 16.40 3.54 1.42
C GLY A 75 15.16 2.80 1.82
N PHE A 76 15.27 2.02 2.90
CA PHE A 76 14.15 1.24 3.45
C PHE A 76 14.01 1.50 4.96
N VAL A 77 12.78 1.85 5.39
CA VAL A 77 12.43 2.08 6.81
C VAL A 77 12.07 0.76 7.50
N GLY A 78 11.49 -0.18 6.73
CA GLY A 78 11.08 -1.47 7.27
C GLY A 78 10.60 -2.43 6.20
N GLU A 79 9.90 -3.48 6.63
CA GLU A 79 9.26 -4.47 5.76
C GLU A 79 8.05 -5.07 6.52
N ALA A 80 7.32 -5.98 5.86
CA ALA A 80 6.17 -6.67 6.46
C ALA A 80 5.80 -7.90 5.63
N ARG A 81 4.71 -8.58 6.02
CA ARG A 81 4.18 -9.74 5.30
C ARG A 81 2.72 -9.50 4.90
N ILE A 82 2.44 -9.74 3.62
CA ILE A 82 1.12 -9.63 3.01
C ILE A 82 0.23 -10.80 3.44
N LYS A 83 -1.03 -10.45 3.73
CA LYS A 83 -2.13 -11.33 4.12
C LYS A 83 -3.38 -10.95 3.29
N ARG A 84 -4.55 -11.52 3.70
CA ARG A 84 -5.83 -11.53 2.94
C ARG A 84 -6.03 -10.29 2.03
N VAL A 85 -6.02 -10.51 0.71
CA VAL A 85 -6.29 -9.46 -0.27
C VAL A 85 -7.80 -9.48 -0.61
N VAL A 86 -8.54 -8.52 -0.03
CA VAL A 86 -10.01 -8.47 -0.09
C VAL A 86 -10.43 -7.65 -1.31
N LEU A 87 -10.97 -8.34 -2.31
CA LEU A 87 -11.38 -7.72 -3.57
C LEU A 87 -12.79 -7.15 -3.42
N SER A 88 -12.91 -5.84 -3.58
CA SER A 88 -14.19 -5.13 -3.52
C SER A 88 -14.13 -3.90 -4.44
N GLU A 89 -15.15 -3.77 -5.28
CA GLU A 89 -15.35 -2.60 -6.15
C GLU A 89 -15.66 -1.33 -5.33
N ASN A 90 -16.04 -1.52 -4.05
CA ASN A 90 -16.33 -0.43 -3.12
C ASN A 90 -15.13 -0.27 -2.14
N PRO A 91 -14.47 0.92 -2.13
CA PRO A 91 -13.39 1.22 -1.15
C PRO A 91 -13.93 1.34 0.31
N MET A 92 -15.27 1.44 0.44
CA MET A 92 -15.93 1.63 1.74
C MET A 92 -16.11 0.31 2.49
N GLN A 93 -16.22 -0.81 1.74
CA GLN A 93 -16.36 -2.16 2.34
C GLN A 93 -15.08 -2.56 3.12
N PHE A 94 -13.95 -1.92 2.78
CA PHE A 94 -12.68 -2.11 3.50
C PHE A 94 -12.72 -1.44 4.88
N PHE A 95 -13.58 -0.40 5.01
CA PHE A 95 -13.70 0.38 6.25
C PHE A 95 -14.72 -0.25 7.21
N GLU A 96 -15.72 -0.98 6.68
CA GLU A 96 -16.66 -1.74 7.53
C GLU A 96 -15.99 -3.05 8.03
N THR A 97 -15.03 -3.59 7.25
CA THR A 97 -14.32 -4.83 7.58
C THR A 97 -13.08 -4.54 8.47
N PHE A 98 -12.29 -3.54 8.08
CA PHE A 98 -11.01 -3.20 8.76
C PHE A 98 -11.09 -1.80 9.38
N GLY A 99 -11.27 -0.78 8.52
CA GLY A 99 -11.44 0.62 8.95
C GLY A 99 -10.17 1.25 9.47
N ASP A 100 -9.97 1.14 10.79
CA ASP A 100 -8.81 1.70 11.49
C ASP A 100 -7.53 0.91 11.18
N ARG A 101 -7.70 -0.33 10.69
CA ARG A 101 -6.58 -1.15 10.21
C ARG A 101 -6.02 -0.60 8.90
N VAL A 102 -6.92 -0.11 8.01
CA VAL A 102 -6.53 0.46 6.70
C VAL A 102 -5.65 1.72 6.90
N PHE A 103 -4.73 2.00 5.94
CA PHE A 103 -3.76 3.12 6.06
C PHE A 103 -4.45 4.49 6.06
N LEU A 104 -5.72 4.53 5.65
CA LEU A 104 -6.57 5.71 5.69
C LEU A 104 -8.01 5.28 6.06
N THR A 105 -8.81 6.22 6.58
CA THR A 105 -10.23 5.97 6.88
C THR A 105 -11.11 6.55 5.75
N LYS A 106 -12.44 6.45 5.90
CA LYS A 106 -13.40 6.92 4.89
C LYS A 106 -13.28 8.44 4.65
N ASP A 107 -12.99 9.20 5.73
CA ASP A 107 -12.77 10.65 5.67
C ASP A 107 -11.55 10.98 4.80
N GLU A 108 -10.48 10.23 5.02
CA GLU A 108 -9.21 10.39 4.29
C GLU A 108 -9.35 9.91 2.83
N LEU A 109 -10.28 8.96 2.61
CA LEU A 109 -10.61 8.44 1.27
C LEU A 109 -11.36 9.49 0.44
N LYS A 110 -12.43 10.07 1.02
CA LYS A 110 -13.33 10.99 0.29
C LYS A 110 -12.61 12.29 -0.09
N GLU A 111 -11.72 12.78 0.81
CA GLU A 111 -10.89 13.98 0.53
C GLU A 111 -9.80 13.65 -0.52
N TYR A 112 -9.31 12.38 -0.50
CA TYR A 112 -8.34 11.86 -1.48
C TYR A 112 -8.95 11.81 -2.90
N MET A 113 -10.18 11.27 -3.01
CA MET A 113 -10.87 11.09 -4.30
C MET A 113 -11.28 12.43 -4.90
N LYS A 114 -11.74 13.37 -4.04
CA LYS A 114 -12.07 14.75 -4.47
C LYS A 114 -10.79 15.50 -4.88
N SER A 115 -9.66 15.17 -4.23
CA SER A 115 -8.33 15.72 -4.57
C SER A 115 -7.90 15.26 -5.98
N GLN A 116 -8.23 13.99 -6.32
CA GLN A 116 -7.84 13.37 -7.60
C GLN A 116 -8.67 13.87 -8.80
N GLU A 117 -9.73 14.66 -8.55
CA GLU A 117 -10.56 15.25 -9.64
C GLU A 117 -10.40 16.78 -9.69
N ARG A 118 -9.90 17.40 -8.60
CA ARG A 118 -9.70 18.88 -8.55
C ARG A 118 -8.23 19.26 -8.80
N TRP A 119 -7.32 18.30 -8.59
CA TRP A 119 -5.87 18.48 -8.84
C TRP A 119 -5.43 17.50 -9.95
N GLY A 120 -5.70 16.20 -9.69
CA GLY A 120 -5.34 15.14 -10.62
C GLY A 120 -6.34 14.99 -11.77
N ARG A 121 -6.64 13.75 -12.15
CA ARG A 121 -7.54 13.43 -13.27
C ARG A 121 -8.14 12.02 -13.07
N ARG A 122 -9.40 11.97 -12.63
CA ARG A 122 -10.14 10.70 -12.48
C ARG A 122 -10.74 10.31 -13.83
N ARG A 123 -11.81 11.03 -14.25
CA ARG A 123 -12.60 10.72 -15.45
C ARG A 123 -13.23 9.31 -15.32
N GLU A 124 -14.43 9.26 -14.71
CA GLU A 124 -15.24 8.04 -14.57
C GLU A 124 -16.59 8.39 -13.94
N SER A 125 -17.66 7.75 -14.44
CA SER A 125 -19.04 7.93 -13.94
C SER A 125 -19.93 6.75 -14.35
N LYS A 126 -19.38 5.81 -15.14
CA LYS A 126 -20.11 4.65 -15.67
C LYS A 126 -19.92 3.43 -14.75
N LYS A 127 -18.65 3.03 -14.54
CA LYS A 127 -18.30 1.79 -13.81
C LYS A 127 -17.13 2.02 -12.83
N LYS A 128 -17.38 1.75 -11.54
CA LYS A 128 -16.37 1.83 -10.46
C LYS A 128 -15.21 0.83 -10.69
N LYS A 129 -14.05 1.11 -10.08
CA LYS A 129 -12.83 0.29 -10.20
C LYS A 129 -12.89 -0.85 -9.16
N LEU A 130 -12.34 -2.03 -9.51
CA LEU A 130 -12.12 -3.14 -8.57
C LEU A 130 -10.89 -2.78 -7.71
N TRP A 131 -11.15 -2.45 -6.44
CA TRP A 131 -10.11 -2.21 -5.44
C TRP A 131 -9.80 -3.52 -4.70
N MET A 132 -8.65 -3.55 -4.03
CA MET A 132 -8.17 -4.72 -3.28
C MET A 132 -7.49 -4.25 -1.99
N ALA A 133 -7.87 -4.87 -0.88
CA ALA A 133 -7.34 -4.52 0.44
C ALA A 133 -6.30 -5.56 0.85
N ILE A 134 -5.03 -5.20 0.71
CA ILE A 134 -3.91 -6.06 1.09
C ILE A 134 -3.72 -5.94 2.61
N GLU A 135 -3.94 -7.03 3.36
CA GLU A 135 -3.73 -7.00 4.82
C GLU A 135 -2.21 -7.09 5.10
N LEU A 136 -1.75 -6.33 6.07
CA LEU A 136 -0.33 -6.25 6.43
C LEU A 136 -0.15 -6.69 7.89
N GLU A 137 0.82 -7.58 8.10
CA GLU A 137 1.15 -8.16 9.41
C GLU A 137 2.67 -8.19 9.59
N ASP A 138 3.11 -8.48 10.83
CA ASP A 138 4.52 -8.80 11.18
C ASP A 138 5.48 -7.69 10.68
N VAL A 139 5.00 -6.42 10.76
CA VAL A 139 5.72 -5.26 10.23
C VAL A 139 7.06 -5.06 10.96
N LYS A 140 8.14 -5.45 10.26
CA LYS A 140 9.50 -5.46 10.79
C LYS A 140 10.20 -4.12 10.52
N LYS A 141 10.40 -3.34 11.59
CA LYS A 141 11.15 -2.08 11.52
C LYS A 141 12.64 -2.38 11.36
N TYR A 142 13.29 -1.74 10.37
CA TYR A 142 14.74 -1.80 10.20
C TYR A 142 15.42 -0.87 11.21
N ASP A 143 16.26 -1.46 12.07
CA ASP A 143 17.10 -0.73 13.04
C ASP A 143 18.06 0.22 12.31
N LYS A 144 18.52 -0.23 11.15
CA LYS A 144 19.54 0.43 10.35
C LYS A 144 18.94 0.85 8.98
N PRO A 145 19.42 1.99 8.40
CA PRO A 145 19.05 2.42 7.03
C PRO A 145 19.55 1.41 5.96
N ILE A 146 18.66 0.51 5.53
CA ILE A 146 18.98 -0.47 4.47
C ILE A 146 18.79 0.19 3.10
N LYS A 147 19.89 0.34 2.35
CA LYS A 147 19.89 0.99 1.04
C LYS A 147 19.19 0.07 0.00
N PRO A 148 18.50 0.64 -1.03
CA PRO A 148 17.82 -0.15 -2.06
C PRO A 148 18.77 -0.50 -3.23
N LYS A 149 18.45 -1.59 -3.92
CA LYS A 149 19.18 -2.01 -5.13
C LYS A 149 18.80 -1.10 -6.33
N ARG A 150 17.62 -0.47 -6.23
CA ARG A 150 17.08 0.43 -7.26
C ARG A 150 16.18 1.48 -6.57
N LEU A 151 15.95 2.59 -7.28
CA LEU A 151 15.06 3.66 -6.79
C LEU A 151 13.60 3.21 -6.95
N VAL A 152 12.87 3.15 -5.84
CA VAL A 152 11.45 2.75 -5.82
C VAL A 152 10.57 4.01 -5.89
N PRO A 153 9.87 4.26 -7.05
CA PRO A 153 8.96 5.41 -7.22
C PRO A 153 7.60 5.18 -6.51
N VAL A 154 6.71 6.18 -6.60
CA VAL A 154 5.37 6.18 -5.94
C VAL A 154 4.50 4.97 -6.42
N GLY A 155 4.70 4.58 -7.69
CA GLY A 155 4.01 3.44 -8.28
C GLY A 155 4.46 2.08 -7.72
N GLY A 156 5.64 2.09 -7.04
CA GLY A 156 6.18 0.90 -6.39
C GLY A 156 6.84 -0.08 -7.36
N GLN A 157 7.70 -0.97 -6.84
CA GLN A 157 8.40 -1.99 -7.63
C GLN A 157 7.98 -3.39 -7.14
N TYR A 158 7.78 -4.32 -8.08
CA TYR A 158 7.52 -5.73 -7.75
C TYR A 158 8.84 -6.42 -7.42
N LEU A 159 9.05 -6.70 -6.13
CA LEU A 159 10.25 -7.35 -5.62
C LEU A 159 10.14 -8.85 -5.89
N ARG A 160 11.01 -9.38 -6.75
CA ARG A 160 11.09 -10.83 -7.01
C ARG A 160 12.40 -11.36 -6.44
N GLU A 161 12.44 -12.62 -5.99
CA GLU A 161 13.71 -13.25 -5.58
C GLU A 161 13.54 -14.80 -5.53
N MET A 23 14.70 -12.06 -9.62
CA MET A 23 14.35 -13.28 -10.39
C MET A 23 12.85 -13.61 -10.21
N SER A 24 12.27 -14.32 -11.21
CA SER A 24 10.81 -14.49 -11.41
C SER A 24 10.03 -15.09 -10.21
N LYS A 25 10.74 -15.70 -9.23
CA LYS A 25 10.09 -16.35 -8.05
C LYS A 25 9.34 -15.33 -7.15
N ILE A 26 9.73 -14.03 -7.27
CA ILE A 26 9.19 -12.91 -6.45
C ILE A 26 9.66 -13.06 -4.97
N VAL A 27 9.26 -12.11 -4.11
CA VAL A 27 9.23 -12.26 -2.65
C VAL A 27 8.04 -11.46 -2.10
N GLY A 28 7.88 -10.23 -2.64
CA GLY A 28 6.80 -9.34 -2.25
C GLY A 28 6.68 -8.14 -3.16
N VAL A 29 6.05 -7.07 -2.66
CA VAL A 29 5.98 -5.77 -3.34
C VAL A 29 6.56 -4.68 -2.40
N THR A 30 7.12 -3.63 -2.99
CA THR A 30 7.69 -2.49 -2.25
C THR A 30 7.01 -1.18 -2.70
N TYR A 31 6.66 -0.33 -1.72
CA TYR A 31 5.93 0.94 -1.96
C TYR A 31 6.52 2.07 -1.11
N PRO A 32 6.67 3.31 -1.70
CA PRO A 32 7.00 4.52 -0.93
C PRO A 32 5.79 5.03 -0.11
N ILE A 33 4.60 4.43 -0.39
CA ILE A 33 3.30 4.80 0.18
C ILE A 33 2.92 6.23 -0.29
N PRO A 34 1.80 6.42 -1.07
CA PRO A 34 1.46 7.74 -1.71
C PRO A 34 1.22 8.89 -0.69
N LYS A 35 1.10 8.51 0.60
CA LYS A 35 0.91 9.45 1.73
C LYS A 35 1.85 9.10 2.90
N ARG A 36 1.82 9.93 3.96
CA ARG A 36 2.64 9.75 5.19
C ARG A 36 2.14 8.55 6.04
N PHE A 37 1.00 7.94 5.65
CA PHE A 37 0.36 6.86 6.40
C PHE A 37 1.12 5.51 6.29
N MET A 38 2.39 5.54 5.81
CA MET A 38 3.38 4.47 6.10
C MET A 38 3.51 4.32 7.64
N ASP A 39 3.34 5.47 8.33
CA ASP A 39 3.29 5.59 9.79
C ASP A 39 2.35 4.56 10.42
N ARG A 40 1.15 4.42 9.83
CA ARG A 40 0.06 3.58 10.35
C ARG A 40 0.48 2.11 10.52
N PHE A 41 1.29 1.63 9.59
CA PHE A 41 1.80 0.25 9.63
C PHE A 41 2.74 0.04 10.83
N PHE A 42 3.42 1.12 11.25
CA PHE A 42 4.38 1.12 12.37
C PHE A 42 3.72 1.63 13.68
N LYS A 43 2.55 2.28 13.52
CA LYS A 43 1.80 2.93 14.62
C LYS A 43 1.03 1.88 15.43
N LYS A 44 0.33 0.99 14.71
CA LYS A 44 -0.50 -0.08 15.31
C LYS A 44 0.23 -1.44 15.21
N GLY A 45 1.31 -1.48 14.41
CA GLY A 45 2.15 -2.68 14.27
C GLY A 45 1.68 -3.65 13.19
N LYS A 46 0.44 -3.46 12.71
CA LYS A 46 -0.22 -4.37 11.75
C LYS A 46 -1.45 -3.66 11.13
N ASP A 47 -1.38 -3.40 9.81
CA ASP A 47 -2.25 -2.43 9.10
C ASP A 47 -2.80 -3.06 7.79
N VAL A 48 -3.53 -2.29 6.96
CA VAL A 48 -4.05 -2.77 5.65
C VAL A 48 -3.82 -1.67 4.58
N PHE A 49 -3.04 -2.00 3.53
CA PHE A 49 -2.75 -1.08 2.42
C PHE A 49 -3.75 -1.31 1.29
N VAL A 50 -4.58 -0.30 0.98
CA VAL A 50 -5.54 -0.37 -0.14
C VAL A 50 -4.94 0.23 -1.42
N LYS A 51 -5.30 -0.40 -2.54
CA LYS A 51 -4.92 -0.04 -3.91
C LYS A 51 -6.17 0.02 -4.79
N PRO A 52 -6.35 1.04 -5.67
CA PRO A 52 -7.37 1.01 -6.74
C PRO A 52 -6.93 0.13 -7.93
N ALA A 53 -6.57 -1.16 -7.61
CA ALA A 53 -5.94 -2.12 -8.54
C ALA A 53 -4.69 -1.52 -9.24
N THR A 54 -3.50 -1.77 -8.67
CA THR A 54 -2.21 -1.34 -9.26
C THR A 54 -1.28 -2.56 -9.38
N VAL A 55 -1.14 -3.29 -8.26
CA VAL A 55 -0.29 -4.49 -8.17
C VAL A 55 -1.15 -5.69 -7.75
N TRP A 56 -1.40 -6.61 -8.70
CA TRP A 56 -2.22 -7.83 -8.46
C TRP A 56 -1.71 -9.02 -9.29
N LYS A 57 -0.61 -8.81 -10.05
CA LYS A 57 -0.01 -9.84 -10.92
C LYS A 57 0.52 -11.00 -10.07
N GLU A 58 1.37 -10.64 -9.10
CA GLU A 58 2.07 -11.59 -8.22
C GLU A 58 1.51 -11.50 -6.79
N LEU A 59 0.63 -10.50 -6.54
CA LEU A 59 0.11 -10.18 -5.19
C LEU A 59 -0.74 -11.35 -4.64
N LYS A 60 -0.19 -12.08 -3.65
CA LYS A 60 -0.87 -13.20 -3.01
C LYS A 60 -0.67 -13.13 -1.47
N PRO A 61 -1.64 -13.68 -0.66
CA PRO A 61 -1.53 -13.72 0.81
C PRO A 61 -0.43 -14.71 1.27
N GLY A 62 0.73 -14.15 1.65
CA GLY A 62 1.88 -14.95 2.07
C GLY A 62 3.21 -14.29 1.75
N MET A 63 3.18 -13.33 0.80
CA MET A 63 4.38 -12.57 0.41
C MET A 63 4.74 -11.53 1.48
N LYS A 64 5.80 -10.74 1.20
CA LYS A 64 6.20 -9.60 2.03
C LYS A 64 5.79 -8.28 1.38
N PHE A 65 5.78 -7.21 2.18
CA PHE A 65 5.53 -5.85 1.72
C PHE A 65 6.58 -4.95 2.36
N VAL A 66 7.60 -4.58 1.59
CA VAL A 66 8.71 -3.76 2.07
C VAL A 66 8.39 -2.27 1.87
N PHE A 67 8.44 -1.52 2.97
CA PHE A 67 8.13 -0.10 2.97
C PHE A 67 9.37 0.71 2.56
N TYR A 68 9.27 1.30 1.38
CA TYR A 68 10.27 2.19 0.81
C TYR A 68 10.05 3.60 1.39
N GLN A 69 11.14 4.28 1.78
CA GLN A 69 11.08 5.67 2.31
C GLN A 69 11.36 6.65 1.15
N SER A 70 11.06 7.94 1.39
CA SER A 70 11.41 9.04 0.48
C SER A 70 12.95 9.16 0.28
N HIS A 71 13.36 10.12 -0.57
CA HIS A 71 14.78 10.34 -0.99
C HIS A 71 15.68 10.90 0.15
N GLU A 72 15.19 10.87 1.42
CA GLU A 72 15.89 11.40 2.60
C GLU A 72 17.15 10.57 2.91
N ASP A 73 16.93 9.29 3.29
CA ASP A 73 18.00 8.32 3.58
C ASP A 73 17.37 6.94 3.85
N THR A 74 18.12 5.87 3.50
CA THR A 74 17.70 4.47 3.67
C THR A 74 16.44 4.16 2.85
N GLY A 75 16.64 3.52 1.68
CA GLY A 75 15.55 3.20 0.77
C GLY A 75 14.46 2.34 1.39
N PHE A 76 14.83 1.42 2.28
CA PHE A 76 13.86 0.54 2.98
C PHE A 76 13.72 0.96 4.46
N VAL A 77 12.62 1.67 4.78
CA VAL A 77 12.32 2.15 6.15
C VAL A 77 11.72 1.01 7.02
N GLY A 78 11.20 -0.04 6.36
CA GLY A 78 10.67 -1.23 7.04
C GLY A 78 10.20 -2.29 6.07
N GLU A 79 9.54 -3.33 6.61
CA GLU A 79 8.86 -4.37 5.80
C GLU A 79 7.72 -5.00 6.61
N ALA A 80 6.99 -5.95 6.00
CA ALA A 80 5.84 -6.63 6.63
C ALA A 80 5.47 -7.88 5.83
N ARG A 81 4.32 -8.50 6.19
CA ARG A 81 3.81 -9.71 5.51
C ARG A 81 2.40 -9.48 4.98
N ILE A 82 2.26 -9.67 3.66
CA ILE A 82 0.98 -9.61 2.94
C ILE A 82 0.07 -10.80 3.33
N LYS A 83 -1.20 -10.46 3.53
CA LYS A 83 -2.28 -11.34 3.95
C LYS A 83 -3.52 -11.00 3.08
N ARG A 84 -4.70 -11.54 3.50
CA ARG A 84 -5.95 -11.59 2.68
C ARG A 84 -6.20 -10.30 1.84
N VAL A 85 -6.12 -10.44 0.50
CA VAL A 85 -6.36 -9.33 -0.43
C VAL A 85 -7.86 -9.29 -0.79
N VAL A 86 -8.58 -8.30 -0.25
CA VAL A 86 -10.04 -8.18 -0.39
C VAL A 86 -10.36 -7.34 -1.63
N LEU A 87 -10.90 -8.00 -2.68
CA LEU A 87 -11.22 -7.33 -3.94
C LEU A 87 -12.69 -6.83 -3.89
N SER A 88 -12.87 -5.52 -3.95
CA SER A 88 -14.19 -4.87 -3.93
C SER A 88 -14.12 -3.54 -4.68
N GLU A 89 -15.05 -3.33 -5.62
CA GLU A 89 -15.16 -2.07 -6.39
C GLU A 89 -15.44 -0.85 -5.48
N ASN A 90 -15.98 -1.11 -4.28
CA ASN A 90 -16.22 -0.06 -3.28
C ASN A 90 -15.09 -0.10 -2.22
N PRO A 91 -14.29 1.01 -2.07
CA PRO A 91 -13.23 1.09 -1.05
C PRO A 91 -13.78 1.18 0.40
N MET A 92 -15.10 1.34 0.53
CA MET A 92 -15.78 1.48 1.83
C MET A 92 -15.97 0.12 2.52
N GLN A 93 -16.01 -0.96 1.70
CA GLN A 93 -16.09 -2.35 2.19
C GLN A 93 -14.88 -2.71 3.06
N PHE A 94 -13.76 -2.04 2.84
CA PHE A 94 -12.51 -2.28 3.57
C PHE A 94 -12.57 -1.68 4.99
N PHE A 95 -13.46 -0.69 5.19
CA PHE A 95 -13.65 -0.06 6.51
C PHE A 95 -14.65 -0.87 7.36
N GLU A 96 -15.69 -1.42 6.72
CA GLU A 96 -16.66 -2.31 7.42
C GLU A 96 -16.02 -3.68 7.72
N THR A 97 -14.99 -4.06 6.95
CA THR A 97 -14.25 -5.32 7.14
C THR A 97 -13.08 -5.13 8.12
N PHE A 98 -12.31 -4.04 7.97
CA PHE A 98 -11.10 -3.76 8.80
C PHE A 98 -11.29 -2.46 9.61
N GLY A 99 -11.35 -1.31 8.90
CA GLY A 99 -11.55 0.02 9.51
C GLY A 99 -10.33 0.54 10.25
N ASP A 100 -10.16 0.04 11.50
CA ASP A 100 -9.04 0.40 12.39
C ASP A 100 -7.69 -0.04 11.80
N ARG A 101 -7.74 -1.09 10.98
CA ARG A 101 -6.54 -1.69 10.37
C ARG A 101 -6.08 -0.92 9.14
N VAL A 102 -7.01 -0.32 8.36
CA VAL A 102 -6.66 0.35 7.08
C VAL A 102 -5.80 1.60 7.35
N PHE A 103 -4.83 1.92 6.43
CA PHE A 103 -3.86 3.04 6.62
C PHE A 103 -4.53 4.42 6.67
N LEU A 104 -5.77 4.50 6.20
CA LEU A 104 -6.55 5.74 6.19
C LEU A 104 -8.00 5.41 6.56
N THR A 105 -8.76 6.42 7.03
CA THR A 105 -10.19 6.26 7.30
C THR A 105 -11.00 6.76 6.08
N LYS A 106 -12.33 6.66 6.16
CA LYS A 106 -13.24 7.04 5.07
C LYS A 106 -13.17 8.55 4.77
N ASP A 107 -12.82 9.35 5.80
CA ASP A 107 -12.56 10.81 5.67
C ASP A 107 -11.32 11.06 4.80
N GLU A 108 -10.23 10.36 5.13
CA GLU A 108 -8.97 10.41 4.36
C GLU A 108 -9.18 9.89 2.92
N LEU A 109 -10.11 8.92 2.76
CA LEU A 109 -10.46 8.34 1.45
C LEU A 109 -11.16 9.38 0.55
N LYS A 110 -12.22 10.03 1.08
CA LYS A 110 -13.06 10.95 0.28
C LYS A 110 -12.24 12.16 -0.21
N GLU A 111 -11.34 12.68 0.65
CA GLU A 111 -10.47 13.83 0.31
C GLU A 111 -9.27 13.38 -0.57
N TYR A 112 -8.90 12.07 -0.48
CA TYR A 112 -7.91 11.44 -1.40
C TYR A 112 -8.47 11.39 -2.82
N MET A 113 -9.76 11.11 -2.94
CA MET A 113 -10.46 11.03 -4.23
C MET A 113 -10.76 12.45 -4.77
N LYS A 114 -10.98 13.42 -3.86
CA LYS A 114 -11.09 14.86 -4.23
C LYS A 114 -9.71 15.41 -4.65
N SER A 115 -8.64 14.82 -4.09
CA SER A 115 -7.25 15.22 -4.40
C SER A 115 -6.91 14.96 -5.87
N GLN A 116 -7.55 13.92 -6.43
CA GLN A 116 -7.29 13.45 -7.81
C GLN A 116 -7.90 14.39 -8.87
N GLU A 117 -8.91 15.19 -8.48
CA GLU A 117 -9.61 16.11 -9.40
C GLU A 117 -9.17 17.56 -9.21
N ARG A 118 -8.87 17.98 -7.95
CA ARG A 118 -8.49 19.38 -7.65
C ARG A 118 -6.99 19.65 -7.93
N TRP A 119 -6.15 18.63 -7.69
CA TRP A 119 -4.70 18.72 -7.97
C TRP A 119 -4.39 18.08 -9.33
N GLY A 120 -5.03 16.93 -9.57
CA GLY A 120 -4.98 16.28 -10.87
C GLY A 120 -5.99 16.87 -11.85
N ARG A 121 -6.32 16.11 -12.88
CA ARG A 121 -7.28 16.54 -13.93
C ARG A 121 -7.88 15.29 -14.58
N ARG A 122 -9.10 15.46 -15.14
CA ARG A 122 -9.85 14.40 -15.85
C ARG A 122 -10.37 13.34 -14.87
N ARG A 123 -11.71 13.21 -14.82
CA ARG A 123 -12.41 12.31 -13.89
C ARG A 123 -13.78 11.93 -14.52
N GLU A 124 -14.50 10.99 -13.85
CA GLU A 124 -15.87 10.57 -14.20
C GLU A 124 -15.86 9.61 -15.41
N SER A 125 -16.14 8.33 -15.13
CA SER A 125 -16.26 7.27 -16.13
C SER A 125 -17.34 6.28 -15.68
N LYS A 126 -18.13 5.77 -16.66
CA LYS A 126 -19.14 4.74 -16.39
C LYS A 126 -18.45 3.45 -15.92
N LYS A 127 -19.08 2.78 -14.94
CA LYS A 127 -18.50 1.68 -14.13
C LYS A 127 -17.46 2.24 -13.15
N LYS A 128 -17.33 1.59 -11.98
CA LYS A 128 -16.41 2.00 -10.91
C LYS A 128 -15.16 1.11 -10.95
N LYS A 129 -14.12 1.52 -10.24
CA LYS A 129 -12.83 0.83 -10.26
C LYS A 129 -12.83 -0.28 -9.21
N LEU A 130 -12.24 -1.43 -9.57
CA LEU A 130 -12.01 -2.54 -8.65
C LEU A 130 -10.85 -2.16 -7.71
N TRP A 131 -11.18 -1.89 -6.45
CA TRP A 131 -10.19 -1.65 -5.38
C TRP A 131 -9.83 -2.99 -4.72
N MET A 132 -8.70 -3.00 -4.02
CA MET A 132 -8.14 -4.21 -3.39
C MET A 132 -7.46 -3.83 -2.07
N ALA A 133 -7.78 -4.56 -1.00
CA ALA A 133 -7.23 -4.31 0.33
C ALA A 133 -6.21 -5.37 0.68
N ILE A 134 -4.94 -5.03 0.57
CA ILE A 134 -3.83 -5.91 0.94
C ILE A 134 -3.70 -5.88 2.47
N GLU A 135 -3.93 -7.03 3.13
CA GLU A 135 -3.89 -7.10 4.61
C GLU A 135 -2.41 -7.23 5.03
N LEU A 136 -1.98 -6.45 6.02
CA LEU A 136 -0.56 -6.38 6.44
C LEU A 136 -0.39 -6.73 7.93
N GLU A 137 0.43 -7.75 8.20
CA GLU A 137 0.78 -8.17 9.57
C GLU A 137 2.31 -8.18 9.75
N ASP A 138 2.74 -8.23 11.02
CA ASP A 138 4.17 -8.31 11.44
C ASP A 138 5.01 -7.24 10.75
N VAL A 139 4.56 -5.99 10.89
CA VAL A 139 5.20 -4.86 10.24
C VAL A 139 6.50 -4.51 10.98
N LYS A 140 7.61 -4.95 10.40
CA LYS A 140 8.96 -4.74 10.92
C LYS A 140 9.46 -3.34 10.54
N LYS A 141 10.25 -2.76 11.44
CA LYS A 141 10.99 -1.50 11.19
C LYS A 141 12.45 -1.84 10.89
N TYR A 142 12.99 -1.20 9.85
CA TYR A 142 14.43 -1.24 9.54
C TYR A 142 15.14 -0.15 10.35
N ASP A 143 15.54 -0.48 11.58
CA ASP A 143 16.40 0.38 12.40
C ASP A 143 17.82 0.42 11.81
N LYS A 144 18.15 -0.66 11.09
CA LYS A 144 19.38 -0.77 10.30
C LYS A 144 19.21 -0.05 8.94
N PRO A 145 20.23 0.75 8.50
CA PRO A 145 20.16 1.49 7.22
C PRO A 145 20.42 0.59 5.99
N ILE A 146 19.31 0.04 5.42
CA ILE A 146 19.37 -0.82 4.21
C ILE A 146 18.86 -0.04 2.97
N LYS A 147 19.72 -0.01 1.94
CA LYS A 147 19.45 0.65 0.66
C LYS A 147 18.91 -0.39 -0.35
N PRO A 148 18.03 0.02 -1.32
CA PRO A 148 17.29 -0.93 -2.19
C PRO A 148 18.14 -1.49 -3.35
N LYS A 149 17.52 -2.37 -4.16
CA LYS A 149 18.13 -2.92 -5.38
C LYS A 149 17.90 -1.97 -6.56
N ARG A 150 16.69 -1.37 -6.61
CA ARG A 150 16.28 -0.49 -7.72
C ARG A 150 15.45 0.70 -7.20
N LEU A 151 15.27 1.69 -8.08
CA LEU A 151 14.42 2.86 -7.81
C LEU A 151 12.94 2.42 -7.71
N VAL A 152 12.23 2.92 -6.70
CA VAL A 152 10.82 2.61 -6.48
C VAL A 152 9.99 3.92 -6.57
N PRO A 153 9.29 4.16 -7.74
CA PRO A 153 8.36 5.31 -7.91
C PRO A 153 7.12 5.20 -7.00
N VAL A 154 6.23 6.21 -7.08
CA VAL A 154 4.98 6.28 -6.28
C VAL A 154 4.06 5.06 -6.60
N GLY A 155 4.13 4.59 -7.86
CA GLY A 155 3.37 3.42 -8.32
C GLY A 155 3.88 2.08 -7.77
N GLY A 156 5.09 2.09 -7.17
CA GLY A 156 5.65 0.92 -6.48
C GLY A 156 6.30 -0.10 -7.43
N GLN A 157 7.21 -0.93 -6.89
CA GLN A 157 7.90 -2.01 -7.66
C GLN A 157 7.56 -3.37 -7.07
N TYR A 158 7.49 -4.40 -7.93
CA TYR A 158 7.43 -5.80 -7.47
C TYR A 158 8.85 -6.24 -7.06
N LEU A 159 9.03 -6.49 -5.75
CA LEU A 159 10.30 -6.95 -5.19
C LEU A 159 10.40 -8.47 -5.45
N ARG A 160 11.51 -8.92 -6.02
CA ARG A 160 11.71 -10.32 -6.40
C ARG A 160 13.12 -10.77 -6.04
N GLU A 161 13.24 -11.98 -5.42
CA GLU A 161 14.55 -12.54 -5.08
C GLU A 161 15.19 -13.14 -6.35
N MET A 23 14.12 -13.39 -10.54
CA MET A 23 13.51 -14.70 -10.87
C MET A 23 11.98 -14.62 -10.70
N SER A 24 11.25 -15.35 -11.56
CA SER A 24 9.78 -15.29 -11.66
C SER A 24 9.06 -15.79 -10.38
N LYS A 25 9.81 -16.41 -9.44
CA LYS A 25 9.27 -16.89 -8.16
C LYS A 25 8.64 -15.76 -7.30
N ILE A 26 9.05 -14.50 -7.58
CA ILE A 26 8.64 -13.30 -6.78
C ILE A 26 9.24 -13.45 -5.33
N VAL A 27 8.87 -12.54 -4.43
CA VAL A 27 8.93 -12.74 -2.96
C VAL A 27 7.84 -11.83 -2.35
N GLY A 28 7.74 -10.59 -2.87
CA GLY A 28 6.74 -9.64 -2.46
C GLY A 28 6.68 -8.43 -3.37
N VAL A 29 6.13 -7.33 -2.87
CA VAL A 29 6.14 -6.02 -3.54
C VAL A 29 6.71 -4.97 -2.57
N THR A 30 7.32 -3.91 -3.10
CA THR A 30 7.82 -2.78 -2.32
C THR A 30 7.18 -1.49 -2.86
N TYR A 31 6.70 -0.64 -1.96
CA TYR A 31 6.05 0.64 -2.30
C TYR A 31 6.71 1.80 -1.54
N PRO A 32 6.70 3.04 -2.13
CA PRO A 32 7.23 4.25 -1.45
C PRO A 32 6.39 4.62 -0.22
N ILE A 33 5.06 4.37 -0.31
CA ILE A 33 4.06 4.65 0.75
C ILE A 33 3.89 6.17 0.99
N PRO A 34 2.62 6.70 1.06
CA PRO A 34 2.38 8.06 1.59
C PRO A 34 2.91 8.16 3.04
N LYS A 35 4.00 8.95 3.23
CA LYS A 35 4.71 9.05 4.54
C LYS A 35 3.85 9.77 5.60
N ARG A 36 2.67 10.25 5.18
CA ARG A 36 1.62 10.79 6.05
C ARG A 36 1.05 9.65 6.91
N PHE A 37 0.87 8.47 6.28
CA PHE A 37 0.32 7.25 6.91
C PHE A 37 1.35 6.10 6.96
N MET A 38 2.63 6.41 6.77
CA MET A 38 3.73 5.41 6.78
C MET A 38 3.82 4.74 8.16
N ASP A 39 3.79 5.59 9.20
CA ASP A 39 3.96 5.17 10.60
C ASP A 39 2.73 4.42 11.16
N ARG A 40 1.65 4.27 10.34
CA ARG A 40 0.47 3.47 10.71
C ARG A 40 0.86 1.99 10.88
N PHE A 41 1.57 1.46 9.87
CA PHE A 41 2.00 0.05 9.83
C PHE A 41 2.95 -0.25 11.03
N PHE A 42 3.67 0.80 11.46
CA PHE A 42 4.72 0.70 12.51
C PHE A 42 4.16 1.10 13.91
N LYS A 43 2.95 1.71 13.92
CA LYS A 43 2.23 2.06 15.16
C LYS A 43 1.60 0.81 15.76
N LYS A 44 0.88 0.08 14.91
CA LYS A 44 0.01 -1.04 15.32
C LYS A 44 0.68 -2.41 15.08
N GLY A 45 1.74 -2.44 14.25
CA GLY A 45 2.47 -3.68 13.95
C GLY A 45 1.82 -4.56 12.90
N LYS A 46 0.57 -4.23 12.52
CA LYS A 46 -0.17 -4.91 11.46
C LYS A 46 -1.31 -4.01 10.97
N ASP A 47 -1.26 -3.62 9.69
CA ASP A 47 -2.16 -2.61 9.08
C ASP A 47 -2.84 -3.23 7.84
N VAL A 48 -3.65 -2.46 7.09
CA VAL A 48 -4.25 -2.87 5.80
C VAL A 48 -4.02 -1.75 4.76
N PHE A 49 -3.16 -2.01 3.77
CA PHE A 49 -2.81 -1.07 2.71
C PHE A 49 -3.76 -1.24 1.51
N VAL A 50 -4.66 -0.27 1.30
CA VAL A 50 -5.58 -0.28 0.16
C VAL A 50 -4.93 0.33 -1.11
N LYS A 51 -5.02 -0.42 -2.21
CA LYS A 51 -4.65 0.02 -3.55
C LYS A 51 -5.91 0.10 -4.43
N PRO A 52 -6.03 1.12 -5.33
CA PRO A 52 -7.09 1.14 -6.39
C PRO A 52 -6.73 0.21 -7.59
N ALA A 53 -6.28 -1.03 -7.26
CA ALA A 53 -5.73 -2.02 -8.22
C ALA A 53 -4.69 -1.40 -9.18
N THR A 54 -3.42 -1.36 -8.74
CA THR A 54 -2.28 -0.85 -9.54
C THR A 54 -1.20 -1.96 -9.68
N VAL A 55 -1.55 -3.17 -9.23
CA VAL A 55 -0.64 -4.33 -9.20
C VAL A 55 -1.32 -5.54 -9.88
N TRP A 56 -0.50 -6.41 -10.48
CA TRP A 56 -0.98 -7.61 -11.21
C TRP A 56 -1.32 -8.75 -10.23
N LYS A 57 -1.62 -9.93 -10.80
CA LYS A 57 -2.08 -11.12 -10.04
C LYS A 57 -0.95 -11.81 -9.23
N GLU A 58 0.23 -11.18 -9.14
CA GLU A 58 1.32 -11.64 -8.27
C GLU A 58 0.96 -11.40 -6.79
N LEU A 59 0.14 -10.36 -6.54
CA LEU A 59 -0.31 -10.00 -5.19
C LEU A 59 -1.22 -11.11 -4.63
N LYS A 60 -0.68 -11.91 -3.70
CA LYS A 60 -1.39 -13.05 -3.10
C LYS A 60 -1.16 -13.05 -1.57
N PRO A 61 -2.11 -13.63 -0.77
CA PRO A 61 -1.94 -13.78 0.69
C PRO A 61 -0.81 -14.79 1.03
N GLY A 62 0.38 -14.25 1.30
CA GLY A 62 1.56 -15.05 1.59
C GLY A 62 2.81 -14.55 0.88
N MET A 63 3.00 -13.22 0.89
CA MET A 63 4.20 -12.55 0.34
C MET A 63 4.80 -11.63 1.41
N LYS A 64 5.79 -10.82 1.02
CA LYS A 64 6.32 -9.72 1.86
C LYS A 64 5.99 -8.37 1.21
N PHE A 65 6.00 -7.33 2.02
CA PHE A 65 5.77 -5.95 1.57
C PHE A 65 6.82 -5.06 2.25
N VAL A 66 7.86 -4.70 1.51
CA VAL A 66 8.92 -3.82 2.03
C VAL A 66 8.50 -2.36 1.83
N PHE A 67 8.61 -1.57 2.89
CA PHE A 67 8.22 -0.15 2.89
C PHE A 67 9.46 0.71 2.63
N TYR A 68 9.47 1.37 1.46
CA TYR A 68 10.47 2.38 1.11
C TYR A 68 10.17 3.68 1.88
N GLN A 69 11.21 4.48 2.20
CA GLN A 69 11.04 5.72 2.98
C GLN A 69 10.61 6.88 2.03
N SER A 70 9.33 6.79 1.59
CA SER A 70 8.63 7.74 0.69
C SER A 70 9.39 8.09 -0.62
N HIS A 71 10.42 8.95 -0.51
CA HIS A 71 11.15 9.52 -1.65
C HIS A 71 12.38 10.27 -1.11
N GLU A 72 13.21 10.78 -2.05
CA GLU A 72 14.39 11.63 -1.78
C GLU A 72 15.53 10.79 -1.15
N ASP A 73 15.33 10.36 0.11
CA ASP A 73 16.24 9.42 0.80
C ASP A 73 16.12 8.04 0.15
N THR A 74 17.25 7.56 -0.42
CA THR A 74 17.33 6.24 -1.03
C THR A 74 17.57 5.17 0.05
N GLY A 75 16.47 4.82 0.76
CA GLY A 75 16.50 3.82 1.82
C GLY A 75 15.10 3.38 2.18
N PHE A 76 14.99 2.24 2.86
CA PHE A 76 13.70 1.71 3.33
C PHE A 76 13.45 2.15 4.79
N VAL A 77 12.17 2.36 5.13
CA VAL A 77 11.72 2.66 6.51
C VAL A 77 11.46 1.36 7.29
N GLY A 78 11.04 0.30 6.57
CA GLY A 78 10.78 -1.01 7.19
C GLY A 78 10.33 -2.06 6.18
N GLU A 79 9.64 -3.09 6.67
CA GLU A 79 9.06 -4.17 5.83
C GLU A 79 7.85 -4.78 6.56
N ALA A 80 7.19 -5.77 5.92
CA ALA A 80 6.02 -6.49 6.48
C ALA A 80 5.73 -7.74 5.66
N ARG A 81 4.60 -8.42 5.95
CA ARG A 81 4.19 -9.65 5.28
C ARG A 81 2.73 -9.51 4.80
N ILE A 82 2.51 -9.74 3.50
CA ILE A 82 1.19 -9.64 2.85
C ILE A 82 0.29 -10.83 3.22
N LYS A 83 -0.98 -10.48 3.49
CA LYS A 83 -2.06 -11.37 3.92
C LYS A 83 -3.32 -11.00 3.10
N ARG A 84 -4.45 -11.69 3.43
CA ARG A 84 -5.73 -11.68 2.66
C ARG A 84 -6.04 -10.36 1.92
N VAL A 85 -5.99 -10.42 0.58
CA VAL A 85 -6.27 -9.27 -0.28
C VAL A 85 -7.78 -9.26 -0.63
N VAL A 86 -8.52 -8.33 -0.01
CA VAL A 86 -9.98 -8.23 -0.16
C VAL A 86 -10.31 -7.35 -1.37
N LEU A 87 -10.84 -7.99 -2.41
CA LEU A 87 -11.16 -7.31 -3.68
C LEU A 87 -12.61 -6.82 -3.65
N SER A 88 -12.81 -5.52 -3.79
CA SER A 88 -14.13 -4.90 -3.87
C SER A 88 -14.04 -3.61 -4.69
N GLU A 89 -14.99 -3.45 -5.61
CA GLU A 89 -15.08 -2.28 -6.49
C GLU A 89 -15.61 -1.03 -5.74
N ASN A 90 -15.93 -1.19 -4.44
CA ASN A 90 -16.21 -0.06 -3.53
C ASN A 90 -15.06 -0.01 -2.49
N PRO A 91 -14.30 1.11 -2.41
CA PRO A 91 -13.25 1.29 -1.37
C PRO A 91 -13.85 1.37 0.06
N MET A 92 -15.14 1.71 0.13
CA MET A 92 -15.86 1.95 1.39
C MET A 92 -16.10 0.64 2.16
N GLN A 93 -16.12 -0.48 1.42
CA GLN A 93 -16.29 -1.83 1.99
C GLN A 93 -15.14 -2.19 2.94
N PHE A 94 -13.96 -1.64 2.68
CA PHE A 94 -12.76 -1.92 3.49
C PHE A 94 -12.80 -1.19 4.83
N PHE A 95 -13.63 -0.13 4.92
CA PHE A 95 -13.78 0.67 6.14
C PHE A 95 -14.95 0.16 6.99
N GLU A 96 -15.89 -0.60 6.39
CA GLU A 96 -16.89 -1.34 7.18
C GLU A 96 -16.33 -2.70 7.65
N THR A 97 -15.42 -3.30 6.86
CA THR A 97 -14.80 -4.60 7.18
C THR A 97 -13.66 -4.42 8.19
N PHE A 98 -12.65 -3.61 7.83
CA PHE A 98 -11.49 -3.34 8.71
C PHE A 98 -11.67 -1.97 9.39
N GLY A 99 -11.57 -0.88 8.59
CA GLY A 99 -11.67 0.50 9.09
C GLY A 99 -10.45 0.90 9.91
N ASP A 100 -10.43 0.43 11.16
CA ASP A 100 -9.33 0.65 12.13
C ASP A 100 -7.99 0.10 11.59
N ARG A 101 -8.04 -1.13 11.02
CA ARG A 101 -6.82 -1.80 10.52
C ARG A 101 -6.19 -1.05 9.33
N VAL A 102 -7.04 -0.35 8.54
CA VAL A 102 -6.60 0.38 7.32
C VAL A 102 -5.71 1.60 7.68
N PHE A 103 -4.77 1.97 6.78
CA PHE A 103 -3.81 3.08 7.01
C PHE A 103 -4.51 4.45 7.09
N LEU A 104 -5.49 4.68 6.22
CA LEU A 104 -6.27 5.93 6.22
C LEU A 104 -7.70 5.64 6.70
N THR A 105 -8.47 6.69 6.97
CA THR A 105 -9.90 6.57 7.27
C THR A 105 -10.72 6.87 6.00
N LYS A 106 -12.02 6.57 6.04
CA LYS A 106 -12.91 6.74 4.87
C LYS A 106 -13.11 8.22 4.53
N ASP A 107 -12.95 9.07 5.55
CA ASP A 107 -12.86 10.53 5.39
C ASP A 107 -11.67 10.90 4.48
N GLU A 108 -10.47 10.37 4.81
CA GLU A 108 -9.26 10.57 3.98
C GLU A 108 -9.47 10.06 2.55
N LEU A 109 -10.25 8.97 2.44
CA LEU A 109 -10.62 8.36 1.16
C LEU A 109 -11.45 9.33 0.29
N LYS A 110 -12.59 9.83 0.82
CA LYS A 110 -13.56 10.63 0.03
C LYS A 110 -12.92 11.92 -0.52
N GLU A 111 -12.07 12.57 0.30
CA GLU A 111 -11.37 13.81 -0.09
C GLU A 111 -10.16 13.52 -1.00
N TYR A 112 -9.56 12.32 -0.87
CA TYR A 112 -8.48 11.86 -1.78
C TYR A 112 -9.02 11.64 -3.20
N MET A 113 -10.23 11.07 -3.29
CA MET A 113 -10.90 10.77 -4.56
C MET A 113 -11.41 12.08 -5.23
N LYS A 114 -11.75 13.08 -4.39
CA LYS A 114 -12.07 14.44 -4.85
C LYS A 114 -10.79 15.18 -5.28
N SER A 115 -9.67 14.90 -4.60
CA SER A 115 -8.35 15.48 -4.92
C SER A 115 -7.85 15.03 -6.31
N GLN A 116 -8.31 13.84 -6.74
CA GLN A 116 -7.97 13.31 -8.08
C GLN A 116 -8.55 14.22 -9.18
N GLU A 117 -9.84 14.58 -9.05
CA GLU A 117 -10.59 15.30 -10.09
C GLU A 117 -10.39 16.84 -10.02
N ARG A 118 -10.15 17.41 -8.82
CA ARG A 118 -9.98 18.87 -8.66
C ARG A 118 -8.54 19.33 -8.99
N TRP A 119 -7.52 18.57 -8.54
CA TRP A 119 -6.10 18.90 -8.78
C TRP A 119 -5.64 18.38 -10.15
N GLY A 120 -6.37 17.39 -10.68
CA GLY A 120 -6.13 16.87 -12.03
C GLY A 120 -6.73 17.79 -13.08
N ARG A 121 -7.94 17.46 -13.55
CA ARG A 121 -8.70 18.22 -14.56
C ARG A 121 -10.20 18.02 -14.30
N ARG A 122 -10.63 16.76 -14.47
CA ARG A 122 -12.03 16.32 -14.32
C ARG A 122 -12.07 14.77 -14.32
N ARG A 123 -13.16 14.21 -13.76
CA ARG A 123 -13.38 12.76 -13.71
C ARG A 123 -14.88 12.54 -13.48
N GLU A 124 -15.54 11.90 -14.46
CA GLU A 124 -16.99 11.67 -14.49
C GLU A 124 -17.35 10.45 -13.64
N SER A 125 -18.64 10.34 -13.27
CA SER A 125 -19.17 9.18 -12.53
C SER A 125 -18.82 7.87 -13.25
N LYS A 126 -19.26 7.77 -14.53
CA LYS A 126 -18.95 6.65 -15.46
C LYS A 126 -19.22 5.27 -14.85
N LYS A 127 -18.22 4.76 -14.10
CA LYS A 127 -18.28 3.47 -13.44
C LYS A 127 -17.32 3.46 -12.25
N LYS A 128 -17.57 2.54 -11.32
CA LYS A 128 -16.70 2.32 -10.15
C LYS A 128 -15.39 1.61 -10.61
N LYS A 129 -14.41 1.51 -9.70
CA LYS A 129 -13.10 0.91 -9.98
C LYS A 129 -12.86 -0.22 -8.97
N LEU A 130 -12.21 -1.32 -9.40
CA LEU A 130 -11.80 -2.42 -8.51
C LEU A 130 -10.70 -1.92 -7.57
N TRP A 131 -11.03 -1.75 -6.30
CA TRP A 131 -10.05 -1.50 -5.23
C TRP A 131 -9.74 -2.83 -4.53
N MET A 132 -8.61 -2.85 -3.82
CA MET A 132 -8.09 -4.07 -3.18
C MET A 132 -7.44 -3.70 -1.84
N ALA A 133 -7.80 -4.42 -0.79
CA ALA A 133 -7.28 -4.21 0.55
C ALA A 133 -6.25 -5.29 0.87
N ILE A 134 -4.97 -4.94 0.79
CA ILE A 134 -3.87 -5.84 1.13
C ILE A 134 -3.72 -5.83 2.65
N GLU A 135 -3.86 -6.98 3.32
CA GLU A 135 -3.64 -7.03 4.77
C GLU A 135 -2.14 -7.20 5.03
N LEU A 136 -1.64 -6.49 6.02
CA LEU A 136 -0.22 -6.46 6.40
C LEU A 136 -0.08 -6.94 7.84
N GLU A 137 0.69 -8.00 8.04
CA GLU A 137 1.09 -8.48 9.38
C GLU A 137 2.62 -8.32 9.53
N ASP A 138 3.11 -8.54 10.76
CA ASP A 138 4.56 -8.73 11.07
C ASP A 138 5.42 -7.57 10.49
N VAL A 139 4.95 -6.34 10.73
CA VAL A 139 5.59 -5.14 10.19
C VAL A 139 6.88 -4.82 10.96
N LYS A 140 8.03 -5.04 10.30
CA LYS A 140 9.37 -4.80 10.86
C LYS A 140 9.81 -3.35 10.59
N LYS A 141 10.69 -2.82 11.45
CA LYS A 141 11.31 -1.49 11.28
C LYS A 141 12.79 -1.64 10.90
N TYR A 142 13.23 -0.84 9.93
CA TYR A 142 14.64 -0.71 9.55
C TYR A 142 15.26 0.49 10.28
N ASP A 143 15.59 0.28 11.56
CA ASP A 143 16.39 1.21 12.37
C ASP A 143 17.85 1.22 11.87
N LYS A 144 18.24 0.10 11.24
CA LYS A 144 19.53 -0.05 10.53
C LYS A 144 19.40 0.57 9.11
N PRO A 145 20.50 1.19 8.57
CA PRO A 145 20.48 1.86 7.24
C PRO A 145 20.54 0.87 6.05
N ILE A 146 19.39 0.22 5.76
CA ILE A 146 19.24 -0.66 4.58
C ILE A 146 18.84 0.20 3.37
N LYS A 147 19.59 0.03 2.28
CA LYS A 147 19.40 0.78 1.03
C LYS A 147 18.85 -0.16 -0.05
N PRO A 148 17.98 0.35 -0.98
CA PRO A 148 17.37 -0.47 -2.05
C PRO A 148 18.39 -0.82 -3.14
N LYS A 149 18.21 -2.02 -3.74
CA LYS A 149 18.99 -2.47 -4.92
C LYS A 149 18.58 -1.64 -6.16
N ARG A 150 17.32 -1.14 -6.14
CA ARG A 150 16.72 -0.34 -7.22
C ARG A 150 15.81 0.73 -6.62
N LEU A 151 15.55 1.78 -7.40
CA LEU A 151 14.74 2.93 -6.96
C LEU A 151 13.27 2.51 -6.99
N VAL A 152 12.54 2.82 -5.91
CA VAL A 152 11.10 2.52 -5.79
C VAL A 152 10.29 3.83 -5.96
N PRO A 153 9.79 4.12 -7.21
CA PRO A 153 8.93 5.32 -7.47
C PRO A 153 7.47 5.10 -7.01
N VAL A 154 6.61 6.08 -7.29
CA VAL A 154 5.21 6.11 -6.83
C VAL A 154 4.37 4.88 -7.27
N GLY A 155 4.76 4.25 -8.39
CA GLY A 155 4.07 3.06 -8.92
C GLY A 155 4.39 1.78 -8.15
N GLY A 156 5.54 1.77 -7.45
CA GLY A 156 6.00 0.61 -6.68
C GLY A 156 6.72 -0.42 -7.55
N GLN A 157 7.70 -1.14 -6.96
CA GLN A 157 8.48 -2.19 -7.66
C GLN A 157 8.07 -3.56 -7.15
N TYR A 158 7.89 -4.52 -8.06
CA TYR A 158 7.66 -5.92 -7.71
C TYR A 158 8.99 -6.55 -7.28
N LEU A 159 9.12 -6.85 -5.98
CA LEU A 159 10.32 -7.45 -5.40
C LEU A 159 10.27 -8.96 -5.70
N ARG A 160 11.21 -9.42 -6.52
CA ARG A 160 11.35 -10.84 -6.85
C ARG A 160 12.78 -11.27 -6.55
N GLU A 161 12.98 -12.46 -5.96
CA GLU A 161 14.34 -12.94 -5.67
C GLU A 161 14.85 -13.80 -6.86
N MET A 23 13.53 -15.03 -11.34
CA MET A 23 12.83 -15.76 -10.25
C MET A 23 11.34 -15.39 -10.26
N SER A 24 10.56 -16.21 -10.98
CA SER A 24 9.16 -15.91 -11.37
C SER A 24 8.18 -16.05 -10.20
N LYS A 25 8.61 -16.74 -9.12
CA LYS A 25 7.78 -16.95 -7.91
C LYS A 25 7.52 -15.62 -7.14
N ILE A 26 8.34 -14.57 -7.45
CA ILE A 26 8.32 -13.26 -6.73
C ILE A 26 8.79 -13.51 -5.25
N VAL A 27 8.68 -12.51 -4.38
CA VAL A 27 8.61 -12.71 -2.91
C VAL A 27 7.65 -11.66 -2.33
N GLY A 28 7.72 -10.44 -2.87
CA GLY A 28 6.87 -9.36 -2.42
C GLY A 28 6.89 -8.17 -3.35
N VAL A 29 6.38 -7.04 -2.83
CA VAL A 29 6.38 -5.77 -3.53
C VAL A 29 6.91 -4.69 -2.57
N THR A 30 7.63 -3.73 -3.12
CA THR A 30 8.13 -2.57 -2.37
C THR A 30 7.44 -1.31 -2.92
N TYR A 31 7.03 -0.43 -2.00
CA TYR A 31 6.38 0.85 -2.33
C TYR A 31 7.04 1.98 -1.52
N PRO A 32 7.17 3.21 -2.10
CA PRO A 32 7.66 4.41 -1.37
C PRO A 32 6.72 4.78 -0.19
N ILE A 33 5.44 4.37 -0.32
CA ILE A 33 4.38 4.57 0.70
C ILE A 33 3.99 6.07 0.85
N PRO A 34 2.65 6.41 0.89
CA PRO A 34 2.18 7.76 1.26
C PRO A 34 2.76 8.18 2.63
N LYS A 35 3.61 9.22 2.62
CA LYS A 35 4.46 9.61 3.76
C LYS A 35 3.66 10.06 5.00
N ARG A 36 2.45 10.60 4.79
CA ARG A 36 1.52 10.93 5.90
C ARG A 36 1.14 9.65 6.68
N PHE A 37 1.02 8.55 5.93
CA PHE A 37 0.52 7.26 6.42
C PHE A 37 1.66 6.23 6.51
N MET A 38 2.91 6.73 6.55
CA MET A 38 4.12 5.90 6.73
C MET A 38 4.13 5.30 8.16
N ASP A 39 3.59 6.07 9.13
CA ASP A 39 3.53 5.70 10.55
C ASP A 39 2.65 4.47 10.81
N ARG A 40 1.59 4.35 9.99
CA ARG A 40 0.44 3.46 10.23
C ARG A 40 0.84 2.00 10.47
N PHE A 41 1.62 1.46 9.53
CA PHE A 41 2.01 0.05 9.52
C PHE A 41 2.79 -0.32 10.81
N PHE A 42 3.50 0.68 11.36
CA PHE A 42 4.37 0.53 12.54
C PHE A 42 3.60 0.90 13.84
N LYS A 43 2.56 1.74 13.68
CA LYS A 43 1.69 2.22 14.77
C LYS A 43 0.84 1.08 15.35
N LYS A 44 0.30 0.24 14.46
CA LYS A 44 -0.69 -0.79 14.80
C LYS A 44 -0.11 -2.21 14.70
N GLY A 45 1.04 -2.36 14.01
CA GLY A 45 1.71 -3.66 13.84
C GLY A 45 1.07 -4.57 12.78
N LYS A 46 -0.16 -4.22 12.36
CA LYS A 46 -0.92 -4.93 11.33
C LYS A 46 -1.84 -3.92 10.61
N ASP A 47 -1.46 -3.55 9.38
CA ASP A 47 -2.16 -2.54 8.57
C ASP A 47 -2.94 -3.22 7.42
N VAL A 48 -3.71 -2.43 6.66
CA VAL A 48 -4.38 -2.87 5.42
C VAL A 48 -4.15 -1.82 4.34
N PHE A 49 -3.32 -2.16 3.34
CA PHE A 49 -2.94 -1.24 2.25
C PHE A 49 -3.92 -1.39 1.08
N VAL A 50 -4.77 -0.38 0.86
CA VAL A 50 -5.77 -0.39 -0.21
C VAL A 50 -5.23 0.32 -1.46
N LYS A 51 -5.42 -0.33 -2.61
CA LYS A 51 -4.98 0.15 -3.92
C LYS A 51 -6.13 -0.04 -4.93
N PRO A 52 -6.49 0.97 -5.78
CA PRO A 52 -7.47 0.78 -6.90
C PRO A 52 -6.92 -0.08 -8.07
N ALA A 53 -6.67 -1.39 -7.78
CA ALA A 53 -6.24 -2.41 -8.77
C ALA A 53 -4.96 -2.06 -9.57
N THR A 54 -4.18 -1.07 -9.08
CA THR A 54 -2.99 -0.55 -9.78
C THR A 54 -1.85 -1.60 -9.78
N VAL A 55 -1.83 -2.46 -8.75
CA VAL A 55 -0.87 -3.59 -8.67
C VAL A 55 -1.50 -4.80 -9.39
N TRP A 56 -0.66 -5.63 -10.00
CA TRP A 56 -1.10 -6.79 -10.82
C TRP A 56 -1.32 -8.05 -9.93
N LYS A 57 -1.47 -9.22 -10.58
CA LYS A 57 -1.89 -10.50 -9.92
C LYS A 57 -0.77 -11.16 -9.08
N GLU A 58 0.44 -10.55 -9.06
CA GLU A 58 1.58 -11.05 -8.24
C GLU A 58 1.22 -11.03 -6.75
N LEU A 59 0.37 -10.07 -6.37
CA LEU A 59 -0.12 -9.89 -4.99
C LEU A 59 -1.02 -11.07 -4.55
N LYS A 60 -0.41 -12.00 -3.82
CA LYS A 60 -1.07 -13.21 -3.28
C LYS A 60 -0.90 -13.21 -1.74
N PRO A 61 -1.79 -13.91 -0.98
CA PRO A 61 -1.64 -14.04 0.49
C PRO A 61 -0.47 -14.98 0.86
N GLY A 62 0.63 -14.38 1.35
CA GLY A 62 1.83 -15.12 1.78
C GLY A 62 3.11 -14.52 1.23
N MET A 63 3.11 -13.18 1.02
CA MET A 63 4.24 -12.42 0.47
C MET A 63 4.85 -11.49 1.54
N LYS A 64 5.81 -10.66 1.12
CA LYS A 64 6.42 -9.59 1.94
C LYS A 64 6.12 -8.23 1.31
N PHE A 65 6.15 -7.17 2.11
CA PHE A 65 5.93 -5.80 1.62
C PHE A 65 6.95 -4.88 2.25
N VAL A 66 8.01 -4.56 1.51
CA VAL A 66 9.09 -3.70 2.00
C VAL A 66 8.74 -2.22 1.77
N PHE A 67 8.77 -1.44 2.86
CA PHE A 67 8.43 0.00 2.85
C PHE A 67 9.68 0.83 2.57
N TYR A 68 9.72 1.36 1.34
CA TYR A 68 10.81 2.20 0.81
C TYR A 68 10.72 3.64 1.34
N GLN A 69 11.89 4.31 1.34
CA GLN A 69 12.11 5.70 1.85
C GLN A 69 11.67 5.83 3.33
N SER A 70 11.67 7.07 3.85
CA SER A 70 11.30 7.36 5.24
C SER A 70 11.06 8.88 5.42
N HIS A 71 11.04 9.35 6.69
CA HIS A 71 11.06 10.78 7.03
C HIS A 71 12.30 11.47 6.41
N GLU A 72 13.42 10.74 6.42
CA GLU A 72 14.71 11.22 5.88
C GLU A 72 15.29 10.20 4.87
N ASP A 73 16.43 10.57 4.26
CA ASP A 73 17.11 9.75 3.25
C ASP A 73 17.90 8.62 3.95
N THR A 74 17.19 7.52 4.26
CA THR A 74 17.75 6.34 4.97
C THR A 74 17.59 5.05 4.13
N GLY A 75 17.13 5.20 2.88
CA GLY A 75 16.93 4.08 1.96
C GLY A 75 15.54 3.47 2.09
N PHE A 76 15.30 2.84 3.24
CA PHE A 76 13.99 2.25 3.61
C PHE A 76 13.61 2.68 5.05
N VAL A 77 12.38 2.31 5.46
CA VAL A 77 11.88 2.52 6.84
C VAL A 77 11.56 1.17 7.51
N GLY A 78 11.07 0.18 6.72
CA GLY A 78 10.71 -1.13 7.27
C GLY A 78 10.24 -2.13 6.22
N GLU A 79 9.52 -3.16 6.70
CA GLU A 79 8.90 -4.21 5.86
C GLU A 79 7.65 -4.77 6.57
N ALA A 80 6.95 -5.71 5.91
CA ALA A 80 5.75 -6.37 6.43
C ALA A 80 5.50 -7.68 5.68
N ARG A 81 4.34 -8.32 5.95
CA ARG A 81 3.90 -9.54 5.26
C ARG A 81 2.52 -9.32 4.63
N ILE A 82 2.45 -9.52 3.31
CA ILE A 82 1.19 -9.47 2.55
C ILE A 82 0.38 -10.74 2.82
N LYS A 83 -0.88 -10.52 3.18
CA LYS A 83 -1.86 -11.57 3.48
C LYS A 83 -3.17 -11.23 2.72
N ARG A 84 -4.28 -11.92 3.06
CA ARG A 84 -5.51 -12.01 2.24
C ARG A 84 -5.93 -10.66 1.60
N VAL A 85 -5.83 -10.62 0.25
CA VAL A 85 -6.21 -9.45 -0.52
C VAL A 85 -7.73 -9.51 -0.81
N VAL A 86 -8.47 -8.57 -0.20
CA VAL A 86 -9.94 -8.49 -0.31
C VAL A 86 -10.27 -7.61 -1.52
N LEU A 87 -10.80 -8.23 -2.58
CA LEU A 87 -11.19 -7.52 -3.81
C LEU A 87 -12.63 -7.02 -3.68
N SER A 88 -12.80 -5.69 -3.72
CA SER A 88 -14.10 -5.02 -3.67
C SER A 88 -14.02 -3.73 -4.48
N GLU A 89 -14.97 -3.57 -5.42
CA GLU A 89 -15.09 -2.36 -6.25
C GLU A 89 -15.47 -1.12 -5.41
N ASN A 90 -16.03 -1.34 -4.21
CA ASN A 90 -16.33 -0.27 -3.27
C ASN A 90 -15.20 -0.25 -2.21
N PRO A 91 -14.43 0.87 -2.10
CA PRO A 91 -13.36 0.99 -1.08
C PRO A 91 -13.92 1.06 0.36
N MET A 92 -15.22 1.39 0.52
CA MET A 92 -15.84 1.62 1.83
C MET A 92 -16.05 0.30 2.59
N GLN A 93 -16.17 -0.80 1.83
CA GLN A 93 -16.33 -2.16 2.39
C GLN A 93 -15.09 -2.59 3.20
N PHE A 94 -13.93 -1.98 2.90
CA PHE A 94 -12.68 -2.22 3.64
C PHE A 94 -12.68 -1.45 4.98
N PHE A 95 -13.36 -0.29 5.01
CA PHE A 95 -13.40 0.57 6.19
C PHE A 95 -14.46 0.11 7.21
N GLU A 96 -15.40 -0.75 6.78
CA GLU A 96 -16.34 -1.41 7.72
C GLU A 96 -15.78 -2.76 8.22
N THR A 97 -14.98 -3.45 7.37
CA THR A 97 -14.35 -4.73 7.73
C THR A 97 -13.11 -4.50 8.64
N PHE A 98 -12.32 -3.47 8.31
CA PHE A 98 -11.05 -3.16 9.01
C PHE A 98 -11.15 -1.77 9.66
N GLY A 99 -11.22 -0.72 8.81
CA GLY A 99 -11.39 0.67 9.25
C GLY A 99 -10.07 1.32 9.63
N ASP A 100 -9.76 1.35 10.93
CA ASP A 100 -8.54 1.98 11.46
C ASP A 100 -7.28 1.17 11.09
N ARG A 101 -7.47 -0.14 10.80
CA ARG A 101 -6.40 -1.02 10.29
C ARG A 101 -5.84 -0.50 8.96
N VAL A 102 -6.73 0.02 8.12
CA VAL A 102 -6.37 0.59 6.81
C VAL A 102 -5.42 1.82 7.02
N PHE A 103 -4.45 2.01 6.09
CA PHE A 103 -3.40 3.07 6.22
C PHE A 103 -3.99 4.49 6.30
N LEU A 104 -5.21 4.64 5.84
CA LEU A 104 -5.99 5.88 5.96
C LEU A 104 -7.39 5.52 6.45
N THR A 105 -8.18 6.49 6.93
CA THR A 105 -9.59 6.22 7.28
C THR A 105 -10.50 6.67 6.12
N LYS A 106 -11.81 6.41 6.27
CA LYS A 106 -12.80 6.72 5.21
C LYS A 106 -12.84 8.23 4.90
N ASP A 107 -12.54 9.05 5.92
CA ASP A 107 -12.42 10.53 5.80
C ASP A 107 -11.23 10.91 4.90
N GLU A 108 -10.06 10.27 5.13
CA GLU A 108 -8.89 10.46 4.25
C GLU A 108 -9.19 9.98 2.82
N LEU A 109 -9.95 8.88 2.69
CA LEU A 109 -10.35 8.31 1.39
C LEU A 109 -11.15 9.32 0.56
N LYS A 110 -12.24 9.85 1.16
CA LYS A 110 -13.20 10.71 0.45
C LYS A 110 -12.54 12.02 0.00
N GLU A 111 -11.71 12.63 0.88
CA GLU A 111 -10.98 13.88 0.55
C GLU A 111 -9.87 13.60 -0.49
N TYR A 112 -9.30 12.38 -0.44
CA TYR A 112 -8.24 11.93 -1.38
C TYR A 112 -8.80 11.84 -2.81
N MET A 113 -10.01 11.28 -2.94
CA MET A 113 -10.70 11.11 -4.24
C MET A 113 -11.25 12.45 -4.75
N LYS A 114 -11.65 13.34 -3.81
CA LYS A 114 -12.05 14.72 -4.13
C LYS A 114 -10.83 15.56 -4.57
N SER A 115 -9.65 15.18 -4.08
CA SER A 115 -8.38 15.77 -4.52
C SER A 115 -8.01 15.25 -5.92
N GLN A 116 -8.22 13.94 -6.16
CA GLN A 116 -7.88 13.31 -7.47
C GLN A 116 -8.68 13.94 -8.62
N GLU A 117 -9.99 14.13 -8.41
CA GLU A 117 -10.90 14.65 -9.46
C GLU A 117 -10.60 16.13 -9.81
N ARG A 118 -10.00 16.88 -8.86
CA ARG A 118 -9.77 18.33 -9.01
C ARG A 118 -8.33 18.62 -9.50
N TRP A 119 -7.35 17.76 -9.13
CA TRP A 119 -5.94 17.93 -9.51
C TRP A 119 -5.65 17.25 -10.85
N GLY A 120 -6.43 16.21 -11.19
CA GLY A 120 -6.26 15.46 -12.45
C GLY A 120 -7.58 14.79 -12.85
N ARG A 121 -7.47 13.63 -13.52
CA ARG A 121 -8.63 12.80 -13.94
C ARG A 121 -9.47 13.51 -15.04
N ARG A 122 -9.29 13.11 -16.32
CA ARG A 122 -9.99 13.72 -17.47
C ARG A 122 -11.46 13.25 -17.51
N ARG A 123 -11.64 11.95 -17.80
CA ARG A 123 -12.96 11.32 -17.94
C ARG A 123 -12.78 9.83 -17.65
N GLU A 124 -13.21 9.42 -16.44
CA GLU A 124 -12.96 8.08 -15.90
C GLU A 124 -13.91 7.02 -16.48
N SER A 125 -13.91 5.83 -15.87
CA SER A 125 -14.62 4.63 -16.37
C SER A 125 -16.16 4.82 -16.47
N LYS A 126 -16.71 5.92 -15.89
CA LYS A 126 -18.18 6.15 -15.77
C LYS A 126 -18.81 5.02 -14.90
N LYS A 127 -17.96 4.49 -14.01
CA LYS A 127 -18.25 3.35 -13.15
C LYS A 127 -17.21 3.30 -12.02
N LYS A 128 -17.50 2.55 -10.95
CA LYS A 128 -16.56 2.36 -9.83
C LYS A 128 -15.41 1.43 -10.28
N LYS A 129 -14.21 1.67 -9.73
CA LYS A 129 -13.02 0.85 -10.02
C LYS A 129 -12.88 -0.26 -8.97
N LEU A 130 -12.30 -1.40 -9.38
CA LEU A 130 -11.96 -2.50 -8.45
C LEU A 130 -10.82 -2.03 -7.53
N TRP A 131 -11.04 -2.07 -6.22
CA TRP A 131 -10.01 -1.83 -5.21
C TRP A 131 -9.61 -3.17 -4.55
N MET A 132 -8.41 -3.21 -4.01
CA MET A 132 -7.84 -4.40 -3.36
C MET A 132 -7.26 -3.99 -2.00
N ALA A 133 -7.65 -4.74 -0.96
CA ALA A 133 -7.22 -4.50 0.41
C ALA A 133 -6.22 -5.57 0.82
N ILE A 134 -4.96 -5.20 0.80
CA ILE A 134 -3.86 -6.10 1.12
C ILE A 134 -3.71 -6.14 2.65
N GLU A 135 -3.84 -7.33 3.26
CA GLU A 135 -3.70 -7.47 4.71
C GLU A 135 -2.20 -7.49 5.09
N LEU A 136 -1.69 -6.35 5.56
CA LEU A 136 -0.31 -6.24 6.06
C LEU A 136 -0.25 -6.63 7.54
N GLU A 137 0.53 -7.66 7.86
CA GLU A 137 0.71 -8.13 9.23
C GLU A 137 2.19 -8.46 9.46
N ASP A 138 2.56 -8.70 10.73
CA ASP A 138 3.95 -9.03 11.13
C ASP A 138 4.93 -7.90 10.75
N VAL A 139 4.39 -6.65 10.75
CA VAL A 139 5.11 -5.47 10.25
C VAL A 139 6.39 -5.22 11.06
N LYS A 140 7.53 -5.28 10.36
CA LYS A 140 8.87 -5.10 10.94
C LYS A 140 9.40 -3.69 10.62
N LYS A 141 10.26 -3.19 11.50
CA LYS A 141 10.98 -1.92 11.32
C LYS A 141 12.44 -2.20 10.97
N TYR A 142 12.98 -1.44 10.01
CA TYR A 142 14.42 -1.39 9.75
C TYR A 142 15.05 -0.33 10.67
N ASP A 143 15.47 -0.79 11.87
CA ASP A 143 16.22 0.05 12.84
C ASP A 143 17.56 0.48 12.22
N LYS A 144 18.12 -0.44 11.42
CA LYS A 144 19.32 -0.19 10.62
C LYS A 144 18.90 0.45 9.25
N PRO A 145 19.66 1.47 8.74
CA PRO A 145 19.35 2.13 7.46
C PRO A 145 19.79 1.27 6.24
N ILE A 146 18.88 0.39 5.79
CA ILE A 146 19.13 -0.48 4.62
C ILE A 146 19.11 0.36 3.32
N LYS A 147 20.16 0.19 2.49
CA LYS A 147 20.29 0.92 1.21
C LYS A 147 19.40 0.24 0.13
N PRO A 148 18.76 1.03 -0.78
CA PRO A 148 17.93 0.47 -1.87
C PRO A 148 18.76 -0.02 -3.06
N LYS A 149 18.17 -0.95 -3.81
CA LYS A 149 18.72 -1.43 -5.08
C LYS A 149 18.52 -0.39 -6.20
N ARG A 150 17.48 0.46 -6.01
CA ARG A 150 17.10 1.49 -6.98
C ARG A 150 16.04 2.41 -6.35
N LEU A 151 15.69 3.48 -7.08
CA LEU A 151 14.51 4.30 -6.78
C LEU A 151 13.25 3.46 -7.03
N VAL A 152 12.35 3.40 -6.04
CA VAL A 152 11.06 2.71 -6.16
C VAL A 152 9.97 3.76 -6.42
N PRO A 153 9.48 3.88 -7.70
CA PRO A 153 8.51 4.96 -8.10
C PRO A 153 7.11 4.78 -7.48
N VAL A 154 6.20 5.69 -7.85
CA VAL A 154 4.82 5.73 -7.32
C VAL A 154 4.02 4.44 -7.64
N GLY A 155 4.39 3.77 -8.75
CA GLY A 155 3.79 2.48 -9.12
C GLY A 155 4.40 1.29 -8.37
N GLY A 156 5.58 1.52 -7.76
CA GLY A 156 6.28 0.54 -6.95
C GLY A 156 7.07 -0.47 -7.78
N GLN A 157 7.91 -1.27 -7.11
CA GLN A 157 8.76 -2.32 -7.76
C GLN A 157 8.42 -3.70 -7.18
N TYR A 158 8.51 -4.74 -8.01
CA TYR A 158 8.35 -6.14 -7.56
C TYR A 158 9.71 -6.69 -7.10
N LEU A 159 9.76 -7.06 -5.81
CA LEU A 159 10.89 -7.77 -5.22
C LEU A 159 10.68 -9.27 -5.51
N ARG A 160 11.69 -9.95 -6.07
CA ARG A 160 11.57 -11.36 -6.49
C ARG A 160 12.77 -12.19 -6.00
N GLU A 161 12.53 -13.41 -5.48
CA GLU A 161 13.60 -14.31 -5.02
C GLU A 161 13.06 -15.75 -4.85
N MET A 23 14.24 -12.73 -9.54
CA MET A 23 13.95 -13.88 -10.44
C MET A 23 12.43 -14.09 -10.57
N SER A 24 11.98 -14.79 -11.64
CA SER A 24 10.54 -15.00 -11.98
C SER A 24 9.70 -15.62 -10.82
N LYS A 25 10.40 -16.23 -9.85
CA LYS A 25 9.78 -16.80 -8.61
C LYS A 25 9.06 -15.74 -7.74
N ILE A 26 9.43 -14.45 -7.91
CA ILE A 26 8.92 -13.31 -7.09
C ILE A 26 9.42 -13.47 -5.61
N VAL A 27 8.96 -12.58 -4.70
CA VAL A 27 8.95 -12.80 -3.22
C VAL A 27 7.84 -11.92 -2.62
N GLY A 28 7.72 -10.67 -3.13
CA GLY A 28 6.73 -9.71 -2.67
C GLY A 28 6.63 -8.49 -3.56
N VAL A 29 6.08 -7.39 -3.01
CA VAL A 29 6.09 -6.05 -3.65
C VAL A 29 6.69 -5.03 -2.66
N THR A 30 7.15 -3.87 -3.17
CA THR A 30 7.71 -2.79 -2.36
C THR A 30 7.15 -1.44 -2.83
N TYR A 31 6.84 -0.57 -1.85
CA TYR A 31 6.31 0.79 -2.11
C TYR A 31 7.01 1.80 -1.18
N PRO A 32 7.30 3.05 -1.68
CA PRO A 32 7.74 4.18 -0.82
C PRO A 32 6.58 4.68 0.08
N ILE A 33 5.34 4.62 -0.49
CA ILE A 33 4.10 5.11 0.12
C ILE A 33 4.19 6.64 0.39
N PRO A 34 3.56 7.49 -0.50
CA PRO A 34 3.43 8.95 -0.24
C PRO A 34 2.45 9.24 0.91
N LYS A 35 2.24 10.54 1.22
CA LYS A 35 1.37 11.00 2.34
C LYS A 35 2.03 10.60 3.70
N ARG A 36 1.33 10.87 4.84
CA ARG A 36 1.81 10.51 6.20
C ARG A 36 1.62 9.01 6.50
N PHE A 37 0.79 8.36 5.67
CA PHE A 37 0.24 7.02 5.93
C PHE A 37 1.24 5.86 5.77
N MET A 38 2.52 6.20 5.56
CA MET A 38 3.63 5.23 5.63
C MET A 38 3.80 4.73 7.08
N ASP A 39 3.75 5.69 8.04
CA ASP A 39 3.98 5.42 9.49
C ASP A 39 2.83 4.60 10.13
N ARG A 40 1.67 4.52 9.43
CA ARG A 40 0.47 3.75 9.87
C ARG A 40 0.84 2.30 10.25
N PHE A 41 1.54 1.64 9.31
CA PHE A 41 1.83 0.19 9.36
C PHE A 41 2.67 -0.17 10.59
N PHE A 42 3.48 0.79 11.05
CA PHE A 42 4.45 0.62 12.13
C PHE A 42 3.84 1.02 13.47
N LYS A 43 2.88 1.96 13.42
CA LYS A 43 2.14 2.45 14.58
C LYS A 43 1.30 1.32 15.21
N LYS A 44 0.60 0.57 14.34
CA LYS A 44 -0.38 -0.46 14.75
C LYS A 44 0.19 -1.89 14.65
N GLY A 45 1.32 -2.06 13.93
CA GLY A 45 1.98 -3.37 13.77
C GLY A 45 1.29 -4.33 12.80
N LYS A 46 0.09 -3.93 12.33
CA LYS A 46 -0.73 -4.69 11.37
C LYS A 46 -1.72 -3.74 10.70
N ASP A 47 -1.45 -3.44 9.43
CA ASP A 47 -2.23 -2.46 8.65
C ASP A 47 -2.93 -3.18 7.48
N VAL A 48 -3.72 -2.45 6.69
CA VAL A 48 -4.35 -2.95 5.45
C VAL A 48 -4.13 -1.92 4.33
N PHE A 49 -3.27 -2.28 3.36
CA PHE A 49 -2.91 -1.41 2.23
C PHE A 49 -3.91 -1.62 1.07
N VAL A 50 -4.79 -0.64 0.84
CA VAL A 50 -5.82 -0.71 -0.22
C VAL A 50 -5.27 -0.12 -1.55
N LYS A 51 -5.37 -0.94 -2.60
CA LYS A 51 -5.03 -0.57 -3.99
C LYS A 51 -6.31 -0.46 -4.83
N PRO A 52 -6.52 0.64 -5.61
CA PRO A 52 -7.65 0.76 -6.58
C PRO A 52 -7.40 -0.04 -7.89
N ALA A 53 -7.11 -1.35 -7.73
CA ALA A 53 -6.66 -2.24 -8.83
C ALA A 53 -5.38 -1.69 -9.50
N THR A 54 -4.21 -2.06 -8.95
CA THR A 54 -2.89 -1.63 -9.46
C THR A 54 -1.98 -2.87 -9.59
N VAL A 55 -1.59 -3.44 -8.43
CA VAL A 55 -0.74 -4.63 -8.37
C VAL A 55 -1.58 -5.83 -7.90
N TRP A 56 -1.88 -6.73 -8.84
CA TRP A 56 -2.70 -7.95 -8.59
C TRP A 56 -2.07 -9.16 -9.30
N LYS A 57 -1.08 -8.88 -10.16
CA LYS A 57 -0.48 -9.86 -11.09
C LYS A 57 0.23 -10.99 -10.32
N GLU A 58 1.17 -10.57 -9.46
CA GLU A 58 1.95 -11.49 -8.60
C GLU A 58 1.41 -11.46 -7.17
N LEU A 59 0.49 -10.50 -6.87
CA LEU A 59 -0.02 -10.24 -5.51
C LEU A 59 -0.85 -11.44 -5.00
N LYS A 60 -0.32 -12.16 -4.00
CA LYS A 60 -1.00 -13.30 -3.38
C LYS A 60 -0.77 -13.26 -1.85
N PRO A 61 -1.74 -13.79 -1.02
CA PRO A 61 -1.59 -13.86 0.45
C PRO A 61 -0.51 -14.87 0.86
N GLY A 62 0.66 -14.36 1.29
CA GLY A 62 1.81 -15.19 1.67
C GLY A 62 3.13 -14.54 1.33
N MET A 63 3.08 -13.54 0.43
CA MET A 63 4.27 -12.76 0.03
C MET A 63 4.69 -11.77 1.12
N LYS A 64 5.77 -11.03 0.83
CA LYS A 64 6.26 -9.93 1.67
C LYS A 64 5.94 -8.57 1.04
N PHE A 65 5.99 -7.53 1.86
CA PHE A 65 5.83 -6.15 1.42
C PHE A 65 6.87 -5.31 2.15
N VAL A 66 7.92 -4.92 1.45
CA VAL A 66 8.97 -4.05 2.00
C VAL A 66 8.58 -2.58 1.77
N PHE A 67 8.74 -1.77 2.81
CA PHE A 67 8.42 -0.35 2.77
C PHE A 67 9.71 0.44 2.52
N TYR A 68 9.86 0.88 1.25
CA TYR A 68 10.96 1.74 0.79
C TYR A 68 10.80 3.15 1.37
N GLN A 69 11.95 3.85 1.53
CA GLN A 69 12.02 5.25 2.01
C GLN A 69 11.66 5.33 3.51
N SER A 70 12.33 6.22 4.25
CA SER A 70 12.08 6.43 5.69
C SER A 70 11.31 7.75 5.92
N HIS A 71 11.00 8.03 7.20
CA HIS A 71 10.29 9.27 7.60
C HIS A 71 11.17 10.50 7.28
N GLU A 72 10.95 11.06 6.06
CA GLU A 72 11.81 12.08 5.39
C GLU A 72 13.11 11.45 4.81
N ASP A 73 13.84 10.70 5.65
CA ASP A 73 15.16 10.11 5.30
C ASP A 73 15.10 9.08 4.14
N THR A 74 16.26 8.79 3.53
CA THR A 74 16.39 7.90 2.37
C THR A 74 16.83 6.48 2.82
N GLY A 75 16.29 5.45 2.14
CA GLY A 75 16.67 4.06 2.40
C GLY A 75 15.45 3.15 2.42
N PHE A 76 15.16 2.59 3.59
CA PHE A 76 13.96 1.77 3.84
C PHE A 76 13.49 2.04 5.28
N VAL A 77 12.18 2.12 5.49
CA VAL A 77 11.59 2.32 6.84
C VAL A 77 11.31 0.97 7.52
N GLY A 78 10.92 -0.05 6.75
CA GLY A 78 10.63 -1.37 7.31
C GLY A 78 10.16 -2.39 6.29
N GLU A 79 9.50 -3.45 6.76
CA GLU A 79 8.92 -4.52 5.92
C GLU A 79 7.67 -5.10 6.61
N ALA A 80 6.98 -6.04 5.95
CA ALA A 80 5.78 -6.72 6.49
C ALA A 80 5.43 -7.95 5.65
N ARG A 81 4.36 -8.65 6.01
CA ARG A 81 3.89 -9.85 5.30
C ARG A 81 2.45 -9.65 4.78
N ILE A 82 2.30 -9.85 3.47
CA ILE A 82 1.02 -9.77 2.76
C ILE A 82 0.11 -10.95 3.13
N LYS A 83 -1.13 -10.62 3.48
CA LYS A 83 -2.21 -11.57 3.81
C LYS A 83 -3.44 -11.25 2.94
N ARG A 84 -4.52 -12.03 3.17
CA ARG A 84 -5.78 -12.06 2.38
C ARG A 84 -6.15 -10.71 1.73
N VAL A 85 -6.12 -10.68 0.39
CA VAL A 85 -6.52 -9.50 -0.40
C VAL A 85 -8.06 -9.50 -0.58
N VAL A 86 -8.73 -8.55 0.11
CA VAL A 86 -10.19 -8.48 0.14
C VAL A 86 -10.66 -7.62 -1.05
N LEU A 87 -11.29 -8.29 -2.03
CA LEU A 87 -11.72 -7.67 -3.29
C LEU A 87 -13.14 -7.11 -3.13
N SER A 88 -13.30 -5.81 -3.35
CA SER A 88 -14.60 -5.13 -3.28
C SER A 88 -14.63 -3.95 -4.25
N GLU A 89 -15.78 -3.77 -4.91
CA GLU A 89 -16.02 -2.66 -5.83
C GLU A 89 -16.40 -1.37 -5.07
N ASN A 90 -16.63 -1.48 -3.74
CA ASN A 90 -16.76 -0.31 -2.84
C ASN A 90 -15.56 -0.27 -1.88
N PRO A 91 -14.73 0.83 -1.90
CA PRO A 91 -13.61 1.00 -0.93
C PRO A 91 -14.10 1.24 0.51
N MET A 92 -15.40 1.56 0.67
CA MET A 92 -16.01 1.89 1.97
C MET A 92 -16.20 0.63 2.82
N GLN A 93 -16.26 -0.53 2.16
CA GLN A 93 -16.46 -1.82 2.84
C GLN A 93 -15.23 -2.22 3.67
N PHE A 94 -14.04 -1.73 3.26
CA PHE A 94 -12.79 -2.00 3.98
C PHE A 94 -12.74 -1.24 5.31
N PHE A 95 -13.55 -0.18 5.44
CA PHE A 95 -13.60 0.66 6.64
C PHE A 95 -14.60 0.08 7.66
N GLU A 96 -15.76 -0.40 7.17
CA GLU A 96 -16.74 -1.08 8.04
C GLU A 96 -16.19 -2.44 8.52
N THR A 97 -15.29 -3.06 7.70
CA THR A 97 -14.65 -4.34 8.04
C THR A 97 -13.43 -4.10 8.96
N PHE A 98 -12.42 -3.34 8.47
CA PHE A 98 -11.17 -3.08 9.21
C PHE A 98 -11.21 -1.67 9.80
N GLY A 99 -11.18 -0.64 8.90
CA GLY A 99 -11.21 0.76 9.31
C GLY A 99 -9.89 1.23 9.89
N ASP A 100 -9.76 1.03 11.20
CA ASP A 100 -8.56 1.38 11.99
C ASP A 100 -7.30 0.72 11.43
N ARG A 101 -7.45 -0.52 10.93
CA ARG A 101 -6.34 -1.27 10.36
C ARG A 101 -5.86 -0.68 9.03
N VAL A 102 -6.79 -0.17 8.22
CA VAL A 102 -6.45 0.42 6.89
C VAL A 102 -5.57 1.68 7.08
N PHE A 103 -4.66 1.96 6.11
CA PHE A 103 -3.70 3.10 6.19
C PHE A 103 -4.41 4.48 6.18
N LEU A 104 -5.71 4.47 5.91
CA LEU A 104 -6.55 5.68 5.94
C LEU A 104 -7.98 5.28 6.34
N THR A 105 -8.83 6.27 6.64
CA THR A 105 -10.27 6.03 6.88
C THR A 105 -11.09 6.66 5.74
N LYS A 106 -12.42 6.59 5.85
CA LYS A 106 -13.36 7.09 4.82
C LYS A 106 -13.18 8.60 4.56
N ASP A 107 -12.83 9.36 5.61
CA ASP A 107 -12.52 10.81 5.50
C ASP A 107 -11.29 11.04 4.61
N GLU A 108 -10.26 10.23 4.80
CA GLU A 108 -9.04 10.32 3.98
C GLU A 108 -9.28 9.77 2.55
N LEU A 109 -10.27 8.88 2.39
CA LEU A 109 -10.65 8.33 1.07
C LEU A 109 -11.35 9.42 0.23
N LYS A 110 -12.35 10.11 0.83
CA LYS A 110 -13.16 11.11 0.12
C LYS A 110 -12.30 12.31 -0.29
N GLU A 111 -11.36 12.75 0.58
CA GLU A 111 -10.42 13.84 0.25
C GLU A 111 -9.40 13.40 -0.81
N TYR A 112 -9.02 12.11 -0.79
CA TYR A 112 -8.07 11.53 -1.76
C TYR A 112 -8.69 11.50 -3.16
N MET A 113 -9.96 11.09 -3.25
CA MET A 113 -10.69 11.00 -4.52
C MET A 113 -11.00 12.41 -5.06
N LYS A 114 -11.38 13.35 -4.15
CA LYS A 114 -11.61 14.76 -4.53
C LYS A 114 -10.30 15.43 -4.94
N SER A 115 -9.17 14.99 -4.34
CA SER A 115 -7.82 15.48 -4.66
C SER A 115 -7.47 15.20 -6.14
N GLN A 116 -7.77 13.98 -6.59
CA GLN A 116 -7.42 13.51 -7.93
C GLN A 116 -8.32 14.12 -9.04
N GLU A 117 -9.31 14.96 -8.66
CA GLU A 117 -10.17 15.67 -9.62
C GLU A 117 -10.10 17.21 -9.44
N ARG A 118 -9.71 17.70 -8.24
CA ARG A 118 -9.54 19.16 -8.02
C ARG A 118 -8.11 19.59 -8.39
N TRP A 119 -7.11 18.85 -7.88
CA TRP A 119 -5.70 19.05 -8.25
C TRP A 119 -5.43 18.34 -9.59
N GLY A 120 -6.06 17.16 -9.74
CA GLY A 120 -6.00 16.39 -10.98
C GLY A 120 -7.13 16.74 -11.93
N ARG A 121 -7.72 15.71 -12.59
CA ARG A 121 -8.76 15.90 -13.62
C ARG A 121 -9.47 14.57 -13.91
N ARG A 122 -10.83 14.61 -13.97
CA ARG A 122 -11.67 13.47 -14.42
C ARG A 122 -13.10 13.95 -14.67
N ARG A 123 -13.80 13.30 -15.65
CA ARG A 123 -15.24 13.49 -15.94
C ARG A 123 -15.65 12.62 -17.14
N GLU A 124 -15.83 11.32 -16.88
CA GLU A 124 -16.26 10.34 -17.90
C GLU A 124 -16.58 8.99 -17.24
N SER A 125 -17.79 8.46 -17.53
CA SER A 125 -18.30 7.16 -17.04
C SER A 125 -18.32 7.09 -15.50
N LYS A 126 -19.48 7.38 -14.91
CA LYS A 126 -19.69 7.21 -13.46
C LYS A 126 -19.82 5.72 -13.16
N LYS A 127 -18.69 5.12 -12.80
CA LYS A 127 -18.52 3.67 -12.63
C LYS A 127 -17.75 3.41 -11.33
N LYS A 128 -17.92 2.21 -10.76
CA LYS A 128 -17.16 1.75 -9.59
C LYS A 128 -15.71 1.38 -10.00
N LYS A 129 -14.91 0.95 -9.02
CA LYS A 129 -13.57 0.41 -9.24
C LYS A 129 -13.39 -0.80 -8.35
N LEU A 130 -12.75 -1.84 -8.87
CA LEU A 130 -12.39 -3.03 -8.07
C LEU A 130 -11.17 -2.66 -7.22
N TRP A 131 -11.43 -2.26 -5.98
CA TRP A 131 -10.40 -2.03 -4.98
C TRP A 131 -10.05 -3.38 -4.30
N MET A 132 -8.84 -3.46 -3.77
CA MET A 132 -8.33 -4.67 -3.13
C MET A 132 -7.61 -4.27 -1.83
N ALA A 133 -7.97 -4.94 -0.74
CA ALA A 133 -7.44 -4.63 0.58
C ALA A 133 -6.41 -5.68 0.97
N ILE A 134 -5.14 -5.33 0.83
CA ILE A 134 -4.02 -6.22 1.14
C ILE A 134 -3.77 -6.16 2.65
N GLU A 135 -4.00 -7.27 3.37
CA GLU A 135 -3.87 -7.27 4.84
C GLU A 135 -2.38 -7.41 5.23
N LEU A 136 -1.76 -6.30 5.62
CA LEU A 136 -0.34 -6.28 6.04
C LEU A 136 -0.22 -6.60 7.53
N GLU A 137 0.32 -7.79 7.84
CA GLU A 137 0.64 -8.19 9.23
C GLU A 137 2.16 -8.15 9.41
N ASP A 138 2.60 -8.38 10.66
CA ASP A 138 4.01 -8.70 11.00
C ASP A 138 4.97 -7.56 10.58
N VAL A 139 4.47 -6.30 10.70
CA VAL A 139 5.16 -5.13 10.17
C VAL A 139 6.43 -4.80 10.99
N LYS A 140 7.58 -5.18 10.40
CA LYS A 140 8.91 -4.97 11.00
C LYS A 140 9.41 -3.55 10.70
N LYS A 141 10.31 -3.07 11.57
CA LYS A 141 11.00 -1.78 11.41
C LYS A 141 12.49 -2.01 11.11
N TYR A 142 13.01 -1.25 10.14
CA TYR A 142 14.45 -1.17 9.87
C TYR A 142 15.05 -0.01 10.69
N ASP A 143 15.41 -0.34 11.93
CA ASP A 143 16.16 0.54 12.85
C ASP A 143 17.60 0.72 12.33
N LYS A 144 18.08 -0.32 11.60
CA LYS A 144 19.35 -0.32 10.87
C LYS A 144 19.17 0.41 9.51
N PRO A 145 20.14 1.28 9.09
CA PRO A 145 20.06 1.99 7.79
C PRO A 145 20.42 1.07 6.60
N ILE A 146 19.39 0.50 5.97
CA ILE A 146 19.55 -0.38 4.79
C ILE A 146 19.56 0.47 3.51
N LYS A 147 20.60 0.27 2.68
CA LYS A 147 20.78 0.97 1.41
C LYS A 147 20.00 0.23 0.30
N PRO A 148 19.16 0.96 -0.50
CA PRO A 148 18.37 0.32 -1.59
C PRO A 148 19.21 -0.20 -2.76
N LYS A 149 18.71 -1.26 -3.40
CA LYS A 149 19.27 -1.82 -4.64
C LYS A 149 19.07 -0.81 -5.79
N ARG A 150 17.90 -0.15 -5.77
CA ARG A 150 17.48 0.78 -6.83
C ARG A 150 16.49 1.81 -6.28
N LEU A 151 16.13 2.75 -7.17
CA LEU A 151 15.08 3.73 -6.93
C LEU A 151 13.73 3.02 -7.09
N VAL A 152 12.94 2.98 -6.01
CA VAL A 152 11.56 2.47 -6.04
C VAL A 152 10.60 3.66 -6.14
N PRO A 153 10.05 3.97 -7.38
CA PRO A 153 9.12 5.12 -7.60
C PRO A 153 7.78 4.95 -6.86
N VAL A 154 6.91 5.96 -6.98
CA VAL A 154 5.59 6.01 -6.29
C VAL A 154 4.68 4.82 -6.69
N GLY A 155 4.79 4.38 -7.96
CA GLY A 155 4.07 3.20 -8.47
C GLY A 155 4.58 1.87 -7.90
N GLY A 156 5.77 1.92 -7.26
CA GLY A 156 6.36 0.77 -6.58
C GLY A 156 7.13 -0.15 -7.53
N GLN A 157 7.76 -1.18 -6.95
CA GLN A 157 8.44 -2.26 -7.70
C GLN A 157 7.91 -3.61 -7.22
N TYR A 158 7.64 -4.52 -8.14
CA TYR A 158 7.38 -5.93 -7.79
C TYR A 158 8.72 -6.57 -7.38
N LEU A 159 8.89 -6.81 -6.07
CA LEU A 159 10.14 -7.37 -5.51
C LEU A 159 10.20 -8.86 -5.85
N ARG A 160 11.29 -9.28 -6.50
CA ARG A 160 11.51 -10.68 -6.86
C ARG A 160 12.94 -11.08 -6.51
N GLU A 161 13.09 -12.09 -5.64
CA GLU A 161 14.41 -12.48 -5.11
C GLU A 161 14.67 -13.94 -5.53
N MET A 23 13.92 -13.70 -9.35
CA MET A 23 13.38 -14.91 -10.02
C MET A 23 11.83 -14.89 -9.93
N SER A 24 11.16 -15.72 -10.77
CA SER A 24 9.69 -15.76 -10.93
C SER A 24 8.92 -16.21 -9.66
N LYS A 25 9.65 -16.69 -8.64
CA LYS A 25 9.08 -17.01 -7.31
C LYS A 25 8.60 -15.73 -6.58
N ILE A 26 9.15 -14.56 -7.00
CA ILE A 26 8.91 -13.24 -6.38
C ILE A 26 9.45 -13.27 -4.92
N VAL A 27 9.08 -12.28 -4.09
CA VAL A 27 9.07 -12.40 -2.61
C VAL A 27 8.01 -11.45 -2.07
N GLY A 28 7.96 -10.23 -2.63
CA GLY A 28 6.97 -9.23 -2.27
C GLY A 28 6.98 -8.03 -3.20
N VAL A 29 6.39 -6.93 -2.73
CA VAL A 29 6.40 -5.63 -3.42
C VAL A 29 6.94 -4.54 -2.46
N THR A 30 7.81 -3.67 -2.98
CA THR A 30 8.34 -2.52 -2.25
C THR A 30 7.64 -1.24 -2.73
N TYR A 31 7.22 -0.39 -1.77
CA TYR A 31 6.43 0.82 -2.04
C TYR A 31 6.92 1.98 -1.16
N PRO A 32 7.33 3.15 -1.77
CA PRO A 32 7.51 4.40 -1.04
C PRO A 32 6.15 5.07 -0.83
N ILE A 33 5.55 4.79 0.35
CA ILE A 33 4.19 5.23 0.69
C ILE A 33 4.12 6.78 0.62
N PRO A 34 3.39 7.37 -0.40
CA PRO A 34 3.32 8.83 -0.61
C PRO A 34 2.24 9.50 0.26
N LYS A 35 2.06 8.93 1.46
CA LYS A 35 0.97 9.25 2.38
C LYS A 35 1.55 9.24 3.81
N ARG A 36 1.05 10.14 4.66
CA ARG A 36 1.53 10.30 6.05
C ARG A 36 1.06 9.17 6.99
N PHE A 37 0.48 8.10 6.40
CA PHE A 37 -0.04 6.93 7.13
C PHE A 37 0.80 5.66 6.85
N MET A 38 2.08 5.87 6.47
CA MET A 38 3.10 4.80 6.45
C MET A 38 3.31 4.25 7.88
N ASP A 39 3.24 5.18 8.84
CA ASP A 39 3.49 4.94 10.27
C ASP A 39 2.48 3.94 10.88
N ARG A 40 1.30 3.82 10.26
CA ARG A 40 0.19 2.99 10.77
C ARG A 40 0.59 1.51 10.90
N PHE A 41 1.30 1.04 9.88
CA PHE A 41 1.78 -0.36 9.80
C PHE A 41 2.80 -0.65 10.92
N PHE A 42 3.55 0.38 11.32
CA PHE A 42 4.60 0.29 12.36
C PHE A 42 4.03 0.64 13.75
N LYS A 43 2.83 1.27 13.75
CA LYS A 43 2.11 1.68 14.97
C LYS A 43 1.51 0.45 15.66
N LYS A 44 0.79 -0.36 14.87
CA LYS A 44 0.01 -1.50 15.41
C LYS A 44 0.60 -2.87 15.01
N GLY A 45 1.51 -2.89 14.01
CA GLY A 45 2.15 -4.13 13.54
C GLY A 45 1.20 -5.06 12.76
N LYS A 46 0.00 -4.54 12.47
CA LYS A 46 -1.11 -5.29 11.86
C LYS A 46 -2.07 -4.27 11.23
N ASP A 47 -1.80 -3.88 9.99
CA ASP A 47 -2.50 -2.79 9.29
C ASP A 47 -2.85 -3.26 7.85
N VAL A 48 -3.46 -2.40 7.01
CA VAL A 48 -4.00 -2.79 5.70
C VAL A 48 -3.70 -1.69 4.67
N PHE A 49 -2.98 -2.05 3.60
CA PHE A 49 -2.66 -1.14 2.48
C PHE A 49 -3.65 -1.39 1.34
N VAL A 50 -4.50 -0.39 1.03
CA VAL A 50 -5.49 -0.50 -0.06
C VAL A 50 -4.91 0.04 -1.39
N LYS A 51 -5.13 -0.76 -2.46
CA LYS A 51 -4.72 -0.45 -3.85
C LYS A 51 -5.96 -0.39 -4.76
N PRO A 52 -6.11 0.68 -5.60
CA PRO A 52 -7.13 0.72 -6.69
C PRO A 52 -6.69 -0.12 -7.92
N ALA A 53 -6.38 -1.42 -7.68
CA ALA A 53 -5.88 -2.37 -8.70
C ALA A 53 -4.59 -1.87 -9.42
N THR A 54 -3.79 -1.05 -8.72
CA THR A 54 -2.53 -0.47 -9.24
C THR A 54 -1.51 -1.58 -9.52
N VAL A 55 -1.49 -2.56 -8.60
CA VAL A 55 -0.57 -3.70 -8.64
C VAL A 55 -1.09 -4.81 -9.57
N TRP A 56 -0.15 -5.57 -10.14
CA TRP A 56 -0.44 -6.69 -11.05
C TRP A 56 -0.81 -7.97 -10.27
N LYS A 57 -0.96 -9.08 -11.02
CA LYS A 57 -1.41 -10.38 -10.49
C LYS A 57 -0.41 -11.01 -9.49
N GLU A 58 0.87 -10.52 -9.50
CA GLU A 58 1.95 -11.04 -8.62
C GLU A 58 1.58 -10.92 -7.12
N LEU A 59 0.65 -9.98 -6.82
CA LEU A 59 0.15 -9.78 -5.47
C LEU A 59 -0.68 -11.00 -5.01
N LYS A 60 -0.01 -11.93 -4.31
CA LYS A 60 -0.64 -13.11 -3.70
C LYS A 60 -0.65 -12.94 -2.15
N PRO A 61 -1.55 -13.64 -1.41
CA PRO A 61 -1.59 -13.58 0.08
C PRO A 61 -0.57 -14.53 0.73
N GLY A 62 0.69 -14.35 0.34
CA GLY A 62 1.80 -15.17 0.81
C GLY A 62 3.13 -14.57 0.39
N MET A 63 3.22 -13.24 0.54
CA MET A 63 4.40 -12.43 0.20
C MET A 63 4.80 -11.51 1.37
N LYS A 64 5.79 -10.63 1.08
CA LYS A 64 6.19 -9.53 1.96
C LYS A 64 5.87 -8.19 1.32
N PHE A 65 5.90 -7.12 2.13
CA PHE A 65 5.70 -5.75 1.66
C PHE A 65 6.75 -4.87 2.32
N VAL A 66 7.80 -4.52 1.57
CA VAL A 66 8.92 -3.72 2.09
C VAL A 66 8.65 -2.23 1.87
N PHE A 67 8.36 -1.53 2.96
CA PHE A 67 8.06 -0.09 2.96
C PHE A 67 9.36 0.71 2.76
N TYR A 68 9.40 1.49 1.67
CA TYR A 68 10.55 2.32 1.28
C TYR A 68 10.26 3.82 1.58
N GLN A 69 11.34 4.64 1.64
CA GLN A 69 11.29 6.10 1.80
C GLN A 69 10.74 6.45 3.20
N SER A 70 11.59 6.29 4.21
CA SER A 70 11.21 6.41 5.63
C SER A 70 10.65 7.80 5.98
N HIS A 71 9.81 7.83 7.03
CA HIS A 71 9.27 9.06 7.64
C HIS A 71 10.43 9.98 8.10
N GLU A 72 11.54 9.34 8.51
CA GLU A 72 12.71 10.01 9.08
C GLU A 72 13.89 10.04 8.07
N ASP A 73 14.43 8.85 7.76
CA ASP A 73 15.64 8.69 6.90
C ASP A 73 15.25 8.37 5.44
N THR A 74 16.28 8.15 4.58
CA THR A 74 16.09 7.81 3.17
C THR A 74 16.53 6.36 2.91
N GLY A 75 15.55 5.45 2.98
CA GLY A 75 15.76 4.03 2.74
C GLY A 75 14.53 3.24 3.10
N PHE A 76 14.65 1.90 3.06
CA PHE A 76 13.61 0.98 3.54
C PHE A 76 13.38 1.22 5.04
N VAL A 77 12.22 1.81 5.39
CA VAL A 77 11.81 2.02 6.79
C VAL A 77 11.52 0.68 7.49
N GLY A 78 10.98 -0.27 6.73
CA GLY A 78 10.69 -1.59 7.25
C GLY A 78 10.11 -2.52 6.21
N GLU A 79 9.55 -3.62 6.69
CA GLU A 79 8.88 -4.62 5.86
C GLU A 79 7.65 -5.14 6.59
N ALA A 80 6.89 -6.02 5.94
CA ALA A 80 5.70 -6.68 6.50
C ALA A 80 5.38 -7.93 5.69
N ARG A 81 4.25 -8.58 5.99
CA ARG A 81 3.82 -9.82 5.33
C ARG A 81 2.40 -9.64 4.80
N ILE A 82 2.29 -9.77 3.47
CA ILE A 82 1.02 -9.69 2.75
C ILE A 82 0.15 -10.93 3.02
N LYS A 83 -1.10 -10.63 3.40
CA LYS A 83 -2.12 -11.59 3.83
C LYS A 83 -3.42 -11.29 3.08
N ARG A 84 -4.45 -12.15 3.35
CA ARG A 84 -5.76 -12.19 2.65
C ARG A 84 -6.24 -10.81 2.11
N VAL A 85 -6.25 -10.70 0.77
CA VAL A 85 -6.64 -9.45 0.08
C VAL A 85 -8.17 -9.44 -0.13
N VAL A 86 -8.83 -8.39 0.37
CA VAL A 86 -10.28 -8.22 0.25
C VAL A 86 -10.56 -7.44 -1.04
N LEU A 87 -11.08 -8.15 -2.05
CA LEU A 87 -11.36 -7.59 -3.38
C LEU A 87 -12.79 -7.02 -3.37
N SER A 88 -12.88 -5.69 -3.57
CA SER A 88 -14.15 -4.96 -3.52
C SER A 88 -14.08 -3.70 -4.40
N GLU A 89 -15.15 -3.47 -5.18
CA GLU A 89 -15.31 -2.25 -6.01
C GLU A 89 -15.40 -0.98 -5.13
N ASN A 90 -16.03 -1.11 -3.95
CA ASN A 90 -16.19 0.01 -3.01
C ASN A 90 -15.05 0.00 -1.97
N PRO A 91 -14.22 1.10 -1.91
CA PRO A 91 -13.13 1.23 -0.90
C PRO A 91 -13.64 1.49 0.53
N MET A 92 -14.96 1.71 0.68
CA MET A 92 -15.59 2.02 1.98
C MET A 92 -15.94 0.72 2.74
N GLN A 93 -16.07 -0.39 1.99
CA GLN A 93 -16.30 -1.72 2.59
C GLN A 93 -15.06 -2.18 3.40
N PHE A 94 -13.90 -1.61 3.09
CA PHE A 94 -12.66 -1.87 3.83
C PHE A 94 -12.72 -1.20 5.22
N PHE A 95 -13.51 -0.12 5.33
CA PHE A 95 -13.67 0.62 6.61
C PHE A 95 -14.71 -0.06 7.50
N GLU A 96 -15.74 -0.71 6.89
CA GLU A 96 -16.72 -1.48 7.70
C GLU A 96 -16.11 -2.81 8.19
N THR A 97 -15.14 -3.36 7.42
CA THR A 97 -14.44 -4.62 7.76
C THR A 97 -13.31 -4.34 8.77
N PHE A 98 -12.36 -3.48 8.36
CA PHE A 98 -11.15 -3.16 9.14
C PHE A 98 -11.31 -1.82 9.88
N GLY A 99 -11.48 -0.73 9.10
CA GLY A 99 -11.63 0.63 9.64
C GLY A 99 -10.34 1.19 10.20
N ASP A 100 -10.05 0.82 11.46
CA ASP A 100 -8.79 1.17 12.15
C ASP A 100 -7.58 0.62 11.39
N ARG A 101 -7.70 -0.64 10.95
CA ARG A 101 -6.59 -1.38 10.32
C ARG A 101 -6.26 -0.83 8.93
N VAL A 102 -7.17 -0.08 8.27
CA VAL A 102 -6.86 0.56 6.98
C VAL A 102 -5.98 1.79 7.26
N PHE A 103 -4.87 1.92 6.51
CA PHE A 103 -3.83 2.95 6.78
C PHE A 103 -4.40 4.37 6.82
N LEU A 104 -5.25 4.70 5.86
CA LEU A 104 -5.92 6.01 5.80
C LEU A 104 -7.35 5.85 6.31
N THR A 105 -7.97 6.94 6.79
CA THR A 105 -9.35 6.92 7.30
C THR A 105 -10.35 7.27 6.17
N LYS A 106 -11.66 7.14 6.48
CA LYS A 106 -12.77 7.47 5.56
C LYS A 106 -12.59 8.88 4.95
N ASP A 107 -12.17 9.82 5.82
CA ASP A 107 -11.93 11.24 5.45
C ASP A 107 -10.83 11.37 4.40
N GLU A 108 -9.71 10.66 4.63
CA GLU A 108 -8.56 10.68 3.72
C GLU A 108 -8.93 10.14 2.34
N LEU A 109 -9.78 9.10 2.31
CA LEU A 109 -10.28 8.48 1.07
C LEU A 109 -11.12 9.47 0.25
N LYS A 110 -12.16 10.05 0.91
CA LYS A 110 -13.12 10.92 0.21
C LYS A 110 -12.43 12.18 -0.36
N GLU A 111 -11.54 12.82 0.44
CA GLU A 111 -10.83 14.05 0.00
C GLU A 111 -9.73 13.73 -1.04
N TYR A 112 -9.26 12.46 -1.02
CA TYR A 112 -8.32 11.94 -2.03
C TYR A 112 -9.00 11.89 -3.41
N MET A 113 -10.25 11.39 -3.43
CA MET A 113 -11.05 11.26 -4.67
C MET A 113 -11.61 12.63 -5.12
N LYS A 114 -11.88 13.53 -4.14
CA LYS A 114 -12.28 14.94 -4.42
C LYS A 114 -11.06 15.77 -4.90
N SER A 115 -9.85 15.27 -4.59
CA SER A 115 -8.60 15.86 -5.07
C SER A 115 -8.38 15.53 -6.56
N GLN A 116 -8.82 14.32 -6.97
CA GLN A 116 -8.63 13.85 -8.36
C GLN A 116 -9.55 14.59 -9.36
N GLU A 117 -10.63 15.23 -8.85
CA GLU A 117 -11.57 15.99 -9.70
C GLU A 117 -11.20 17.49 -9.77
N ARG A 118 -10.25 17.95 -8.94
CA ARG A 118 -9.77 19.35 -8.97
C ARG A 118 -8.41 19.44 -9.70
N TRP A 119 -7.64 18.34 -9.70
CA TRP A 119 -6.37 18.24 -10.46
C TRP A 119 -6.60 17.58 -11.83
N GLY A 120 -7.69 16.81 -11.92
CA GLY A 120 -8.10 16.15 -13.18
C GLY A 120 -9.60 16.30 -13.40
N ARG A 121 -10.11 15.68 -14.47
CA ARG A 121 -11.56 15.73 -14.82
C ARG A 121 -12.24 14.43 -14.33
N ARG A 122 -13.07 14.55 -13.27
CA ARG A 122 -13.94 13.47 -12.79
C ARG A 122 -15.38 14.02 -12.58
N ARG A 123 -15.81 14.90 -13.49
CA ARG A 123 -17.18 15.47 -13.46
C ARG A 123 -18.11 14.64 -14.36
N GLU A 124 -17.51 13.90 -15.31
CA GLU A 124 -18.24 13.14 -16.36
C GLU A 124 -19.08 12.04 -15.72
N SER A 125 -18.41 11.20 -14.92
CA SER A 125 -19.02 10.13 -14.13
C SER A 125 -18.04 9.70 -13.02
N LYS A 126 -18.51 8.78 -12.16
CA LYS A 126 -17.70 8.20 -11.08
C LYS A 126 -16.74 7.14 -11.65
N LYS A 127 -17.35 6.12 -12.31
CA LYS A 127 -16.69 4.88 -12.73
C LYS A 127 -15.88 4.23 -11.58
N LYS A 128 -16.36 3.08 -11.08
CA LYS A 128 -15.70 2.38 -9.95
C LYS A 128 -14.45 1.64 -10.45
N LYS A 129 -13.67 1.18 -9.49
CA LYS A 129 -12.49 0.35 -9.73
C LYS A 129 -12.57 -0.82 -8.77
N LEU A 130 -12.02 -1.97 -9.16
CA LEU A 130 -11.87 -3.11 -8.26
C LEU A 130 -10.67 -2.81 -7.34
N TRP A 131 -10.96 -2.22 -6.18
CA TRP A 131 -9.98 -1.97 -5.12
C TRP A 131 -9.67 -3.29 -4.39
N MET A 132 -8.52 -3.33 -3.73
CA MET A 132 -8.07 -4.50 -2.99
C MET A 132 -7.43 -4.06 -1.68
N ALA A 133 -7.87 -4.67 -0.57
CA ALA A 133 -7.35 -4.41 0.76
C ALA A 133 -6.31 -5.46 1.10
N ILE A 134 -5.03 -5.09 0.97
CA ILE A 134 -3.90 -5.97 1.25
C ILE A 134 -3.69 -5.99 2.77
N GLU A 135 -3.92 -7.14 3.41
CA GLU A 135 -3.80 -7.24 4.87
C GLU A 135 -2.32 -7.42 5.24
N LEU A 136 -1.73 -6.41 5.85
CA LEU A 136 -0.34 -6.45 6.32
C LEU A 136 -0.28 -6.87 7.80
N GLU A 137 0.61 -7.82 8.09
CA GLU A 137 0.92 -8.25 9.45
C GLU A 137 2.43 -8.45 9.59
N ASP A 138 2.91 -8.67 10.84
CA ASP A 138 4.33 -8.99 11.12
C ASP A 138 5.24 -7.84 10.62
N VAL A 139 4.73 -6.60 10.75
CA VAL A 139 5.39 -5.41 10.21
C VAL A 139 6.70 -5.12 10.99
N LYS A 140 7.83 -5.50 10.37
CA LYS A 140 9.16 -5.33 10.95
C LYS A 140 9.66 -3.91 10.68
N LYS A 141 10.42 -3.36 11.63
CA LYS A 141 11.07 -2.05 11.46
C LYS A 141 12.56 -2.28 11.14
N TYR A 142 13.00 -1.74 10.00
CA TYR A 142 14.42 -1.59 9.69
C TYR A 142 14.94 -0.35 10.42
N ASP A 143 15.30 -0.55 11.69
CA ASP A 143 16.01 0.46 12.51
C ASP A 143 17.36 0.80 11.84
N LYS A 144 17.94 -0.22 11.21
CA LYS A 144 19.14 -0.10 10.39
C LYS A 144 18.76 0.45 8.99
N PRO A 145 19.56 1.41 8.43
CA PRO A 145 19.25 2.04 7.13
C PRO A 145 19.60 1.10 5.94
N ILE A 146 18.59 0.36 5.45
CA ILE A 146 18.74 -0.57 4.32
C ILE A 146 18.37 0.14 3.00
N LYS A 147 19.31 0.17 2.05
CA LYS A 147 19.16 0.88 0.78
C LYS A 147 18.69 -0.11 -0.33
N PRO A 148 17.80 0.35 -1.27
CA PRO A 148 17.34 -0.49 -2.40
C PRO A 148 18.42 -0.63 -3.50
N LYS A 149 18.28 -1.69 -4.31
CA LYS A 149 19.23 -2.00 -5.42
C LYS A 149 18.90 -1.14 -6.66
N ARG A 150 17.75 -0.46 -6.65
CA ARG A 150 17.26 0.35 -7.77
C ARG A 150 16.35 1.46 -7.25
N LEU A 151 15.96 2.37 -8.17
CA LEU A 151 15.00 3.42 -7.87
C LEU A 151 13.61 2.80 -7.77
N VAL A 152 13.01 2.95 -6.59
CA VAL A 152 11.63 2.51 -6.34
C VAL A 152 10.74 3.78 -6.35
N PRO A 153 10.03 4.07 -7.50
CA PRO A 153 9.13 5.25 -7.60
C PRO A 153 7.75 5.01 -6.93
N VAL A 154 6.87 6.01 -7.06
CA VAL A 154 5.51 6.02 -6.44
C VAL A 154 4.64 4.82 -6.92
N GLY A 155 4.93 4.33 -8.15
CA GLY A 155 4.28 3.14 -8.70
C GLY A 155 4.67 1.85 -7.99
N GLY A 156 5.87 1.85 -7.38
CA GLY A 156 6.38 0.70 -6.61
C GLY A 156 7.02 -0.36 -7.51
N GLN A 157 8.03 -1.06 -6.99
CA GLN A 157 8.73 -2.15 -7.72
C GLN A 157 8.37 -3.49 -7.08
N TYR A 158 8.21 -4.52 -7.93
CA TYR A 158 8.01 -5.90 -7.47
C TYR A 158 9.37 -6.50 -7.06
N LEU A 159 9.54 -6.66 -5.73
CA LEU A 159 10.74 -7.27 -5.15
C LEU A 159 10.65 -8.79 -5.41
N ARG A 160 11.60 -9.32 -6.17
CA ARG A 160 11.71 -10.76 -6.42
C ARG A 160 13.11 -11.22 -6.04
N GLU A 161 13.21 -12.34 -5.30
CA GLU A 161 14.50 -12.85 -4.82
C GLU A 161 14.64 -14.31 -5.27
N MET A 23 14.82 -13.77 -8.59
CA MET A 23 14.30 -14.96 -9.31
C MET A 23 12.79 -14.78 -9.52
N SER A 24 12.24 -15.34 -10.62
CA SER A 24 10.83 -15.18 -11.05
C SER A 24 9.79 -15.69 -10.03
N LYS A 25 10.26 -16.37 -8.97
CA LYS A 25 9.42 -16.81 -7.82
C LYS A 25 8.80 -15.61 -7.06
N ILE A 26 9.36 -14.39 -7.26
CA ILE A 26 8.97 -13.16 -6.53
C ILE A 26 9.39 -13.31 -5.02
N VAL A 27 9.05 -12.35 -4.17
CA VAL A 27 8.95 -12.53 -2.70
C VAL A 27 7.86 -11.61 -2.16
N GLY A 28 7.77 -10.39 -2.73
CA GLY A 28 6.80 -9.40 -2.31
C GLY A 28 6.71 -8.20 -3.24
N VAL A 29 6.15 -7.12 -2.72
CA VAL A 29 6.04 -5.83 -3.41
C VAL A 29 6.51 -4.70 -2.45
N THR A 30 7.11 -3.65 -3.02
CA THR A 30 7.62 -2.50 -2.25
C THR A 30 6.97 -1.20 -2.74
N TYR A 31 6.65 -0.30 -1.79
CA TYR A 31 6.00 0.99 -2.06
C TYR A 31 6.65 2.10 -1.22
N PRO A 32 6.83 3.33 -1.82
CA PRO A 32 7.36 4.52 -1.09
C PRO A 32 6.44 4.95 0.06
N ILE A 33 5.12 5.02 -0.26
CA ILE A 33 4.08 5.58 0.64
C ILE A 33 4.52 6.99 1.11
N PRO A 34 4.48 8.03 0.20
CA PRO A 34 5.02 9.40 0.49
C PRO A 34 4.00 10.28 1.26
N LYS A 35 3.28 9.65 2.20
CA LYS A 35 2.18 10.25 2.95
C LYS A 35 2.45 10.11 4.47
N ARG A 36 1.59 10.76 5.28
CA ARG A 36 1.59 10.64 6.76
C ARG A 36 1.21 9.21 7.22
N PHE A 37 0.65 8.41 6.30
CA PHE A 37 0.13 7.06 6.57
C PHE A 37 1.25 5.98 6.57
N MET A 38 2.50 6.41 6.34
CA MET A 38 3.70 5.53 6.38
C MET A 38 3.85 4.81 7.75
N ASP A 39 3.51 5.53 8.83
CA ASP A 39 3.74 5.07 10.23
C ASP A 39 2.67 4.08 10.73
N ARG A 40 1.54 3.97 10.00
CA ARG A 40 0.36 3.13 10.36
C ARG A 40 0.75 1.66 10.62
N PHE A 41 1.55 1.12 9.70
CA PHE A 41 1.94 -0.30 9.70
C PHE A 41 2.87 -0.61 10.89
N PHE A 42 3.64 0.41 11.33
CA PHE A 42 4.62 0.29 12.43
C PHE A 42 3.97 0.70 13.77
N LYS A 43 2.81 1.38 13.68
CA LYS A 43 2.02 1.83 14.84
C LYS A 43 1.36 0.63 15.52
N LYS A 44 0.71 -0.23 14.71
CA LYS A 44 -0.10 -1.37 15.21
C LYS A 44 0.56 -2.74 14.92
N GLY A 45 1.56 -2.76 14.02
CA GLY A 45 2.26 -4.00 13.66
C GLY A 45 1.45 -4.94 12.76
N LYS A 46 0.27 -4.45 12.32
CA LYS A 46 -0.68 -5.19 11.46
C LYS A 46 -1.76 -4.23 10.91
N ASP A 47 -1.48 -3.66 9.73
CA ASP A 47 -2.31 -2.63 9.08
C ASP A 47 -2.79 -3.16 7.71
N VAL A 48 -3.54 -2.37 6.93
CA VAL A 48 -4.09 -2.81 5.61
C VAL A 48 -3.82 -1.74 4.57
N PHE A 49 -3.06 -2.11 3.51
CA PHE A 49 -2.75 -1.22 2.39
C PHE A 49 -3.76 -1.46 1.26
N VAL A 50 -4.63 -0.47 1.01
CA VAL A 50 -5.62 -0.55 -0.09
C VAL A 50 -5.00 -0.02 -1.40
N LYS A 51 -5.32 -0.73 -2.49
CA LYS A 51 -4.89 -0.42 -3.87
C LYS A 51 -6.12 -0.30 -4.79
N PRO A 52 -6.24 0.77 -5.64
CA PRO A 52 -7.30 0.87 -6.68
C PRO A 52 -6.95 0.02 -7.95
N ALA A 53 -6.57 -1.26 -7.71
CA ALA A 53 -6.02 -2.19 -8.73
C ALA A 53 -4.73 -1.63 -9.38
N THR A 54 -3.60 -1.78 -8.70
CA THR A 54 -2.28 -1.49 -9.27
C THR A 54 -1.49 -2.82 -9.33
N VAL A 55 -1.05 -3.27 -8.14
CA VAL A 55 -0.32 -4.53 -7.98
C VAL A 55 -1.31 -5.61 -7.54
N TRP A 56 -1.34 -6.75 -8.28
CA TRP A 56 -2.32 -7.83 -8.03
C TRP A 56 -1.84 -9.16 -8.63
N LYS A 57 -1.18 -9.10 -9.80
CA LYS A 57 -0.76 -10.29 -10.57
C LYS A 57 0.13 -11.25 -9.74
N GLU A 58 1.11 -10.70 -9.03
CA GLU A 58 2.02 -11.48 -8.16
C GLU A 58 1.49 -11.55 -6.72
N LEU A 59 0.57 -10.63 -6.39
CA LEU A 59 -0.01 -10.49 -5.04
C LEU A 59 -0.76 -11.76 -4.63
N LYS A 60 -0.17 -12.50 -3.68
CA LYS A 60 -0.79 -13.66 -3.04
C LYS A 60 -0.62 -13.54 -1.51
N PRO A 61 -1.56 -14.09 -0.69
CA PRO A 61 -1.44 -14.08 0.78
C PRO A 61 -0.33 -15.05 1.24
N GLY A 62 0.81 -14.48 1.61
CA GLY A 62 1.98 -15.23 2.04
C GLY A 62 3.29 -14.55 1.66
N MET A 63 3.19 -13.49 0.84
CA MET A 63 4.35 -12.67 0.41
C MET A 63 4.78 -11.67 1.50
N LYS A 64 5.80 -10.86 1.17
CA LYS A 64 6.24 -9.72 2.00
C LYS A 64 5.86 -8.39 1.35
N PHE A 65 5.84 -7.32 2.14
CA PHE A 65 5.61 -5.96 1.64
C PHE A 65 6.62 -5.04 2.31
N VAL A 66 7.66 -4.67 1.57
CA VAL A 66 8.73 -3.83 2.08
C VAL A 66 8.36 -2.34 1.86
N PHE A 67 8.34 -1.59 2.96
CA PHE A 67 7.98 -0.17 2.95
C PHE A 67 9.24 0.69 2.79
N TYR A 68 9.26 1.48 1.71
CA TYR A 68 10.29 2.47 1.42
C TYR A 68 9.94 3.81 2.12
N GLN A 69 10.86 4.80 2.05
CA GLN A 69 10.78 6.11 2.72
C GLN A 69 10.89 5.91 4.23
N SER A 70 12.13 6.07 4.77
CA SER A 70 12.47 5.79 6.17
C SER A 70 11.96 6.90 7.11
N HIS A 71 10.62 7.00 7.23
CA HIS A 71 9.89 8.01 8.01
C HIS A 71 10.43 9.44 7.76
N GLU A 72 9.82 10.14 6.78
CA GLU A 72 10.19 11.53 6.33
C GLU A 72 11.44 11.49 5.42
N ASP A 73 12.49 10.76 5.86
CA ASP A 73 13.73 10.52 5.09
C ASP A 73 13.52 9.44 4.02
N THR A 74 14.48 9.30 3.10
CA THR A 74 14.44 8.27 2.03
C THR A 74 15.25 7.03 2.44
N GLY A 75 14.75 5.85 2.06
CA GLY A 75 15.34 4.55 2.43
C GLY A 75 14.26 3.61 2.91
N PHE A 76 14.54 2.31 2.97
CA PHE A 76 13.58 1.31 3.46
C PHE A 76 13.39 1.43 4.99
N VAL A 77 12.18 1.85 5.39
CA VAL A 77 11.79 1.99 6.81
C VAL A 77 11.58 0.61 7.46
N GLY A 78 11.00 -0.33 6.70
CA GLY A 78 10.74 -1.68 7.21
C GLY A 78 10.15 -2.58 6.16
N GLU A 79 9.57 -3.69 6.63
CA GLU A 79 8.82 -4.63 5.79
C GLU A 79 7.63 -5.17 6.58
N ALA A 80 6.84 -6.02 5.94
CA ALA A 80 5.71 -6.72 6.55
C ALA A 80 5.42 -7.98 5.76
N ARG A 81 4.30 -8.67 6.08
CA ARG A 81 3.88 -9.88 5.37
C ARG A 81 2.43 -9.72 4.89
N ILE A 82 2.30 -9.79 3.55
CA ILE A 82 1.02 -9.76 2.85
C ILE A 82 0.20 -11.01 3.21
N LYS A 83 -1.02 -10.75 3.68
CA LYS A 83 -2.01 -11.76 4.02
C LYS A 83 -3.36 -11.32 3.41
N ARG A 84 -4.46 -11.98 3.83
CA ARG A 84 -5.83 -11.87 3.24
C ARG A 84 -6.10 -10.57 2.42
N VAL A 85 -6.23 -10.75 1.09
CA VAL A 85 -6.48 -9.64 0.17
C VAL A 85 -7.96 -9.65 -0.26
N VAL A 86 -8.72 -8.65 0.22
CA VAL A 86 -10.15 -8.52 -0.06
C VAL A 86 -10.36 -7.64 -1.30
N LEU A 87 -10.97 -8.24 -2.34
CA LEU A 87 -11.27 -7.55 -3.61
C LEU A 87 -12.71 -7.01 -3.57
N SER A 88 -12.88 -5.69 -3.78
CA SER A 88 -14.19 -5.05 -3.94
C SER A 88 -14.06 -3.77 -4.78
N GLU A 89 -15.00 -3.57 -5.72
CA GLU A 89 -15.03 -2.35 -6.54
C GLU A 89 -15.35 -1.08 -5.72
N ASN A 90 -15.88 -1.27 -4.49
CA ASN A 90 -16.20 -0.17 -3.58
C ASN A 90 -15.04 -0.05 -2.57
N PRO A 91 -14.34 1.13 -2.48
CA PRO A 91 -13.28 1.36 -1.48
C PRO A 91 -13.83 1.36 -0.03
N MET A 92 -15.13 1.70 0.10
CA MET A 92 -15.79 1.93 1.40
C MET A 92 -16.02 0.59 2.14
N GLN A 93 -16.05 -0.50 1.35
CA GLN A 93 -16.17 -1.88 1.86
C GLN A 93 -15.03 -2.22 2.84
N PHE A 94 -13.86 -1.65 2.60
CA PHE A 94 -12.66 -1.92 3.42
C PHE A 94 -12.68 -1.09 4.71
N PHE A 95 -13.30 0.10 4.63
CA PHE A 95 -13.38 1.03 5.78
C PHE A 95 -14.49 0.63 6.75
N GLU A 96 -15.43 -0.23 6.30
CA GLU A 96 -16.45 -0.83 7.19
C GLU A 96 -16.00 -2.22 7.71
N THR A 97 -15.31 -3.00 6.84
CA THR A 97 -14.86 -4.37 7.18
C THR A 97 -13.66 -4.33 8.15
N PHE A 98 -12.58 -3.64 7.72
CA PHE A 98 -11.36 -3.47 8.52
C PHE A 98 -11.45 -2.15 9.32
N GLY A 99 -11.55 -1.03 8.59
CA GLY A 99 -11.70 0.30 9.18
C GLY A 99 -10.43 0.79 9.86
N ASP A 100 -10.27 0.38 11.13
CA ASP A 100 -9.12 0.74 11.95
C ASP A 100 -7.81 0.19 11.34
N ARG A 101 -7.90 -1.02 10.75
CA ARG A 101 -6.77 -1.70 10.12
C ARG A 101 -6.26 -0.94 8.88
N VAL A 102 -7.15 -0.30 8.11
CA VAL A 102 -6.77 0.38 6.85
C VAL A 102 -5.89 1.62 7.15
N PHE A 103 -4.88 1.91 6.28
CA PHE A 103 -3.88 2.98 6.53
C PHE A 103 -4.48 4.40 6.61
N LEU A 104 -5.73 4.54 6.17
CA LEU A 104 -6.47 5.80 6.24
C LEU A 104 -7.93 5.51 6.64
N THR A 105 -8.71 6.56 6.94
CA THR A 105 -10.17 6.42 7.20
C THR A 105 -10.94 6.83 5.93
N LYS A 106 -12.26 6.58 5.91
CA LYS A 106 -13.14 6.89 4.76
C LYS A 106 -13.16 8.40 4.46
N ASP A 107 -12.95 9.20 5.52
CA ASP A 107 -12.83 10.68 5.41
C ASP A 107 -11.60 11.04 4.59
N GLU A 108 -10.44 10.44 4.94
CA GLU A 108 -9.18 10.62 4.19
C GLU A 108 -9.37 10.23 2.71
N LEU A 109 -10.12 9.13 2.49
CA LEU A 109 -10.46 8.62 1.13
C LEU A 109 -11.22 9.67 0.30
N LYS A 110 -12.36 10.18 0.82
CA LYS A 110 -13.28 11.05 0.04
C LYS A 110 -12.58 12.35 -0.40
N GLU A 111 -11.76 12.93 0.51
CA GLU A 111 -11.03 14.20 0.24
C GLU A 111 -9.71 13.95 -0.53
N TYR A 112 -9.23 12.69 -0.49
CA TYR A 112 -8.10 12.23 -1.33
C TYR A 112 -8.54 12.16 -2.81
N MET A 113 -9.78 11.69 -3.03
CA MET A 113 -10.38 11.60 -4.38
C MET A 113 -10.76 13.01 -4.89
N LYS A 114 -11.12 13.93 -3.96
CA LYS A 114 -11.31 15.36 -4.27
C LYS A 114 -9.96 16.00 -4.66
N SER A 115 -8.90 15.57 -3.95
CA SER A 115 -7.53 16.04 -4.20
C SER A 115 -7.04 15.57 -5.59
N GLN A 116 -7.52 14.39 -6.04
CA GLN A 116 -7.18 13.87 -7.38
C GLN A 116 -7.82 14.73 -8.46
N GLU A 117 -9.16 14.90 -8.41
CA GLU A 117 -9.90 15.59 -9.48
C GLU A 117 -9.52 17.08 -9.60
N ARG A 118 -9.05 17.70 -8.50
CA ARG A 118 -8.64 19.13 -8.51
C ARG A 118 -7.15 19.30 -8.84
N TRP A 119 -6.29 18.32 -8.46
CA TRP A 119 -4.82 18.40 -8.70
C TRP A 119 -4.37 17.40 -9.76
N GLY A 120 -4.43 16.10 -9.45
CA GLY A 120 -3.93 15.02 -10.34
C GLY A 120 -4.84 14.75 -11.55
N ARG A 121 -5.95 15.54 -11.64
CA ARG A 121 -6.98 15.47 -12.69
C ARG A 121 -7.81 14.17 -12.64
N ARG A 122 -9.05 14.26 -13.12
CA ARG A 122 -9.94 13.10 -13.35
C ARG A 122 -10.77 13.39 -14.60
N ARG A 123 -10.71 12.45 -15.57
CA ARG A 123 -11.53 12.51 -16.78
C ARG A 123 -13.01 12.24 -16.40
N GLU A 124 -13.19 11.16 -15.63
CA GLU A 124 -14.50 10.70 -15.13
C GLU A 124 -14.27 9.59 -14.09
N SER A 125 -15.35 9.17 -13.42
CA SER A 125 -15.38 7.87 -12.73
C SER A 125 -15.68 6.80 -13.79
N LYS A 126 -16.65 7.15 -14.68
CA LYS A 126 -17.12 6.33 -15.81
C LYS A 126 -17.86 5.09 -15.27
N LYS A 127 -17.08 4.17 -14.69
CA LYS A 127 -17.57 3.05 -13.88
C LYS A 127 -16.52 2.79 -12.79
N LYS A 128 -16.99 2.42 -11.57
CA LYS A 128 -16.10 2.14 -10.42
C LYS A 128 -15.10 1.01 -10.77
N LYS A 129 -13.90 1.11 -10.22
CA LYS A 129 -12.79 0.20 -10.52
C LYS A 129 -12.67 -0.82 -9.39
N LEU A 130 -12.07 -1.99 -9.69
CA LEU A 130 -11.85 -3.04 -8.68
C LEU A 130 -10.74 -2.58 -7.72
N TRP A 131 -11.12 -2.18 -6.51
CA TRP A 131 -10.17 -1.89 -5.42
C TRP A 131 -9.85 -3.20 -4.66
N MET A 132 -8.75 -3.19 -3.91
CA MET A 132 -8.28 -4.36 -3.15
C MET A 132 -7.71 -3.89 -1.80
N ALA A 133 -7.74 -4.79 -0.80
CA ALA A 133 -7.29 -4.49 0.57
C ALA A 133 -6.34 -5.58 1.05
N ILE A 134 -5.04 -5.26 1.07
CA ILE A 134 -3.99 -6.20 1.46
C ILE A 134 -3.84 -6.21 2.98
N GLU A 135 -4.06 -7.36 3.64
CA GLU A 135 -3.92 -7.47 5.11
C GLU A 135 -2.44 -7.64 5.48
N LEU A 136 -1.79 -6.55 5.87
CA LEU A 136 -0.41 -6.57 6.36
C LEU A 136 -0.38 -6.99 7.84
N GLU A 137 0.50 -7.95 8.16
CA GLU A 137 0.75 -8.41 9.54
C GLU A 137 2.26 -8.63 9.73
N ASP A 138 2.68 -8.77 11.01
CA ASP A 138 4.10 -9.03 11.38
C ASP A 138 5.04 -7.93 10.83
N VAL A 139 4.59 -6.67 10.92
CA VAL A 139 5.30 -5.55 10.31
C VAL A 139 6.66 -5.30 11.00
N LYS A 140 7.74 -5.63 10.28
CA LYS A 140 9.12 -5.51 10.75
C LYS A 140 9.64 -4.07 10.51
N LYS A 141 10.67 -3.68 11.28
CA LYS A 141 11.27 -2.34 11.21
C LYS A 141 12.78 -2.44 10.91
N TYR A 142 13.21 -1.89 9.76
CA TYR A 142 14.63 -1.72 9.44
C TYR A 142 15.17 -0.51 10.22
N ASP A 143 15.83 -0.79 11.36
CA ASP A 143 16.52 0.22 12.18
C ASP A 143 17.71 0.81 11.40
N LYS A 144 18.32 0.00 10.53
CA LYS A 144 19.40 0.41 9.63
C LYS A 144 18.80 0.98 8.31
N PRO A 145 19.36 2.11 7.77
CA PRO A 145 18.86 2.72 6.52
C PRO A 145 19.30 1.90 5.27
N ILE A 146 18.46 0.93 4.89
CA ILE A 146 18.71 0.07 3.71
C ILE A 146 18.33 0.84 2.43
N LYS A 147 19.22 0.85 1.43
CA LYS A 147 19.01 1.57 0.16
C LYS A 147 18.55 0.59 -0.93
N PRO A 148 17.64 1.01 -1.87
CA PRO A 148 17.23 0.16 -3.01
C PRO A 148 18.27 0.14 -4.14
N LYS A 149 18.17 -0.87 -5.00
CA LYS A 149 19.03 -1.03 -6.19
C LYS A 149 18.71 0.05 -7.23
N ARG A 150 17.42 0.16 -7.54
CA ARG A 150 16.86 1.17 -8.45
C ARG A 150 15.85 2.05 -7.69
N LEU A 151 15.29 3.05 -8.39
CA LEU A 151 14.22 3.90 -7.84
C LEU A 151 12.90 3.10 -7.71
N VAL A 152 12.18 3.35 -6.61
CA VAL A 152 10.83 2.79 -6.40
C VAL A 152 9.80 3.91 -6.64
N PRO A 153 9.10 3.94 -7.83
CA PRO A 153 8.09 4.97 -8.14
C PRO A 153 6.81 4.82 -7.29
N VAL A 154 5.88 5.77 -7.47
CA VAL A 154 4.56 5.79 -6.78
C VAL A 154 3.75 4.51 -7.08
N GLY A 155 3.93 3.98 -8.30
CA GLY A 155 3.31 2.73 -8.75
C GLY A 155 3.90 1.49 -8.06
N GLY A 156 5.07 1.65 -7.42
CA GLY A 156 5.72 0.58 -6.65
C GLY A 156 6.47 -0.43 -7.52
N GLN A 157 7.42 -1.16 -6.91
CA GLN A 157 8.21 -2.22 -7.59
C GLN A 157 7.87 -3.59 -7.03
N TYR A 158 7.88 -4.63 -7.88
CA TYR A 158 7.80 -6.02 -7.43
C TYR A 158 9.19 -6.48 -6.98
N LEU A 159 9.32 -6.75 -5.67
CA LEU A 159 10.56 -7.30 -5.11
C LEU A 159 10.55 -8.81 -5.35
N ARG A 160 11.56 -9.32 -6.05
CA ARG A 160 11.74 -10.78 -6.26
C ARG A 160 13.05 -11.21 -5.61
N GLU A 161 13.08 -12.40 -4.98
CA GLU A 161 14.31 -12.91 -4.37
C GLU A 161 14.30 -14.45 -4.34
#